data_8TC5
#
_entry.id   8TC5
#
_cell.length_a   1.00
_cell.length_b   1.00
_cell.length_c   1.00
_cell.angle_alpha   90.00
_cell.angle_beta   90.00
_cell.angle_gamma   90.00
#
_symmetry.space_group_name_H-M   'P 1'
#
loop_
_entity.id
_entity.type
_entity.pdbx_description
1 polymer 'Spike glycoprotein'
2 branched 2-acetamido-2-deoxy-beta-D-glucopyranose-(1-4)-2-acetamido-2-deoxy-beta-D-glucopyranose
3 branched 2-acetamido-2-deoxy-beta-D-glucopyranose-(1-4)-[alpha-L-fucopyranose-(1-6)]2-acetamido-2-deoxy-beta-D-glucopyranose
4 branched beta-D-mannopyranose-(1-4)-2-acetamido-2-deoxy-beta-D-glucopyranose-(1-4)-[alpha-L-fucopyranose-(1-6)]2-acetamido-2-deoxy-beta-D-glucopyranose
5 branched beta-D-mannopyranose-(1-4)-2-acetamido-2-deoxy-beta-D-glucopyranose-(1-4)-2-acetamido-2-deoxy-beta-D-glucopyranose
6 branched alpha-D-mannopyranose-(1-6)-beta-D-mannopyranose-(1-4)-2-acetamido-2-deoxy-beta-D-glucopyranose-(1-4)-[alpha-L-fucopyranose-(1-6)]2-acetamido-2-deoxy-beta-D-glucopyranose
7 non-polymer 2-acetamido-2-deoxy-beta-D-glucopyranose
8 non-polymer 'LINOLEIC ACID'
9 water water
#
_entity_poly.entity_id   1
_entity_poly.type   'polypeptide(L)'
_entity_poly.pdbx_seq_one_letter_code
;LDRCTTFDDVQAPNYTQHTSSMRGVYYPDEIFRSDTLYLTQDLFLPFYSNVTGFHTINHTFDNPVIPFKDGIYFAATEKS
NVVRGWVFGSTMNNKSQSVIIINNSTNVVIRACNFELCDNPFFAVSKPMGTQTHTMIFDNAFNCTFEYISDAFSLDVSEK
SGNFKHLREFVFKNKDGFLYVYKGYQPIDVVRDLPSGFNTLKPIFKLPLGIKITNFRAILTAFLPAQDTWGTSAAAYFVG
YLKPTKFMLKYDENGTITDAVDCSQNPLAELKCSVKSFEIDKGIYQTSNFRVVPSGDVVRFPNITNLCPFGEVFNATKFP
SVYAWERKRISNCVADYSVLYNSTSFSTFKCYGVSATKLNDLCFSNVYADSFVVKGDDVRQIAPGQTGVIADYNYKLPDD
FMGCVLAWNTRNIDATSTGNYNYKYRYLRHGKLRPFERDISNVPFSPDGKPCTPPALNCYWPLKDYGFYTTSGIGYQPYR
VVVLSFELLNAPATVCGPKLSTDLIKNQCVNFNFNGLTGTGVLTPSSKRFQPFQQFGRDVSDFTDSVRDPKTSEILDISP
CSFGGVSVITPGTNASSEVAVLYQDVNCTDVPTAIHADQLTPAWRIYSTGNNVFQTQAGCLIGAEHVDTSYECDIPIGAG
ICASYHTVSSLRSTSQKSIVAYTMSLGADSSIAYSNNTIAIPTNFLISITTEVMPVSMAKTSVDCNMYICGDSTECANLL
LQYGSFCAQLNRALSGIAVEQDRNTREVFAQVKQMYKTPTLKDFGGFNFSQILPDPLKPTKRSFIEDLLFNKVTLADAGF
MKQYGECLGDINARDLICAQKFNGLTVLPPLLTDDMIAAYTAALVSGTATAGWTFGAGAALQIPFAMQMAYRFNGIGVAQ
NVLYENQKQIANQFNKAISQIQESLTTTSTALGKLQDVVNQNAQALNTLVKQLSSNFGAISSVLNDILSRLDKVEAEVQI
DRLITGRLQSLQTYVTQQLIRAAEIRASANLAATKMSECVLGQSKRVDFCGKGYHLMSFPQAAPHGVVFLHVTYVPSQER
NFTTAPAICHEGKAYFPREGVFVFNGTSWFITQRNFFSPQIITTDNTFVSGNCDVVIGIINNTVYD
;
_entity_poly.pdbx_strand_id   A,B,C
#
# COMPACT_ATOMS: atom_id res chain seq x y z
N LEU A 1 73.35 2.70 16.94
CA LEU A 1 73.80 4.07 16.70
C LEU A 1 72.74 5.07 17.17
N ASP A 2 73.16 6.33 17.31
CA ASP A 2 72.27 7.40 17.75
C ASP A 2 71.66 8.18 16.60
N ARG A 3 71.91 7.78 15.35
CA ARG A 3 71.34 8.42 14.19
C ARG A 3 70.81 7.34 13.24
N CYS A 4 70.06 7.78 12.23
CA CYS A 4 69.52 6.83 11.27
C CYS A 4 70.63 6.03 10.63
N THR A 5 70.47 4.71 10.59
CA THR A 5 71.46 3.79 10.06
C THR A 5 70.82 2.86 9.04
N THR A 6 71.55 2.57 7.98
CA THR A 6 71.10 1.64 6.94
C THR A 6 71.99 0.40 6.96
N PHE A 7 71.36 -0.77 7.02
CA PHE A 7 72.12 -2.01 7.04
C PHE A 7 72.88 -2.20 5.73
N ASP A 8 74.11 -2.68 5.85
CA ASP A 8 75.01 -2.71 4.70
C ASP A 8 74.47 -3.59 3.59
N ASP A 9 74.35 -4.89 3.84
CA ASP A 9 73.94 -5.86 2.83
C ASP A 9 72.68 -6.57 3.32
N VAL A 10 71.56 -6.29 2.66
CA VAL A 10 70.27 -6.87 3.00
C VAL A 10 69.66 -7.44 1.74
N GLN A 11 69.17 -8.68 1.83
CA GLN A 11 68.59 -9.35 0.67
C GLN A 11 67.30 -8.65 0.25
N ALA A 12 67.12 -8.53 -1.07
CA ALA A 12 65.92 -7.89 -1.59
C ALA A 12 64.69 -8.73 -1.26
N PRO A 13 63.55 -8.10 -0.96
CA PRO A 13 62.37 -8.87 -0.58
C PRO A 13 61.52 -9.30 -1.77
N ASN A 14 61.25 -10.61 -1.88
CA ASN A 14 60.29 -11.13 -2.85
C ASN A 14 59.07 -11.56 -2.06
N TYR A 15 58.01 -10.78 -2.15
CA TYR A 15 56.87 -10.94 -1.26
C TYR A 15 56.12 -12.23 -1.56
N THR A 16 55.74 -12.95 -0.51
CA THR A 16 55.07 -14.23 -0.69
C THR A 16 53.57 -14.03 -0.82
N GLN A 17 52.91 -14.99 -1.45
CA GLN A 17 51.46 -14.95 -1.67
C GLN A 17 50.78 -15.99 -0.81
N HIS A 18 49.71 -15.58 -0.13
CA HIS A 18 48.91 -16.49 0.68
C HIS A 18 47.45 -16.10 0.54
N THR A 19 46.58 -16.81 1.24
CA THR A 19 45.16 -16.51 1.26
C THR A 19 44.68 -16.39 2.70
N SER A 20 43.78 -15.43 2.92
CA SER A 20 43.03 -15.42 4.16
C SER A 20 41.97 -16.51 4.13
N SER A 21 41.38 -16.80 5.28
CA SER A 21 40.30 -17.79 5.34
C SER A 21 39.38 -17.40 6.49
N MET A 22 38.31 -16.69 6.18
CA MET A 22 37.34 -16.27 7.19
C MET A 22 38.03 -15.55 8.34
N ARG A 23 39.03 -14.74 8.01
CA ARG A 23 39.79 -13.98 8.98
C ARG A 23 39.52 -12.49 8.82
N GLY A 24 39.54 -11.76 9.93
CA GLY A 24 39.42 -10.33 9.92
C GLY A 24 38.03 -9.78 10.19
N VAL A 25 37.21 -10.48 10.96
CA VAL A 25 35.88 -10.01 11.30
C VAL A 25 35.96 -9.26 12.63
N TYR A 26 35.19 -8.18 12.76
CA TYR A 26 35.20 -7.35 13.95
C TYR A 26 33.79 -6.90 14.27
N TYR A 27 33.61 -6.44 15.50
CA TYR A 27 32.30 -5.97 15.94
C TYR A 27 31.95 -4.67 15.23
N PRO A 28 30.81 -4.58 14.54
CA PRO A 28 30.53 -3.39 13.73
C PRO A 28 30.10 -2.17 14.54
N ASP A 29 29.53 -2.38 15.72
CA ASP A 29 29.08 -1.28 16.56
C ASP A 29 29.20 -1.71 18.02
N GLU A 30 28.56 -0.97 18.91
CA GLU A 30 28.66 -1.20 20.35
C GLU A 30 27.37 -1.74 20.96
N ILE A 31 26.41 -2.17 20.14
CA ILE A 31 25.16 -2.70 20.66
C ILE A 31 25.35 -4.17 21.03
N PHE A 32 24.71 -4.59 22.11
CA PHE A 32 24.73 -5.98 22.53
C PHE A 32 23.61 -6.75 21.84
N ARG A 33 23.95 -7.92 21.30
CA ARG A 33 22.98 -8.81 20.69
C ARG A 33 23.36 -10.24 21.03
N SER A 34 22.38 -11.14 21.01
CA SER A 34 22.63 -12.54 21.30
C SER A 34 21.64 -13.41 20.55
N ASP A 35 22.09 -14.61 20.19
CA ASP A 35 21.26 -15.62 19.54
C ASP A 35 20.50 -15.04 18.34
N THR A 36 21.25 -14.53 17.38
CA THR A 36 20.61 -13.88 16.24
C THR A 36 21.57 -13.78 15.07
N LEU A 37 21.04 -13.34 13.95
CA LEU A 37 21.81 -13.04 12.75
C LEU A 37 21.63 -11.57 12.40
N TYR A 38 22.73 -10.89 12.11
CA TYR A 38 22.72 -9.46 11.82
C TYR A 38 23.38 -9.22 10.47
N LEU A 39 22.67 -8.53 9.59
CA LEU A 39 23.16 -8.24 8.25
C LEU A 39 23.61 -6.79 8.18
N THR A 40 24.83 -6.56 7.70
CA THR A 40 25.39 -5.21 7.70
C THR A 40 26.41 -5.07 6.60
N GLN A 41 26.49 -3.88 6.03
CA GLN A 41 27.48 -3.54 5.01
C GLN A 41 28.55 -2.64 5.62
N ASP A 42 29.81 -2.96 5.38
CA ASP A 42 30.92 -2.21 5.96
C ASP A 42 32.20 -2.59 5.22
N LEU A 43 33.31 -2.02 5.66
CA LEU A 43 34.62 -2.32 5.09
C LEU A 43 35.15 -3.58 5.76
N PHE A 44 35.11 -4.69 5.04
CA PHE A 44 35.52 -5.99 5.55
C PHE A 44 36.59 -6.59 4.65
N LEU A 45 37.25 -7.62 5.15
CA LEU A 45 38.20 -8.38 4.35
C LEU A 45 37.46 -9.55 3.71
N PRO A 46 37.30 -9.59 2.39
CA PRO A 46 36.55 -10.69 1.77
C PRO A 46 37.20 -12.03 2.05
N PHE A 47 36.37 -13.06 2.22
CA PHE A 47 36.88 -14.39 2.51
C PHE A 47 37.75 -14.88 1.37
N TYR A 48 38.84 -15.57 1.72
CA TYR A 48 39.76 -16.14 0.74
C TYR A 48 40.30 -15.08 -0.21
N SER A 49 40.69 -13.94 0.35
CA SER A 49 41.37 -12.90 -0.40
C SER A 49 42.86 -13.18 -0.44
N ASN A 50 43.52 -12.63 -1.47
CA ASN A 50 44.96 -12.74 -1.58
C ASN A 50 45.63 -11.81 -0.57
N VAL A 51 46.61 -12.32 0.16
CA VAL A 51 47.35 -11.54 1.14
C VAL A 51 48.84 -11.66 0.84
N THR A 52 49.58 -10.61 1.14
CA THR A 52 51.00 -10.54 0.85
C THR A 52 51.79 -10.73 2.14
N GLY A 53 52.84 -11.55 2.09
CA GLY A 53 53.61 -11.92 3.26
C GLY A 53 55.04 -11.43 3.18
N PHE A 54 55.53 -10.90 4.30
CA PHE A 54 56.90 -10.41 4.45
C PHE A 54 57.52 -11.09 5.67
N HIS A 55 58.84 -11.29 5.61
CA HIS A 55 59.52 -12.11 6.60
C HIS A 55 60.82 -11.44 7.03
N THR A 56 61.25 -11.76 8.25
CA THR A 56 62.58 -11.40 8.76
C THR A 56 63.27 -12.68 9.18
N ILE A 57 64.37 -12.99 8.50
CA ILE A 57 65.19 -14.17 8.80
C ILE A 57 66.51 -14.01 8.06
N ASN A 58 67.60 -14.46 8.69
CA ASN A 58 68.94 -14.43 8.10
C ASN A 58 69.28 -12.99 7.77
N HIS A 59 69.56 -12.65 6.51
CA HIS A 59 69.88 -11.29 6.10
C HIS A 59 68.69 -10.59 5.44
N THR A 60 67.50 -11.18 5.51
CA THR A 60 66.30 -10.57 4.96
C THR A 60 65.66 -9.70 6.04
N PHE A 61 65.39 -8.44 5.69
CA PHE A 61 64.79 -7.47 6.60
C PHE A 61 63.75 -6.69 5.79
N ASP A 62 62.52 -7.18 5.77
CA ASP A 62 61.48 -6.65 4.90
C ASP A 62 60.71 -5.55 5.64
N ASN A 63 60.88 -4.31 5.20
CA ASN A 63 60.11 -3.20 5.74
C ASN A 63 59.99 -2.10 4.69
N PRO A 64 59.38 -2.38 3.56
CA PRO A 64 59.16 -1.34 2.54
C PRO A 64 57.99 -0.44 2.92
N VAL A 65 57.65 0.47 2.02
CA VAL A 65 56.49 1.32 2.17
C VAL A 65 55.33 0.67 1.44
N ILE A 66 54.26 0.39 2.17
CA ILE A 66 53.10 -0.35 1.65
C ILE A 66 51.93 0.62 1.55
N PRO A 67 51.22 0.67 0.43
CA PRO A 67 50.05 1.56 0.35
C PRO A 67 48.96 1.17 1.34
N PHE A 68 48.17 2.16 1.75
CA PHE A 68 47.11 1.98 2.72
C PHE A 68 45.75 1.73 2.07
N LYS A 69 45.47 2.41 0.96
CA LYS A 69 44.21 2.24 0.21
C LYS A 69 43.05 2.59 1.13
N ASP A 70 42.17 1.66 1.48
CA ASP A 70 40.97 1.97 2.26
C ASP A 70 40.97 1.26 3.61
N GLY A 71 42.14 1.04 4.18
CA GLY A 71 42.25 0.29 5.42
C GLY A 71 42.80 -1.10 5.18
N ILE A 72 43.38 -1.68 6.23
CA ILE A 72 44.14 -2.92 6.08
C ILE A 72 43.83 -3.90 7.19
N TYR A 73 44.08 -5.17 6.89
CA TYR A 73 44.20 -6.24 7.87
C TYR A 73 45.66 -6.63 7.96
N PHE A 74 46.19 -6.67 9.18
CA PHE A 74 47.61 -6.86 9.44
C PHE A 74 47.78 -7.98 10.45
N ALA A 75 48.43 -9.06 10.05
CA ALA A 75 48.65 -10.21 10.93
C ALA A 75 50.14 -10.40 11.15
N ALA A 76 50.51 -10.79 12.37
CA ALA A 76 51.91 -11.03 12.71
C ALA A 76 52.02 -12.39 13.40
N THR A 77 52.86 -13.26 12.83
CA THR A 77 53.19 -14.55 13.42
C THR A 77 54.60 -14.47 13.97
N GLU A 78 54.75 -14.70 15.27
CA GLU A 78 56.05 -14.54 15.89
C GLU A 78 56.10 -15.29 17.21
N LYS A 79 57.32 -15.38 17.74
CA LYS A 79 57.61 -16.04 19.00
C LYS A 79 58.53 -15.25 19.91
N SER A 80 59.16 -14.17 19.42
CA SER A 80 60.10 -13.39 20.22
C SER A 80 59.87 -11.89 20.10
N ASN A 81 58.66 -11.46 19.77
CA ASN A 81 58.29 -10.05 19.76
C ASN A 81 59.20 -9.23 18.85
N VAL A 82 59.13 -9.53 17.56
CA VAL A 82 59.95 -8.83 16.57
C VAL A 82 59.22 -7.60 16.04
N VAL A 83 57.94 -7.73 15.70
CA VAL A 83 57.17 -6.61 15.19
C VAL A 83 56.71 -5.75 16.36
N ARG A 84 57.01 -4.45 16.30
CA ARG A 84 56.79 -3.57 17.44
C ARG A 84 55.76 -2.47 17.20
N GLY A 85 55.41 -2.17 15.95
CA GLY A 85 54.43 -1.13 15.70
C GLY A 85 54.44 -0.68 14.25
N TRP A 86 53.83 0.47 14.03
CA TRP A 86 53.65 1.00 12.67
C TRP A 86 53.87 2.51 12.66
N VAL A 87 54.16 3.01 11.47
CA VAL A 87 54.16 4.44 11.17
C VAL A 87 53.22 4.65 9.99
N PHE A 88 52.24 5.53 10.16
CA PHE A 88 51.28 5.86 9.11
C PHE A 88 51.48 7.31 8.67
N GLY A 89 51.36 7.55 7.38
CA GLY A 89 51.54 8.90 6.87
C GLY A 89 51.20 8.97 5.40
N SER A 90 51.62 10.09 4.79
CA SER A 90 51.44 10.28 3.35
C SER A 90 52.78 10.38 2.62
N THR A 91 53.65 11.32 3.00
CA THR A 91 54.95 11.47 2.36
C THR A 91 56.07 10.75 3.10
N MET A 92 55.88 10.42 4.37
CA MET A 92 56.87 9.70 5.16
C MET A 92 58.16 10.50 5.31
N ASN A 93 58.02 11.80 5.52
CA ASN A 93 59.15 12.68 5.85
C ASN A 93 58.61 13.82 6.70
N ASN A 94 59.41 14.87 6.87
CA ASN A 94 59.03 16.00 7.70
C ASN A 94 58.27 17.08 6.93
N LYS A 95 57.84 16.79 5.71
CA LYS A 95 57.01 17.72 4.96
C LYS A 95 55.52 17.54 5.24
N SER A 96 55.15 16.57 6.07
CA SER A 96 53.76 16.34 6.41
C SER A 96 53.70 15.60 7.74
N GLN A 97 52.52 15.60 8.34
CA GLN A 97 52.34 14.97 9.64
C GLN A 97 52.18 13.46 9.50
N SER A 98 52.79 12.74 10.43
CA SER A 98 52.71 11.28 10.49
C SER A 98 52.42 10.87 11.93
N VAL A 99 51.91 9.65 12.06
CA VAL A 99 51.56 9.08 13.36
C VAL A 99 52.36 7.81 13.58
N ILE A 100 52.97 7.70 14.76
CA ILE A 100 53.75 6.54 15.17
C ILE A 100 52.99 5.83 16.28
N ILE A 101 52.78 4.53 16.12
CA ILE A 101 52.13 3.69 17.12
C ILE A 101 53.09 2.56 17.44
N ILE A 102 53.70 2.58 18.63
CA ILE A 102 54.75 1.61 18.97
C ILE A 102 54.57 1.08 20.38
N ASN A 103 55.18 -0.07 20.63
CA ASN A 103 55.34 -0.64 21.96
C ASN A 103 56.84 -0.77 22.22
N ASN A 104 57.36 0.07 23.11
CA ASN A 104 58.81 0.16 23.32
C ASN A 104 59.26 -0.66 24.53
N SER A 105 58.59 -1.76 24.81
CA SER A 105 58.89 -2.73 25.85
C SER A 105 58.51 -2.23 27.24
N THR A 106 58.11 -0.99 27.40
CA THR A 106 57.68 -0.46 28.69
C THR A 106 56.29 0.17 28.64
N ASN A 107 55.94 0.82 27.53
CA ASN A 107 54.64 1.44 27.38
C ASN A 107 54.24 1.38 25.92
N VAL A 108 52.97 1.66 25.66
CA VAL A 108 52.46 1.87 24.31
C VAL A 108 52.42 3.37 24.07
N VAL A 109 53.08 3.83 23.00
CA VAL A 109 53.24 5.24 22.70
C VAL A 109 52.62 5.52 21.34
N ILE A 110 51.73 6.52 21.30
CA ILE A 110 51.14 7.00 20.06
C ILE A 110 51.43 8.49 19.97
N ARG A 111 52.08 8.90 18.88
CA ARG A 111 52.47 10.30 18.72
C ARG A 111 52.28 10.75 17.29
N ALA A 112 51.63 11.90 17.10
CA ALA A 112 51.44 12.49 15.78
C ALA A 112 52.25 13.78 15.70
N CYS A 113 53.18 13.85 14.75
CA CYS A 113 54.08 14.98 14.67
C CYS A 113 54.61 15.09 13.24
N ASN A 114 55.46 16.09 13.02
CA ASN A 114 56.28 16.18 11.81
C ASN A 114 57.59 15.48 12.11
N PHE A 115 57.67 14.20 11.77
CA PHE A 115 58.83 13.38 12.09
C PHE A 115 59.84 13.41 10.96
N GLU A 116 61.12 13.41 11.33
CA GLU A 116 62.21 13.18 10.37
C GLU A 116 62.50 11.69 10.39
N LEU A 117 61.65 10.93 9.70
CA LEU A 117 61.67 9.48 9.81
C LEU A 117 62.93 8.90 9.17
N CYS A 118 63.56 7.95 9.87
CA CYS A 118 64.60 7.15 9.26
C CYS A 118 63.99 6.15 8.30
N ASP A 119 64.67 5.94 7.16
CA ASP A 119 64.19 4.95 6.20
C ASP A 119 64.33 3.53 6.70
N ASN A 120 65.04 3.31 7.80
CA ASN A 120 65.25 1.98 8.39
C ASN A 120 64.98 2.06 9.89
N PRO A 121 63.73 2.23 10.29
CA PRO A 121 63.42 2.33 11.72
C PRO A 121 63.37 0.97 12.38
N PHE A 122 63.94 0.88 13.57
CA PHE A 122 64.00 -0.40 14.27
C PHE A 122 64.35 -0.16 15.73
N PHE A 123 64.13 -1.20 16.54
CA PHE A 123 64.65 -1.28 17.89
C PHE A 123 65.88 -2.17 17.90
N ALA A 124 66.80 -1.91 18.81
CA ALA A 124 68.06 -2.64 18.90
C ALA A 124 68.06 -3.53 20.13
N VAL A 125 68.42 -4.80 19.94
CA VAL A 125 68.50 -5.77 21.01
C VAL A 125 69.82 -6.52 20.89
N SER A 126 70.48 -6.73 22.03
CA SER A 126 71.77 -7.41 22.06
C SER A 126 71.56 -8.91 22.19
N LYS A 127 72.08 -9.67 21.21
CA LYS A 127 71.91 -11.12 21.26
C LYS A 127 72.49 -11.74 22.52
N PRO A 128 73.74 -11.47 22.90
CA PRO A 128 74.27 -12.10 24.13
C PRO A 128 73.54 -11.66 25.38
N MET A 129 73.45 -10.35 25.64
CA MET A 129 72.81 -9.88 26.86
C MET A 129 71.30 -10.04 26.80
N GLY A 130 70.72 -10.01 25.59
CA GLY A 130 69.28 -10.16 25.47
C GLY A 130 68.49 -9.02 26.08
N THR A 131 68.93 -7.78 25.86
CA THR A 131 68.25 -6.61 26.39
C THR A 131 68.14 -5.56 25.29
N GLN A 132 67.09 -4.74 25.38
CA GLN A 132 66.91 -3.66 24.42
C GLN A 132 67.97 -2.60 24.63
N THR A 133 68.60 -2.17 23.54
CA THR A 133 69.73 -1.25 23.59
C THR A 133 69.40 0.13 23.03
N HIS A 134 68.89 0.20 21.80
CA HIS A 134 68.68 1.48 21.12
C HIS A 134 67.29 1.52 20.49
N THR A 135 66.80 2.76 20.33
CA THR A 135 65.60 3.04 19.54
C THR A 135 65.99 4.06 18.48
N MET A 136 65.70 3.74 17.22
CA MET A 136 66.17 4.52 16.08
C MET A 136 65.04 4.76 15.09
N ILE A 137 63.89 5.22 15.59
CA ILE A 137 62.73 5.41 14.72
C ILE A 137 62.82 6.73 13.97
N PHE A 138 63.15 7.81 14.67
CA PHE A 138 63.20 9.14 14.05
C PHE A 138 64.33 9.95 14.65
N ASP A 139 64.78 10.95 13.88
CA ASP A 139 65.86 11.83 14.31
C ASP A 139 65.38 13.13 14.92
N ASN A 140 64.23 13.65 14.50
CA ASN A 140 63.72 14.90 15.03
C ASN A 140 62.20 14.90 14.92
N ALA A 141 61.56 15.75 15.73
CA ALA A 141 60.11 15.86 15.73
C ALA A 141 59.73 17.27 16.18
N PHE A 142 58.70 17.82 15.53
CA PHE A 142 58.21 19.15 15.88
C PHE A 142 56.77 19.28 15.41
N ASN A 143 56.10 20.32 15.92
CA ASN A 143 54.70 20.58 15.61
C ASN A 143 53.82 19.38 15.96
N CYS A 144 53.97 18.88 17.19
CA CYS A 144 53.24 17.72 17.63
C CYS A 144 51.81 18.10 18.00
N THR A 145 50.84 17.31 17.55
CA THR A 145 49.43 17.61 17.75
C THR A 145 48.70 16.62 18.64
N PHE A 146 49.16 15.38 18.72
CA PHE A 146 48.48 14.37 19.54
C PHE A 146 49.51 13.46 20.18
N GLU A 147 49.28 13.11 21.44
CA GLU A 147 50.17 12.22 22.18
C GLU A 147 49.36 11.37 23.15
N TYR A 148 49.75 10.10 23.28
CA TYR A 148 49.14 9.21 24.25
C TYR A 148 50.20 8.22 24.71
N ILE A 149 50.28 8.02 26.03
CA ILE A 149 51.21 7.08 26.65
C ILE A 149 50.43 6.22 27.64
N SER A 150 50.66 4.92 27.59
CA SER A 150 49.93 3.97 28.42
C SER A 150 50.66 3.75 29.74
N ASP A 151 50.06 2.93 30.61
CA ASP A 151 50.69 2.57 31.87
C ASP A 151 51.89 1.66 31.62
N ALA A 152 52.85 1.71 32.54
CA ALA A 152 54.07 0.95 32.39
C ALA A 152 53.80 -0.55 32.54
N PHE A 153 54.58 -1.34 31.81
CA PHE A 153 54.55 -2.80 31.92
C PHE A 153 55.93 -3.32 31.61
N SER A 154 56.06 -4.65 31.52
CA SER A 154 57.32 -5.30 31.21
C SER A 154 57.11 -6.29 30.07
N LEU A 155 58.04 -6.29 29.11
CA LEU A 155 57.95 -7.15 27.95
C LEU A 155 59.23 -7.97 27.83
N ASP A 156 59.07 -9.26 27.50
CA ASP A 156 60.20 -10.16 27.33
C ASP A 156 60.79 -9.94 25.93
N VAL A 157 62.00 -9.37 25.88
CA VAL A 157 62.63 -9.03 24.62
C VAL A 157 63.57 -10.12 24.12
N SER A 158 63.95 -11.06 24.97
CA SER A 158 64.97 -12.04 24.62
C SER A 158 64.53 -12.89 23.44
N GLU A 159 65.51 -13.43 22.72
CA GLU A 159 65.25 -14.31 21.59
C GLU A 159 64.72 -15.65 22.08
N LYS A 160 63.97 -16.33 21.21
CA LYS A 160 63.39 -17.62 21.51
C LYS A 160 63.59 -18.55 20.33
N SER A 161 63.59 -19.85 20.62
CA SER A 161 63.80 -20.89 19.61
C SER A 161 62.59 -21.81 19.56
N GLY A 162 62.26 -22.26 18.35
CA GLY A 162 61.15 -23.18 18.17
C GLY A 162 60.22 -22.80 17.04
N ASN A 163 58.94 -23.04 17.20
CA ASN A 163 57.92 -22.69 16.23
C ASN A 163 57.20 -21.41 16.64
N PHE A 164 56.61 -20.74 15.66
CA PHE A 164 55.82 -19.55 15.95
C PHE A 164 54.70 -19.90 16.91
N LYS A 165 54.56 -19.11 17.97
CA LYS A 165 53.59 -19.38 19.02
C LYS A 165 52.44 -18.38 19.08
N HIS A 166 52.66 -17.14 18.65
CA HIS A 166 51.67 -16.08 18.80
C HIS A 166 51.26 -15.54 17.44
N LEU A 167 49.94 -15.36 17.27
CA LEU A 167 49.37 -14.67 16.11
C LEU A 167 48.63 -13.44 16.62
N ARG A 168 49.03 -12.27 16.16
CA ARG A 168 48.40 -11.01 16.56
C ARG A 168 47.81 -10.35 15.33
N GLU A 169 46.52 -10.02 15.39
CA GLU A 169 45.79 -9.52 14.25
C GLU A 169 45.25 -8.13 14.54
N PHE A 170 45.32 -7.25 13.54
CA PHE A 170 44.86 -5.88 13.67
C PHE A 170 44.09 -5.49 12.43
N VAL A 171 43.11 -4.60 12.61
CA VAL A 171 42.39 -3.99 11.50
C VAL A 171 42.46 -2.48 11.66
N PHE A 172 42.85 -1.79 10.59
CA PHE A 172 43.04 -0.34 10.60
C PHE A 172 42.12 0.30 9.58
N LYS A 173 41.37 1.32 10.03
CA LYS A 173 40.49 2.11 9.17
C LYS A 173 40.73 3.59 9.42
N ASN A 174 40.39 4.42 8.43
CA ASN A 174 40.53 5.86 8.54
C ASN A 174 39.26 6.51 7.99
N LYS A 175 38.52 7.22 8.86
CA LYS A 175 37.25 7.80 8.45
C LYS A 175 36.95 9.03 9.28
N ASP A 176 36.61 10.13 8.60
CA ASP A 176 36.17 11.37 9.25
C ASP A 176 37.17 11.83 10.30
N GLY A 177 38.44 11.78 9.96
CA GLY A 177 39.48 12.24 10.87
C GLY A 177 39.79 11.31 12.01
N PHE A 178 39.21 10.11 12.03
CA PHE A 178 39.45 9.14 13.08
C PHE A 178 40.19 7.94 12.51
N LEU A 179 41.19 7.46 13.24
CA LEU A 179 41.87 6.21 12.92
C LEU A 179 41.33 5.14 13.85
N TYR A 180 40.61 4.17 13.29
CA TYR A 180 40.06 3.05 14.03
C TYR A 180 41.05 1.90 14.05
N VAL A 181 41.28 1.34 15.24
CA VAL A 181 42.17 0.22 15.45
C VAL A 181 41.42 -0.87 16.22
N TYR A 182 41.31 -2.05 15.60
CA TYR A 182 40.76 -3.25 16.22
C TYR A 182 41.85 -4.30 16.38
N LYS A 183 41.78 -5.09 17.46
CA LYS A 183 42.85 -6.02 17.83
C LYS A 183 42.29 -7.39 18.18
N GLY A 184 43.11 -8.42 17.95
CA GLY A 184 42.80 -9.77 18.34
C GLY A 184 44.06 -10.61 18.48
N TYR A 185 43.93 -11.69 19.24
CA TYR A 185 45.08 -12.54 19.56
C TYR A 185 44.69 -14.01 19.44
N GLN A 186 45.68 -14.86 19.09
CA GLN A 186 45.47 -16.31 19.03
C GLN A 186 46.74 -17.10 19.27
N PRO A 187 46.73 -18.10 20.16
CA PRO A 187 47.83 -19.05 20.22
C PRO A 187 47.88 -19.92 18.98
N ILE A 188 49.10 -20.30 18.59
CA ILE A 188 49.33 -21.14 17.43
C ILE A 188 50.58 -21.98 17.66
N ASP A 189 50.77 -23.00 16.82
CA ASP A 189 51.99 -23.81 16.83
C ASP A 189 52.42 -24.13 15.40
N VAL A 190 52.35 -23.13 14.52
CA VAL A 190 52.64 -23.35 13.10
C VAL A 190 54.13 -23.21 12.84
N VAL A 191 54.58 -23.66 11.68
CA VAL A 191 55.99 -23.57 11.30
C VAL A 191 56.22 -22.34 10.45
N ARG A 192 55.61 -22.30 9.26
CA ARG A 192 55.73 -21.14 8.38
C ARG A 192 54.49 -21.07 7.48
N ASP A 193 53.51 -20.28 7.88
CA ASP A 193 52.33 -19.98 7.06
C ASP A 193 51.44 -19.04 7.86
N LEU A 194 50.36 -18.59 7.21
CA LEU A 194 49.31 -17.86 7.91
C LEU A 194 48.22 -18.86 8.30
N PRO A 195 48.03 -19.17 9.58
CA PRO A 195 47.06 -20.20 9.95
C PRO A 195 45.65 -19.86 9.48
N SER A 196 44.91 -20.90 9.10
CA SER A 196 43.52 -20.76 8.70
C SER A 196 42.61 -20.88 9.91
N GLY A 197 41.54 -20.10 9.92
CA GLY A 197 40.60 -20.15 11.03
C GLY A 197 39.71 -18.91 11.04
N PHE A 198 39.08 -18.71 12.19
CA PHE A 198 38.11 -17.63 12.39
C PHE A 198 38.31 -17.05 13.78
N ASN A 199 38.33 -15.72 13.88
CA ASN A 199 38.52 -15.06 15.16
C ASN A 199 38.11 -13.60 15.04
N THR A 200 37.21 -13.17 15.91
CA THR A 200 36.68 -11.81 15.86
C THR A 200 37.58 -10.84 16.61
N LEU A 201 37.64 -9.61 16.11
CA LEU A 201 38.47 -8.55 16.67
C LEU A 201 37.60 -7.54 17.41
N LYS A 202 38.17 -6.92 18.44
CA LYS A 202 37.46 -5.95 19.25
C LYS A 202 38.02 -4.55 19.06
N PRO A 203 37.21 -3.51 19.25
CA PRO A 203 37.73 -2.15 19.11
C PRO A 203 38.60 -1.76 20.29
N ILE A 204 39.77 -1.21 19.99
CA ILE A 204 40.66 -0.72 21.03
C ILE A 204 41.02 0.75 20.89
N PHE A 205 41.03 1.34 19.69
CA PHE A 205 41.37 2.76 19.60
C PHE A 205 40.53 3.46 18.54
N LYS A 206 40.14 4.69 18.86
CA LYS A 206 39.52 5.61 17.90
C LYS A 206 40.29 6.93 18.03
N LEU A 207 41.40 7.03 17.31
CA LEU A 207 42.33 8.14 17.50
C LEU A 207 41.90 9.36 16.69
N PRO A 208 41.71 10.53 17.30
CA PRO A 208 41.35 11.75 16.55
C PRO A 208 42.54 12.52 15.98
N LEU A 209 43.12 11.98 14.92
CA LEU A 209 44.36 12.52 14.37
C LEU A 209 44.12 13.58 13.30
N GLY A 210 43.12 13.38 12.45
CA GLY A 210 42.84 14.34 11.40
C GLY A 210 43.95 14.49 10.39
N ILE A 211 44.68 13.41 10.10
CA ILE A 211 45.75 13.44 9.12
C ILE A 211 45.36 12.58 7.93
N LYS A 212 46.04 12.80 6.81
CA LYS A 212 45.85 12.02 5.60
C LYS A 212 46.78 10.82 5.63
N ILE A 213 46.21 9.63 5.44
CA ILE A 213 46.97 8.38 5.50
C ILE A 213 46.85 7.70 4.15
N THR A 214 47.99 7.49 3.49
CA THR A 214 48.06 6.73 2.25
C THR A 214 49.16 5.71 2.23
N ASN A 215 50.12 5.76 3.16
CA ASN A 215 51.21 4.82 3.20
C ASN A 215 51.50 4.47 4.65
N PHE A 216 52.12 3.31 4.86
CA PHE A 216 52.51 2.88 6.20
C PHE A 216 53.73 1.99 6.11
N ARG A 217 54.43 1.88 7.22
CA ARG A 217 55.61 1.04 7.32
C ARG A 217 55.64 0.38 8.70
N ALA A 218 56.18 -0.83 8.74
CA ALA A 218 56.28 -1.59 9.98
C ALA A 218 57.58 -1.27 10.70
N ILE A 219 57.56 -1.38 12.02
CA ILE A 219 58.73 -1.17 12.87
C ILE A 219 59.13 -2.52 13.43
N LEU A 220 60.35 -2.94 13.13
CA LEU A 220 60.85 -4.25 13.49
C LEU A 220 61.94 -4.15 14.53
N THR A 221 62.50 -5.30 14.90
CA THR A 221 63.58 -5.40 15.87
C THR A 221 64.76 -6.11 15.24
N ALA A 222 65.96 -5.59 15.47
CA ALA A 222 67.19 -6.16 14.95
C ALA A 222 68.02 -6.71 16.10
N PHE A 223 68.40 -7.98 16.01
CA PHE A 223 69.17 -8.65 17.06
C PHE A 223 70.63 -8.65 16.65
N LEU A 224 71.29 -7.53 16.93
CA LEU A 224 72.68 -7.36 16.51
C LEU A 224 73.61 -8.11 17.46
N PRO A 225 74.46 -9.01 16.95
CA PRO A 225 75.41 -9.69 17.84
C PRO A 225 76.38 -8.74 18.53
N ALA A 226 76.76 -7.65 17.86
CA ALA A 226 77.66 -6.67 18.42
C ALA A 226 77.65 -5.45 17.51
N GLN A 227 78.48 -4.47 17.84
CA GLN A 227 78.53 -3.24 17.06
C GLN A 227 79.00 -3.54 15.64
N ASP A 228 78.41 -2.81 14.68
CA ASP A 228 78.69 -2.94 13.26
C ASP A 228 78.07 -4.19 12.64
N THR A 229 77.46 -5.05 13.43
CA THR A 229 76.83 -6.26 12.94
C THR A 229 75.36 -6.27 13.37
N TRP A 230 74.49 -6.70 12.47
CA TRP A 230 73.05 -6.71 12.70
C TRP A 230 72.49 -8.09 12.44
N GLY A 231 71.56 -8.51 13.30
CA GLY A 231 70.89 -9.78 13.15
C GLY A 231 69.38 -9.60 13.09
N THR A 232 68.68 -10.55 12.48
CA THR A 232 67.27 -10.38 12.16
C THR A 232 66.33 -11.19 13.04
N SER A 233 66.71 -12.40 13.45
CA SER A 233 65.79 -13.32 14.10
C SER A 233 64.69 -13.73 13.11
N ALA A 234 63.69 -14.48 13.58
CA ALA A 234 62.67 -15.04 12.71
C ALA A 234 61.31 -14.46 13.06
N ALA A 235 60.61 -13.95 12.06
CA ALA A 235 59.23 -13.49 12.27
C ALA A 235 58.58 -13.26 10.91
N ALA A 236 57.25 -13.20 10.89
CA ALA A 236 56.54 -12.94 9.65
C ALA A 236 55.33 -12.06 9.89
N TYR A 237 54.94 -11.30 8.87
CA TYR A 237 53.69 -10.55 8.94
C TYR A 237 53.06 -10.48 7.55
N PHE A 238 51.74 -10.38 7.54
CA PHE A 238 50.93 -10.47 6.33
C PHE A 238 49.95 -9.31 6.27
N VAL A 239 49.65 -8.88 5.05
CA VAL A 239 48.84 -7.70 4.79
C VAL A 239 47.75 -8.04 3.79
N GLY A 240 46.53 -7.60 4.09
CA GLY A 240 45.43 -7.68 3.13
C GLY A 240 44.62 -6.40 3.15
N TYR A 241 43.84 -6.20 2.10
CA TYR A 241 43.14 -4.93 1.87
C TYR A 241 41.64 -5.12 2.05
N LEU A 242 41.02 -4.20 2.79
CA LEU A 242 39.58 -4.21 3.01
C LEU A 242 38.84 -3.65 1.80
N LYS A 243 37.59 -4.09 1.66
CA LYS A 243 36.69 -3.62 0.62
C LYS A 243 35.30 -3.47 1.20
N PRO A 244 34.46 -2.60 0.62
CA PRO A 244 33.07 -2.46 1.10
C PRO A 244 32.22 -3.64 0.66
N THR A 245 31.71 -4.40 1.61
CA THR A 245 30.96 -5.60 1.32
C THR A 245 29.89 -5.80 2.38
N LYS A 246 28.97 -6.70 2.08
CA LYS A 246 27.88 -7.07 2.98
C LYS A 246 28.21 -8.39 3.68
N PHE A 247 27.98 -8.44 4.98
CA PHE A 247 28.24 -9.61 5.80
C PHE A 247 27.00 -9.95 6.61
N MET A 248 26.89 -11.22 6.98
CA MET A 248 25.85 -11.69 7.89
C MET A 248 26.54 -12.37 9.06
N LEU A 249 26.45 -11.76 10.24
CA LEU A 249 27.18 -12.21 11.42
C LEU A 249 26.24 -12.92 12.38
N LYS A 250 26.77 -13.91 13.09
CA LYS A 250 25.99 -14.75 13.99
C LYS A 250 26.40 -14.49 15.43
N TYR A 251 25.45 -14.04 16.24
CA TYR A 251 25.65 -13.84 17.67
C TYR A 251 25.11 -15.04 18.42
N ASP A 252 25.94 -15.64 19.28
CA ASP A 252 25.56 -16.82 20.02
C ASP A 252 24.81 -16.42 21.29
N GLU A 253 24.61 -17.39 22.19
CA GLU A 253 23.83 -17.14 23.39
C GLU A 253 24.51 -16.11 24.29
N ASN A 254 25.84 -16.17 24.40
CA ASN A 254 26.58 -15.26 25.26
C ASN A 254 26.78 -13.89 24.63
N GLY A 255 26.44 -13.71 23.37
CA GLY A 255 26.60 -12.44 22.70
C GLY A 255 27.90 -12.27 21.93
N THR A 256 28.67 -13.34 21.74
CA THR A 256 29.92 -13.27 21.01
C THR A 256 29.72 -13.74 19.58
N ILE A 257 30.35 -13.03 18.64
CA ILE A 257 30.26 -13.41 17.24
C ILE A 257 31.12 -14.65 17.01
N THR A 258 30.50 -15.72 16.50
CA THR A 258 31.17 -16.99 16.31
C THR A 258 31.24 -17.44 14.86
N ASP A 259 30.47 -16.85 13.96
CA ASP A 259 30.50 -17.23 12.55
C ASP A 259 29.95 -16.09 11.72
N ALA A 260 30.28 -16.13 10.43
CA ALA A 260 29.83 -15.10 9.50
C ALA A 260 29.73 -15.67 8.10
N VAL A 261 28.94 -15.00 7.28
CA VAL A 261 28.78 -15.32 5.87
C VAL A 261 29.09 -14.07 5.05
N ASP A 262 30.01 -14.20 4.10
CA ASP A 262 30.35 -13.12 3.18
C ASP A 262 29.46 -13.26 1.95
N CYS A 263 28.55 -12.31 1.77
CA CYS A 263 27.51 -12.47 0.75
C CYS A 263 28.05 -12.46 -0.67
N SER A 264 29.28 -11.99 -0.88
CA SER A 264 29.84 -11.85 -2.21
C SER A 264 30.77 -12.99 -2.60
N GLN A 265 30.94 -14.00 -1.75
CA GLN A 265 31.89 -15.06 -2.05
C GLN A 265 31.48 -15.86 -3.29
N ASN A 266 30.22 -16.30 -3.33
CA ASN A 266 29.75 -17.13 -4.43
C ASN A 266 28.22 -17.23 -4.38
N PRO A 267 27.57 -17.79 -5.39
CA PRO A 267 26.10 -17.79 -5.39
C PRO A 267 25.47 -18.43 -4.17
N LEU A 268 26.08 -19.49 -3.61
CA LEU A 268 25.51 -20.10 -2.41
C LEU A 268 25.48 -19.11 -1.25
N ALA A 269 26.56 -18.34 -1.07
CA ALA A 269 26.58 -17.32 -0.03
C ALA A 269 25.54 -16.25 -0.28
N GLU A 270 25.35 -15.87 -1.55
CA GLU A 270 24.34 -14.88 -1.88
C GLU A 270 22.94 -15.38 -1.51
N LEU A 271 22.66 -16.65 -1.80
CA LEU A 271 21.38 -17.23 -1.41
C LEU A 271 21.23 -17.26 0.11
N LYS A 272 22.30 -17.64 0.82
CA LYS A 272 22.24 -17.68 2.27
C LYS A 272 21.90 -16.31 2.84
N CYS A 273 22.55 -15.26 2.31
CA CYS A 273 22.25 -13.91 2.78
C CYS A 273 20.83 -13.51 2.42
N SER A 274 20.36 -13.86 1.23
CA SER A 274 19.02 -13.45 0.81
C SER A 274 17.95 -14.08 1.69
N VAL A 275 18.11 -15.36 2.03
CA VAL A 275 17.12 -16.02 2.89
C VAL A 275 17.42 -15.83 4.37
N LYS A 276 18.60 -15.32 4.73
CA LYS A 276 18.97 -15.04 6.11
C LYS A 276 18.98 -16.33 6.93
N SER A 277 19.75 -17.31 6.46
CA SER A 277 19.90 -18.57 7.17
C SER A 277 21.25 -19.18 6.81
N PHE A 278 21.80 -19.95 7.74
CA PHE A 278 23.05 -20.65 7.52
C PHE A 278 22.86 -22.03 6.91
N GLU A 279 21.62 -22.51 6.79
CA GLU A 279 21.31 -23.82 6.24
C GLU A 279 20.29 -23.67 5.13
N ILE A 280 20.44 -24.48 4.08
CA ILE A 280 19.56 -24.44 2.92
C ILE A 280 19.08 -25.86 2.65
N ASP A 281 17.77 -26.00 2.40
CA ASP A 281 17.21 -27.30 2.05
C ASP A 281 17.44 -27.61 0.58
N LYS A 282 17.38 -28.90 0.27
CA LYS A 282 17.57 -29.34 -1.11
C LYS A 282 16.54 -28.69 -2.03
N GLY A 283 16.99 -28.25 -3.19
CA GLY A 283 16.10 -27.69 -4.19
C GLY A 283 16.81 -26.68 -5.06
N ILE A 284 16.01 -25.95 -5.83
CA ILE A 284 16.48 -24.92 -6.74
C ILE A 284 15.89 -23.59 -6.32
N TYR A 285 16.70 -22.53 -6.37
CA TYR A 285 16.29 -21.21 -5.91
C TYR A 285 16.72 -20.15 -6.91
N GLN A 286 15.94 -19.07 -6.95
CA GLN A 286 16.25 -17.93 -7.80
C GLN A 286 17.14 -16.95 -7.04
N THR A 287 18.21 -16.49 -7.70
CA THR A 287 19.09 -15.47 -7.16
C THR A 287 18.96 -14.19 -7.98
N SER A 288 19.78 -13.21 -7.65
CA SER A 288 19.76 -11.95 -8.37
C SER A 288 20.26 -12.14 -9.80
N ASN A 289 19.85 -11.24 -10.67
CA ASN A 289 20.27 -11.28 -12.06
C ASN A 289 21.78 -11.16 -12.16
N PHE A 290 22.32 -11.48 -13.33
CA PHE A 290 23.76 -11.44 -13.53
C PHE A 290 24.28 -10.01 -13.40
N ARG A 291 25.32 -9.84 -12.60
CA ARG A 291 25.84 -8.52 -12.24
C ARG A 291 27.19 -8.28 -12.89
N VAL A 292 27.36 -7.10 -13.47
CA VAL A 292 28.63 -6.68 -14.08
C VAL A 292 29.02 -5.34 -13.47
N VAL A 293 30.29 -5.21 -13.10
CA VAL A 293 30.79 -3.98 -12.49
C VAL A 293 31.57 -3.18 -13.54
N PRO A 294 31.56 -1.86 -13.49
CA PRO A 294 32.26 -1.07 -14.50
C PRO A 294 33.77 -1.22 -14.40
N SER A 295 34.43 -1.05 -15.54
CA SER A 295 35.88 -1.18 -15.62
C SER A 295 36.47 -0.05 -16.45
N GLY A 296 36.00 1.16 -16.23
CA GLY A 296 36.52 2.31 -16.94
C GLY A 296 35.80 3.57 -16.52
N ASP A 297 36.33 4.70 -16.97
CA ASP A 297 35.75 6.00 -16.70
C ASP A 297 35.78 6.84 -17.98
N VAL A 298 34.66 7.49 -18.28
CA VAL A 298 34.52 8.31 -19.47
C VAL A 298 33.94 9.65 -19.07
N VAL A 299 34.64 10.73 -19.38
CA VAL A 299 34.16 12.09 -19.14
C VAL A 299 34.23 12.85 -20.45
N ARG A 300 33.11 13.42 -20.88
CA ARG A 300 33.04 14.16 -22.13
C ARG A 300 32.37 15.50 -21.88
N PHE A 301 33.14 16.58 -22.00
CA PHE A 301 32.68 17.95 -21.91
C PHE A 301 32.97 18.65 -23.23
N PRO A 302 32.32 19.78 -23.50
CA PRO A 302 32.60 20.51 -24.74
C PRO A 302 34.01 21.10 -24.74
N ASN A 303 34.43 21.53 -25.92
CA ASN A 303 35.70 22.24 -26.08
C ASN A 303 35.52 23.67 -25.57
N ILE A 304 36.09 23.97 -24.41
CA ILE A 304 36.02 25.30 -23.82
C ILE A 304 37.42 25.70 -23.38
N THR A 305 37.81 26.92 -23.68
CA THR A 305 39.15 27.41 -23.37
C THR A 305 39.16 28.65 -22.49
N ASN A 306 38.25 29.60 -22.71
CA ASN A 306 38.26 30.85 -21.97
C ASN A 306 37.65 30.69 -20.59
N LEU A 307 38.16 31.47 -19.64
CA LEU A 307 37.57 31.56 -18.32
C LEU A 307 36.36 32.51 -18.35
N CYS A 308 35.38 32.22 -17.50
CA CYS A 308 34.18 33.05 -17.48
C CYS A 308 34.51 34.46 -17.03
N PRO A 309 33.75 35.46 -17.49
CA PRO A 309 34.12 36.86 -17.21
C PRO A 309 33.83 37.26 -15.77
N PHE A 310 34.52 36.65 -14.82
CA PHE A 310 34.29 36.97 -13.41
C PHE A 310 34.61 38.42 -13.12
N GLY A 311 35.70 38.93 -13.68
CA GLY A 311 36.09 40.31 -13.41
C GLY A 311 35.09 41.31 -13.95
N GLU A 312 34.59 41.07 -15.16
CA GLU A 312 33.67 42.02 -15.78
C GLU A 312 32.34 42.08 -15.05
N VAL A 313 31.92 40.99 -14.41
CA VAL A 313 30.64 40.95 -13.73
C VAL A 313 30.77 41.39 -12.28
N PHE A 314 31.70 40.82 -11.53
CA PHE A 314 31.82 41.09 -10.11
C PHE A 314 32.71 42.28 -9.78
N ASN A 315 33.42 42.83 -10.77
CA ASN A 315 34.30 43.98 -10.54
C ASN A 315 33.98 45.14 -11.46
N ALA A 316 32.75 45.20 -11.99
CA ALA A 316 32.37 46.29 -12.88
C ALA A 316 32.40 47.62 -12.13
N THR A 317 32.75 48.68 -12.86
CA THR A 317 32.86 49.99 -12.23
C THR A 317 31.50 50.51 -11.78
N LYS A 318 30.46 50.34 -12.59
CA LYS A 318 29.15 50.90 -12.32
C LYS A 318 28.10 49.80 -12.23
N PHE A 319 27.15 49.97 -11.32
CA PHE A 319 26.02 49.08 -11.16
C PHE A 319 24.72 49.87 -11.33
N PRO A 320 23.65 49.22 -11.78
CA PRO A 320 22.38 49.94 -11.97
C PRO A 320 21.52 49.95 -10.71
N SER A 321 20.45 50.74 -10.78
CA SER A 321 19.45 50.77 -9.73
C SER A 321 18.58 49.52 -9.78
N VAL A 322 17.99 49.17 -8.64
CA VAL A 322 17.22 47.93 -8.56
C VAL A 322 16.00 47.99 -9.47
N TYR A 323 15.33 49.15 -9.53
CA TYR A 323 14.16 49.26 -10.39
C TYR A 323 14.52 49.12 -11.86
N ALA A 324 15.79 49.25 -12.21
CA ALA A 324 16.28 49.08 -13.58
C ALA A 324 17.40 48.04 -13.63
N TRP A 325 17.22 46.93 -12.91
CA TRP A 325 18.23 45.89 -12.84
C TRP A 325 18.63 45.44 -14.24
N GLU A 326 19.88 44.98 -14.37
CA GLU A 326 20.41 44.67 -15.70
C GLU A 326 20.74 43.19 -15.83
N ARG A 327 20.54 42.65 -17.03
CA ARG A 327 20.69 41.24 -17.32
C ARG A 327 21.76 41.03 -18.39
N LYS A 328 22.60 40.01 -18.18
CA LYS A 328 23.70 39.71 -19.08
C LYS A 328 23.76 38.22 -19.33
N ARG A 329 24.17 37.84 -20.54
CA ARG A 329 24.22 36.44 -20.94
C ARG A 329 25.65 35.90 -20.83
N ILE A 330 25.78 34.67 -20.32
CA ILE A 330 27.07 34.02 -20.15
C ILE A 330 27.10 32.78 -21.02
N SER A 331 28.17 32.62 -21.80
CA SER A 331 28.29 31.44 -22.65
C SER A 331 29.75 31.22 -23.02
N ASN A 332 30.07 29.96 -23.33
CA ASN A 332 31.37 29.56 -23.88
C ASN A 332 32.52 29.93 -22.94
N CYS A 333 32.45 29.43 -21.71
CA CYS A 333 33.47 29.75 -20.73
C CYS A 333 33.49 28.67 -19.65
N VAL A 334 34.56 28.67 -18.87
CA VAL A 334 34.76 27.72 -17.79
C VAL A 334 34.45 28.39 -16.48
N ALA A 335 33.58 27.78 -15.67
CA ALA A 335 33.15 28.36 -14.40
C ALA A 335 34.04 27.84 -13.27
N ASP A 336 35.28 28.30 -13.27
CA ASP A 336 36.25 27.96 -12.24
C ASP A 336 36.30 29.12 -11.26
N TYR A 337 35.40 29.08 -10.27
CA TYR A 337 35.21 30.23 -9.39
C TYR A 337 36.25 30.33 -8.28
N SER A 338 37.10 29.33 -8.10
CA SER A 338 38.12 29.42 -7.07
C SER A 338 39.08 30.58 -7.32
N VAL A 339 39.16 31.08 -8.55
CA VAL A 339 40.00 32.25 -8.82
C VAL A 339 39.54 33.45 -8.01
N LEU A 340 38.29 33.46 -7.55
CA LEU A 340 37.79 34.55 -6.74
C LEU A 340 38.28 34.48 -5.30
N TYR A 341 38.90 33.38 -4.88
CA TYR A 341 39.30 33.25 -3.49
C TYR A 341 40.39 34.24 -3.09
N ASN A 342 41.13 34.78 -4.05
CA ASN A 342 42.24 35.68 -3.75
C ASN A 342 41.83 37.14 -3.67
N SER A 343 40.65 37.52 -4.14
CA SER A 343 40.29 38.93 -4.26
C SER A 343 38.90 39.30 -3.75
N THR A 344 37.96 38.37 -3.66
CA THR A 344 36.57 38.71 -3.36
C THR A 344 36.09 38.00 -2.11
N SER A 345 35.10 38.60 -1.46
CA SER A 345 34.48 38.04 -0.28
C SER A 345 32.98 38.35 -0.32
N PHE A 346 32.15 37.33 -0.12
CA PHE A 346 30.70 37.47 -0.23
C PHE A 346 30.05 37.30 1.13
N SER A 347 29.16 38.23 1.48
CA SER A 347 28.43 38.11 2.73
C SER A 347 27.21 37.23 2.58
N THR A 348 26.63 37.13 1.38
CA THR A 348 25.50 36.25 1.14
C THR A 348 25.80 35.39 -0.09
N PHE A 349 25.55 34.09 0.03
CA PHE A 349 25.69 33.16 -1.08
C PHE A 349 24.75 31.99 -0.84
N LYS A 350 23.69 31.87 -1.65
CA LYS A 350 22.73 30.80 -1.47
C LYS A 350 22.26 30.26 -2.81
N CYS A 351 22.17 28.93 -2.92
CA CYS A 351 21.81 28.28 -4.17
C CYS A 351 20.52 27.46 -4.01
N TYR A 352 19.75 27.39 -5.09
CA TYR A 352 18.44 26.76 -5.13
C TYR A 352 18.39 25.82 -6.32
N GLY A 353 17.93 24.59 -6.09
CA GLY A 353 17.83 23.60 -7.14
C GLY A 353 19.09 22.79 -7.37
N VAL A 354 20.15 23.04 -6.61
CA VAL A 354 21.42 22.34 -6.80
C VAL A 354 22.22 22.52 -5.52
N SER A 355 23.07 21.55 -5.22
CA SER A 355 23.91 21.60 -4.04
C SER A 355 25.22 22.31 -4.36
N ALA A 356 25.66 23.17 -3.45
CA ALA A 356 26.86 23.97 -3.68
C ALA A 356 28.08 23.09 -3.93
N THR A 357 28.10 21.89 -3.36
CA THR A 357 29.25 21.01 -3.51
C THR A 357 29.31 20.29 -4.85
N LYS A 358 28.24 20.35 -5.64
CA LYS A 358 28.22 19.72 -6.96
C LYS A 358 28.57 20.68 -8.09
N LEU A 359 28.69 21.98 -7.81
CA LEU A 359 28.81 22.96 -8.88
C LEU A 359 30.00 22.66 -9.78
N ASN A 360 31.10 22.18 -9.21
CA ASN A 360 32.31 21.95 -9.99
C ASN A 360 32.17 20.81 -10.98
N ASP A 361 31.13 19.99 -10.89
CA ASP A 361 31.02 18.80 -11.72
C ASP A 361 30.01 18.93 -12.85
N LEU A 362 29.37 20.08 -13.01
CA LEU A 362 28.21 20.21 -13.88
C LEU A 362 28.50 21.13 -15.05
N CYS A 363 27.60 21.09 -16.04
CA CYS A 363 27.52 22.07 -17.10
C CYS A 363 26.16 22.74 -17.06
N PHE A 364 26.09 24.00 -17.46
CA PHE A 364 24.92 24.83 -17.28
C PHE A 364 24.40 25.34 -18.62
N SER A 365 23.08 25.29 -18.79
CA SER A 365 22.48 25.41 -20.11
C SER A 365 22.33 26.87 -20.56
N ASN A 366 21.50 27.64 -19.84
CA ASN A 366 21.07 28.98 -20.30
C ASN A 366 21.37 29.97 -19.18
N VAL A 367 22.59 30.50 -19.16
CA VAL A 367 23.14 31.19 -18.00
C VAL A 367 22.94 32.69 -18.15
N TYR A 368 22.26 33.30 -17.19
CA TYR A 368 22.08 34.74 -17.13
C TYR A 368 22.50 35.25 -15.77
N ALA A 369 23.07 36.46 -15.76
CA ALA A 369 23.46 37.15 -14.53
C ALA A 369 22.72 38.47 -14.46
N ASP A 370 22.03 38.70 -13.35
CA ASP A 370 21.31 39.94 -13.10
C ASP A 370 22.04 40.71 -12.01
N SER A 371 22.30 41.99 -12.26
CA SER A 371 23.05 42.83 -11.34
C SER A 371 22.21 44.03 -10.92
N PHE A 372 22.31 44.39 -9.64
CA PHE A 372 21.70 45.61 -9.13
C PHE A 372 22.27 45.92 -7.74
N VAL A 373 21.78 47.00 -7.14
CA VAL A 373 22.23 47.50 -5.84
C VAL A 373 21.02 47.72 -4.95
N VAL A 374 21.11 47.30 -3.70
CA VAL A 374 20.03 47.50 -2.73
C VAL A 374 20.62 47.94 -1.39
N LYS A 375 19.73 48.17 -0.44
CA LYS A 375 20.07 48.49 0.94
C LYS A 375 20.39 47.20 1.71
N GLY A 376 21.11 47.37 2.82
CA GLY A 376 21.50 46.21 3.61
C GLY A 376 20.30 45.45 4.14
N ASP A 377 19.25 46.16 4.56
CA ASP A 377 18.06 45.51 5.10
C ASP A 377 17.24 44.82 4.02
N ASP A 378 17.42 45.16 2.76
CA ASP A 378 16.61 44.61 1.68
C ASP A 378 17.21 43.34 1.07
N VAL A 379 18.44 42.97 1.44
CA VAL A 379 19.07 41.80 0.84
C VAL A 379 18.24 40.55 1.11
N ARG A 380 17.63 40.47 2.29
CA ARG A 380 16.82 39.30 2.63
C ARG A 380 15.62 39.14 1.71
N GLN A 381 15.21 40.19 1.01
CA GLN A 381 14.04 40.09 0.15
C GLN A 381 14.34 39.44 -1.20
N ILE A 382 15.60 39.21 -1.54
CA ILE A 382 15.94 38.57 -2.82
C ILE A 382 15.99 37.07 -2.54
N ALA A 383 14.82 36.46 -2.58
CA ALA A 383 14.66 35.03 -2.36
C ALA A 383 13.24 34.63 -2.75
N PRO A 384 13.00 33.39 -3.16
CA PRO A 384 11.64 32.99 -3.53
C PRO A 384 10.69 33.10 -2.36
N GLY A 385 9.47 33.56 -2.66
CA GLY A 385 8.41 33.58 -1.66
C GLY A 385 8.45 34.74 -0.68
N GLN A 386 9.18 35.80 -0.99
CA GLN A 386 9.31 36.94 -0.09
C GLN A 386 8.31 38.04 -0.45
N THR A 387 8.02 38.88 0.53
CA THR A 387 7.20 40.07 0.33
C THR A 387 7.97 41.28 0.82
N GLY A 388 7.53 42.46 0.40
CA GLY A 388 8.23 43.69 0.70
C GLY A 388 8.29 44.60 -0.50
N VAL A 389 8.79 45.82 -0.33
CA VAL A 389 8.76 46.79 -1.42
C VAL A 389 9.60 46.31 -2.60
N ILE A 390 10.79 45.77 -2.32
CA ILE A 390 11.64 45.28 -3.39
C ILE A 390 11.01 44.08 -4.08
N ALA A 391 10.57 43.10 -3.30
CA ALA A 391 9.99 41.90 -3.88
C ALA A 391 8.67 42.20 -4.59
N ASP A 392 7.93 43.22 -4.14
CA ASP A 392 6.63 43.53 -4.70
C ASP A 392 6.71 44.37 -5.96
N TYR A 393 7.58 45.39 -6.00
CA TYR A 393 7.55 46.37 -7.07
C TYR A 393 8.83 46.50 -7.87
N ASN A 394 9.92 45.83 -7.49
CA ASN A 394 11.21 46.03 -8.13
C ASN A 394 11.78 44.79 -8.78
N TYR A 395 11.88 43.68 -8.06
CA TYR A 395 12.55 42.49 -8.58
C TYR A 395 12.03 41.27 -7.85
N LYS A 396 11.40 40.35 -8.57
CA LYS A 396 10.80 39.15 -7.99
C LYS A 396 11.41 37.91 -8.61
N LEU A 397 11.62 36.88 -7.76
CA LEU A 397 12.11 35.58 -8.20
C LEU A 397 10.96 34.58 -8.31
N PRO A 398 11.04 33.64 -9.25
CA PRO A 398 9.97 32.65 -9.39
C PRO A 398 9.96 31.66 -8.23
N ASP A 399 8.80 31.03 -8.05
CA ASP A 399 8.65 30.06 -6.97
C ASP A 399 9.58 28.87 -7.17
N ASP A 400 9.66 28.35 -8.39
CA ASP A 400 10.56 27.24 -8.71
C ASP A 400 11.88 27.76 -9.28
N PHE A 401 12.54 28.59 -8.48
CA PHE A 401 13.80 29.19 -8.90
C PHE A 401 14.92 28.16 -8.89
N MET A 402 15.78 28.20 -9.91
CA MET A 402 16.99 27.40 -9.97
C MET A 402 18.16 28.33 -10.28
N GLY A 403 19.07 28.46 -9.34
CA GLY A 403 20.20 29.35 -9.51
C GLY A 403 20.73 29.79 -8.15
N CYS A 404 21.58 30.80 -8.18
CA CYS A 404 22.26 31.24 -6.96
C CYS A 404 22.18 32.76 -6.81
N VAL A 405 22.23 33.21 -5.56
CA VAL A 405 22.17 34.62 -5.20
C VAL A 405 23.43 34.95 -4.41
N LEU A 406 24.11 36.02 -4.82
CA LEU A 406 25.33 36.49 -4.18
C LEU A 406 25.19 37.97 -3.86
N ALA A 407 25.66 38.37 -2.68
CA ALA A 407 25.59 39.77 -2.30
C ALA A 407 26.77 40.13 -1.42
N TRP A 408 27.30 41.35 -1.60
CA TRP A 408 28.42 41.80 -0.80
C TRP A 408 28.34 43.31 -0.55
N ASN A 409 28.93 43.72 0.57
CA ASN A 409 28.87 45.10 1.04
C ASN A 409 29.86 45.99 0.29
N THR A 410 29.42 47.18 -0.07
CA THR A 410 30.22 48.09 -0.90
C THR A 410 30.14 49.51 -0.34
N ARG A 411 30.27 49.65 0.98
CA ARG A 411 30.21 50.99 1.58
C ARG A 411 31.35 51.87 1.07
N ASN A 412 32.51 51.28 0.82
CA ASN A 412 33.67 52.09 0.45
C ASN A 412 33.47 52.80 -0.87
N ILE A 413 32.83 52.15 -1.85
CA ILE A 413 32.76 52.70 -3.19
C ILE A 413 31.39 53.31 -3.53
N ASP A 414 30.34 52.98 -2.78
CA ASP A 414 28.99 53.42 -3.11
C ASP A 414 28.41 54.41 -2.10
N ALA A 415 29.16 54.80 -1.08
CA ALA A 415 28.69 55.76 -0.10
C ALA A 415 29.70 56.89 0.01
N THR A 416 29.21 58.07 0.38
CA THR A 416 30.03 59.26 0.51
C THR A 416 29.68 59.99 1.80
N SER A 417 30.62 60.82 2.26
CA SER A 417 30.41 61.56 3.50
C SER A 417 29.22 62.50 3.40
N THR A 418 29.04 63.11 2.23
CA THR A 418 27.90 64.01 2.02
C THR A 418 26.62 63.27 1.66
N GLY A 419 26.71 62.00 1.29
CA GLY A 419 25.54 61.23 0.93
C GLY A 419 25.38 61.05 -0.56
N ASN A 420 25.22 59.79 -0.99
CA ASN A 420 25.03 59.47 -2.39
C ASN A 420 23.57 59.14 -2.64
N TYR A 421 22.96 59.82 -3.61
CA TYR A 421 21.53 59.70 -3.88
C TYR A 421 21.25 59.21 -5.30
N ASN A 422 22.23 58.60 -5.97
CA ASN A 422 22.07 58.21 -7.35
C ASN A 422 21.23 56.95 -7.52
N TYR A 423 21.10 56.12 -6.49
CA TYR A 423 20.37 54.87 -6.59
C TYR A 423 18.92 55.06 -6.15
N LYS A 424 18.00 54.40 -6.85
CA LYS A 424 16.58 54.61 -6.66
C LYS A 424 15.84 53.28 -6.62
N TYR A 425 14.61 53.32 -6.12
CA TYR A 425 13.72 52.17 -6.18
C TYR A 425 12.27 52.65 -6.23
N ARG A 426 11.41 51.79 -6.76
CA ARG A 426 9.99 52.10 -6.88
C ARG A 426 9.25 51.67 -5.62
N TYR A 427 8.36 52.54 -5.14
CA TYR A 427 7.59 52.24 -3.94
C TYR A 427 6.09 52.46 -4.10
N LEU A 428 5.61 52.78 -5.30
CA LEU A 428 4.18 52.89 -5.58
C LEU A 428 3.89 52.19 -6.90
N ARG A 429 2.86 51.36 -6.93
CA ARG A 429 2.49 50.67 -8.16
C ARG A 429 1.09 50.08 -7.99
N HIS A 430 0.42 49.87 -9.13
CA HIS A 430 -0.87 49.20 -9.18
C HIS A 430 -0.61 47.73 -9.48
N GLY A 431 -0.55 46.91 -8.43
CA GLY A 431 -0.30 45.49 -8.58
C GLY A 431 1.17 45.14 -8.48
N LYS A 432 1.42 43.86 -8.24
CA LYS A 432 2.76 43.35 -8.03
C LYS A 432 3.39 42.86 -9.33
N LEU A 433 4.71 42.85 -9.36
CA LEU A 433 5.44 42.38 -10.52
C LEU A 433 5.35 40.86 -10.64
N ARG A 434 5.36 40.37 -11.87
CA ARG A 434 5.52 38.96 -12.12
C ARG A 434 7.00 38.59 -12.10
N PRO A 435 7.32 37.30 -11.97
CA PRO A 435 8.73 36.91 -11.86
C PRO A 435 9.55 37.40 -13.05
N PHE A 436 10.75 37.90 -12.74
CA PHE A 436 11.71 38.37 -13.74
C PHE A 436 11.09 39.41 -14.68
N GLU A 437 10.26 40.28 -14.12
CA GLU A 437 9.68 41.40 -14.85
C GLU A 437 10.35 42.69 -14.44
N ARG A 438 10.38 43.65 -15.37
CA ARG A 438 11.01 44.94 -15.15
C ARG A 438 10.02 46.05 -15.48
N ASP A 439 10.13 47.16 -14.75
CA ASP A 439 9.26 48.32 -14.95
C ASP A 439 10.12 49.57 -14.79
N ILE A 440 10.47 50.20 -15.92
CA ILE A 440 11.33 51.38 -15.88
C ILE A 440 10.55 52.62 -16.31
N SER A 441 9.23 52.58 -16.15
CA SER A 441 8.40 53.74 -16.42
C SER A 441 8.47 54.73 -15.27
N ASN A 442 8.31 56.02 -15.59
CA ASN A 442 8.28 57.08 -14.60
C ASN A 442 7.05 57.95 -14.88
N VAL A 443 5.91 57.56 -14.32
CA VAL A 443 4.65 58.24 -14.57
C VAL A 443 4.04 58.65 -13.23
N PRO A 444 3.47 59.85 -13.11
CA PRO A 444 2.86 60.24 -11.84
C PRO A 444 1.79 59.25 -11.42
N PHE A 445 1.76 58.96 -10.12
CA PHE A 445 0.92 57.91 -9.56
C PHE A 445 -0.22 58.52 -8.75
N SER A 446 -1.40 57.92 -8.86
CA SER A 446 -2.56 58.37 -8.12
C SER A 446 -3.31 57.14 -7.63
N PRO A 447 -3.66 57.10 -6.34
CA PRO A 447 -4.40 55.92 -5.83
C PRO A 447 -5.72 55.70 -6.55
N ASP A 448 -6.33 56.75 -7.09
CA ASP A 448 -7.54 56.58 -7.89
C ASP A 448 -7.26 55.91 -9.22
N GLY A 449 -6.00 55.76 -9.61
CA GLY A 449 -5.66 55.10 -10.85
C GLY A 449 -6.08 55.83 -12.10
N LYS A 450 -5.93 57.14 -12.12
CA LYS A 450 -6.27 57.97 -13.27
C LYS A 450 -5.12 58.94 -13.54
N PRO A 451 -5.04 59.48 -14.76
CA PRO A 451 -3.98 60.45 -15.07
C PRO A 451 -3.86 61.54 -14.01
N CYS A 452 -2.70 62.19 -13.94
CA CYS A 452 -2.38 63.04 -12.81
C CYS A 452 -1.32 64.04 -13.23
N THR A 453 -1.14 65.06 -12.39
CA THR A 453 -0.12 66.08 -12.58
C THR A 453 0.60 66.28 -11.25
N PRO A 454 1.94 66.26 -11.24
CA PRO A 454 2.68 66.14 -9.97
C PRO A 454 2.20 67.11 -8.91
N PRO A 455 2.21 68.42 -9.17
CA PRO A 455 1.85 69.37 -8.11
C PRO A 455 0.44 69.18 -7.56
N ALA A 456 -0.45 68.55 -8.30
CA ALA A 456 -1.81 68.36 -7.83
C ALA A 456 -1.83 67.50 -6.56
N LEU A 457 -2.90 67.63 -5.79
CA LEU A 457 -3.06 66.85 -4.57
C LEU A 457 -3.29 65.39 -4.90
N ASN A 458 -2.85 64.52 -3.98
CA ASN A 458 -2.95 63.07 -4.18
C ASN A 458 -2.20 62.63 -5.43
N CYS A 459 -1.06 63.27 -5.69
CA CYS A 459 -0.22 62.96 -6.83
C CYS A 459 1.21 62.77 -6.32
N TYR A 460 1.86 61.68 -6.74
CA TYR A 460 3.19 61.36 -6.25
C TYR A 460 4.05 60.82 -7.39
N TRP A 461 5.33 61.15 -7.33
CA TRP A 461 6.30 60.50 -8.19
C TRP A 461 6.60 59.11 -7.64
N PRO A 462 6.55 58.06 -8.47
CA PRO A 462 6.63 56.69 -7.92
C PRO A 462 8.01 56.27 -7.46
N LEU A 463 9.08 56.95 -7.86
CA LEU A 463 10.43 56.54 -7.54
C LEU A 463 10.95 57.30 -6.33
N LYS A 464 11.81 56.63 -5.56
CA LYS A 464 12.38 57.17 -4.33
C LYS A 464 13.88 56.91 -4.32
N ASP A 465 14.60 57.74 -3.58
CA ASP A 465 16.06 57.71 -3.57
C ASP A 465 16.58 57.03 -2.31
N TYR A 466 17.53 56.13 -2.49
CA TYR A 466 18.35 55.67 -1.38
C TYR A 466 19.29 56.78 -0.93
N GLY A 467 19.53 56.87 0.37
CA GLY A 467 20.54 57.78 0.89
C GLY A 467 21.67 57.03 1.54
N PHE A 468 22.85 57.04 0.93
CA PHE A 468 23.98 56.23 1.38
C PHE A 468 25.06 57.15 1.94
N TYR A 469 25.22 57.15 3.26
CA TYR A 469 26.25 57.91 3.94
C TYR A 469 27.31 56.97 4.49
N THR A 470 28.52 57.51 4.67
CA THR A 470 29.60 56.71 5.23
C THR A 470 29.39 56.37 6.69
N THR A 471 28.56 57.14 7.40
CA THR A 471 28.33 56.95 8.83
C THR A 471 27.05 56.18 9.14
N SER A 472 26.36 55.68 8.12
CA SER A 472 25.11 54.98 8.35
C SER A 472 25.35 53.63 9.01
N GLY A 473 24.32 53.14 9.69
CA GLY A 473 24.37 51.80 10.25
C GLY A 473 24.37 50.74 9.17
N ILE A 474 24.73 49.52 9.56
CA ILE A 474 24.90 48.44 8.59
C ILE A 474 23.62 48.19 7.81
N GLY A 475 22.46 48.42 8.43
CA GLY A 475 21.21 48.20 7.75
C GLY A 475 20.92 49.20 6.64
N TYR A 476 21.66 50.31 6.59
CA TYR A 476 21.46 51.33 5.57
C TYR A 476 22.68 51.50 4.68
N GLN A 477 23.56 50.53 4.64
CA GLN A 477 24.71 50.61 3.77
C GLN A 477 24.42 49.93 2.44
N PRO A 478 25.06 50.36 1.35
CA PRO A 478 24.77 49.77 0.04
C PRO A 478 25.36 48.37 -0.09
N TYR A 479 24.62 47.52 -0.81
CA TYR A 479 25.06 46.17 -1.12
C TYR A 479 24.87 45.92 -2.61
N ARG A 480 25.86 45.27 -3.21
CA ARG A 480 25.78 44.87 -4.61
C ARG A 480 25.33 43.42 -4.68
N VAL A 481 24.39 43.14 -5.59
CA VAL A 481 23.73 41.85 -5.68
C VAL A 481 23.83 41.33 -7.11
N VAL A 482 24.23 40.06 -7.24
CA VAL A 482 24.26 39.35 -8.51
C VAL A 482 23.47 38.06 -8.36
N VAL A 483 22.57 37.80 -9.32
CA VAL A 483 21.73 36.61 -9.33
C VAL A 483 22.03 35.83 -10.59
N LEU A 484 22.40 34.56 -10.44
CA LEU A 484 22.71 33.68 -11.56
C LEU A 484 21.57 32.70 -11.76
N SER A 485 21.08 32.62 -12.99
CA SER A 485 19.99 31.71 -13.36
C SER A 485 20.44 30.79 -14.48
N PHE A 486 20.05 29.52 -14.39
CA PHE A 486 20.47 28.51 -15.37
C PHE A 486 19.53 27.32 -15.31
N GLU A 487 19.72 26.39 -16.25
CA GLU A 487 19.03 25.12 -16.30
C GLU A 487 20.05 23.99 -16.35
N LEU A 488 19.63 22.80 -15.92
CA LEU A 488 20.55 21.69 -15.71
C LEU A 488 20.05 20.40 -16.35
N LEU A 489 20.89 19.79 -17.18
CA LEU A 489 20.74 18.38 -17.59
C LEU A 489 19.48 18.16 -18.42
N ASN A 490 19.14 19.12 -19.28
CA ASN A 490 17.98 18.97 -20.15
C ASN A 490 18.21 19.46 -21.56
N ALA A 491 19.37 20.03 -21.88
CA ALA A 491 19.55 20.71 -23.15
C ALA A 491 21.03 20.97 -23.39
N PRO A 492 21.42 21.47 -24.56
CA PRO A 492 22.84 21.77 -24.79
C PRO A 492 23.34 22.84 -23.83
N ALA A 493 24.62 22.72 -23.48
CA ALA A 493 25.26 23.66 -22.56
C ALA A 493 26.63 24.06 -23.10
N THR A 494 27.02 25.30 -22.79
CA THR A 494 28.33 25.80 -23.18
C THR A 494 29.14 26.33 -22.00
N VAL A 495 28.59 26.33 -20.79
CA VAL A 495 29.30 26.76 -19.59
C VAL A 495 29.49 25.52 -18.72
N CYS A 496 30.73 25.23 -18.37
CA CYS A 496 31.07 24.01 -17.65
C CYS A 496 32.09 24.32 -16.57
N GLY A 497 32.15 23.44 -15.58
CA GLY A 497 33.17 23.51 -14.56
C GLY A 497 34.48 22.95 -15.05
N PRO A 498 35.51 23.08 -14.21
CA PRO A 498 36.85 22.59 -14.57
C PRO A 498 36.96 21.09 -14.39
N LYS A 499 37.11 20.36 -15.50
CA LYS A 499 37.23 18.92 -15.46
C LYS A 499 37.98 18.45 -16.70
N LEU A 500 38.85 17.46 -16.51
CA LEU A 500 39.58 16.87 -17.62
C LEU A 500 38.66 15.92 -18.38
N SER A 501 38.68 16.00 -19.70
CA SER A 501 37.89 15.15 -20.57
C SER A 501 38.75 14.00 -21.07
N THR A 502 38.18 12.79 -21.05
CA THR A 502 38.89 11.57 -21.41
C THR A 502 38.42 11.06 -22.77
N ASP A 503 38.96 9.91 -23.16
CA ASP A 503 38.60 9.28 -24.42
C ASP A 503 37.31 8.49 -24.26
N LEU A 504 36.72 8.13 -25.40
CA LEU A 504 35.48 7.37 -25.44
C LEU A 504 35.77 5.87 -25.46
N ILE A 505 35.13 5.13 -24.56
CA ILE A 505 35.21 3.68 -24.51
C ILE A 505 33.83 3.11 -24.82
N LYS A 506 33.77 2.21 -25.79
CA LYS A 506 32.52 1.66 -26.28
C LYS A 506 32.51 0.14 -26.13
N ASN A 507 31.31 -0.42 -26.06
CA ASN A 507 31.12 -1.87 -25.92
C ASN A 507 31.74 -2.39 -24.63
N GLN A 508 31.56 -1.63 -23.55
CA GLN A 508 32.14 -2.00 -22.27
C GLN A 508 31.38 -1.29 -21.16
N CYS A 509 31.32 -1.94 -20.00
CA CYS A 509 30.64 -1.38 -18.84
C CYS A 509 31.57 -0.36 -18.19
N VAL A 510 31.16 0.92 -18.20
CA VAL A 510 31.98 2.00 -17.71
C VAL A 510 31.12 3.01 -16.94
N ASN A 511 31.77 3.78 -16.09
CA ASN A 511 31.19 4.99 -15.55
C ASN A 511 31.35 6.12 -16.56
N PHE A 512 30.29 6.91 -16.73
CA PHE A 512 30.27 7.97 -17.72
C PHE A 512 29.75 9.26 -17.10
N ASN A 513 30.24 10.37 -17.63
CA ASN A 513 29.75 11.71 -17.27
C ASN A 513 29.67 12.51 -18.55
N PHE A 514 28.45 12.77 -19.02
CA PHE A 514 28.21 13.55 -20.22
C PHE A 514 27.60 14.89 -19.79
N ASN A 515 28.38 15.96 -19.92
CA ASN A 515 27.91 17.31 -19.63
C ASN A 515 27.29 17.40 -18.23
N GLY A 516 27.82 16.62 -17.30
CA GLY A 516 27.39 16.64 -15.93
C GLY A 516 26.42 15.55 -15.54
N LEU A 517 25.81 14.87 -16.52
CA LEU A 517 24.94 13.73 -16.24
C LEU A 517 25.80 12.48 -16.08
N THR A 518 25.77 11.89 -14.89
CA THR A 518 26.64 10.77 -14.55
C THR A 518 25.84 9.48 -14.45
N GLY A 519 26.48 8.38 -14.81
CA GLY A 519 25.84 7.08 -14.70
C GLY A 519 26.81 5.96 -14.98
N THR A 520 26.27 4.75 -15.04
CA THR A 520 27.01 3.55 -15.37
C THR A 520 26.31 2.83 -16.51
N GLY A 521 27.07 2.30 -17.47
CA GLY A 521 26.45 1.57 -18.55
C GLY A 521 27.42 1.27 -19.67
N VAL A 522 26.85 0.81 -20.78
CA VAL A 522 27.58 0.45 -21.99
C VAL A 522 27.14 1.38 -23.09
N LEU A 523 28.09 1.93 -23.83
CA LEU A 523 27.83 2.90 -24.89
C LEU A 523 28.05 2.25 -26.24
N THR A 524 27.11 2.46 -27.15
CA THR A 524 27.21 1.90 -28.49
C THR A 524 26.80 2.95 -29.52
N PRO A 525 27.33 2.87 -30.74
CA PRO A 525 26.87 3.78 -31.80
C PRO A 525 25.38 3.60 -32.06
N SER A 526 24.70 4.70 -32.35
CA SER A 526 23.25 4.72 -32.46
C SER A 526 22.83 5.20 -33.84
N SER A 527 21.65 4.75 -34.28
CA SER A 527 21.08 5.16 -35.55
C SER A 527 20.04 6.26 -35.40
N LYS A 528 19.81 6.76 -34.19
CA LYS A 528 18.91 7.87 -34.00
C LYS A 528 19.50 9.15 -34.60
N ARG A 529 18.63 10.11 -34.90
CA ARG A 529 19.03 11.38 -35.48
C ARG A 529 18.41 12.50 -34.65
N PHE A 530 19.22 13.14 -33.82
CA PHE A 530 18.76 14.21 -32.96
C PHE A 530 18.62 15.51 -33.74
N GLN A 531 17.73 16.37 -33.26
CA GLN A 531 17.67 17.74 -33.75
C GLN A 531 18.79 18.56 -33.13
N PRO A 532 19.14 19.69 -33.75
CA PRO A 532 20.21 20.53 -33.16
C PRO A 532 19.90 21.00 -31.76
N PHE A 533 18.63 21.14 -31.40
CA PHE A 533 18.25 21.61 -30.08
C PHE A 533 18.02 20.48 -29.09
N GLN A 534 18.36 19.25 -29.44
CA GLN A 534 18.18 18.09 -28.58
C GLN A 534 19.54 17.53 -28.17
N GLN A 535 19.69 17.25 -26.89
CA GLN A 535 20.94 16.72 -26.34
C GLN A 535 20.80 15.33 -25.74
N PHE A 536 19.65 15.02 -25.13
CA PHE A 536 19.43 13.75 -24.45
C PHE A 536 18.17 13.10 -24.99
N GLY A 537 18.12 11.78 -24.86
CA GLY A 537 16.95 11.01 -25.25
C GLY A 537 16.50 10.09 -24.14
N ARG A 538 15.19 9.94 -24.01
CA ARG A 538 14.59 9.13 -22.97
C ARG A 538 13.60 8.15 -23.57
N ASP A 539 13.40 7.02 -22.87
CA ASP A 539 12.49 5.98 -23.29
C ASP A 539 11.18 6.07 -22.50
N VAL A 540 10.30 5.09 -22.67
CA VAL A 540 8.97 5.16 -22.10
C VAL A 540 9.02 5.16 -20.57
N SER A 541 10.06 4.58 -19.99
CA SER A 541 10.22 4.55 -18.54
C SER A 541 11.01 5.74 -18.00
N ASP A 542 11.26 6.76 -18.83
CA ASP A 542 11.98 7.97 -18.45
C ASP A 542 13.43 7.69 -18.09
N PHE A 543 14.01 6.61 -18.61
CA PHE A 543 15.42 6.32 -18.42
C PHE A 543 16.21 6.93 -19.58
N THR A 544 17.28 7.65 -19.26
CA THR A 544 18.09 8.30 -20.27
C THR A 544 18.82 7.23 -21.09
N ASP A 545 18.38 7.03 -22.33
CA ASP A 545 18.89 5.93 -23.15
C ASP A 545 19.74 6.38 -24.33
N SER A 546 19.83 7.68 -24.59
CA SER A 546 20.59 8.17 -25.73
C SER A 546 21.23 9.50 -25.38
N VAL A 547 22.35 9.81 -26.04
CA VAL A 547 23.06 11.06 -25.76
C VAL A 547 23.90 11.43 -26.99
N ARG A 548 24.00 12.73 -27.24
CA ARG A 548 24.93 13.24 -28.24
C ARG A 548 26.28 13.56 -27.59
N ASP A 549 27.35 13.14 -28.26
CA ASP A 549 28.68 13.39 -27.74
C ASP A 549 29.04 14.86 -27.88
N PRO A 550 29.41 15.56 -26.81
CA PRO A 550 29.65 17.00 -26.91
C PRO A 550 30.79 17.39 -27.83
N LYS A 551 31.75 16.49 -28.07
CA LYS A 551 32.92 16.84 -28.88
C LYS A 551 32.75 16.44 -30.34
N THR A 552 32.37 15.19 -30.61
CA THR A 552 32.24 14.72 -31.98
C THR A 552 30.82 14.85 -32.52
N SER A 553 29.82 15.03 -31.66
CA SER A 553 28.43 15.20 -32.05
C SER A 553 27.80 13.91 -32.58
N GLU A 554 28.40 12.76 -32.28
CA GLU A 554 27.85 11.47 -32.67
C GLU A 554 26.87 10.97 -31.60
N ILE A 555 25.78 10.38 -32.05
CA ILE A 555 24.75 9.89 -31.14
C ILE A 555 25.16 8.53 -30.61
N LEU A 556 24.89 8.28 -29.34
CA LEU A 556 25.25 7.04 -28.68
C LEU A 556 24.08 6.53 -27.86
N ASP A 557 23.87 5.22 -27.91
CA ASP A 557 22.89 4.54 -27.08
C ASP A 557 23.57 4.05 -25.80
N ILE A 558 22.81 4.10 -24.71
CA ILE A 558 23.28 3.72 -23.38
C ILE A 558 22.45 2.54 -22.91
N SER A 559 23.12 1.46 -22.51
CA SER A 559 22.44 0.26 -22.06
C SER A 559 22.94 -0.12 -20.66
N PRO A 560 22.07 -0.71 -19.84
CA PRO A 560 22.53 -1.17 -18.52
C PRO A 560 23.55 -2.30 -18.64
N CYS A 561 24.26 -2.52 -17.53
CA CYS A 561 25.32 -3.53 -17.49
C CYS A 561 24.82 -4.89 -17.03
N SER A 562 23.89 -4.93 -16.08
CA SER A 562 23.38 -6.18 -15.53
C SER A 562 22.19 -6.69 -16.33
N PHE A 563 22.18 -8.00 -16.59
CA PHE A 563 21.15 -8.62 -17.41
C PHE A 563 21.29 -10.14 -17.32
N GLY A 564 20.16 -10.83 -17.16
CA GLY A 564 20.16 -12.28 -17.19
C GLY A 564 19.69 -12.95 -15.91
N GLY A 565 18.92 -14.03 -16.05
CA GLY A 565 18.43 -14.76 -14.89
C GLY A 565 19.36 -15.88 -14.47
N VAL A 566 19.43 -16.11 -13.16
CA VAL A 566 20.35 -17.07 -12.57
C VAL A 566 19.61 -17.89 -11.52
N SER A 567 19.87 -19.20 -11.50
CA SER A 567 19.31 -20.10 -10.50
C SER A 567 20.40 -20.96 -9.91
N VAL A 568 20.21 -21.35 -8.65
CA VAL A 568 21.17 -22.17 -7.92
C VAL A 568 20.48 -23.46 -7.47
N ILE A 569 21.09 -24.59 -7.81
CA ILE A 569 20.60 -25.93 -7.46
C ILE A 569 21.51 -26.50 -6.39
N THR A 570 20.93 -26.93 -5.28
CA THR A 570 21.71 -27.51 -4.19
C THR A 570 21.04 -28.77 -3.66
N PRO A 571 21.83 -29.77 -3.25
CA PRO A 571 21.27 -30.93 -2.56
C PRO A 571 21.01 -30.70 -1.08
N GLY A 572 21.24 -29.50 -0.58
CA GLY A 572 21.08 -29.19 0.83
C GLY A 572 22.44 -29.05 1.49
N THR A 573 22.61 -27.95 2.23
CA THR A 573 23.89 -27.68 2.87
C THR A 573 24.28 -28.83 3.79
N ASN A 574 23.30 -29.54 4.35
CA ASN A 574 23.59 -30.69 5.18
C ASN A 574 24.39 -31.74 4.42
N ALA A 575 23.94 -32.06 3.20
CA ALA A 575 24.59 -33.10 2.42
C ALA A 575 25.93 -32.63 1.87
N SER A 576 25.97 -31.42 1.32
CA SER A 576 27.18 -30.94 0.66
C SER A 576 27.11 -29.44 0.49
N SER A 577 28.28 -28.83 0.30
CA SER A 577 28.38 -27.41 0.01
C SER A 577 28.54 -27.10 -1.47
N GLU A 578 28.67 -28.12 -2.31
CA GLU A 578 28.74 -27.92 -3.75
C GLU A 578 27.35 -27.65 -4.31
N VAL A 579 27.30 -26.87 -5.38
CA VAL A 579 26.05 -26.48 -6.02
C VAL A 579 26.25 -26.47 -7.54
N ALA A 580 25.13 -26.34 -8.25
CA ALA A 580 25.14 -26.14 -9.69
C ALA A 580 24.44 -24.83 -9.99
N VAL A 581 24.83 -24.19 -11.10
CA VAL A 581 24.32 -22.87 -11.45
C VAL A 581 23.74 -22.95 -12.86
N LEU A 582 22.53 -22.41 -13.01
CA LEU A 582 21.82 -22.38 -14.28
C LEU A 582 21.68 -20.93 -14.72
N TYR A 583 22.20 -20.62 -15.91
CA TYR A 583 22.10 -19.30 -16.53
C TYR A 583 21.06 -19.40 -17.64
N GLN A 584 19.93 -18.71 -17.47
CA GLN A 584 18.81 -18.89 -18.38
C GLN A 584 19.07 -18.29 -19.75
N ASP A 585 19.84 -17.21 -19.82
CA ASP A 585 19.99 -16.43 -21.04
C ASP A 585 21.40 -16.53 -21.62
N VAL A 586 22.06 -17.66 -21.45
CA VAL A 586 23.39 -17.89 -21.98
C VAL A 586 23.36 -19.17 -22.81
N ASN A 587 23.97 -19.11 -24.00
CA ASN A 587 24.11 -20.27 -24.87
C ASN A 587 25.57 -20.71 -24.84
N CYS A 588 25.83 -21.84 -24.17
CA CYS A 588 27.18 -22.35 -23.99
C CYS A 588 27.56 -23.38 -25.03
N THR A 589 26.73 -23.59 -26.05
CA THR A 589 27.01 -24.63 -27.03
C THR A 589 28.38 -24.41 -27.66
N ASP A 590 29.16 -25.48 -27.74
CA ASP A 590 30.52 -25.43 -28.27
C ASP A 590 31.28 -24.22 -27.73
N ALA A 603 34.09 -14.71 -23.09
CA ALA A 603 33.07 -13.66 -23.22
C ALA A 603 31.74 -14.11 -22.63
N TRP A 604 31.68 -15.37 -22.19
CA TRP A 604 30.44 -15.88 -21.59
C TRP A 604 30.11 -15.11 -20.33
N ARG A 605 28.83 -14.78 -20.16
CA ARG A 605 28.37 -14.04 -18.99
C ARG A 605 28.03 -15.02 -17.88
N ILE A 606 29.08 -15.64 -17.35
CA ILE A 606 28.98 -16.61 -16.26
C ILE A 606 29.98 -16.23 -15.18
N TYR A 607 29.65 -16.57 -13.94
CA TYR A 607 30.50 -16.16 -12.82
C TYR A 607 31.81 -16.94 -12.82
N SER A 608 31.75 -18.26 -12.98
CA SER A 608 32.96 -19.07 -12.94
C SER A 608 32.69 -20.37 -13.68
N THR A 609 33.30 -20.52 -14.87
CA THR A 609 33.24 -21.80 -15.55
C THR A 609 34.00 -22.85 -14.76
N GLY A 610 33.41 -24.04 -14.67
CA GLY A 610 34.03 -25.17 -14.01
C GLY A 610 34.08 -26.37 -14.93
N ASN A 611 34.01 -27.55 -14.32
CA ASN A 611 33.89 -28.78 -15.08
C ASN A 611 32.42 -29.11 -15.29
N ASN A 612 32.15 -29.85 -16.36
CA ASN A 612 30.79 -30.25 -16.71
C ASN A 612 29.89 -29.03 -16.92
N VAL A 613 30.25 -28.25 -17.94
CA VAL A 613 29.44 -27.13 -18.42
C VAL A 613 28.76 -27.58 -19.71
N PHE A 614 27.43 -27.48 -19.76
CA PHE A 614 26.74 -27.89 -20.97
C PHE A 614 25.38 -27.21 -21.07
N GLN A 615 24.81 -27.25 -22.27
CA GLN A 615 23.59 -26.54 -22.61
C GLN A 615 22.39 -27.47 -22.49
N THR A 616 21.31 -26.99 -21.91
CA THR A 616 20.03 -27.66 -21.86
C THR A 616 18.96 -26.71 -22.37
N GLN A 617 17.76 -27.26 -22.57
CA GLN A 617 16.67 -26.44 -23.06
C GLN A 617 16.30 -25.32 -22.10
N ALA A 618 16.76 -25.40 -20.85
CA ALA A 618 16.51 -24.37 -19.85
C ALA A 618 17.64 -23.36 -19.72
N GLY A 619 18.77 -23.57 -20.42
CA GLY A 619 19.87 -22.64 -20.38
C GLY A 619 21.18 -23.37 -20.16
N CYS A 620 22.21 -22.61 -19.80
CA CYS A 620 23.54 -23.16 -19.59
C CYS A 620 23.67 -23.64 -18.15
N LEU A 621 24.07 -24.89 -17.96
CA LEU A 621 24.19 -25.50 -16.65
C LEU A 621 25.65 -25.78 -16.36
N ILE A 622 26.10 -25.40 -15.17
CA ILE A 622 27.47 -25.54 -14.75
C ILE A 622 27.48 -26.27 -13.40
N GLY A 623 28.32 -27.31 -13.30
CA GLY A 623 28.48 -28.03 -12.06
C GLY A 623 27.70 -29.32 -11.93
N ALA A 624 27.07 -29.80 -13.01
CA ALA A 624 26.27 -31.01 -12.98
C ALA A 624 26.67 -31.91 -14.14
N GLU A 625 26.65 -33.22 -13.91
CA GLU A 625 26.97 -34.20 -14.94
C GLU A 625 25.70 -34.64 -15.66
N HIS A 626 25.82 -34.90 -16.95
CA HIS A 626 24.70 -35.30 -17.79
C HIS A 626 24.67 -36.81 -17.93
N VAL A 627 23.49 -37.41 -17.73
CA VAL A 627 23.29 -38.84 -17.86
C VAL A 627 22.16 -39.08 -18.85
N ASP A 628 22.34 -40.08 -19.72
CA ASP A 628 21.35 -40.38 -20.75
C ASP A 628 20.15 -41.17 -20.23
N THR A 629 20.23 -41.70 -19.01
CA THR A 629 19.10 -42.43 -18.44
C THR A 629 18.03 -41.45 -17.96
N SER A 630 16.81 -41.96 -17.84
CA SER A 630 15.67 -41.18 -17.37
C SER A 630 15.18 -41.72 -16.04
N TYR A 631 14.80 -40.82 -15.14
CA TYR A 631 14.25 -41.18 -13.85
C TYR A 631 13.04 -40.30 -13.57
N GLU A 632 12.37 -40.56 -12.46
CA GLU A 632 11.34 -39.65 -11.98
C GLU A 632 11.99 -38.36 -11.50
N CYS A 633 11.27 -37.25 -11.68
CA CYS A 633 11.83 -35.95 -11.34
C CYS A 633 12.09 -35.84 -9.85
N ASP A 634 13.32 -35.45 -9.50
CA ASP A 634 13.69 -35.18 -8.11
C ASP A 634 13.71 -33.68 -7.83
N ILE A 635 14.53 -32.93 -8.55
CA ILE A 635 14.53 -31.47 -8.49
C ILE A 635 14.15 -30.94 -9.86
N PRO A 636 13.01 -30.25 -10.01
CA PRO A 636 12.57 -29.79 -11.34
C PRO A 636 13.37 -28.57 -11.79
N ILE A 637 14.21 -28.77 -12.80
CA ILE A 637 14.96 -27.65 -13.37
C ILE A 637 14.08 -26.87 -14.35
N GLY A 638 13.43 -27.57 -15.26
CA GLY A 638 12.55 -26.92 -16.20
C GLY A 638 12.71 -27.39 -17.63
N ALA A 639 11.71 -27.12 -18.47
CA ALA A 639 11.73 -27.50 -19.88
C ALA A 639 12.03 -28.99 -20.04
N GLY A 640 11.47 -29.80 -19.14
CA GLY A 640 11.65 -31.24 -19.21
C GLY A 640 12.94 -31.76 -18.64
N ILE A 641 13.69 -30.95 -17.91
CA ILE A 641 14.97 -31.36 -17.33
C ILE A 641 14.85 -31.33 -15.82
N CYS A 642 15.36 -32.39 -15.17
CA CYS A 642 15.39 -32.49 -13.71
C CYS A 642 16.80 -32.82 -13.28
N ALA A 643 17.05 -32.68 -11.98
CA ALA A 643 18.38 -32.91 -11.40
C ALA A 643 18.25 -33.72 -10.12
N SER A 644 19.33 -34.40 -9.76
CA SER A 644 19.36 -35.25 -8.59
C SER A 644 20.79 -35.36 -8.07
N TYR A 645 20.94 -36.03 -6.94
CA TYR A 645 22.24 -36.20 -6.27
C TYR A 645 22.55 -37.69 -6.22
N HIS A 646 23.38 -38.16 -7.14
CA HIS A 646 23.59 -39.59 -7.36
C HIS A 646 25.05 -39.95 -7.14
N THR A 647 25.29 -41.22 -6.79
CA THR A 647 26.65 -41.71 -6.70
C THR A 647 27.28 -41.80 -8.08
N VAL A 648 28.53 -41.37 -8.17
CA VAL A 648 29.24 -41.36 -9.45
C VAL A 648 29.53 -42.79 -9.89
N GLN A 656 31.59 -41.36 -3.10
CA GLN A 656 31.44 -40.00 -3.59
C GLN A 656 30.12 -39.85 -4.35
N LYS A 657 29.59 -38.63 -4.33
CA LYS A 657 28.33 -38.33 -4.99
C LYS A 657 28.47 -37.02 -5.75
N SER A 658 27.58 -36.82 -6.72
CA SER A 658 27.63 -35.63 -7.55
C SER A 658 26.22 -35.28 -8.01
N ILE A 659 26.05 -34.04 -8.44
CA ILE A 659 24.79 -33.57 -9.01
C ILE A 659 24.73 -34.01 -10.47
N VAL A 660 23.60 -34.59 -10.86
CA VAL A 660 23.39 -35.08 -12.21
C VAL A 660 22.11 -34.45 -12.75
N ALA A 661 22.07 -34.28 -14.07
CA ALA A 661 20.91 -33.72 -14.76
C ALA A 661 20.45 -34.68 -15.85
N TYR A 662 19.14 -34.77 -16.04
CA TYR A 662 18.59 -35.75 -16.96
C TYR A 662 17.23 -35.28 -17.45
N THR A 663 16.73 -35.97 -18.47
CA THR A 663 15.36 -35.78 -18.94
C THR A 663 14.41 -36.60 -18.09
N MET A 664 13.29 -35.99 -17.71
CA MET A 664 12.34 -36.66 -16.83
C MET A 664 11.59 -37.76 -17.58
N SER A 665 11.11 -38.74 -16.81
CA SER A 665 10.36 -39.86 -17.34
C SER A 665 8.86 -39.60 -17.16
N LEU A 666 8.10 -39.79 -18.24
CA LEU A 666 6.68 -39.48 -18.19
C LEU A 666 5.87 -40.62 -17.56
N GLY A 667 6.27 -41.85 -17.77
CA GLY A 667 5.56 -42.98 -17.20
C GLY A 667 6.03 -44.29 -17.79
N ALA A 668 5.43 -45.36 -17.30
CA ALA A 668 5.81 -46.71 -17.73
C ALA A 668 5.38 -46.95 -19.17
N ASP A 669 6.24 -47.60 -19.93
CA ASP A 669 5.96 -47.91 -21.32
C ASP A 669 5.18 -49.22 -21.43
N SER A 670 4.18 -49.23 -22.30
CA SER A 670 3.35 -50.42 -22.48
C SER A 670 2.79 -50.43 -23.90
N SER A 671 2.39 -51.61 -24.34
CA SER A 671 1.77 -51.79 -25.64
C SER A 671 0.62 -52.78 -25.50
N ILE A 672 -0.58 -52.34 -25.84
CA ILE A 672 -1.79 -53.16 -25.74
C ILE A 672 -2.29 -53.38 -27.16
N ALA A 673 -1.89 -54.50 -27.76
CA ALA A 673 -2.29 -54.80 -29.12
C ALA A 673 -3.81 -54.83 -29.25
N TYR A 674 -4.33 -54.17 -30.27
CA TYR A 674 -5.76 -54.09 -30.50
C TYR A 674 -6.22 -55.27 -31.35
N SER A 675 -7.28 -55.93 -30.91
CA SER A 675 -7.91 -57.01 -31.64
C SER A 675 -9.41 -56.80 -31.66
N ASN A 676 -10.04 -57.20 -32.77
CA ASN A 676 -11.47 -57.00 -32.96
C ASN A 676 -12.28 -58.27 -32.68
N ASN A 677 -11.65 -59.30 -32.09
CA ASN A 677 -12.41 -60.50 -31.74
C ASN A 677 -11.98 -61.10 -30.41
N THR A 678 -11.34 -60.34 -29.53
CA THR A 678 -10.90 -60.86 -28.24
C THR A 678 -11.20 -59.83 -27.16
N ILE A 679 -11.30 -60.31 -25.92
CA ILE A 679 -11.62 -59.47 -24.78
C ILE A 679 -10.95 -60.03 -23.54
N ALA A 680 -10.52 -59.14 -22.66
CA ALA A 680 -9.91 -59.52 -21.40
C ALA A 680 -10.92 -59.37 -20.28
N ILE A 681 -11.06 -60.40 -19.45
CA ILE A 681 -12.04 -60.43 -18.37
C ILE A 681 -11.29 -60.70 -17.07
N PRO A 682 -11.50 -59.90 -16.02
CA PRO A 682 -10.90 -60.23 -14.73
C PRO A 682 -11.45 -61.52 -14.16
N THR A 683 -10.61 -62.23 -13.40
CA THR A 683 -10.99 -63.48 -12.77
C THR A 683 -10.83 -63.47 -11.25
N ASN A 684 -10.32 -62.38 -10.68
CA ASN A 684 -10.19 -62.27 -9.23
C ASN A 684 -10.30 -60.81 -8.85
N PHE A 685 -10.25 -60.53 -7.55
CA PHE A 685 -10.39 -59.17 -7.06
C PHE A 685 -9.64 -59.05 -5.73
N LEU A 686 -9.41 -57.80 -5.32
CA LEU A 686 -8.84 -57.54 -4.02
C LEU A 686 -9.40 -56.25 -3.45
N ILE A 687 -9.39 -56.17 -2.12
CA ILE A 687 -9.89 -55.02 -1.38
C ILE A 687 -8.70 -54.12 -1.06
N SER A 688 -8.83 -52.83 -1.38
CA SER A 688 -7.77 -51.87 -1.11
C SER A 688 -8.31 -50.71 -0.28
N ILE A 689 -7.45 -50.16 0.57
CA ILE A 689 -7.77 -49.00 1.38
C ILE A 689 -6.71 -47.94 1.13
N THR A 690 -7.15 -46.73 0.78
CA THR A 690 -6.24 -45.64 0.48
C THR A 690 -6.62 -44.42 1.31
N THR A 691 -5.64 -43.55 1.55
CA THR A 691 -5.82 -42.38 2.40
C THR A 691 -5.86 -41.10 1.58
N GLU A 692 -6.60 -40.12 2.10
CA GLU A 692 -6.69 -38.79 1.48
C GLU A 692 -6.71 -37.75 2.60
N VAL A 693 -5.79 -36.79 2.54
CA VAL A 693 -5.61 -35.78 3.59
C VAL A 693 -6.13 -34.45 3.06
N MET A 694 -6.99 -33.79 3.84
CA MET A 694 -7.63 -32.55 3.43
C MET A 694 -7.51 -31.50 4.52
N PRO A 695 -6.96 -30.32 4.23
CA PRO A 695 -7.04 -29.22 5.20
C PRO A 695 -8.47 -28.72 5.37
N VAL A 696 -8.78 -28.25 6.58
CA VAL A 696 -10.11 -27.78 6.92
C VAL A 696 -10.10 -26.35 7.45
N SER A 697 -9.17 -26.04 8.36
CA SER A 697 -9.15 -24.74 9.02
C SER A 697 -7.72 -24.29 9.27
N MET A 698 -7.56 -22.98 9.45
CA MET A 698 -6.28 -22.36 9.83
C MET A 698 -6.47 -21.57 11.12
N ALA A 699 -5.39 -20.96 11.57
CA ALA A 699 -5.39 -20.28 12.87
C ALA A 699 -6.17 -18.97 12.81
N LYS A 700 -6.81 -18.64 13.92
CA LYS A 700 -7.55 -17.39 14.08
C LYS A 700 -6.66 -16.38 14.79
N THR A 701 -6.56 -15.18 14.22
CA THR A 701 -5.64 -14.17 14.72
C THR A 701 -6.35 -12.83 14.89
N SER A 702 -5.83 -12.03 15.82
CA SER A 702 -6.30 -10.69 16.07
C SER A 702 -5.11 -9.77 16.30
N VAL A 703 -5.28 -8.49 15.96
CA VAL A 703 -4.20 -7.51 16.00
C VAL A 703 -4.65 -6.29 16.79
N ASP A 704 -3.84 -5.89 17.77
CA ASP A 704 -4.00 -4.61 18.47
C ASP A 704 -3.12 -3.61 17.74
N CYS A 705 -3.74 -2.78 16.90
CA CYS A 705 -2.99 -1.93 15.98
C CYS A 705 -2.17 -0.87 16.72
N ASN A 706 -2.77 -0.25 17.74
CA ASN A 706 -2.05 0.76 18.51
C ASN A 706 -0.83 0.16 19.20
N MET A 707 -0.97 -1.04 19.76
CA MET A 707 0.14 -1.67 20.44
C MET A 707 1.27 -2.01 19.47
N TYR A 708 0.92 -2.46 18.27
CA TYR A 708 1.95 -2.80 17.29
C TYR A 708 2.66 -1.55 16.79
N ILE A 709 1.92 -0.47 16.55
CA ILE A 709 2.51 0.71 15.92
C ILE A 709 3.29 1.55 16.92
N CYS A 710 2.73 1.77 18.12
CA CYS A 710 3.25 2.76 19.04
C CYS A 710 3.78 2.19 20.35
N GLY A 711 3.57 0.91 20.63
CA GLY A 711 4.00 0.38 21.92
C GLY A 711 3.29 1.09 23.05
N ASP A 712 4.05 1.52 24.06
CA ASP A 712 3.50 2.18 25.24
C ASP A 712 3.72 3.69 25.23
N SER A 713 3.96 4.28 24.06
CA SER A 713 4.25 5.70 23.95
C SER A 713 2.96 6.49 23.79
N THR A 714 2.72 7.42 24.72
CA THR A 714 1.51 8.25 24.65
C THR A 714 1.58 9.25 23.50
N GLU A 715 2.75 9.83 23.26
CA GLU A 715 2.91 10.78 22.17
C GLU A 715 2.63 10.12 20.83
N CYS A 716 3.17 8.92 20.62
CA CYS A 716 2.90 8.19 19.39
C CYS A 716 1.42 7.87 19.27
N ALA A 717 0.77 7.54 20.39
CA ALA A 717 -0.66 7.25 20.36
C ALA A 717 -1.45 8.46 19.89
N ASN A 718 -1.14 9.64 20.44
CA ASN A 718 -1.83 10.85 20.00
C ASN A 718 -1.55 11.13 18.53
N LEU A 719 -0.31 10.94 18.09
CA LEU A 719 0.02 11.17 16.69
C LEU A 719 -0.75 10.22 15.78
N LEU A 720 -0.87 8.95 16.18
CA LEU A 720 -1.63 7.98 15.40
C LEU A 720 -3.10 8.35 15.35
N LEU A 721 -3.65 8.80 16.47
CA LEU A 721 -5.04 9.25 16.48
C LEU A 721 -5.25 10.41 15.53
N GLN A 722 -4.28 11.34 15.48
CA GLN A 722 -4.35 12.45 14.53
C GLN A 722 -4.19 11.97 13.09
N TYR A 723 -3.43 10.89 12.89
CA TYR A 723 -3.12 10.42 11.54
C TYR A 723 -4.36 9.91 10.81
N GLY A 724 -5.29 9.29 11.55
CA GLY A 724 -6.44 8.68 10.94
C GLY A 724 -6.21 7.24 10.54
N SER A 725 -5.87 6.39 11.51
CA SER A 725 -5.60 4.99 11.23
C SER A 725 -6.87 4.26 10.82
N PHE A 726 -6.68 3.16 10.10
CA PHE A 726 -7.76 2.34 9.57
C PHE A 726 -7.76 0.96 10.21
N CYS A 727 -7.57 0.92 11.54
CA CYS A 727 -7.39 -0.35 12.21
C CYS A 727 -8.70 -1.13 12.32
N ALA A 728 -9.84 -0.43 12.42
CA ALA A 728 -11.12 -1.12 12.52
C ALA A 728 -11.41 -1.93 11.27
N GLN A 729 -11.00 -1.43 10.10
CA GLN A 729 -11.17 -2.18 8.86
C GLN A 729 -10.40 -3.50 8.90
N LEU A 730 -9.14 -3.43 9.32
CA LEU A 730 -8.32 -4.64 9.41
C LEU A 730 -8.92 -5.63 10.39
N ASN A 731 -9.41 -5.14 11.53
CA ASN A 731 -10.00 -6.05 12.51
C ASN A 731 -11.30 -6.65 12.00
N ARG A 732 -12.07 -5.90 11.21
CA ARG A 732 -13.28 -6.47 10.63
C ARG A 732 -12.93 -7.64 9.70
N ALA A 733 -11.92 -7.46 8.85
CA ALA A 733 -11.50 -8.54 7.97
C ALA A 733 -11.05 -9.76 8.77
N LEU A 734 -10.22 -9.53 9.79
CA LEU A 734 -9.70 -10.65 10.56
C LEU A 734 -10.80 -11.39 11.32
N SER A 735 -11.77 -10.66 11.88
CA SER A 735 -12.87 -11.31 12.60
C SER A 735 -13.74 -12.12 11.64
N GLY A 736 -13.96 -11.61 10.43
CA GLY A 736 -14.65 -12.42 9.43
C GLY A 736 -13.94 -13.73 9.17
N ILE A 737 -12.62 -13.68 8.99
CA ILE A 737 -11.86 -14.92 8.77
C ILE A 737 -12.01 -15.86 9.96
N ALA A 738 -11.94 -15.31 11.18
CA ALA A 738 -12.00 -16.14 12.38
C ALA A 738 -13.33 -16.87 12.47
N VAL A 739 -14.43 -16.18 12.15
CA VAL A 739 -15.73 -16.85 12.17
C VAL A 739 -15.80 -17.91 11.07
N GLU A 740 -15.23 -17.62 9.90
CA GLU A 740 -15.29 -18.59 8.80
C GLU A 740 -14.58 -19.89 9.17
N GLN A 741 -13.51 -19.83 9.97
CA GLN A 741 -12.82 -21.06 10.33
C GLN A 741 -13.71 -22.01 11.11
N ASP A 742 -14.42 -21.49 12.12
CA ASP A 742 -15.35 -22.32 12.88
C ASP A 742 -16.47 -22.82 11.98
N ARG A 743 -16.95 -21.99 11.06
CA ARG A 743 -17.96 -22.46 10.11
C ARG A 743 -17.46 -23.65 9.31
N ASN A 744 -16.21 -23.59 8.84
CA ASN A 744 -15.64 -24.69 8.07
C ASN A 744 -15.63 -25.97 8.89
N THR A 745 -15.10 -25.90 10.10
CA THR A 745 -15.01 -27.11 10.92
C THR A 745 -16.39 -27.70 11.17
N ARG A 746 -17.36 -26.85 11.51
CA ARG A 746 -18.71 -27.35 11.78
C ARG A 746 -19.30 -28.01 10.54
N GLU A 747 -19.17 -27.36 9.38
CA GLU A 747 -19.76 -27.90 8.17
C GLU A 747 -19.13 -29.23 7.79
N VAL A 748 -17.86 -29.45 8.13
CA VAL A 748 -17.24 -30.72 7.78
C VAL A 748 -17.64 -31.82 8.75
N PHE A 749 -17.58 -31.55 10.06
CA PHE A 749 -17.62 -32.64 11.03
C PHE A 749 -18.98 -32.87 11.70
N ALA A 750 -19.90 -31.90 11.65
CA ALA A 750 -21.14 -31.98 12.41
C ALA A 750 -22.33 -32.35 11.53
N GLN A 751 -22.15 -33.25 10.57
CA GLN A 751 -23.24 -33.58 9.67
C GLN A 751 -24.30 -34.44 10.34
N VAL A 752 -23.89 -35.43 11.13
CA VAL A 752 -24.84 -36.34 11.78
C VAL A 752 -25.39 -35.67 13.04
N LYS A 753 -26.71 -35.75 13.21
CA LYS A 753 -27.39 -35.10 14.33
C LYS A 753 -27.62 -36.03 15.52
N GLN A 754 -27.14 -37.27 15.46
CA GLN A 754 -27.27 -38.23 16.55
C GLN A 754 -25.90 -38.75 16.93
N MET A 755 -25.61 -38.75 18.23
CA MET A 755 -24.29 -39.16 18.73
C MET A 755 -24.35 -40.65 19.08
N TYR A 756 -24.09 -41.48 18.09
CA TYR A 756 -24.13 -42.93 18.29
C TYR A 756 -23.01 -43.37 19.22
N LYS A 757 -23.35 -44.24 20.17
CA LYS A 757 -22.38 -44.72 21.14
C LYS A 757 -21.46 -45.76 20.52
N THR A 758 -20.25 -45.84 21.04
CA THR A 758 -19.29 -46.81 20.53
C THR A 758 -19.69 -48.21 20.96
N PRO A 759 -19.83 -49.16 20.03
CA PRO A 759 -20.21 -50.52 20.42
C PRO A 759 -19.14 -51.19 21.27
N THR A 760 -19.59 -52.06 22.17
CA THR A 760 -18.65 -52.80 23.01
C THR A 760 -17.85 -53.80 22.19
N LEU A 761 -18.49 -54.49 21.25
CA LEU A 761 -17.82 -55.44 20.37
C LEU A 761 -17.36 -54.72 19.11
N LYS A 762 -16.16 -55.06 18.65
CA LYS A 762 -15.53 -54.41 17.51
C LYS A 762 -15.04 -55.44 16.49
N ASP A 763 -15.90 -56.43 16.19
CA ASP A 763 -15.56 -57.47 15.22
C ASP A 763 -16.47 -57.46 14.01
N PHE A 764 -17.78 -57.49 14.21
CA PHE A 764 -18.75 -57.41 13.11
C PHE A 764 -18.41 -58.39 11.99
N GLY A 765 -18.45 -59.67 12.33
CA GLY A 765 -18.26 -60.72 11.35
C GLY A 765 -16.88 -60.77 10.72
N GLY A 766 -15.83 -60.62 11.52
CA GLY A 766 -14.47 -60.76 11.03
C GLY A 766 -13.82 -59.48 10.56
N PHE A 767 -14.56 -58.38 10.48
CA PHE A 767 -14.02 -57.09 10.07
C PHE A 767 -13.60 -56.33 11.32
N ASN A 768 -12.30 -56.26 11.57
CA ASN A 768 -11.77 -55.69 12.79
C ASN A 768 -11.82 -54.16 12.71
N PHE A 769 -12.59 -53.54 13.60
CA PHE A 769 -12.75 -52.09 13.66
C PHE A 769 -11.99 -51.47 14.82
N SER A 770 -11.15 -52.24 15.51
CA SER A 770 -10.58 -51.76 16.77
C SER A 770 -9.69 -50.54 16.56
N GLN A 771 -8.88 -50.54 15.49
CA GLN A 771 -7.87 -49.50 15.33
C GLN A 771 -8.46 -48.15 14.95
N ILE A 772 -9.68 -48.10 14.43
CA ILE A 772 -10.29 -46.85 13.99
C ILE A 772 -11.40 -46.40 14.94
N LEU A 773 -11.45 -46.97 16.14
CA LEU A 773 -12.42 -46.55 17.15
C LEU A 773 -11.71 -46.35 18.48
N PRO A 774 -12.24 -45.48 19.34
CA PRO A 774 -11.58 -45.24 20.64
C PRO A 774 -11.53 -46.51 21.47
N ASP A 775 -10.44 -46.67 22.22
CA ASP A 775 -10.22 -47.83 23.06
C ASP A 775 -10.60 -47.52 24.49
N PRO A 776 -11.61 -48.17 25.08
CA PRO A 776 -12.02 -47.80 26.44
C PRO A 776 -10.93 -47.98 27.49
N LEU A 777 -10.06 -48.98 27.33
CA LEU A 777 -9.04 -49.24 28.34
C LEU A 777 -8.04 -48.09 28.42
N LYS A 778 -7.53 -47.65 27.26
CA LYS A 778 -6.54 -46.58 27.26
C LYS A 778 -7.18 -45.26 27.68
N PRO A 779 -6.39 -44.35 28.28
CA PRO A 779 -6.97 -43.08 28.74
C PRO A 779 -7.29 -42.12 27.61
N THR A 780 -6.65 -42.25 26.44
CA THR A 780 -6.89 -41.32 25.36
C THR A 780 -8.31 -41.47 24.82
N LYS A 781 -8.89 -40.35 24.39
CA LYS A 781 -10.24 -40.33 23.84
C LYS A 781 -10.25 -40.57 22.34
N ARG A 782 -9.10 -40.71 21.70
CA ARG A 782 -9.00 -40.90 20.27
C ARG A 782 -8.67 -42.35 19.93
N SER A 783 -8.64 -42.63 18.64
CA SER A 783 -8.28 -43.95 18.15
C SER A 783 -6.77 -44.04 17.94
N PHE A 784 -6.30 -45.26 17.68
CA PHE A 784 -4.87 -45.48 17.46
C PHE A 784 -4.37 -44.69 16.26
N ILE A 785 -5.09 -44.76 15.15
CA ILE A 785 -4.67 -44.07 13.93
C ILE A 785 -4.74 -42.57 14.14
N GLU A 786 -5.76 -42.09 14.86
CA GLU A 786 -5.85 -40.66 15.15
C GLU A 786 -4.66 -40.21 16.01
N ASP A 787 -4.26 -41.05 16.97
CA ASP A 787 -3.08 -40.73 17.77
C ASP A 787 -1.84 -40.62 16.90
N LEU A 788 -1.65 -41.56 15.97
CA LEU A 788 -0.49 -41.47 15.09
C LEU A 788 -0.54 -40.20 14.25
N LEU A 789 -1.71 -39.88 13.70
CA LEU A 789 -1.83 -38.68 12.87
C LEU A 789 -1.50 -37.42 13.67
N PHE A 790 -2.01 -37.32 14.90
CA PHE A 790 -1.71 -36.14 15.70
C PHE A 790 -0.25 -36.10 16.10
N ASN A 791 0.40 -37.26 16.25
CA ASN A 791 1.83 -37.28 16.53
C ASN A 791 2.68 -36.92 15.32
N LYS A 792 2.15 -37.03 14.12
CA LYS A 792 2.94 -36.76 12.92
C LYS A 792 3.03 -35.28 12.55
N VAL A 793 2.33 -34.40 13.26
CA VAL A 793 2.36 -32.96 12.97
C VAL A 793 2.82 -32.23 14.22
N THR A 794 3.79 -31.34 14.07
CA THR A 794 4.40 -30.62 15.18
C THR A 794 3.88 -29.19 15.22
N LEU A 795 3.38 -28.78 16.38
CA LEU A 795 2.83 -27.44 16.59
C LEU A 795 3.52 -26.79 17.77
N ALA A 796 4.05 -25.58 17.56
CA ALA A 796 4.70 -24.86 18.65
C ALA A 796 3.66 -24.29 19.62
N ASP A 797 2.58 -23.72 19.09
CA ASP A 797 1.56 -23.10 19.92
C ASP A 797 0.59 -24.19 20.40
N ALA A 798 0.62 -24.46 21.71
CA ALA A 798 -0.23 -25.49 22.31
C ALA A 798 -0.72 -24.97 23.66
N GLY A 799 -1.98 -24.55 23.73
CA GLY A 799 -2.57 -24.13 24.98
C GLY A 799 -3.31 -22.81 24.89
N PHE A 800 -2.83 -21.90 24.04
CA PHE A 800 -3.45 -20.60 23.85
C PHE A 800 -3.49 -19.77 25.12
N MET A 801 -2.63 -20.07 26.10
CA MET A 801 -2.48 -19.24 27.29
C MET A 801 -1.01 -19.04 27.57
N LYS A 802 -0.60 -17.78 27.65
CA LYS A 802 0.77 -17.40 28.00
C LYS A 802 0.68 -16.28 29.03
N GLN A 803 1.06 -16.59 30.27
CA GLN A 803 0.91 -15.64 31.35
C GLN A 803 2.08 -14.65 31.37
N TYR A 804 1.80 -13.47 31.92
CA TYR A 804 2.81 -12.41 32.00
C TYR A 804 4.03 -12.86 32.79
N GLY A 805 3.79 -13.52 33.93
CA GLY A 805 4.89 -13.99 34.74
C GLY A 805 5.79 -14.96 34.00
N GLU A 806 5.21 -15.81 33.15
CA GLU A 806 6.00 -16.76 32.39
C GLU A 806 6.96 -16.04 31.44
N CYS A 807 6.43 -15.09 30.66
CA CYS A 807 7.28 -14.38 29.71
C CYS A 807 8.34 -13.58 30.44
N LEU A 808 8.00 -12.99 31.58
CA LEU A 808 8.99 -12.21 32.32
C LEU A 808 10.06 -13.11 32.92
N GLY A 809 9.69 -14.30 33.40
CA GLY A 809 10.65 -15.19 34.01
C GLY A 809 11.46 -16.01 33.04
N ASP A 810 11.09 -16.04 31.76
CA ASP A 810 11.83 -16.77 30.74
C ASP A 810 12.35 -15.83 29.67
N ILE A 811 12.89 -14.69 30.09
CA ILE A 811 13.36 -13.70 29.12
C ILE A 811 14.53 -14.22 28.32
N ASN A 812 15.45 -14.94 28.99
CA ASN A 812 16.65 -15.43 28.30
C ASN A 812 16.31 -16.42 27.19
N ALA A 813 15.10 -16.98 27.19
CA ALA A 813 14.75 -17.97 26.18
C ALA A 813 14.46 -17.31 24.83
N ARG A 814 13.99 -16.06 24.82
CA ARG A 814 13.63 -15.37 23.60
C ARG A 814 12.53 -16.12 22.84
N ASP A 815 11.46 -16.43 23.56
CA ASP A 815 10.35 -17.17 22.98
C ASP A 815 9.63 -16.35 21.92
N LEU A 816 9.31 -16.99 20.80
CA LEU A 816 8.66 -16.29 19.69
C LEU A 816 7.27 -15.82 20.06
N ILE A 817 6.51 -16.63 20.81
CA ILE A 817 5.16 -16.25 21.18
C ILE A 817 5.18 -15.06 22.12
N CYS A 818 6.15 -15.00 23.03
CA CYS A 818 6.26 -13.86 23.92
C CYS A 818 6.43 -12.56 23.14
N ALA A 819 7.31 -12.57 22.14
CA ALA A 819 7.51 -11.38 21.31
C ALA A 819 6.25 -11.03 20.53
N GLN A 820 5.62 -12.04 19.92
CA GLN A 820 4.38 -11.80 19.19
C GLN A 820 3.36 -11.11 20.08
N LYS A 821 3.19 -11.61 21.31
CA LYS A 821 2.19 -11.03 22.20
C LYS A 821 2.60 -9.65 22.70
N PHE A 822 3.89 -9.44 22.96
CA PHE A 822 4.35 -8.13 23.37
C PHE A 822 4.16 -7.08 22.29
N ASN A 823 4.07 -7.50 21.03
CA ASN A 823 3.82 -6.55 19.94
C ASN A 823 2.36 -6.56 19.48
N GLY A 824 1.45 -7.08 20.31
CA GLY A 824 0.03 -6.95 20.06
C GLY A 824 -0.58 -7.89 19.03
N LEU A 825 -0.04 -9.11 18.89
CA LEU A 825 -0.55 -10.09 17.96
C LEU A 825 -1.03 -11.32 18.74
N THR A 826 -2.32 -11.62 18.64
CA THR A 826 -2.94 -12.65 19.45
C THR A 826 -3.49 -13.77 18.56
N VAL A 827 -3.43 -15.00 19.07
CA VAL A 827 -4.01 -16.17 18.42
C VAL A 827 -5.14 -16.69 19.31
N LEU A 828 -6.32 -16.86 18.71
CA LEU A 828 -7.52 -17.24 19.44
C LEU A 828 -7.78 -18.75 19.31
N PRO A 829 -8.37 -19.38 20.32
CA PRO A 829 -8.59 -20.83 20.27
C PRO A 829 -9.82 -21.17 19.44
N PRO A 830 -9.81 -22.31 18.75
CA PRO A 830 -11.01 -22.73 18.01
C PRO A 830 -12.15 -23.10 18.95
N LEU A 831 -13.38 -22.95 18.44
CA LEU A 831 -14.55 -23.20 19.25
C LEU A 831 -14.66 -24.66 19.67
N LEU A 832 -14.41 -25.59 18.74
CA LEU A 832 -14.49 -27.01 19.02
C LEU A 832 -13.11 -27.55 19.40
N THR A 833 -13.04 -28.21 20.53
CA THR A 833 -11.78 -28.80 20.98
C THR A 833 -11.50 -30.09 20.21
N ASP A 834 -10.30 -30.64 20.42
CA ASP A 834 -9.93 -31.88 19.75
C ASP A 834 -10.80 -33.04 20.22
N ASP A 835 -11.19 -33.04 21.50
CA ASP A 835 -12.04 -34.11 22.01
C ASP A 835 -13.39 -34.12 21.33
N MET A 836 -13.97 -32.94 21.06
CA MET A 836 -15.27 -32.90 20.40
C MET A 836 -15.19 -33.41 18.96
N ILE A 837 -14.12 -33.04 18.24
CA ILE A 837 -13.97 -33.53 16.88
C ILE A 837 -13.76 -35.04 16.87
N ALA A 838 -12.97 -35.55 17.83
CA ALA A 838 -12.80 -36.99 17.93
C ALA A 838 -14.12 -37.68 18.24
N ALA A 839 -14.95 -37.07 19.09
CA ALA A 839 -16.25 -37.64 19.38
C ALA A 839 -17.12 -37.69 18.14
N TYR A 840 -17.09 -36.63 17.33
CA TYR A 840 -17.85 -36.64 16.08
C TYR A 840 -17.39 -37.77 15.16
N THR A 841 -16.07 -37.92 15.01
CA THR A 841 -15.58 -38.98 14.12
C THR A 841 -15.93 -40.36 14.65
N ALA A 842 -15.85 -40.56 15.97
CA ALA A 842 -16.22 -41.84 16.55
C ALA A 842 -17.70 -42.14 16.31
N ALA A 843 -18.56 -41.13 16.46
CA ALA A 843 -19.97 -41.33 16.19
C ALA A 843 -20.21 -41.70 14.74
N LEU A 844 -19.51 -41.04 13.82
CA LEU A 844 -19.67 -41.37 12.40
C LEU A 844 -19.24 -42.80 12.10
N VAL A 845 -18.10 -43.22 12.64
CA VAL A 845 -17.63 -44.58 12.39
C VAL A 845 -18.58 -45.60 12.99
N SER A 846 -19.07 -45.34 14.21
CA SER A 846 -20.02 -46.25 14.83
C SER A 846 -21.31 -46.35 14.02
N GLY A 847 -21.79 -45.21 13.51
CA GLY A 847 -22.99 -45.24 12.68
C GLY A 847 -22.79 -46.04 11.42
N THR A 848 -21.63 -45.90 10.78
CA THR A 848 -21.36 -46.69 9.58
C THR A 848 -21.29 -48.18 9.91
N ALA A 849 -20.68 -48.52 11.04
CA ALA A 849 -20.51 -49.94 11.38
C ALA A 849 -21.82 -50.58 11.83
N THR A 850 -22.72 -49.80 12.42
CA THR A 850 -23.94 -50.35 13.00
C THR A 850 -25.12 -50.26 12.04
N ALA A 851 -25.45 -49.06 11.57
CA ALA A 851 -26.57 -48.85 10.67
C ALA A 851 -26.15 -48.64 9.23
N GLY A 852 -25.05 -47.94 8.99
CA GLY A 852 -24.58 -47.72 7.63
C GLY A 852 -25.59 -47.04 6.74
N TRP A 853 -26.20 -45.95 7.22
CA TRP A 853 -27.22 -45.27 6.44
C TRP A 853 -26.74 -45.00 5.03
N THR A 854 -27.60 -45.25 4.06
CA THR A 854 -27.31 -44.99 2.66
C THR A 854 -28.31 -43.98 2.11
N PHE A 855 -27.82 -43.05 1.30
CA PHE A 855 -28.64 -41.99 0.71
C PHE A 855 -29.01 -40.91 1.72
N GLY A 856 -28.14 -40.65 2.69
CA GLY A 856 -28.33 -39.56 3.62
C GLY A 856 -28.06 -39.99 5.04
N ALA A 857 -28.43 -39.11 5.98
CA ALA A 857 -28.26 -39.34 7.41
C ALA A 857 -29.58 -38.98 8.09
N GLY A 858 -30.47 -39.95 8.21
CA GLY A 858 -31.75 -39.74 8.87
C GLY A 858 -31.95 -40.69 10.02
N ALA A 859 -33.01 -41.48 9.97
CA ALA A 859 -33.27 -42.48 10.99
C ALA A 859 -32.39 -43.70 10.72
N ALA A 860 -31.49 -44.00 11.66
CA ALA A 860 -30.60 -45.14 11.47
C ALA A 860 -31.39 -46.44 11.43
N LEU A 861 -31.08 -47.27 10.44
CA LEU A 861 -31.69 -48.59 10.29
C LEU A 861 -30.60 -49.63 10.47
N GLN A 862 -30.67 -50.39 11.56
CA GLN A 862 -29.65 -51.37 11.85
C GLN A 862 -29.61 -52.46 10.78
N ILE A 863 -28.46 -53.11 10.67
CA ILE A 863 -28.27 -54.17 9.69
C ILE A 863 -26.96 -54.89 9.99
N PRO A 864 -26.89 -56.21 9.88
CA PRO A 864 -25.60 -56.88 10.05
C PRO A 864 -24.58 -56.41 9.03
N PHE A 865 -23.32 -56.35 9.46
CA PHE A 865 -22.29 -55.76 8.61
C PHE A 865 -22.10 -56.55 7.32
N ALA A 866 -22.17 -57.88 7.40
CA ALA A 866 -22.00 -58.69 6.20
C ALA A 866 -23.08 -58.38 5.18
N MET A 867 -24.32 -58.20 5.64
CA MET A 867 -25.39 -57.83 4.72
C MET A 867 -25.15 -56.46 4.11
N GLN A 868 -24.62 -55.52 4.89
CA GLN A 868 -24.27 -54.21 4.34
C GLN A 868 -23.22 -54.33 3.25
N MET A 869 -22.19 -55.15 3.49
CA MET A 869 -21.16 -55.35 2.49
C MET A 869 -21.72 -56.00 1.23
N ALA A 870 -22.63 -56.96 1.39
CA ALA A 870 -23.27 -57.57 0.23
C ALA A 870 -24.10 -56.54 -0.55
N TYR A 871 -24.79 -55.66 0.17
CA TYR A 871 -25.56 -54.61 -0.49
C TYR A 871 -24.64 -53.70 -1.30
N ARG A 872 -23.49 -53.34 -0.73
CA ARG A 872 -22.55 -52.48 -1.47
C ARG A 872 -21.97 -53.22 -2.68
N PHE A 873 -21.67 -54.51 -2.52
CA PHE A 873 -21.23 -55.30 -3.66
C PHE A 873 -22.25 -55.27 -4.78
N ASN A 874 -23.53 -55.46 -4.45
CA ASN A 874 -24.58 -55.29 -5.45
C ASN A 874 -24.54 -53.89 -6.04
N GLY A 875 -24.26 -52.88 -5.21
CA GLY A 875 -24.19 -51.52 -5.70
C GLY A 875 -23.16 -51.36 -6.81
N ILE A 876 -22.01 -52.01 -6.67
CA ILE A 876 -21.00 -51.94 -7.73
C ILE A 876 -21.21 -52.98 -8.82
N GLY A 877 -22.27 -53.77 -8.75
CA GLY A 877 -22.60 -54.70 -9.81
C GLY A 877 -21.97 -56.07 -9.66
N VAL A 878 -22.00 -56.62 -8.46
CA VAL A 878 -21.49 -57.96 -8.18
C VAL A 878 -22.52 -58.71 -7.36
N ALA A 879 -22.62 -60.02 -7.60
CA ALA A 879 -23.61 -60.83 -6.92
C ALA A 879 -23.25 -61.00 -5.45
N GLN A 880 -24.30 -61.08 -4.61
CA GLN A 880 -24.09 -61.21 -3.17
C GLN A 880 -23.39 -62.52 -2.82
N ASN A 881 -23.60 -63.56 -3.62
CA ASN A 881 -22.95 -64.84 -3.32
C ASN A 881 -21.44 -64.72 -3.34
N VAL A 882 -20.91 -63.79 -4.15
CA VAL A 882 -19.46 -63.59 -4.17
C VAL A 882 -18.98 -63.13 -2.80
N LEU A 883 -19.70 -62.20 -2.18
CA LEU A 883 -19.33 -61.74 -0.84
C LEU A 883 -19.53 -62.84 0.19
N TYR A 884 -20.69 -63.51 0.15
CA TYR A 884 -21.01 -64.46 1.22
C TYR A 884 -20.09 -65.68 1.18
N GLU A 885 -19.72 -66.13 -0.02
CA GLU A 885 -18.91 -67.35 -0.12
C GLU A 885 -17.46 -67.09 0.26
N ASN A 886 -16.95 -65.88 0.04
CA ASN A 886 -15.56 -65.54 0.31
C ASN A 886 -15.44 -64.59 1.50
N GLN A 887 -16.36 -64.68 2.46
CA GLN A 887 -16.40 -63.69 3.53
C GLN A 887 -15.11 -63.68 4.33
N LYS A 888 -14.58 -64.86 4.66
CA LYS A 888 -13.36 -64.91 5.47
C LYS A 888 -12.18 -64.26 4.75
N GLN A 889 -12.01 -64.56 3.47
CA GLN A 889 -10.90 -63.99 2.72
C GLN A 889 -11.04 -62.48 2.59
N ILE A 890 -12.26 -62.00 2.34
CA ILE A 890 -12.49 -60.57 2.21
C ILE A 890 -12.20 -59.86 3.52
N ALA A 891 -12.65 -60.43 4.63
CA ALA A 891 -12.36 -59.85 5.94
C ALA A 891 -10.86 -59.82 6.22
N ASN A 892 -10.15 -60.89 5.85
CA ASN A 892 -8.71 -60.91 6.05
C ASN A 892 -8.03 -59.83 5.22
N GLN A 893 -8.47 -59.64 3.98
CA GLN A 893 -7.90 -58.58 3.15
C GLN A 893 -8.16 -57.21 3.76
N PHE A 894 -9.37 -56.98 4.27
CA PHE A 894 -9.69 -55.73 4.93
C PHE A 894 -8.76 -55.47 6.11
N ASN A 895 -8.58 -56.48 6.96
CA ASN A 895 -7.74 -56.32 8.14
C ASN A 895 -6.28 -56.07 7.74
N LYS A 896 -5.80 -56.79 6.72
CA LYS A 896 -4.44 -56.60 6.26
C LYS A 896 -4.22 -55.20 5.72
N ALA A 897 -5.20 -54.67 4.97
CA ALA A 897 -5.08 -53.30 4.47
C ALA A 897 -5.03 -52.30 5.61
N ILE A 898 -5.87 -52.49 6.63
CA ILE A 898 -5.84 -51.59 7.78
C ILE A 898 -4.47 -51.63 8.46
N SER A 899 -3.92 -52.83 8.65
CA SER A 899 -2.61 -52.95 9.28
C SER A 899 -1.53 -52.29 8.44
N GLN A 900 -1.60 -52.42 7.12
CA GLN A 900 -0.63 -51.76 6.26
C GLN A 900 -0.71 -50.25 6.39
N ILE A 901 -1.93 -49.70 6.45
CA ILE A 901 -2.07 -48.26 6.64
C ILE A 901 -1.44 -47.84 7.95
N GLN A 902 -1.71 -48.59 9.02
CA GLN A 902 -1.15 -48.24 10.33
C GLN A 902 0.38 -48.26 10.29
N GLU A 903 0.96 -49.30 9.71
CA GLU A 903 2.41 -49.41 9.66
C GLU A 903 3.01 -48.28 8.83
N SER A 904 2.39 -47.95 7.70
CA SER A 904 2.88 -46.85 6.87
C SER A 904 2.85 -45.54 7.65
N LEU A 905 1.78 -45.29 8.40
CA LEU A 905 1.70 -44.07 9.19
C LEU A 905 2.77 -44.05 10.28
N THR A 906 3.05 -45.21 10.89
CA THR A 906 4.02 -45.25 11.98
C THR A 906 5.40 -44.80 11.51
N THR A 907 5.81 -45.24 10.33
CA THR A 907 7.11 -44.85 9.80
C THR A 907 7.15 -43.36 9.48
N THR A 908 8.28 -42.72 9.81
CA THR A 908 8.43 -41.29 9.55
C THR A 908 8.36 -41.02 8.06
N SER A 909 7.61 -39.99 7.68
CA SER A 909 7.44 -39.61 6.28
C SER A 909 6.78 -38.23 6.25
N THR A 910 6.39 -37.79 5.06
CA THR A 910 5.74 -36.51 4.85
C THR A 910 4.31 -36.71 4.34
N ALA A 911 3.61 -37.68 4.93
CA ALA A 911 2.24 -37.96 4.50
C ALA A 911 1.33 -36.77 4.76
N LEU A 912 1.52 -36.08 5.88
CA LEU A 912 0.68 -34.96 6.28
C LEU A 912 1.32 -33.62 5.94
N GLY A 913 2.00 -33.54 4.80
CA GLY A 913 2.72 -32.33 4.46
C GLY A 913 1.84 -31.10 4.34
N LYS A 914 0.60 -31.26 3.87
CA LYS A 914 -0.27 -30.11 3.65
C LYS A 914 -0.61 -29.40 4.96
N LEU A 915 -0.95 -30.17 5.99
CA LEU A 915 -1.28 -29.55 7.28
C LEU A 915 -0.06 -28.85 7.88
N GLN A 916 1.09 -29.50 7.81
CA GLN A 916 2.32 -28.87 8.27
C GLN A 916 2.60 -27.59 7.51
N ASP A 917 2.32 -27.57 6.20
CA ASP A 917 2.52 -26.37 5.41
C ASP A 917 1.62 -25.25 5.89
N VAL A 918 0.36 -25.56 6.18
CA VAL A 918 -0.55 -24.53 6.70
C VAL A 918 -0.01 -23.94 7.98
N VAL A 919 0.40 -24.80 8.92
CA VAL A 919 0.91 -24.32 10.20
C VAL A 919 2.14 -23.44 10.00
N ASN A 920 3.06 -23.91 9.17
CA ASN A 920 4.30 -23.16 8.94
C ASN A 920 4.01 -21.81 8.30
N GLN A 921 3.08 -21.75 7.36
CA GLN A 921 2.76 -20.49 6.71
C GLN A 921 2.22 -19.47 7.71
N ASN A 922 1.31 -19.90 8.58
CA ASN A 922 0.77 -18.97 9.57
C ASN A 922 1.88 -18.47 10.50
N ALA A 923 2.72 -19.38 11.00
CA ALA A 923 3.78 -18.98 11.91
C ALA A 923 4.75 -18.02 11.23
N GLN A 924 5.11 -18.30 9.98
CA GLN A 924 6.05 -17.43 9.27
C GLN A 924 5.46 -16.05 9.06
N ALA A 925 4.17 -15.97 8.74
CA ALA A 925 3.55 -14.65 8.57
C ALA A 925 3.65 -13.84 9.86
N LEU A 926 3.31 -14.45 10.99
CA LEU A 926 3.37 -13.68 12.24
C LEU A 926 4.81 -13.26 12.56
N ASN A 927 5.77 -14.17 12.39
CA ASN A 927 7.14 -13.85 12.73
C ASN A 927 7.71 -12.77 11.80
N THR A 928 7.34 -12.79 10.52
CA THR A 928 7.75 -11.73 9.62
C THR A 928 7.16 -10.39 10.05
N LEU A 929 5.90 -10.39 10.49
CA LEU A 929 5.31 -9.16 11.00
C LEU A 929 6.12 -8.63 12.17
N VAL A 930 6.54 -9.50 13.08
CA VAL A 930 7.33 -9.05 14.23
C VAL A 930 8.68 -8.52 13.76
N LYS A 931 9.32 -9.19 12.81
CA LYS A 931 10.65 -8.78 12.38
C LYS A 931 10.65 -7.47 11.61
N GLN A 932 9.54 -7.14 10.94
CA GLN A 932 9.49 -5.92 10.14
C GLN A 932 9.47 -4.66 10.99
N LEU A 933 9.47 -4.77 12.32
CA LEU A 933 9.49 -3.57 13.16
C LEU A 933 10.84 -2.87 13.17
N SER A 934 11.87 -3.47 12.60
CA SER A 934 13.20 -2.88 12.58
C SER A 934 13.48 -2.09 11.30
N SER A 935 12.48 -1.88 10.46
CA SER A 935 12.66 -1.12 9.23
C SER A 935 12.60 0.39 9.51
N ASN A 936 13.49 1.13 8.86
CA ASN A 936 13.54 2.58 9.05
C ASN A 936 12.43 3.29 8.30
N PHE A 937 12.06 2.80 7.12
CA PHE A 937 11.02 3.40 6.30
C PHE A 937 11.35 4.85 5.92
N GLY A 938 12.64 5.16 5.82
CA GLY A 938 13.08 6.50 5.47
C GLY A 938 13.22 7.46 6.64
N ALA A 939 12.97 7.02 7.86
CA ALA A 939 13.20 7.84 9.03
C ALA A 939 14.66 7.74 9.48
N ILE A 940 15.04 8.60 10.42
CA ILE A 940 16.41 8.58 10.92
C ILE A 940 16.68 7.30 11.72
N SER A 941 15.67 6.78 12.42
CA SER A 941 15.82 5.59 13.23
C SER A 941 14.49 4.87 13.30
N SER A 942 14.55 3.56 13.58
CA SER A 942 13.36 2.76 13.78
C SER A 942 12.97 2.63 15.24
N VAL A 943 13.76 3.19 16.15
CA VAL A 943 13.48 3.12 17.59
C VAL A 943 12.73 4.39 17.97
N LEU A 944 11.52 4.23 18.49
CA LEU A 944 10.71 5.38 18.88
C LEU A 944 11.34 6.13 20.06
N ASN A 945 11.86 5.39 21.04
CA ASN A 945 12.40 6.03 22.23
C ASN A 945 13.59 6.91 21.90
N ASP A 946 14.46 6.45 21.00
CA ASP A 946 15.61 7.26 20.61
C ASP A 946 15.16 8.57 19.97
N ILE A 947 14.19 8.50 19.07
CA ILE A 947 13.69 9.70 18.40
C ILE A 947 13.07 10.65 19.40
N LEU A 948 12.26 10.12 20.34
CA LEU A 948 11.60 10.99 21.31
C LEU A 948 12.56 11.50 22.38
N SER A 949 13.73 10.89 22.52
CA SER A 949 14.73 11.39 23.45
C SER A 949 15.65 12.42 22.82
N ARG A 950 15.84 12.37 21.50
CA ARG A 950 16.75 13.31 20.84
C ARG A 950 16.06 14.57 20.35
N LEU A 951 14.85 14.47 19.83
CA LEU A 951 14.21 15.56 19.11
C LEU A 951 13.00 16.09 19.86
N ASP A 952 12.69 17.36 19.62
CA ASP A 952 11.53 17.99 20.20
C ASP A 952 10.28 17.63 19.38
N LYS A 953 9.11 18.04 19.87
CA LYS A 953 7.85 17.57 19.31
C LYS A 953 7.79 17.81 17.80
N VAL A 954 8.10 19.03 17.37
CA VAL A 954 7.91 19.40 15.97
C VAL A 954 8.79 18.54 15.07
N GLU A 955 10.05 18.36 15.44
CA GLU A 955 10.96 17.59 14.59
C GLU A 955 10.69 16.10 14.70
N ALA A 956 10.31 15.62 15.89
CA ALA A 956 10.04 14.21 16.08
C ALA A 956 8.79 13.76 15.32
N GLU A 957 7.85 14.68 15.11
CA GLU A 957 6.59 14.32 14.46
C GLU A 957 6.82 13.80 13.05
N VAL A 958 7.76 14.39 12.31
CA VAL A 958 8.01 13.97 10.93
C VAL A 958 8.48 12.51 10.90
N GLN A 959 9.47 12.19 11.72
CA GLN A 959 9.99 10.82 11.74
C GLN A 959 8.92 9.84 12.21
N ILE A 960 8.14 10.21 13.22
CA ILE A 960 7.13 9.31 13.74
C ILE A 960 6.05 9.07 12.68
N ASP A 961 5.70 10.10 11.91
CA ASP A 961 4.72 9.92 10.84
C ASP A 961 5.23 8.95 9.78
N ARG A 962 6.51 9.06 9.42
CA ARG A 962 7.07 8.11 8.47
C ARG A 962 6.97 6.68 9.00
N LEU A 963 7.32 6.48 10.28
CA LEU A 963 7.23 5.15 10.85
C LEU A 963 5.78 4.64 10.86
N ILE A 964 4.84 5.51 11.19
CA ILE A 964 3.43 5.12 11.23
C ILE A 964 2.97 4.64 9.86
N THR A 965 3.32 5.39 8.82
CA THR A 965 2.94 5.00 7.47
C THR A 965 3.50 3.62 7.13
N GLY A 966 4.79 3.41 7.41
CA GLY A 966 5.39 2.11 7.08
C GLY A 966 4.74 0.95 7.81
N ARG A 967 4.46 1.13 9.10
CA ARG A 967 3.92 0.01 9.88
C ARG A 967 2.46 -0.27 9.51
N LEU A 968 1.69 0.76 9.18
CA LEU A 968 0.35 0.53 8.67
C LEU A 968 0.39 -0.27 7.38
N GLN A 969 1.35 0.05 6.50
CA GLN A 969 1.48 -0.71 5.27
C GLN A 969 1.79 -2.18 5.55
N SER A 970 2.68 -2.44 6.52
CA SER A 970 2.99 -3.81 6.89
C SER A 970 1.73 -4.56 7.32
N LEU A 971 0.94 -3.95 8.22
CA LEU A 971 -0.27 -4.61 8.70
C LEU A 971 -1.25 -4.89 7.56
N GLN A 972 -1.41 -3.93 6.65
CA GLN A 972 -2.32 -4.14 5.53
C GLN A 972 -1.88 -5.32 4.68
N THR A 973 -0.59 -5.42 4.40
CA THR A 973 -0.11 -6.56 3.60
C THR A 973 -0.41 -7.88 4.29
N TYR A 974 -0.15 -7.94 5.60
CA TYR A 974 -0.43 -9.17 6.33
C TYR A 974 -1.91 -9.56 6.22
N VAL A 975 -2.80 -8.58 6.40
CA VAL A 975 -4.23 -8.89 6.37
C VAL A 975 -4.67 -9.36 4.99
N THR A 976 -4.15 -8.73 3.94
CA THR A 976 -4.54 -9.14 2.58
C THR A 976 -4.11 -10.58 2.31
N GLN A 977 -2.88 -10.93 2.68
CA GLN A 977 -2.43 -12.30 2.46
C GLN A 977 -3.26 -13.29 3.27
N GLN A 978 -3.65 -12.90 4.49
CA GLN A 978 -4.51 -13.76 5.29
C GLN A 978 -5.84 -14.00 4.59
N LEU A 979 -6.43 -12.96 3.99
CA LEU A 979 -7.69 -13.14 3.29
C LEU A 979 -7.56 -14.13 2.14
N ILE A 980 -6.49 -14.01 1.36
CA ILE A 980 -6.32 -14.91 0.21
C ILE A 980 -6.16 -16.35 0.69
N ARG A 981 -5.34 -16.56 1.72
CA ARG A 981 -5.16 -17.91 2.24
C ARG A 981 -6.46 -18.47 2.79
N ALA A 982 -7.27 -17.63 3.43
CA ALA A 982 -8.55 -18.08 3.95
C ALA A 982 -9.47 -18.53 2.82
N ALA A 983 -9.45 -17.82 1.69
CA ALA A 983 -10.27 -18.25 0.56
C ALA A 983 -9.86 -19.64 0.09
N GLU A 984 -8.55 -19.88 -0.02
CA GLU A 984 -8.09 -21.21 -0.43
C GLU A 984 -8.54 -22.28 0.55
N ILE A 985 -8.40 -22.00 1.85
CA ILE A 985 -8.78 -22.99 2.87
C ILE A 985 -10.28 -23.26 2.81
N ARG A 986 -11.08 -22.23 2.54
CA ARG A 986 -12.51 -22.42 2.43
C ARG A 986 -12.88 -23.34 1.27
N ALA A 987 -12.22 -23.17 0.13
CA ALA A 987 -12.47 -24.08 -0.98
C ALA A 987 -12.14 -25.51 -0.57
N SER A 988 -11.01 -25.71 0.11
CA SER A 988 -10.65 -27.06 0.54
C SER A 988 -11.69 -27.64 1.50
N ALA A 989 -12.18 -26.82 2.44
CA ALA A 989 -13.15 -27.31 3.41
C ALA A 989 -14.48 -27.65 2.74
N ASN A 990 -14.89 -26.87 1.75
CA ASN A 990 -16.10 -27.22 1.00
C ASN A 990 -15.95 -28.57 0.32
N LEU A 991 -14.81 -28.80 -0.33
CA LEU A 991 -14.58 -30.10 -0.96
C LEU A 991 -14.63 -31.22 0.08
N ALA A 992 -14.03 -31.00 1.25
CA ALA A 992 -14.02 -32.03 2.29
C ALA A 992 -15.44 -32.34 2.78
N ALA A 993 -16.26 -31.30 2.94
CA ALA A 993 -17.65 -31.54 3.35
C ALA A 993 -18.40 -32.34 2.30
N THR A 994 -18.20 -32.00 1.02
CA THR A 994 -18.86 -32.77 -0.03
C THR A 994 -18.42 -34.22 -0.01
N LYS A 995 -17.12 -34.47 0.19
CA LYS A 995 -16.62 -35.84 0.24
C LYS A 995 -17.20 -36.59 1.43
N MET A 996 -17.32 -35.92 2.57
CA MET A 996 -17.90 -36.58 3.73
C MET A 996 -19.35 -36.95 3.46
N SER A 997 -20.08 -36.08 2.77
CA SER A 997 -21.49 -36.34 2.51
C SER A 997 -21.66 -37.47 1.48
N GLU A 998 -20.78 -37.54 0.48
CA GLU A 998 -20.99 -38.44 -0.65
C GLU A 998 -20.21 -39.75 -0.59
N CYS A 999 -19.17 -39.84 0.25
CA CYS A 999 -18.37 -41.06 0.35
C CYS A 999 -18.54 -41.79 1.67
N VAL A 1000 -18.87 -41.08 2.75
CA VAL A 1000 -19.03 -41.69 4.06
C VAL A 1000 -20.48 -42.01 4.36
N LEU A 1001 -21.40 -41.13 3.98
CA LEU A 1001 -22.82 -41.34 4.18
C LEU A 1001 -23.51 -41.95 2.97
N GLY A 1002 -22.76 -42.42 1.99
CA GLY A 1002 -23.36 -43.04 0.83
C GLY A 1002 -22.31 -43.76 0.02
N GLN A 1003 -22.75 -44.32 -1.10
CA GLN A 1003 -21.88 -44.97 -2.08
C GLN A 1003 -21.86 -44.11 -3.34
N SER A 1004 -20.66 -43.82 -3.85
CA SER A 1004 -20.50 -42.89 -4.94
C SER A 1004 -20.20 -43.64 -6.24
N LYS A 1005 -20.89 -43.25 -7.31
CA LYS A 1005 -20.63 -43.77 -8.64
C LYS A 1005 -19.72 -42.87 -9.46
N ARG A 1006 -19.29 -41.73 -8.92
CA ARG A 1006 -18.38 -40.85 -9.65
C ARG A 1006 -16.99 -41.45 -9.71
N VAL A 1007 -16.39 -41.44 -10.89
CA VAL A 1007 -15.11 -42.11 -11.08
C VAL A 1007 -14.01 -41.34 -10.36
N ASP A 1008 -13.28 -42.04 -9.48
CA ASP A 1008 -12.12 -41.53 -8.77
C ASP A 1008 -12.45 -40.45 -7.75
N PHE A 1009 -13.73 -40.26 -7.40
CA PHE A 1009 -14.05 -39.26 -6.39
C PHE A 1009 -13.68 -39.73 -4.99
N CYS A 1010 -13.97 -40.99 -4.67
CA CYS A 1010 -13.65 -41.56 -3.36
C CYS A 1010 -12.66 -42.70 -3.59
N GLY A 1011 -11.37 -42.37 -3.65
CA GLY A 1011 -10.36 -43.38 -3.86
C GLY A 1011 -10.25 -43.79 -5.32
N LYS A 1012 -9.43 -44.82 -5.54
CA LYS A 1012 -9.17 -45.35 -6.87
C LYS A 1012 -9.75 -46.76 -6.97
N GLY A 1013 -10.59 -46.99 -7.97
CA GLY A 1013 -11.26 -48.26 -8.14
C GLY A 1013 -12.76 -48.13 -7.98
N TYR A 1014 -13.43 -49.21 -7.59
CA TYR A 1014 -14.86 -49.20 -7.34
C TYR A 1014 -15.10 -48.91 -5.87
N HIS A 1015 -15.78 -47.80 -5.58
CA HIS A 1015 -15.96 -47.37 -4.20
C HIS A 1015 -16.89 -48.32 -3.46
N LEU A 1016 -16.43 -48.79 -2.30
CA LEU A 1016 -17.27 -49.55 -1.37
C LEU A 1016 -17.70 -48.72 -0.18
N MET A 1017 -16.76 -48.14 0.55
CA MET A 1017 -17.13 -47.33 1.72
C MET A 1017 -15.95 -46.42 2.09
N SER A 1018 -16.16 -45.58 3.10
CA SER A 1018 -15.13 -44.66 3.54
C SER A 1018 -15.30 -44.37 5.02
N PHE A 1019 -14.17 -44.09 5.69
CA PHE A 1019 -14.15 -43.77 7.11
C PHE A 1019 -13.41 -42.46 7.34
N PRO A 1020 -13.95 -41.54 8.15
CA PRO A 1020 -13.20 -40.33 8.49
C PRO A 1020 -12.40 -40.45 9.77
N GLN A 1021 -11.28 -39.73 9.81
CA GLN A 1021 -10.44 -39.62 10.99
C GLN A 1021 -10.00 -38.17 11.15
N ALA A 1022 -9.97 -37.69 12.39
CA ALA A 1022 -9.58 -36.32 12.67
C ALA A 1022 -8.06 -36.18 12.67
N ALA A 1023 -7.57 -35.06 12.16
CA ALA A 1023 -6.15 -34.75 12.14
C ALA A 1023 -5.98 -33.28 12.47
N PRO A 1024 -4.79 -32.87 12.91
CA PRO A 1024 -4.58 -31.46 13.26
C PRO A 1024 -4.95 -30.51 12.13
N HIS A 1025 -6.00 -29.72 12.33
CA HIS A 1025 -6.49 -28.74 11.36
C HIS A 1025 -7.07 -29.39 10.10
N GLY A 1026 -7.36 -30.68 10.12
CA GLY A 1026 -7.82 -31.31 8.89
C GLY A 1026 -8.46 -32.66 9.13
N VAL A 1027 -8.75 -33.34 8.02
CA VAL A 1027 -9.42 -34.62 8.04
C VAL A 1027 -8.66 -35.60 7.15
N VAL A 1028 -8.74 -36.88 7.49
CA VAL A 1028 -8.14 -37.96 6.71
C VAL A 1028 -9.24 -38.97 6.40
N PHE A 1029 -9.44 -39.23 5.11
CA PHE A 1029 -10.42 -40.20 4.65
C PHE A 1029 -9.72 -41.51 4.29
N LEU A 1030 -10.26 -42.62 4.77
CA LEU A 1030 -9.82 -43.95 4.40
C LEU A 1030 -10.89 -44.53 3.47
N HIS A 1031 -10.56 -44.64 2.19
CA HIS A 1031 -11.48 -45.15 1.17
C HIS A 1031 -11.21 -46.62 0.94
N VAL A 1032 -12.24 -47.44 1.15
CA VAL A 1032 -12.19 -48.88 0.88
C VAL A 1032 -12.87 -49.12 -0.45
N THR A 1033 -12.12 -49.72 -1.39
CA THR A 1033 -12.56 -49.94 -2.76
C THR A 1033 -12.22 -51.37 -3.20
N TYR A 1034 -12.83 -51.75 -4.31
CA TYR A 1034 -12.74 -53.08 -4.90
C TYR A 1034 -11.99 -52.98 -6.22
N VAL A 1035 -10.95 -53.78 -6.40
CA VAL A 1035 -10.06 -53.67 -7.55
C VAL A 1035 -9.99 -55.04 -8.24
N PRO A 1036 -10.39 -55.14 -9.51
CA PRO A 1036 -10.23 -56.41 -10.23
C PRO A 1036 -8.77 -56.74 -10.51
N SER A 1037 -8.51 -58.03 -10.72
CA SER A 1037 -7.15 -58.49 -10.97
C SER A 1037 -7.18 -59.87 -11.61
N GLN A 1038 -6.04 -60.25 -12.18
CA GLN A 1038 -5.84 -61.57 -12.76
C GLN A 1038 -6.76 -61.80 -13.98
N GLU A 1039 -6.73 -60.83 -14.89
CA GLU A 1039 -7.54 -60.92 -16.10
C GLU A 1039 -6.99 -61.98 -17.05
N ARG A 1040 -7.88 -62.51 -17.88
CA ARG A 1040 -7.54 -63.54 -18.84
C ARG A 1040 -8.21 -63.23 -20.18
N ASN A 1041 -7.58 -63.72 -21.25
CA ASN A 1041 -8.05 -63.46 -22.60
C ASN A 1041 -9.09 -64.49 -23.04
N PHE A 1042 -10.10 -64.02 -23.77
CA PHE A 1042 -11.17 -64.85 -24.29
C PHE A 1042 -11.53 -64.36 -25.68
N THR A 1043 -12.19 -65.24 -26.43
CA THR A 1043 -12.75 -64.91 -27.75
C THR A 1043 -14.22 -64.58 -27.60
N THR A 1044 -14.66 -63.52 -28.28
CA THR A 1044 -16.01 -63.01 -28.11
C THR A 1044 -16.60 -62.63 -29.47
N ALA A 1045 -17.92 -62.53 -29.51
CA ALA A 1045 -18.65 -62.17 -30.70
C ALA A 1045 -19.78 -61.22 -30.34
N PRO A 1046 -20.26 -60.41 -31.30
CA PRO A 1046 -21.35 -59.47 -30.99
C PRO A 1046 -22.68 -60.14 -30.72
N ALA A 1047 -23.08 -61.09 -31.57
CA ALA A 1047 -24.41 -61.69 -31.49
C ALA A 1047 -24.31 -63.15 -31.92
N ILE A 1048 -25.37 -63.90 -31.61
CA ILE A 1048 -25.44 -65.33 -31.89
C ILE A 1048 -26.57 -65.57 -32.88
N CYS A 1049 -26.26 -66.23 -34.00
CA CYS A 1049 -27.25 -66.54 -35.03
C CYS A 1049 -27.78 -67.94 -34.79
N HIS A 1050 -28.99 -68.03 -34.26
CA HIS A 1050 -29.63 -69.31 -33.95
C HIS A 1050 -30.94 -69.41 -34.71
N GLU A 1051 -31.10 -70.51 -35.46
CA GLU A 1051 -32.33 -70.76 -36.22
C GLU A 1051 -32.68 -69.57 -37.10
N GLY A 1052 -31.67 -68.98 -37.72
CA GLY A 1052 -31.89 -67.83 -38.58
C GLY A 1052 -32.44 -66.63 -37.85
N LYS A 1053 -32.02 -66.42 -36.62
CA LYS A 1053 -32.44 -65.27 -35.82
C LYS A 1053 -31.27 -64.78 -34.99
N ALA A 1054 -31.12 -63.46 -34.91
CA ALA A 1054 -30.03 -62.84 -34.17
C ALA A 1054 -30.39 -62.71 -32.70
N TYR A 1055 -29.46 -63.09 -31.82
CA TYR A 1055 -29.63 -62.99 -30.38
C TYR A 1055 -28.53 -62.10 -29.81
N PHE A 1056 -28.93 -61.16 -28.95
CA PHE A 1056 -28.02 -60.26 -28.28
C PHE A 1056 -28.19 -60.38 -26.77
N PRO A 1057 -27.11 -60.20 -25.99
CA PRO A 1057 -27.25 -60.26 -24.53
C PRO A 1057 -28.00 -59.04 -24.01
N ARG A 1058 -28.82 -59.27 -22.97
CA ARG A 1058 -29.46 -58.14 -22.31
C ARG A 1058 -28.50 -57.42 -21.37
N GLU A 1059 -27.57 -58.16 -20.77
CA GLU A 1059 -26.52 -57.55 -19.95
C GLU A 1059 -25.39 -58.56 -19.81
N GLY A 1060 -24.23 -58.25 -20.38
CA GLY A 1060 -23.09 -59.14 -20.34
C GLY A 1060 -22.41 -59.17 -21.70
N VAL A 1061 -21.72 -60.28 -21.96
CA VAL A 1061 -20.98 -60.43 -23.21
C VAL A 1061 -20.82 -61.92 -23.49
N PHE A 1062 -20.81 -62.27 -24.78
CA PHE A 1062 -20.60 -63.66 -25.20
C PHE A 1062 -19.12 -63.99 -25.16
N VAL A 1063 -18.79 -65.14 -24.58
CA VAL A 1063 -17.40 -65.56 -24.40
C VAL A 1063 -17.26 -67.02 -24.78
N PHE A 1064 -16.21 -67.34 -25.51
CA PHE A 1064 -15.87 -68.72 -25.88
C PHE A 1064 -14.69 -69.16 -25.02
N ASN A 1065 -14.96 -70.01 -24.03
CA ASN A 1065 -13.91 -70.41 -23.10
C ASN A 1065 -13.00 -71.48 -23.67
N GLY A 1066 -13.28 -72.00 -24.86
CA GLY A 1066 -12.41 -72.96 -25.50
C GLY A 1066 -13.16 -74.13 -26.09
N THR A 1067 -14.35 -74.43 -25.55
CA THR A 1067 -15.12 -75.56 -26.01
C THR A 1067 -16.57 -75.18 -26.29
N SER A 1068 -17.07 -74.14 -25.64
CA SER A 1068 -18.46 -73.75 -25.80
C SER A 1068 -18.61 -72.28 -25.45
N TRP A 1069 -19.77 -71.73 -25.79
CA TRP A 1069 -20.06 -70.31 -25.62
C TRP A 1069 -20.92 -70.08 -24.38
N PHE A 1070 -20.63 -69.01 -23.66
CA PHE A 1070 -21.37 -68.64 -22.46
C PHE A 1070 -21.59 -67.13 -22.45
N ILE A 1071 -22.38 -66.68 -21.48
CA ILE A 1071 -22.58 -65.27 -21.20
C ILE A 1071 -21.87 -64.95 -19.90
N THR A 1072 -21.09 -63.87 -19.89
CA THR A 1072 -20.35 -63.50 -18.70
C THR A 1072 -20.46 -62.00 -18.47
N GLN A 1073 -20.23 -61.59 -17.22
CA GLN A 1073 -20.22 -60.18 -16.88
C GLN A 1073 -18.83 -59.60 -17.10
N ARG A 1074 -18.80 -58.32 -17.48
CA ARG A 1074 -17.53 -57.69 -17.83
C ARG A 1074 -16.59 -57.62 -16.64
N ASN A 1075 -17.10 -57.28 -15.46
CA ASN A 1075 -16.23 -57.02 -14.31
C ASN A 1075 -15.68 -58.32 -13.74
N PHE A 1076 -16.50 -59.36 -13.66
CA PHE A 1076 -16.10 -60.63 -13.05
C PHE A 1076 -16.44 -61.76 -14.02
N PHE A 1077 -15.60 -62.79 -14.01
CA PHE A 1077 -15.77 -63.93 -14.90
C PHE A 1077 -16.62 -64.99 -14.21
N SER A 1078 -17.81 -65.24 -14.76
CA SER A 1078 -18.72 -66.26 -14.25
C SER A 1078 -19.59 -66.75 -15.41
N PRO A 1079 -19.07 -67.69 -16.20
CA PRO A 1079 -19.81 -68.10 -17.40
C PRO A 1079 -21.18 -68.68 -17.05
N GLN A 1080 -22.15 -68.41 -17.92
CA GLN A 1080 -23.51 -68.92 -17.77
C GLN A 1080 -23.98 -69.51 -19.08
N ILE A 1081 -24.81 -70.55 -18.98
CA ILE A 1081 -25.36 -71.17 -20.18
C ILE A 1081 -26.22 -70.16 -20.91
N ILE A 1082 -26.02 -70.06 -22.23
CA ILE A 1082 -26.79 -69.12 -23.03
C ILE A 1082 -28.24 -69.58 -23.02
N THR A 1083 -29.11 -68.79 -22.38
CA THR A 1083 -30.50 -69.15 -22.18
C THR A 1083 -31.39 -68.02 -22.70
N THR A 1084 -32.63 -68.38 -23.02
CA THR A 1084 -33.59 -67.38 -23.51
C THR A 1084 -33.96 -66.37 -22.45
N ASP A 1085 -33.63 -66.62 -21.17
CA ASP A 1085 -33.94 -65.69 -20.10
C ASP A 1085 -32.93 -64.57 -19.96
N ASN A 1086 -31.78 -64.66 -20.63
CA ASN A 1086 -30.74 -63.64 -20.55
C ASN A 1086 -30.29 -63.19 -21.93
N THR A 1087 -31.18 -63.24 -22.91
CA THR A 1087 -30.89 -62.78 -24.26
C THR A 1087 -32.19 -62.30 -24.89
N PHE A 1088 -32.07 -61.58 -26.00
CA PHE A 1088 -33.24 -61.12 -26.72
C PHE A 1088 -32.97 -61.17 -28.23
N VAL A 1089 -34.04 -61.29 -28.99
CA VAL A 1089 -33.96 -61.49 -30.44
C VAL A 1089 -34.40 -60.22 -31.15
N SER A 1090 -33.79 -59.96 -32.30
CA SER A 1090 -34.18 -58.83 -33.14
C SER A 1090 -33.63 -59.04 -34.53
N GLY A 1091 -34.52 -59.07 -35.52
CA GLY A 1091 -34.09 -59.15 -36.91
C GLY A 1091 -33.51 -60.52 -37.26
N ASN A 1092 -32.73 -60.53 -38.35
CA ASN A 1092 -32.09 -61.72 -38.87
C ASN A 1092 -30.58 -61.60 -38.71
N CYS A 1093 -29.88 -62.60 -39.24
CA CYS A 1093 -28.43 -62.67 -39.13
C CYS A 1093 -27.70 -61.93 -40.24
N ASP A 1094 -28.43 -61.31 -41.17
CA ASP A 1094 -27.79 -60.67 -42.31
C ASP A 1094 -27.17 -59.32 -41.95
N VAL A 1095 -27.72 -58.62 -40.95
CA VAL A 1095 -27.32 -57.25 -40.70
C VAL A 1095 -26.08 -57.19 -39.81
N VAL A 1096 -26.12 -57.88 -38.67
CA VAL A 1096 -25.04 -57.76 -37.70
C VAL A 1096 -23.71 -58.16 -38.33
N ILE A 1097 -22.66 -57.40 -38.01
CA ILE A 1097 -21.32 -57.66 -38.50
C ILE A 1097 -20.62 -58.57 -37.51
N GLY A 1098 -20.04 -59.67 -38.01
CA GLY A 1098 -19.30 -60.58 -37.17
C GLY A 1098 -20.15 -61.54 -36.36
N ILE A 1099 -21.42 -61.73 -36.74
CA ILE A 1099 -22.27 -62.64 -36.00
C ILE A 1099 -21.74 -64.07 -36.13
N ILE A 1100 -22.08 -64.91 -35.14
CA ILE A 1100 -21.62 -66.29 -35.09
C ILE A 1100 -22.83 -67.20 -34.88
N ASN A 1101 -22.69 -68.45 -35.31
CA ASN A 1101 -23.76 -69.44 -35.24
C ASN A 1101 -23.56 -70.33 -34.02
N ASN A 1102 -24.63 -70.53 -33.26
CA ASN A 1102 -24.60 -71.42 -32.10
C ASN A 1102 -26.01 -71.53 -31.56
N THR A 1103 -26.26 -72.60 -30.81
CA THR A 1103 -27.60 -72.89 -30.32
C THR A 1103 -27.92 -72.07 -29.06
N VAL A 1104 -29.21 -71.98 -28.78
CA VAL A 1104 -29.72 -71.34 -27.56
C VAL A 1104 -30.57 -72.36 -26.82
N TYR A 1105 -30.26 -72.56 -25.54
CA TYR A 1105 -30.96 -73.55 -24.73
C TYR A 1105 -32.33 -73.00 -24.33
N ASP A 1106 -33.04 -73.74 -23.48
CA ASP A 1106 -34.37 -73.35 -23.04
C ASP A 1106 -34.35 -71.97 -22.40
N LEU B 1 7.18 58.60 -46.98
CA LEU B 1 7.49 59.71 -46.10
C LEU B 1 8.49 59.30 -45.02
N ASP B 2 9.13 60.31 -44.40
CA ASP B 2 10.10 60.08 -43.35
C ASP B 2 9.52 60.24 -41.96
N ARG B 3 8.20 60.41 -41.83
CA ARG B 3 7.55 60.57 -40.54
C ARG B 3 6.29 59.71 -40.51
N CYS B 4 5.76 59.51 -39.31
CA CYS B 4 4.55 58.71 -39.14
C CYS B 4 3.47 59.17 -40.12
N THR B 5 3.06 58.26 -40.99
CA THR B 5 2.11 58.56 -42.05
C THR B 5 0.84 57.74 -41.87
N THR B 6 -0.30 58.38 -42.11
CA THR B 6 -1.60 57.72 -42.04
C THR B 6 -2.26 57.77 -43.40
N PHE B 7 -2.71 56.61 -43.88
CA PHE B 7 -3.36 56.53 -45.19
C PHE B 7 -4.68 57.27 -45.17
N ASP B 8 -4.96 57.97 -46.27
CA ASP B 8 -6.10 58.90 -46.31
C ASP B 8 -7.42 58.16 -46.09
N ASP B 9 -7.80 57.29 -47.03
CA ASP B 9 -9.07 56.59 -47.00
C ASP B 9 -8.82 55.09 -47.00
N VAL B 10 -9.28 54.41 -45.96
CA VAL B 10 -9.10 52.97 -45.82
C VAL B 10 -10.41 52.37 -45.32
N GLN B 11 -10.80 51.26 -45.91
CA GLN B 11 -12.06 50.63 -45.54
C GLN B 11 -11.97 50.05 -44.13
N ALA B 12 -13.09 50.11 -43.41
CA ALA B 12 -13.14 49.53 -42.08
C ALA B 12 -12.95 48.02 -42.17
N PRO B 13 -12.34 47.41 -41.15
CA PRO B 13 -12.01 45.98 -41.25
C PRO B 13 -13.16 45.07 -40.86
N ASN B 14 -13.49 44.12 -41.74
CA ASN B 14 -14.37 43.02 -41.39
C ASN B 14 -13.53 41.88 -40.85
N TYR B 15 -13.81 41.46 -39.63
CA TYR B 15 -13.04 40.40 -38.99
C TYR B 15 -13.66 39.07 -39.39
N THR B 16 -13.06 38.39 -40.36
CA THR B 16 -13.65 37.15 -40.85
C THR B 16 -13.51 36.04 -39.81
N GLN B 17 -14.43 35.09 -39.85
CA GLN B 17 -14.44 33.98 -38.90
C GLN B 17 -14.05 32.70 -39.62
N HIS B 18 -13.14 31.94 -39.01
CA HIS B 18 -12.72 30.66 -39.54
C HIS B 18 -12.50 29.71 -38.38
N THR B 19 -12.09 28.48 -38.69
CA THR B 19 -11.77 27.48 -37.69
C THR B 19 -10.39 26.92 -37.94
N SER B 20 -9.64 26.69 -36.88
CA SER B 20 -8.45 25.88 -36.96
C SER B 20 -8.85 24.42 -37.13
N SER B 21 -7.89 23.59 -37.52
CA SER B 21 -8.15 22.15 -37.62
C SER B 21 -6.85 21.42 -37.31
N MET B 22 -6.70 21.03 -36.04
CA MET B 22 -5.50 20.32 -35.60
C MET B 22 -4.24 21.08 -36.00
N ARG B 23 -4.29 22.40 -35.89
CA ARG B 23 -3.17 23.27 -36.22
C ARG B 23 -2.63 23.91 -34.95
N GLY B 24 -1.32 24.09 -34.91
CA GLY B 24 -0.66 24.78 -33.82
C GLY B 24 -0.02 23.91 -32.77
N VAL B 25 0.50 22.75 -33.13
CA VAL B 25 1.18 21.86 -32.19
C VAL B 25 2.67 22.12 -32.29
N TYR B 26 3.35 22.07 -31.16
CA TYR B 26 4.79 22.34 -31.10
C TYR B 26 5.45 21.39 -30.13
N TYR B 27 6.77 21.27 -30.27
CA TYR B 27 7.53 20.39 -29.39
C TYR B 27 7.52 20.96 -27.97
N PRO B 28 7.09 20.19 -26.97
CA PRO B 28 6.95 20.76 -25.61
C PRO B 28 8.25 20.90 -24.85
N ASP B 29 9.29 20.13 -25.18
CA ASP B 29 10.57 20.25 -24.49
C ASP B 29 11.68 19.88 -25.48
N GLU B 30 12.87 19.63 -24.96
CA GLU B 30 14.05 19.36 -25.77
C GLU B 30 14.50 17.90 -25.72
N ILE B 31 13.68 17.02 -25.19
CA ILE B 31 14.04 15.61 -25.06
C ILE B 31 13.69 14.88 -26.36
N PHE B 32 14.54 13.94 -26.73
CA PHE B 32 14.29 13.11 -27.91
C PHE B 32 13.49 11.88 -27.52
N ARG B 33 12.42 11.61 -28.26
CA ARG B 33 11.59 10.43 -28.08
C ARG B 33 11.22 9.89 -29.45
N SER B 34 10.97 8.58 -29.52
CA SER B 34 10.59 7.95 -30.78
C SER B 34 9.63 6.80 -30.53
N ASP B 35 8.73 6.60 -31.47
CA ASP B 35 7.79 5.48 -31.48
C ASP B 35 7.08 5.35 -30.13
N THR B 36 6.34 6.38 -29.76
CA THR B 36 5.69 6.37 -28.46
C THR B 36 4.59 7.44 -28.42
N LEU B 37 3.86 7.45 -27.32
CA LEU B 37 2.85 8.46 -27.03
C LEU B 37 3.21 9.17 -25.74
N TYR B 38 3.09 10.49 -25.75
CA TYR B 38 3.49 11.33 -24.62
C TYR B 38 2.32 12.22 -24.23
N LEU B 39 1.94 12.18 -22.96
CA LEU B 39 0.83 12.95 -22.43
C LEU B 39 1.37 14.15 -21.66
N THR B 40 0.90 15.34 -22.00
CA THR B 40 1.43 16.55 -21.39
C THR B 40 0.38 17.65 -21.38
N GLN B 41 0.42 18.47 -20.34
CA GLN B 41 -0.48 19.61 -20.22
C GLN B 41 0.32 20.89 -20.42
N ASP B 42 -0.20 21.80 -21.25
CA ASP B 42 0.50 23.03 -21.59
C ASP B 42 -0.48 23.98 -22.27
N LEU B 43 0.03 25.13 -22.70
CA LEU B 43 -0.77 26.12 -23.40
C LEU B 43 -0.80 25.74 -24.88
N PHE B 44 -1.94 25.22 -25.33
CA PHE B 44 -2.10 24.75 -26.69
C PHE B 44 -3.28 25.44 -27.34
N LEU B 45 -3.39 25.31 -28.66
CA LEU B 45 -4.55 25.80 -29.39
C LEU B 45 -5.55 24.66 -29.52
N PRO B 46 -6.70 24.70 -28.86
CA PRO B 46 -7.64 23.58 -28.96
C PRO B 46 -8.09 23.35 -30.38
N PHE B 47 -8.30 22.07 -30.72
CA PHE B 47 -8.70 21.71 -32.06
C PHE B 47 -10.04 22.34 -32.42
N TYR B 48 -10.16 22.79 -33.67
CA TYR B 48 -11.40 23.38 -34.17
C TYR B 48 -11.83 24.58 -33.32
N SER B 49 -10.85 25.41 -32.96
CA SER B 49 -11.14 26.67 -32.29
C SER B 49 -11.50 27.73 -33.31
N ASN B 50 -12.24 28.74 -32.86
CA ASN B 50 -12.59 29.87 -33.71
C ASN B 50 -11.40 30.80 -33.84
N VAL B 51 -11.06 31.16 -35.08
CA VAL B 51 -9.93 32.05 -35.35
C VAL B 51 -10.44 33.24 -36.17
N THR B 52 -9.78 34.37 -35.98
CA THR B 52 -10.16 35.62 -36.64
C THR B 52 -9.19 35.93 -37.77
N GLY B 53 -9.74 36.34 -38.90
CA GLY B 53 -8.95 36.58 -40.10
C GLY B 53 -9.00 38.04 -40.52
N PHE B 54 -7.83 38.57 -40.90
CA PHE B 54 -7.64 39.92 -41.39
C PHE B 54 -6.94 39.84 -42.74
N HIS B 55 -7.24 40.81 -43.61
CA HIS B 55 -6.80 40.75 -44.99
C HIS B 55 -6.30 42.11 -45.45
N THR B 56 -5.40 42.08 -46.44
CA THR B 56 -4.97 43.27 -47.16
C THR B 56 -5.25 43.05 -48.64
N ILE B 57 -6.10 43.91 -49.20
CA ILE B 57 -6.48 43.88 -50.62
C ILE B 57 -7.23 45.16 -50.96
N ASN B 58 -7.01 45.68 -52.17
CA ASN B 58 -7.69 46.88 -52.65
C ASN B 58 -7.38 48.02 -51.68
N HIS B 59 -8.38 48.65 -51.07
CA HIS B 59 -8.17 49.71 -50.11
C HIS B 59 -8.28 49.24 -48.67
N THR B 60 -8.37 47.92 -48.44
CA THR B 60 -8.40 47.39 -47.09
C THR B 60 -6.98 47.19 -46.58
N PHE B 61 -6.71 47.69 -45.37
CA PHE B 61 -5.40 47.60 -44.74
C PHE B 61 -5.64 47.33 -43.25
N ASP B 62 -5.68 46.06 -42.88
CA ASP B 62 -6.08 45.65 -41.55
C ASP B 62 -4.85 45.52 -40.66
N ASN B 63 -4.74 46.40 -39.67
CA ASN B 63 -3.67 46.31 -38.69
C ASN B 63 -4.08 47.00 -37.40
N PRO B 64 -5.14 46.52 -36.74
CA PRO B 64 -5.55 47.10 -35.46
C PRO B 64 -4.68 46.57 -34.33
N VAL B 65 -5.02 46.98 -33.10
CA VAL B 65 -4.38 46.47 -31.90
C VAL B 65 -5.19 45.29 -31.40
N ILE B 66 -4.56 44.13 -31.29
CA ILE B 66 -5.21 42.88 -30.94
C ILE B 66 -4.72 42.47 -29.56
N PRO B 67 -5.61 42.10 -28.64
CA PRO B 67 -5.16 41.64 -27.32
C PRO B 67 -4.31 40.38 -27.42
N PHE B 68 -3.40 40.23 -26.47
CA PHE B 68 -2.47 39.09 -26.43
C PHE B 68 -2.98 37.96 -25.56
N LYS B 69 -3.64 38.27 -24.44
CA LYS B 69 -4.23 37.28 -23.53
C LYS B 69 -3.10 36.39 -23.01
N ASP B 70 -3.07 35.09 -23.31
CA ASP B 70 -2.10 34.16 -22.76
C ASP B 70 -1.23 33.53 -23.84
N GLY B 71 -0.94 34.26 -24.90
CA GLY B 71 -0.19 33.72 -26.02
C GLY B 71 -1.10 33.42 -27.19
N ILE B 72 -0.50 33.41 -28.39
CA ILE B 72 -1.28 33.37 -29.62
C ILE B 72 -0.70 32.39 -30.63
N TYR B 73 -1.56 31.93 -31.52
CA TYR B 73 -1.19 31.27 -32.76
C TYR B 73 -1.47 32.24 -33.91
N PHE B 74 -0.47 32.46 -34.75
CA PHE B 74 -0.52 33.47 -35.80
C PHE B 74 -0.12 32.83 -37.12
N ALA B 75 -1.04 32.81 -38.08
CA ALA B 75 -0.79 32.22 -39.39
C ALA B 75 -0.86 33.28 -40.45
N ALA B 76 -0.02 33.17 -41.48
CA ALA B 76 0.00 34.12 -42.58
C ALA B 76 -0.01 33.35 -43.89
N THR B 77 -1.00 33.64 -44.74
CA THR B 77 -1.07 33.09 -46.09
C THR B 77 -0.73 34.21 -47.07
N GLU B 78 0.29 33.97 -47.89
CA GLU B 78 0.76 35.03 -48.77
C GLU B 78 1.57 34.43 -49.91
N LYS B 79 1.86 35.30 -50.89
CA LYS B 79 2.65 34.96 -52.06
C LYS B 79 3.70 36.00 -52.40
N SER B 80 3.65 37.19 -51.81
CA SER B 80 4.59 38.27 -52.15
C SER B 80 5.18 38.92 -50.91
N ASN B 81 5.24 38.22 -49.78
CA ASN B 81 5.93 38.68 -48.58
C ASN B 81 5.38 40.03 -48.10
N VAL B 82 4.12 40.03 -47.73
CA VAL B 82 3.45 41.24 -47.26
C VAL B 82 3.61 41.41 -45.75
N VAL B 83 3.37 40.36 -44.97
CA VAL B 83 3.52 40.43 -43.53
C VAL B 83 5.00 40.33 -43.18
N ARG B 84 5.50 41.29 -42.40
CA ARG B 84 6.92 41.42 -42.15
C ARG B 84 7.33 41.25 -40.70
N GLY B 85 6.40 41.33 -39.75
CA GLY B 85 6.77 41.15 -38.36
C GLY B 85 5.68 41.67 -37.44
N TRP B 86 6.07 41.85 -36.17
CA TRP B 86 5.13 42.23 -35.13
C TRP B 86 5.77 43.24 -34.18
N VAL B 87 4.90 43.93 -33.45
CA VAL B 87 5.29 44.76 -32.32
C VAL B 87 4.44 44.33 -31.13
N PHE B 88 5.11 44.00 -30.02
CA PHE B 88 4.44 43.57 -28.80
C PHE B 88 4.68 44.60 -27.70
N GLY B 89 3.64 44.88 -26.93
CA GLY B 89 3.77 45.83 -25.84
C GLY B 89 2.54 45.86 -24.98
N SER B 90 2.44 46.91 -24.17
CA SER B 90 1.26 47.13 -23.33
C SER B 90 0.51 48.40 -23.70
N THR B 91 1.17 49.56 -23.69
CA THR B 91 0.53 50.81 -24.04
C THR B 91 0.73 51.21 -25.49
N MET B 92 1.71 50.63 -26.16
CA MET B 92 1.97 50.91 -27.57
C MET B 92 2.31 52.37 -27.81
N ASN B 93 3.09 52.95 -26.91
CA ASN B 93 3.65 54.29 -27.08
C ASN B 93 4.97 54.35 -26.32
N ASN B 94 5.49 55.56 -26.11
CA ASN B 94 6.79 55.73 -25.47
C ASN B 94 6.70 55.84 -23.96
N LYS B 95 5.55 55.51 -23.37
CA LYS B 95 5.42 55.48 -21.92
C LYS B 95 5.72 54.11 -21.33
N SER B 96 6.06 53.13 -22.16
CA SER B 96 6.43 51.80 -21.68
C SER B 96 7.29 51.14 -22.74
N GLN B 97 7.96 50.07 -22.34
CA GLN B 97 8.84 49.36 -23.25
C GLN B 97 8.05 48.44 -24.18
N SER B 98 8.47 48.39 -25.43
CA SER B 98 7.88 47.52 -26.44
C SER B 98 9.01 46.82 -27.19
N VAL B 99 8.67 45.67 -27.78
CA VAL B 99 9.62 44.87 -28.54
C VAL B 99 9.15 44.78 -29.98
N ILE B 100 10.05 45.04 -30.91
CA ILE B 100 9.80 44.95 -32.34
C ILE B 100 10.56 43.75 -32.87
N ILE B 101 9.86 42.89 -33.62
CA ILE B 101 10.46 41.73 -34.28
C ILE B 101 10.12 41.85 -35.75
N ILE B 102 11.11 42.15 -36.60
CA ILE B 102 10.85 42.41 -38.01
C ILE B 102 11.88 41.73 -38.89
N ASN B 103 11.51 41.57 -40.16
CA ASN B 103 12.41 41.16 -41.23
C ASN B 103 12.41 42.27 -42.26
N ASN B 104 13.51 43.01 -42.37
CA ASN B 104 13.59 44.20 -43.21
C ASN B 104 14.23 43.89 -44.57
N SER B 105 14.06 42.68 -45.08
CA SER B 105 14.52 42.23 -46.39
C SER B 105 16.02 41.99 -46.43
N THR B 106 16.75 42.29 -45.38
CA THR B 106 18.19 42.02 -45.32
C THR B 106 18.59 41.24 -44.08
N ASN B 107 17.96 41.51 -42.94
CA ASN B 107 18.24 40.79 -41.71
C ASN B 107 16.95 40.67 -40.91
N VAL B 108 17.02 39.87 -39.85
CA VAL B 108 15.98 39.80 -38.84
C VAL B 108 16.44 40.65 -37.66
N VAL B 109 15.60 41.60 -37.25
CA VAL B 109 15.96 42.56 -36.22
C VAL B 109 14.96 42.43 -35.07
N ILE B 110 15.48 42.26 -33.87
CA ILE B 110 14.67 42.26 -32.65
C ILE B 110 15.22 43.34 -31.74
N ARG B 111 14.35 44.26 -31.31
CA ARG B 111 14.79 45.38 -30.48
C ARG B 111 13.74 45.72 -29.44
N ALA B 112 14.16 45.84 -28.18
CA ALA B 112 13.28 46.23 -27.09
C ALA B 112 13.68 47.61 -26.60
N CYS B 113 12.77 48.57 -26.68
CA CYS B 113 13.10 49.95 -26.34
C CYS B 113 11.83 50.69 -25.95
N ASN B 114 11.97 51.98 -25.67
CA ASN B 114 10.83 52.90 -25.53
C ASN B 114 10.62 53.54 -26.89
N PHE B 115 9.74 52.94 -27.69
CA PHE B 115 9.52 53.37 -29.06
C PHE B 115 8.41 54.41 -29.12
N GLU B 116 8.58 55.39 -30.00
CA GLU B 116 7.50 56.30 -30.38
C GLU B 116 6.83 55.72 -31.62
N LEU B 117 5.95 54.75 -31.37
CA LEU B 117 5.40 53.95 -32.45
C LEU B 117 4.42 54.74 -33.29
N CYS B 118 4.54 54.61 -34.61
CA CYS B 118 3.52 55.10 -35.51
C CYS B 118 2.27 54.23 -35.40
N ASP B 119 1.10 54.86 -35.45
CA ASP B 119 -0.15 54.12 -35.43
C ASP B 119 -0.37 53.34 -36.72
N ASN B 120 0.41 53.60 -37.75
CA ASN B 120 0.29 52.91 -39.04
C ASN B 120 1.69 52.50 -39.49
N PRO B 121 2.29 51.52 -38.82
CA PRO B 121 3.63 51.08 -39.20
C PRO B 121 3.61 50.19 -40.43
N PHE B 122 4.57 50.43 -41.33
CA PHE B 122 4.62 49.65 -42.56
C PHE B 122 5.97 49.84 -43.23
N PHE B 123 6.30 48.89 -44.08
CA PHE B 123 7.33 49.08 -45.09
C PHE B 123 6.66 49.57 -46.37
N ALA B 124 7.42 50.33 -47.16
CA ALA B 124 6.91 50.94 -48.38
C ALA B 124 7.75 50.48 -49.56
N VAL B 125 7.09 49.85 -50.53
CA VAL B 125 7.71 49.31 -51.73
C VAL B 125 7.17 50.07 -52.93
N SER B 126 7.94 50.09 -54.02
CA SER B 126 7.56 50.77 -55.24
C SER B 126 7.10 49.75 -56.27
N LYS B 127 5.83 49.86 -56.70
CA LYS B 127 5.30 48.93 -57.68
C LYS B 127 6.05 48.98 -59.00
N PRO B 128 6.23 50.14 -59.64
CA PRO B 128 6.94 50.16 -60.93
C PRO B 128 8.35 49.62 -60.86
N MET B 129 9.07 49.89 -59.77
CA MET B 129 10.45 49.43 -59.63
C MET B 129 10.57 48.11 -58.87
N GLY B 130 9.60 47.78 -58.03
CA GLY B 130 9.65 46.52 -57.29
C GLY B 130 10.83 46.43 -56.34
N THR B 131 11.11 47.51 -55.61
CA THR B 131 12.19 47.54 -54.64
C THR B 131 11.70 48.21 -53.36
N GLN B 132 12.27 47.80 -52.24
CA GLN B 132 11.91 48.41 -50.96
C GLN B 132 12.38 49.86 -50.92
N THR B 133 11.46 50.76 -50.62
CA THR B 133 11.75 52.20 -50.63
C THR B 133 11.89 52.78 -49.24
N HIS B 134 10.96 52.50 -48.33
CA HIS B 134 10.93 53.15 -47.04
C HIS B 134 10.62 52.16 -45.93
N THR B 135 11.09 52.50 -44.72
CA THR B 135 10.69 51.81 -43.50
C THR B 135 10.20 52.87 -42.52
N MET B 136 8.97 52.72 -42.03
CA MET B 136 8.28 53.75 -41.27
C MET B 136 7.62 53.15 -40.04
N ILE B 137 8.39 52.43 -39.22
CA ILE B 137 7.82 51.75 -38.06
C ILE B 137 7.73 52.69 -36.86
N PHE B 138 8.81 53.40 -36.55
CA PHE B 138 8.84 54.26 -35.37
C PHE B 138 9.59 55.55 -35.69
N ASP B 139 9.29 56.59 -34.92
CA ASP B 139 9.91 57.90 -35.11
C ASP B 139 11.09 58.14 -34.18
N ASN B 140 11.13 57.49 -33.01
CA ASN B 140 12.23 57.70 -32.08
C ASN B 140 12.32 56.48 -31.16
N ALA B 141 13.49 56.30 -30.56
CA ALA B 141 13.72 55.19 -29.66
C ALA B 141 14.79 55.57 -28.65
N PHE B 142 14.58 55.17 -27.40
CA PHE B 142 15.55 55.45 -26.34
C PHE B 142 15.35 54.44 -25.22
N ASN B 143 16.35 54.38 -24.33
CA ASN B 143 16.36 53.44 -23.21
C ASN B 143 16.25 52.00 -23.69
N CYS B 144 17.09 51.66 -24.66
CA CYS B 144 17.06 50.32 -25.26
C CYS B 144 17.73 49.31 -24.34
N THR B 145 17.07 48.17 -24.17
CA THR B 145 17.54 47.14 -23.24
C THR B 145 17.98 45.85 -23.91
N PHE B 146 17.47 45.51 -25.09
CA PHE B 146 17.82 44.27 -25.76
C PHE B 146 17.86 44.49 -27.26
N GLU B 147 18.85 43.90 -27.91
CA GLU B 147 19.02 44.00 -29.36
C GLU B 147 19.57 42.70 -29.91
N TYR B 148 19.08 42.32 -31.08
CA TYR B 148 19.60 41.15 -31.79
C TYR B 148 19.45 41.38 -33.29
N ILE B 149 20.52 41.10 -34.04
CA ILE B 149 20.53 41.23 -35.49
C ILE B 149 21.14 39.97 -36.07
N SER B 150 20.50 39.43 -37.11
CA SER B 150 20.95 38.19 -37.72
C SER B 150 21.90 38.46 -38.87
N ASP B 151 22.41 37.38 -39.47
CA ASP B 151 23.27 37.51 -40.64
C ASP B 151 22.48 38.01 -41.84
N ALA B 152 23.17 38.68 -42.75
CA ALA B 152 22.51 39.27 -43.91
C ALA B 152 22.01 38.19 -44.87
N PHE B 153 20.92 38.50 -45.55
CA PHE B 153 20.39 37.65 -46.61
C PHE B 153 19.71 38.54 -47.64
N SER B 154 19.03 37.92 -48.61
CA SER B 154 18.31 38.64 -49.64
C SER B 154 16.89 38.10 -49.72
N LEU B 155 15.92 39.00 -49.87
CA LEU B 155 14.51 38.66 -49.90
C LEU B 155 13.86 39.27 -51.14
N ASP B 156 13.02 38.49 -51.80
CA ASP B 156 12.31 38.95 -52.98
C ASP B 156 11.11 39.78 -52.53
N VAL B 157 11.14 41.08 -52.83
CA VAL B 157 10.09 42.00 -52.40
C VAL B 157 9.06 42.27 -53.50
N SER B 158 9.35 41.89 -54.73
CA SER B 158 8.48 42.25 -55.85
C SER B 158 7.10 41.62 -55.70
N GLU B 159 6.11 42.27 -56.30
CA GLU B 159 4.74 41.75 -56.30
C GLU B 159 4.65 40.48 -57.14
N LYS B 160 3.70 39.62 -56.77
CA LYS B 160 3.46 38.37 -57.47
C LYS B 160 1.97 38.22 -57.75
N SER B 161 1.65 37.45 -58.79
CA SER B 161 0.28 37.22 -59.21
C SER B 161 -0.03 35.73 -59.15
N GLY B 162 -1.28 35.41 -58.78
CA GLY B 162 -1.71 34.03 -58.73
C GLY B 162 -2.42 33.68 -57.44
N ASN B 163 -2.24 32.45 -56.98
CA ASN B 163 -2.82 31.96 -55.73
C ASN B 163 -1.79 32.02 -54.61
N PHE B 164 -2.28 32.08 -53.38
CA PHE B 164 -1.39 32.05 -52.22
C PHE B 164 -0.56 30.78 -52.25
N LYS B 165 0.74 30.93 -52.04
CA LYS B 165 1.68 29.81 -52.14
C LYS B 165 2.31 29.43 -50.82
N HIS B 166 2.45 30.36 -49.87
CA HIS B 166 3.17 30.12 -48.64
C HIS B 166 2.26 30.30 -47.43
N LEU B 167 2.35 29.36 -46.49
CA LEU B 167 1.71 29.48 -45.19
C LEU B 167 2.80 29.45 -44.12
N ARG B 168 2.87 30.50 -43.31
CA ARG B 168 3.85 30.59 -42.25
C ARG B 168 3.15 30.73 -40.91
N GLU B 169 3.49 29.85 -39.97
CA GLU B 169 2.78 29.74 -38.70
C GLU B 169 3.74 30.01 -37.56
N PHE B 170 3.25 30.72 -36.55
CA PHE B 170 4.04 31.06 -35.37
C PHE B 170 3.20 30.85 -34.13
N VAL B 171 3.87 30.51 -33.04
CA VAL B 171 3.26 30.45 -31.72
C VAL B 171 4.07 31.30 -30.77
N PHE B 172 3.38 32.20 -30.06
CA PHE B 172 4.02 33.15 -29.16
C PHE B 172 3.51 32.93 -27.73
N LYS B 173 4.45 32.79 -26.80
CA LYS B 173 4.15 32.66 -25.38
C LYS B 173 5.00 33.63 -24.57
N ASN B 174 4.53 33.96 -23.37
CA ASN B 174 5.25 34.85 -22.46
C ASN B 174 5.21 34.28 -21.07
N LYS B 175 6.38 33.93 -20.52
CA LYS B 175 6.43 33.29 -19.21
C LYS B 175 7.76 33.59 -18.53
N ASP B 176 7.68 34.02 -17.27
CA ASP B 176 8.86 34.25 -16.44
C ASP B 176 9.87 35.15 -17.13
N GLY B 177 9.37 36.22 -17.75
CA GLY B 177 10.24 37.18 -18.40
C GLY B 177 10.81 36.74 -19.72
N PHE B 178 10.39 35.59 -20.24
CA PHE B 178 10.86 35.08 -21.52
C PHE B 178 9.73 35.12 -22.53
N LEU B 179 10.06 35.51 -23.76
CA LEU B 179 9.13 35.44 -24.89
C LEU B 179 9.53 34.25 -25.75
N TYR B 180 8.68 33.22 -25.77
CA TYR B 180 8.92 32.02 -26.56
C TYR B 180 8.30 32.19 -27.94
N VAL B 181 9.08 31.85 -28.97
CA VAL B 181 8.66 31.93 -30.36
C VAL B 181 8.95 30.59 -31.02
N TYR B 182 7.88 29.93 -31.51
CA TYR B 182 7.97 28.72 -32.31
C TYR B 182 7.49 29.00 -33.73
N LYS B 183 8.11 28.35 -34.71
CA LYS B 183 7.89 28.64 -36.12
C LYS B 183 7.66 27.38 -36.93
N GLY B 184 6.89 27.52 -38.01
CA GLY B 184 6.67 26.44 -38.96
C GLY B 184 6.27 26.97 -40.31
N TYR B 185 6.47 26.16 -41.35
CA TYR B 185 6.24 26.58 -42.72
C TYR B 185 5.53 25.47 -43.49
N GLN B 186 4.75 25.86 -44.50
CA GLN B 186 4.07 24.90 -45.35
C GLN B 186 3.74 25.45 -46.74
N PRO B 187 4.10 24.74 -47.82
CA PRO B 187 3.59 25.12 -49.14
C PRO B 187 2.10 24.86 -49.26
N ILE B 188 1.43 25.71 -50.04
CA ILE B 188 -0.01 25.62 -50.26
C ILE B 188 -0.32 26.15 -51.65
N ASP B 189 -1.55 25.88 -52.11
CA ASP B 189 -2.06 26.42 -53.37
C ASP B 189 -3.51 26.83 -53.22
N VAL B 190 -3.85 27.48 -52.10
CA VAL B 190 -5.23 27.84 -51.80
C VAL B 190 -5.58 29.16 -52.45
N VAL B 191 -6.86 29.49 -52.50
CA VAL B 191 -7.32 30.75 -53.08
C VAL B 191 -7.57 31.75 -51.96
N ARG B 192 -8.56 31.49 -51.11
CA ARG B 192 -8.84 32.38 -49.99
C ARG B 192 -9.46 31.55 -48.86
N ASP B 193 -8.62 31.12 -47.91
CA ASP B 193 -9.07 30.48 -46.67
C ASP B 193 -7.83 30.14 -45.86
N LEU B 194 -8.06 29.60 -44.66
CA LEU B 194 -6.98 29.03 -43.86
C LEU B 194 -6.96 27.53 -44.09
N PRO B 195 -5.93 26.98 -44.74
CA PRO B 195 -5.95 25.55 -45.07
C PRO B 195 -6.04 24.67 -43.83
N SER B 196 -6.73 23.55 -43.99
CA SER B 196 -6.87 22.55 -42.94
C SER B 196 -5.74 21.53 -43.03
N GLY B 197 -5.23 21.11 -41.87
CA GLY B 197 -4.15 20.14 -41.86
C GLY B 197 -3.48 20.07 -40.50
N PHE B 198 -2.29 19.49 -40.50
CA PHE B 198 -1.52 19.26 -39.28
C PHE B 198 -0.05 19.50 -39.59
N ASN B 199 0.63 20.24 -38.72
CA ASN B 199 2.05 20.53 -38.92
C ASN B 199 2.64 21.04 -37.61
N THR B 200 3.72 20.41 -37.15
CA THR B 200 4.33 20.73 -35.88
C THR B 200 5.33 21.87 -36.03
N LEU B 201 5.39 22.71 -35.01
CA LEU B 201 6.27 23.87 -34.99
C LEU B 201 7.48 23.61 -34.10
N LYS B 202 8.61 24.26 -34.44
CA LYS B 202 9.85 24.08 -33.71
C LYS B 202 10.23 25.34 -32.95
N PRO B 203 10.98 25.23 -31.86
CA PRO B 203 11.36 26.44 -31.10
C PRO B 203 12.49 27.18 -31.80
N ILE B 204 12.33 28.48 -31.96
CA ILE B 204 13.37 29.28 -32.62
C ILE B 204 13.88 30.39 -31.71
N PHE B 205 13.06 30.89 -30.79
CA PHE B 205 13.55 31.96 -29.92
C PHE B 205 13.03 31.83 -28.50
N LYS B 206 13.90 32.16 -27.54
CA LYS B 206 13.54 32.34 -26.13
C LYS B 206 14.15 33.67 -25.70
N LEU B 207 13.43 34.76 -25.94
CA LEU B 207 13.99 36.10 -25.78
C LEU B 207 13.88 36.55 -24.32
N PRO B 208 14.98 36.95 -23.66
CA PRO B 208 14.91 37.45 -22.27
C PRO B 208 14.60 38.95 -22.16
N LEU B 209 13.33 39.30 -22.38
CA LEU B 209 12.94 40.70 -22.46
C LEU B 209 12.50 41.26 -21.12
N GLY B 210 11.73 40.50 -20.34
CA GLY B 210 11.25 40.98 -19.06
C GLY B 210 10.30 42.16 -19.15
N ILE B 211 9.46 42.20 -20.18
CA ILE B 211 8.49 43.28 -20.36
C ILE B 211 7.09 42.71 -20.24
N LYS B 212 6.15 43.60 -19.95
CA LYS B 212 4.74 43.25 -19.89
C LYS B 212 4.17 43.27 -21.31
N ILE B 213 3.47 42.20 -21.69
CA ILE B 213 2.88 42.08 -23.02
C ILE B 213 1.39 41.82 -22.86
N THR B 214 0.58 42.76 -23.33
CA THR B 214 -0.87 42.59 -23.38
C THR B 214 -1.47 42.89 -24.73
N ASN B 215 -0.76 43.57 -25.62
CA ASN B 215 -1.27 43.93 -26.93
C ASN B 215 -0.17 43.73 -27.96
N PHE B 216 -0.59 43.55 -29.22
CA PHE B 216 0.36 43.39 -30.31
C PHE B 216 -0.26 43.90 -31.60
N ARG B 217 0.61 44.21 -32.56
CA ARG B 217 0.19 44.69 -33.86
C ARG B 217 1.10 44.11 -34.93
N ALA B 218 0.57 43.96 -36.13
CA ALA B 218 1.31 43.41 -37.25
C ALA B 218 1.92 44.52 -38.09
N ILE B 219 3.05 44.22 -38.72
CA ILE B 219 3.76 45.15 -39.59
C ILE B 219 3.61 44.64 -41.02
N LEU B 220 3.06 45.47 -41.89
CA LEU B 220 2.72 45.08 -43.24
C LEU B 220 3.56 45.86 -44.25
N THR B 221 3.28 45.62 -45.53
CA THR B 221 3.96 46.27 -46.64
C THR B 221 2.93 46.93 -47.54
N ALA B 222 3.19 48.17 -47.92
CA ALA B 222 2.33 48.93 -48.82
C ALA B 222 3.05 49.14 -50.14
N PHE B 223 2.40 48.77 -51.23
CA PHE B 223 2.98 48.85 -52.58
C PHE B 223 2.49 50.14 -53.22
N LEU B 224 3.25 51.21 -53.01
CA LEU B 224 2.87 52.53 -53.53
C LEU B 224 3.06 52.57 -55.05
N PRO B 225 2.04 52.93 -55.82
CA PRO B 225 2.28 53.17 -57.26
C PRO B 225 3.05 54.44 -57.53
N ALA B 226 2.99 55.41 -56.62
CA ALA B 226 3.73 56.65 -56.74
C ALA B 226 3.56 57.43 -55.45
N GLN B 227 4.24 58.57 -55.36
CA GLN B 227 4.14 59.41 -54.17
C GLN B 227 2.70 59.87 -53.97
N ASP B 228 2.28 59.92 -52.71
CA ASP B 228 0.95 60.31 -52.27
C ASP B 228 -0.09 59.22 -52.53
N THR B 229 0.29 58.11 -53.16
CA THR B 229 -0.61 57.01 -53.44
C THR B 229 -0.07 55.74 -52.82
N TRP B 230 -0.96 54.94 -52.23
CA TRP B 230 -0.58 53.73 -51.52
C TRP B 230 -1.36 52.54 -52.07
N GLY B 231 -0.66 51.42 -52.24
CA GLY B 231 -1.27 50.18 -52.67
C GLY B 231 -1.09 49.09 -51.65
N THR B 232 -1.99 48.10 -51.66
CA THR B 232 -2.05 47.10 -50.60
C THR B 232 -1.52 45.73 -51.01
N SER B 233 -1.70 45.32 -52.25
CA SER B 233 -1.44 43.94 -52.66
C SER B 233 -2.37 43.00 -51.91
N ALA B 234 -2.17 41.69 -52.04
CA ALA B 234 -3.07 40.70 -51.49
C ALA B 234 -2.35 39.84 -50.47
N ALA B 235 -2.92 39.72 -49.27
CA ALA B 235 -2.37 38.80 -48.27
C ALA B 235 -3.40 38.63 -47.16
N ALA B 236 -3.21 37.58 -46.35
CA ALA B 236 -4.12 37.36 -45.23
C ALA B 236 -3.35 36.81 -44.04
N TYR B 237 -3.88 37.08 -42.84
CA TYR B 237 -3.34 36.48 -41.64
C TYR B 237 -4.45 36.23 -40.63
N PHE B 238 -4.27 35.19 -39.81
CA PHE B 238 -5.28 34.70 -38.90
C PHE B 238 -4.69 34.53 -37.51
N VAL B 239 -5.55 34.71 -36.50
CA VAL B 239 -5.13 34.74 -35.11
C VAL B 239 -6.05 33.85 -34.28
N GLY B 240 -5.45 33.06 -33.39
CA GLY B 240 -6.20 32.29 -32.42
C GLY B 240 -5.50 32.33 -31.07
N TYR B 241 -6.25 32.00 -30.02
CA TYR B 241 -5.79 32.13 -28.65
C TYR B 241 -5.52 30.76 -28.02
N LEU B 242 -4.41 30.67 -27.31
CA LEU B 242 -4.05 29.44 -26.61
C LEU B 242 -4.75 29.34 -25.27
N LYS B 243 -4.96 28.11 -24.82
CA LYS B 243 -5.57 27.82 -23.53
C LYS B 243 -4.82 26.67 -22.89
N PRO B 244 -4.84 26.58 -21.56
CA PRO B 244 -4.18 25.45 -20.88
C PRO B 244 -5.00 24.17 -21.03
N THR B 245 -4.43 23.18 -21.70
CA THR B 245 -5.12 21.94 -21.99
C THR B 245 -4.13 20.79 -22.00
N LYS B 246 -4.68 19.58 -21.98
CA LYS B 246 -3.90 18.36 -22.02
C LYS B 246 -3.93 17.76 -23.41
N PHE B 247 -2.76 17.33 -23.89
CA PHE B 247 -2.61 16.76 -25.22
C PHE B 247 -1.88 15.43 -25.11
N MET B 248 -2.11 14.57 -26.09
CA MET B 248 -1.38 13.31 -26.23
C MET B 248 -0.74 13.30 -27.61
N LEU B 249 0.59 13.38 -27.65
CA LEU B 249 1.35 13.51 -28.88
C LEU B 249 1.97 12.18 -29.27
N LYS B 250 2.12 11.96 -30.57
CA LYS B 250 2.63 10.71 -31.12
C LYS B 250 3.98 10.96 -31.78
N TYR B 251 5.01 10.27 -31.31
CA TYR B 251 6.35 10.32 -31.89
C TYR B 251 6.56 9.08 -32.75
N ASP B 252 6.94 9.29 -34.01
CA ASP B 252 7.13 8.18 -34.94
C ASP B 252 8.53 7.57 -34.75
N GLU B 253 8.94 6.74 -35.70
CA GLU B 253 10.23 6.05 -35.58
C GLU B 253 11.40 7.01 -35.70
N ASN B 254 11.25 8.07 -36.50
CA ASN B 254 12.33 9.03 -36.67
C ASN B 254 12.38 10.08 -35.57
N GLY B 255 11.40 10.10 -34.68
CA GLY B 255 11.38 11.07 -33.60
C GLY B 255 10.57 12.32 -33.86
N THR B 256 9.84 12.38 -34.96
CA THR B 256 9.03 13.55 -35.30
C THR B 256 7.60 13.34 -34.84
N ILE B 257 6.98 14.42 -34.39
CA ILE B 257 5.58 14.39 -33.98
C ILE B 257 4.71 14.45 -35.23
N THR B 258 3.87 13.43 -35.41
CA THR B 258 3.05 13.30 -36.61
C THR B 258 1.55 13.36 -36.35
N ASP B 259 1.11 13.20 -35.10
CA ASP B 259 -0.31 13.27 -34.79
C ASP B 259 -0.48 13.58 -33.31
N ALA B 260 -1.67 14.05 -32.96
CA ALA B 260 -1.96 14.40 -31.58
C ALA B 260 -3.45 14.24 -31.32
N VAL B 261 -3.79 14.10 -30.05
CA VAL B 261 -5.16 14.03 -29.57
C VAL B 261 -5.35 15.11 -28.52
N ASP B 262 -6.38 15.94 -28.71
CA ASP B 262 -6.76 16.97 -27.75
C ASP B 262 -7.80 16.37 -26.80
N CYS B 263 -7.41 16.18 -25.54
CA CYS B 263 -8.23 15.41 -24.61
C CYS B 263 -9.55 16.09 -24.28
N SER B 264 -9.70 17.38 -24.60
CA SER B 264 -10.89 18.14 -24.23
C SER B 264 -11.86 18.34 -25.39
N GLN B 265 -11.59 17.75 -26.55
CA GLN B 265 -12.43 18.00 -27.71
C GLN B 265 -13.84 17.43 -27.51
N ASN B 266 -13.93 16.18 -27.07
CA ASN B 266 -15.22 15.51 -26.91
C ASN B 266 -15.02 14.20 -26.15
N PRO B 267 -16.09 13.52 -25.76
CA PRO B 267 -15.91 12.30 -24.93
C PRO B 267 -15.03 11.25 -25.57
N LEU B 268 -15.07 11.08 -26.90
CA LEU B 268 -14.21 10.09 -27.53
C LEU B 268 -12.73 10.42 -27.31
N ALA B 269 -12.36 11.70 -27.44
CA ALA B 269 -10.99 12.10 -27.18
C ALA B 269 -10.62 11.88 -25.72
N GLU B 270 -11.56 12.14 -24.81
CA GLU B 270 -11.29 11.90 -23.40
C GLU B 270 -11.00 10.42 -23.15
N LEU B 271 -11.79 9.54 -23.76
CA LEU B 271 -11.54 8.11 -23.63
C LEU B 271 -10.18 7.73 -24.21
N LYS B 272 -9.85 8.27 -25.39
CA LYS B 272 -8.57 7.96 -26.01
C LYS B 272 -7.41 8.36 -25.09
N CYS B 273 -7.51 9.54 -24.47
CA CYS B 273 -6.46 9.97 -23.56
C CYS B 273 -6.42 9.09 -22.32
N SER B 274 -7.59 8.72 -21.78
CA SER B 274 -7.61 7.92 -20.56
C SER B 274 -6.99 6.55 -20.77
N VAL B 275 -7.27 5.91 -21.92
CA VAL B 275 -6.67 4.61 -22.19
C VAL B 275 -5.32 4.71 -22.88
N LYS B 276 -4.91 5.91 -23.30
CA LYS B 276 -3.61 6.13 -23.92
C LYS B 276 -3.47 5.29 -25.19
N SER B 277 -4.42 5.47 -26.11
CA SER B 277 -4.38 4.78 -27.38
C SER B 277 -5.12 5.62 -28.42
N PHE B 278 -4.70 5.47 -29.67
CA PHE B 278 -5.37 6.13 -30.79
C PHE B 278 -6.50 5.30 -31.38
N GLU B 279 -6.66 4.04 -30.95
CA GLU B 279 -7.67 3.15 -31.47
C GLU B 279 -8.49 2.58 -30.32
N ILE B 280 -9.79 2.45 -30.53
CA ILE B 280 -10.71 1.93 -29.52
C ILE B 280 -11.52 0.81 -30.14
N ASP B 281 -11.68 -0.28 -29.38
CA ASP B 281 -12.49 -1.39 -29.83
C ASP B 281 -13.97 -1.14 -29.54
N LYS B 282 -14.82 -1.85 -30.28
CA LYS B 282 -16.25 -1.73 -30.09
C LYS B 282 -16.63 -2.06 -28.65
N GLY B 283 -17.51 -1.25 -28.07
CA GLY B 283 -18.00 -1.50 -26.74
C GLY B 283 -18.44 -0.22 -26.06
N ILE B 284 -18.67 -0.34 -24.75
CA ILE B 284 -19.10 0.78 -23.91
C ILE B 284 -18.07 0.95 -22.80
N TYR B 285 -17.73 2.20 -22.49
CA TYR B 285 -16.68 2.52 -21.54
C TYR B 285 -17.14 3.62 -20.60
N GLN B 286 -16.65 3.56 -19.36
CA GLN B 286 -16.90 4.61 -18.38
C GLN B 286 -15.91 5.75 -18.58
N THR B 287 -16.41 6.97 -18.51
CA THR B 287 -15.59 8.18 -18.57
C THR B 287 -15.72 8.93 -17.25
N SER B 288 -15.07 10.09 -17.18
CA SER B 288 -15.14 10.91 -15.99
C SER B 288 -16.55 11.45 -15.78
N ASN B 289 -16.87 11.73 -14.52
CA ASN B 289 -18.18 12.29 -14.19
C ASN B 289 -18.40 13.62 -14.92
N PHE B 290 -19.64 14.04 -14.97
CA PHE B 290 -19.99 15.28 -15.65
C PHE B 290 -19.30 16.47 -14.98
N ARG B 291 -18.66 17.31 -15.79
CA ARG B 291 -17.82 18.39 -15.29
C ARG B 291 -18.44 19.74 -15.63
N VAL B 292 -18.45 20.64 -14.65
CA VAL B 292 -18.96 22.00 -14.80
C VAL B 292 -17.87 22.97 -14.36
N VAL B 293 -17.66 24.02 -15.14
CA VAL B 293 -16.64 25.02 -14.83
C VAL B 293 -17.31 26.27 -14.26
N PRO B 294 -16.67 26.99 -13.34
CA PRO B 294 -17.31 28.16 -12.75
C PRO B 294 -17.46 29.29 -13.74
N SER B 295 -18.46 30.13 -13.51
CA SER B 295 -18.76 31.26 -14.37
C SER B 295 -19.07 32.50 -13.54
N GLY B 296 -18.29 32.73 -12.50
CA GLY B 296 -18.48 33.91 -11.67
C GLY B 296 -17.45 33.94 -10.56
N ASP B 297 -17.42 35.07 -9.87
CA ASP B 297 -16.53 35.27 -8.74
C ASP B 297 -17.29 35.96 -7.62
N VAL B 298 -17.13 35.47 -6.40
CA VAL B 298 -17.78 36.03 -5.23
C VAL B 298 -16.75 36.21 -4.14
N VAL B 299 -16.60 37.44 -3.66
CA VAL B 299 -15.70 37.76 -2.55
C VAL B 299 -16.54 38.46 -1.49
N ARG B 300 -16.54 37.91 -0.27
CA ARG B 300 -17.31 38.47 0.82
C ARG B 300 -16.40 38.63 2.03
N PHE B 301 -16.16 39.87 2.43
CA PHE B 301 -15.40 40.24 3.60
C PHE B 301 -16.29 41.09 4.51
N PRO B 302 -15.94 41.23 5.79
CA PRO B 302 -16.75 42.06 6.69
C PRO B 302 -16.65 43.53 6.31
N ASN B 303 -17.54 44.32 6.89
CA ASN B 303 -17.49 45.78 6.74
C ASN B 303 -16.37 46.33 7.60
N ILE B 304 -15.31 46.83 6.97
CA ILE B 304 -14.17 47.41 7.67
C ILE B 304 -13.79 48.69 6.97
N THR B 305 -13.55 49.75 7.74
CA THR B 305 -13.20 51.05 7.20
C THR B 305 -11.87 51.59 7.72
N ASN B 306 -11.59 51.42 9.01
CA ASN B 306 -10.37 51.98 9.59
C ASN B 306 -9.15 51.16 9.20
N LEU B 307 -8.02 51.83 9.08
CA LEU B 307 -6.73 51.19 8.89
C LEU B 307 -6.18 50.74 10.23
N CYS B 308 -5.44 49.63 10.21
CA CYS B 308 -4.91 49.09 11.46
C CYS B 308 -3.90 50.08 12.06
N PRO B 309 -3.78 50.09 13.39
CA PRO B 309 -2.94 51.11 14.04
C PRO B 309 -1.45 50.84 13.86
N PHE B 310 -0.97 50.92 12.62
CA PHE B 310 0.44 50.68 12.36
C PHE B 310 1.32 51.70 13.08
N GLY B 311 0.90 52.97 13.06
CA GLY B 311 1.70 54.00 13.69
C GLY B 311 1.78 53.84 15.20
N GLU B 312 0.66 53.51 15.83
CA GLU B 312 0.64 53.41 17.29
C GLU B 312 1.46 52.21 17.79
N VAL B 313 1.63 51.19 16.96
CA VAL B 313 2.35 49.99 17.38
C VAL B 313 3.82 50.06 17.01
N PHE B 314 4.12 50.38 15.74
CA PHE B 314 5.49 50.38 15.27
C PHE B 314 6.21 51.69 15.47
N ASN B 315 5.51 52.75 15.90
CA ASN B 315 6.12 54.06 16.09
C ASN B 315 5.85 54.62 17.49
N ALA B 316 5.53 53.76 18.45
CA ALA B 316 5.28 54.22 19.80
C ALA B 316 6.53 54.83 20.41
N THR B 317 6.34 55.83 21.26
CA THR B 317 7.48 56.53 21.85
C THR B 317 8.27 55.62 22.78
N LYS B 318 7.59 54.82 23.61
CA LYS B 318 8.23 54.02 24.64
C LYS B 318 7.95 52.55 24.40
N PHE B 319 8.95 51.72 24.69
CA PHE B 319 8.85 50.27 24.61
C PHE B 319 9.21 49.66 25.97
N PRO B 320 8.65 48.52 26.31
CA PRO B 320 8.95 47.89 27.60
C PRO B 320 10.19 47.00 27.56
N SER B 321 10.63 46.58 28.74
CA SER B 321 11.69 45.60 28.84
C SER B 321 11.18 44.21 28.49
N VAL B 322 12.11 43.35 28.06
CA VAL B 322 11.72 42.03 27.60
C VAL B 322 11.07 41.22 28.73
N TYR B 323 11.62 41.33 29.94
CA TYR B 323 11.04 40.57 31.05
C TYR B 323 9.63 41.04 31.39
N ALA B 324 9.24 42.23 30.94
CA ALA B 324 7.90 42.76 31.14
C ALA B 324 7.24 43.10 29.81
N TRP B 325 7.40 42.20 28.83
CA TRP B 325 6.86 42.43 27.49
C TRP B 325 5.37 42.75 27.55
N GLU B 326 4.89 43.52 26.58
CA GLU B 326 3.52 44.01 26.65
C GLU B 326 2.69 43.52 25.46
N ARG B 327 1.45 43.15 25.75
CA ARG B 327 0.53 42.56 24.77
C ARG B 327 -0.62 43.51 24.49
N LYS B 328 -1.01 43.61 23.21
CA LYS B 328 -2.07 44.50 22.78
C LYS B 328 -2.97 43.76 21.79
N ARG B 329 -4.26 44.05 21.85
CA ARG B 329 -5.26 43.41 21.00
C ARG B 329 -5.54 44.25 19.77
N ILE B 330 -5.69 43.60 18.62
CA ILE B 330 -5.96 44.27 17.35
C ILE B 330 -7.28 43.74 16.80
N SER B 331 -8.17 44.66 16.41
CA SER B 331 -9.46 44.24 15.85
C SER B 331 -10.06 45.38 15.05
N ASN B 332 -10.95 45.00 14.12
CA ASN B 332 -11.78 45.93 13.36
C ASN B 332 -10.91 46.93 12.56
N CYS B 333 -10.06 46.40 11.70
CA CYS B 333 -9.17 47.24 10.92
C CYS B 333 -8.71 46.48 9.69
N VAL B 334 -8.14 47.22 8.74
CA VAL B 334 -7.65 46.68 7.48
C VAL B 334 -6.14 46.58 7.57
N ALA B 335 -5.60 45.38 7.36
CA ALA B 335 -4.16 45.14 7.44
C ALA B 335 -3.51 45.37 6.08
N ASP B 336 -3.41 46.64 5.72
CA ASP B 336 -2.77 47.06 4.47
C ASP B 336 -1.38 47.58 4.82
N TYR B 337 -0.42 46.66 4.90
CA TYR B 337 0.90 46.99 5.43
C TYR B 337 1.80 47.72 4.42
N SER B 338 1.39 47.84 3.17
CA SER B 338 2.21 48.55 2.20
C SER B 338 2.40 50.01 2.57
N VAL B 339 1.55 50.56 3.44
CA VAL B 339 1.73 51.93 3.89
C VAL B 339 3.03 52.09 4.65
N LEU B 340 3.60 51.00 5.17
CA LEU B 340 4.88 51.06 5.85
C LEU B 340 6.05 51.18 4.90
N TYR B 341 5.83 51.02 3.59
CA TYR B 341 6.95 51.05 2.64
C TYR B 341 7.60 52.42 2.55
N ASN B 342 6.91 53.48 2.96
CA ASN B 342 7.44 54.83 2.81
C ASN B 342 8.25 55.30 4.02
N SER B 343 8.12 54.63 5.17
CA SER B 343 8.69 55.14 6.41
C SER B 343 9.47 54.14 7.24
N THR B 344 9.27 52.83 7.08
CA THR B 344 9.83 51.84 7.98
C THR B 344 10.68 50.84 7.23
N SER B 345 11.65 50.26 7.94
CA SER B 345 12.53 49.24 7.39
C SER B 345 12.82 48.21 8.47
N PHE B 346 12.67 46.93 8.12
CA PHE B 346 12.79 45.84 9.08
C PHE B 346 14.00 44.98 8.74
N SER B 347 14.82 44.71 9.76
CA SER B 347 15.97 43.84 9.56
C SER B 347 15.60 42.37 9.72
N THR B 348 14.55 42.06 10.46
CA THR B 348 14.07 40.69 10.58
C THR B 348 12.57 40.66 10.35
N PHE B 349 12.12 39.74 9.49
CA PHE B 349 10.70 39.52 9.25
C PHE B 349 10.52 38.05 8.86
N LYS B 350 9.87 37.27 9.72
CA LYS B 350 9.67 35.85 9.43
C LYS B 350 8.30 35.39 9.90
N CYS B 351 7.62 34.60 9.07
CA CYS B 351 6.27 34.14 9.35
C CYS B 351 6.21 32.63 9.45
N TYR B 352 5.32 32.14 10.30
CA TYR B 352 5.15 30.73 10.61
C TYR B 352 3.67 30.37 10.50
N GLY B 353 3.40 29.27 9.81
CA GLY B 353 2.03 28.81 9.61
C GLY B 353 1.30 29.43 8.45
N VAL B 354 1.96 30.30 7.68
CA VAL B 354 1.33 30.96 6.55
C VAL B 354 2.45 31.52 5.68
N SER B 355 2.19 31.61 4.38
CA SER B 355 3.17 32.13 3.44
C SER B 355 3.05 33.64 3.34
N ALA B 356 4.19 34.32 3.27
CA ALA B 356 4.19 35.78 3.26
C ALA B 356 3.44 36.33 2.07
N THR B 357 3.38 35.59 0.96
CA THR B 357 2.71 36.06 -0.24
C THR B 357 1.20 35.94 -0.19
N LYS B 358 0.65 35.22 0.79
CA LYS B 358 -0.80 35.08 0.92
C LYS B 358 -1.43 36.10 1.87
N LEU B 359 -0.62 36.88 2.58
CA LEU B 359 -1.14 37.71 3.66
C LEU B 359 -2.22 38.66 3.17
N ASN B 360 -2.06 39.20 1.96
CA ASN B 360 -3.00 40.18 1.46
C ASN B 360 -4.39 39.60 1.19
N ASP B 361 -4.51 38.28 1.13
CA ASP B 361 -5.77 37.65 0.72
C ASP B 361 -6.58 37.09 1.88
N LEU B 362 -6.14 37.25 3.12
CA LEU B 362 -6.70 36.54 4.25
C LEU B 362 -7.37 37.49 5.23
N CYS B 363 -8.17 36.90 6.12
CA CYS B 363 -8.65 37.55 7.33
C CYS B 363 -8.16 36.78 8.54
N PHE B 364 -7.94 37.49 9.65
CA PHE B 364 -7.25 36.95 10.81
C PHE B 364 -8.15 37.02 12.04
N SER B 365 -8.15 35.95 12.82
CA SER B 365 -9.20 35.74 13.81
C SER B 365 -8.93 36.49 15.12
N ASN B 366 -7.86 36.15 15.82
CA ASN B 366 -7.62 36.62 17.19
C ASN B 366 -6.22 37.22 17.24
N VAL B 367 -6.11 38.51 16.90
CA VAL B 367 -4.84 39.14 16.59
C VAL B 367 -4.29 39.85 17.82
N TYR B 368 -3.09 39.47 18.23
CA TYR B 368 -2.37 40.10 19.32
C TYR B 368 -0.98 40.52 18.86
N ALA B 369 -0.51 41.64 19.38
CA ALA B 369 0.84 42.13 19.12
C ALA B 369 1.59 42.25 20.44
N ASP B 370 2.74 41.60 20.53
CA ASP B 370 3.61 41.66 21.69
C ASP B 370 4.83 42.51 21.35
N SER B 371 5.15 43.45 22.22
CA SER B 371 6.24 44.39 21.98
C SER B 371 7.25 44.32 23.11
N PHE B 372 8.54 44.38 22.75
CA PHE B 372 9.62 44.49 23.73
C PHE B 372 10.91 44.90 23.02
N VAL B 373 11.99 44.98 23.81
CA VAL B 373 13.31 45.41 23.34
C VAL B 373 14.34 44.39 23.80
N VAL B 374 15.27 44.03 22.92
CA VAL B 374 16.35 43.09 23.25
C VAL B 374 17.66 43.60 22.64
N LYS B 375 18.71 42.81 22.85
CA LYS B 375 20.03 43.05 22.30
C LYS B 375 20.15 42.47 20.90
N GLY B 376 21.12 42.99 20.14
CA GLY B 376 21.28 42.52 18.77
C GLY B 376 21.52 41.03 18.68
N ASP B 377 22.36 40.49 19.56
CA ASP B 377 22.66 39.07 19.52
C ASP B 377 21.50 38.20 19.96
N ASP B 378 20.49 38.78 20.62
CA ASP B 378 19.38 38.00 21.16
C ASP B 378 18.20 37.88 20.20
N VAL B 379 18.21 38.60 19.08
CA VAL B 379 17.06 38.57 18.19
C VAL B 379 16.84 37.15 17.67
N ARG B 380 17.92 36.41 17.42
CA ARG B 380 17.79 35.04 16.94
C ARG B 380 17.04 34.15 17.92
N GLN B 381 16.98 34.50 19.20
CA GLN B 381 16.34 33.65 20.18
C GLN B 381 14.82 33.73 20.14
N ILE B 382 14.25 34.69 19.42
CA ILE B 382 12.78 34.83 19.36
C ILE B 382 12.34 34.00 18.15
N ALA B 383 12.21 32.70 18.40
CA ALA B 383 11.76 31.75 17.38
C ALA B 383 11.38 30.45 18.07
N PRO B 384 10.52 29.63 17.47
CA PRO B 384 10.16 28.35 18.11
C PRO B 384 11.36 27.44 18.28
N GLY B 385 11.40 26.73 19.39
CA GLY B 385 12.44 25.76 19.64
C GLY B 385 13.83 26.32 19.83
N GLN B 386 13.96 27.44 20.54
CA GLN B 386 15.24 28.03 20.85
C GLN B 386 15.56 27.90 22.33
N THR B 387 16.85 27.96 22.65
CA THR B 387 17.33 28.00 24.02
C THR B 387 18.20 29.23 24.20
N GLY B 388 18.45 29.58 25.46
CA GLY B 388 19.17 30.78 25.82
C GLY B 388 18.47 31.52 26.93
N VAL B 389 19.12 32.59 27.39
CA VAL B 389 18.61 33.31 28.55
C VAL B 389 17.23 33.90 28.25
N ILE B 390 17.09 34.53 27.08
CA ILE B 390 15.80 35.15 26.75
C ILE B 390 14.73 34.08 26.55
N ALA B 391 15.04 33.06 25.74
CA ALA B 391 14.05 32.02 25.47
C ALA B 391 13.70 31.24 26.73
N ASP B 392 14.65 31.10 27.66
CA ASP B 392 14.40 30.29 28.85
C ASP B 392 13.64 31.07 29.92
N TYR B 393 14.02 32.32 30.18
CA TYR B 393 13.53 33.02 31.35
C TYR B 393 12.71 34.27 31.07
N ASN B 394 12.61 34.72 29.82
CA ASN B 394 11.96 36.01 29.54
C ASN B 394 10.78 35.90 28.60
N TYR B 395 10.92 35.22 27.47
CA TYR B 395 9.85 35.19 26.46
C TYR B 395 10.02 33.96 25.59
N LYS B 396 9.03 33.08 25.60
CA LYS B 396 9.07 31.83 24.84
C LYS B 396 7.91 31.75 23.86
N LEU B 397 8.18 31.18 22.68
CA LEU B 397 7.16 30.93 21.67
C LEU B 397 6.75 29.47 21.67
N PRO B 398 5.49 29.16 21.36
CA PRO B 398 5.06 27.76 21.34
C PRO B 398 5.63 27.00 20.16
N ASP B 399 5.65 25.67 20.30
CA ASP B 399 6.18 24.83 19.24
C ASP B 399 5.36 24.96 17.96
N ASP B 400 4.04 24.96 18.09
CA ASP B 400 3.15 25.14 16.94
C ASP B 400 2.73 26.60 16.78
N PHE B 401 3.72 27.48 16.71
CA PHE B 401 3.44 28.91 16.60
C PHE B 401 2.86 29.25 15.24
N MET B 402 1.89 30.16 15.23
CA MET B 402 1.33 30.71 14.00
C MET B 402 1.33 32.22 14.12
N GLY B 403 2.09 32.88 13.27
CA GLY B 403 2.21 34.32 13.31
C GLY B 403 3.55 34.76 12.77
N CYS B 404 3.87 36.03 12.98
CA CYS B 404 5.06 36.62 12.38
C CYS B 404 5.88 37.37 13.42
N VAL B 405 7.18 37.45 13.17
CA VAL B 405 8.14 38.10 14.05
C VAL B 405 8.85 39.19 13.25
N LEU B 406 8.88 40.41 13.80
CA LEU B 406 9.50 41.56 13.16
C LEU B 406 10.46 42.21 14.14
N ALA B 407 11.62 42.64 13.63
CA ALA B 407 12.60 43.29 14.49
C ALA B 407 13.39 44.32 13.69
N TRP B 408 13.70 45.45 14.33
CA TRP B 408 14.50 46.47 13.68
C TRP B 408 15.39 47.20 14.67
N ASN B 409 16.50 47.73 14.15
CA ASN B 409 17.52 48.38 14.95
C ASN B 409 17.11 49.79 15.35
N THR B 410 17.40 50.16 16.59
CA THR B 410 16.97 51.44 17.14
C THR B 410 18.11 52.08 17.95
N ARG B 411 19.33 52.05 17.39
CA ARG B 411 20.46 52.64 18.09
C ARG B 411 20.27 54.13 18.29
N ASN B 412 19.64 54.80 17.33
CA ASN B 412 19.53 56.26 17.39
C ASN B 412 18.69 56.71 18.58
N ILE B 413 17.62 55.98 18.90
CA ILE B 413 16.67 56.43 19.91
C ILE B 413 16.79 55.70 21.25
N ASP B 414 17.52 54.58 21.31
CA ASP B 414 17.58 53.77 22.51
C ASP B 414 18.97 53.68 23.12
N ALA B 415 19.97 54.32 22.51
CA ALA B 415 21.32 54.31 23.02
C ALA B 415 21.81 55.74 23.21
N THR B 416 22.73 55.92 24.16
CA THR B 416 23.27 57.23 24.48
C THR B 416 24.79 57.12 24.62
N SER B 417 25.45 58.28 24.49
CA SER B 417 26.91 58.32 24.60
C SER B 417 27.36 57.88 25.98
N THR B 418 26.65 58.29 27.02
CA THR B 418 26.99 57.88 28.38
C THR B 418 26.50 56.48 28.71
N GLY B 419 25.55 55.94 27.94
CA GLY B 419 25.04 54.61 28.19
C GLY B 419 23.66 54.62 28.81
N ASN B 420 22.73 53.86 28.21
CA ASN B 420 21.37 53.75 28.71
C ASN B 420 21.20 52.41 29.42
N TYR B 421 20.71 52.46 30.66
CA TYR B 421 20.56 51.26 31.49
C TYR B 421 19.11 51.04 31.90
N ASN B 422 18.16 51.57 31.16
CA ASN B 422 16.76 51.47 31.56
C ASN B 422 16.11 50.16 31.19
N TYR B 423 16.75 49.34 30.36
CA TYR B 423 16.19 48.06 29.92
C TYR B 423 16.84 46.92 30.68
N LYS B 424 16.03 45.92 31.03
CA LYS B 424 16.47 44.84 31.90
C LYS B 424 15.99 43.50 31.36
N TYR B 425 16.60 42.43 31.87
CA TYR B 425 16.15 41.08 31.58
C TYR B 425 16.49 40.18 32.77
N ARG B 426 15.76 39.07 32.88
CA ARG B 426 15.96 38.12 33.95
C ARG B 426 16.98 37.07 33.53
N TYR B 427 17.92 36.76 34.43
CA TYR B 427 18.94 35.76 34.13
C TYR B 427 19.07 34.68 35.20
N LEU B 428 18.22 34.69 36.24
CA LEU B 428 18.17 33.63 37.23
C LEU B 428 16.73 33.24 37.45
N ARG B 429 16.44 31.94 37.52
CA ARG B 429 15.09 31.47 37.76
C ARG B 429 15.12 29.97 38.04
N HIS B 430 14.12 29.51 38.78
CA HIS B 430 13.91 28.09 39.04
C HIS B 430 12.95 27.56 38.00
N GLY B 431 13.48 26.91 36.97
CA GLY B 431 12.68 26.37 35.90
C GLY B 431 12.49 27.35 34.76
N LYS B 432 12.04 26.82 33.63
CA LYS B 432 11.87 27.58 32.41
C LYS B 432 10.42 28.04 32.27
N LEU B 433 10.23 29.13 31.52
CA LEU B 433 8.90 29.66 31.27
C LEU B 433 8.15 28.77 30.30
N ARG B 434 6.82 28.73 30.47
CA ARG B 434 5.95 28.12 29.49
C ARG B 434 5.64 29.12 28.38
N PRO B 435 5.12 28.64 27.25
CA PRO B 435 4.86 29.56 26.13
C PRO B 435 3.94 30.70 26.51
N PHE B 436 4.30 31.90 26.06
CA PHE B 436 3.50 33.11 26.28
C PHE B 436 3.20 33.33 27.76
N GLU B 437 4.19 33.08 28.60
CA GLU B 437 4.08 33.29 30.03
C GLU B 437 4.98 34.44 30.45
N ARG B 438 4.53 35.22 31.43
CA ARG B 438 5.24 36.39 31.91
C ARG B 438 5.59 36.22 33.38
N ASP B 439 6.71 36.82 33.77
CA ASP B 439 7.16 36.81 35.16
C ASP B 439 7.74 38.18 35.48
N ILE B 440 7.05 38.97 36.29
CA ILE B 440 7.49 40.31 36.62
C ILE B 440 7.75 40.43 38.11
N SER B 441 8.03 39.30 38.77
CA SER B 441 8.42 39.30 40.17
C SER B 441 9.87 39.76 40.31
N ASN B 442 10.18 40.38 41.44
CA ASN B 442 11.55 40.79 41.76
C ASN B 442 11.83 40.33 43.19
N VAL B 443 12.30 39.09 43.32
CA VAL B 443 12.53 38.47 44.63
C VAL B 443 13.98 37.99 44.68
N PRO B 444 14.69 38.16 45.79
CA PRO B 444 16.07 37.67 45.86
C PRO B 444 16.12 36.17 45.59
N PHE B 445 17.15 35.76 44.86
CA PHE B 445 17.27 34.40 44.34
C PHE B 445 18.39 33.66 45.04
N SER B 446 18.13 32.41 45.41
CA SER B 446 19.12 31.56 46.05
C SER B 446 19.12 30.20 45.37
N PRO B 447 20.29 29.69 44.97
CA PRO B 447 20.30 28.36 44.32
C PRO B 447 19.72 27.27 45.20
N ASP B 448 19.80 27.41 46.52
CA ASP B 448 19.15 26.46 47.42
C ASP B 448 17.63 26.55 47.37
N GLY B 449 17.09 27.57 46.73
CA GLY B 449 15.65 27.71 46.62
C GLY B 449 14.93 27.97 47.93
N LYS B 450 15.50 28.83 48.77
CA LYS B 450 14.91 29.21 50.04
C LYS B 450 14.97 30.72 50.19
N PRO B 451 14.12 31.31 51.05
CA PRO B 451 14.15 32.76 51.24
C PRO B 451 15.56 33.28 51.49
N CYS B 452 15.77 34.57 51.27
CA CYS B 452 17.12 35.12 51.22
C CYS B 452 17.05 36.63 51.47
N THR B 453 18.21 37.21 51.75
CA THR B 453 18.36 38.64 51.92
C THR B 453 19.55 39.09 51.07
N PRO B 454 19.43 40.19 50.31
CA PRO B 454 20.42 40.51 49.28
C PRO B 454 21.85 40.43 49.80
N PRO B 455 22.20 41.18 50.85
CA PRO B 455 23.61 41.23 51.26
C PRO B 455 24.19 39.89 51.67
N ALA B 456 23.36 38.94 52.08
CA ALA B 456 23.86 37.63 52.50
C ALA B 456 24.63 36.97 51.36
N LEU B 457 25.40 35.94 51.73
CA LEU B 457 26.16 35.19 50.75
C LEU B 457 25.25 34.26 49.95
N ASN B 458 25.65 33.99 48.70
CA ASN B 458 24.85 33.16 47.79
C ASN B 458 23.45 33.75 47.62
N CYS B 459 23.38 35.08 47.50
CA CYS B 459 22.13 35.79 47.30
C CYS B 459 22.31 36.76 46.15
N TYR B 460 21.36 36.79 45.22
CA TYR B 460 21.48 37.61 44.03
C TYR B 460 20.12 38.21 43.66
N TRP B 461 20.17 39.42 43.11
CA TRP B 461 18.99 40.00 42.48
C TRP B 461 18.82 39.40 41.09
N PRO B 462 17.63 38.90 40.74
CA PRO B 462 17.49 38.13 39.50
C PRO B 462 17.56 38.95 38.23
N LEU B 463 17.35 40.27 38.29
CA LEU B 463 17.29 41.08 37.09
C LEU B 463 18.65 41.73 36.81
N LYS B 464 18.95 41.89 35.52
CA LYS B 464 20.21 42.44 35.05
C LYS B 464 19.92 43.52 34.01
N ASP B 465 20.85 44.46 33.88
CA ASP B 465 20.65 45.64 33.05
C ASP B 465 21.39 45.51 31.74
N TYR B 466 20.71 45.82 30.65
CA TYR B 466 21.38 46.04 29.38
C TYR B 466 22.16 47.35 29.43
N GLY B 467 23.34 47.36 28.81
CA GLY B 467 24.10 48.59 28.67
C GLY B 467 24.21 49.00 27.21
N PHE B 468 23.49 50.03 26.81
CA PHE B 468 23.39 50.44 25.41
C PHE B 468 24.18 51.73 25.21
N TYR B 469 25.29 51.65 24.49
CA TYR B 469 26.13 52.79 24.16
C TYR B 469 26.06 53.07 22.66
N THR B 470 26.28 54.34 22.30
CA THR B 470 26.29 54.71 20.89
C THR B 470 27.47 54.11 20.14
N THR B 471 28.52 53.72 20.84
CA THR B 471 29.73 53.20 20.22
C THR B 471 29.83 51.68 20.27
N SER B 472 28.79 50.99 20.73
CA SER B 472 28.84 49.55 20.85
C SER B 472 28.81 48.89 19.47
N GLY B 473 29.33 47.67 19.42
CA GLY B 473 29.22 46.88 18.21
C GLY B 473 27.80 46.45 17.94
N ILE B 474 27.55 46.01 16.70
CA ILE B 474 26.20 45.72 16.27
C ILE B 474 25.54 44.67 17.16
N GLY B 475 26.33 43.75 17.71
CA GLY B 475 25.77 42.71 18.56
C GLY B 475 25.25 43.21 19.89
N TYR B 476 25.66 44.41 20.30
CA TYR B 476 25.24 44.99 21.58
C TYR B 476 24.37 46.23 21.40
N GLN B 477 23.79 46.41 20.24
CA GLN B 477 22.91 47.55 20.02
C GLN B 477 21.46 47.17 20.27
N PRO B 478 20.62 48.13 20.65
CA PRO B 478 19.23 47.81 20.97
C PRO B 478 18.41 47.49 19.72
N TYR B 479 17.49 46.56 19.86
CA TYR B 479 16.56 46.19 18.79
C TYR B 479 15.15 46.15 19.36
N ARG B 480 14.20 46.69 18.61
CA ARG B 480 12.79 46.65 18.97
C ARG B 480 12.13 45.50 18.22
N VAL B 481 11.31 44.73 18.94
CA VAL B 481 10.73 43.50 18.44
C VAL B 481 9.22 43.53 18.65
N VAL B 482 8.49 43.17 17.59
CA VAL B 482 7.04 43.00 17.63
C VAL B 482 6.70 41.61 17.10
N VAL B 483 5.89 40.88 17.85
CA VAL B 483 5.46 39.54 17.49
C VAL B 483 3.94 39.55 17.32
N LEU B 484 3.47 39.15 16.15
CA LEU B 484 2.04 39.11 15.85
C LEU B 484 1.56 37.66 15.88
N SER B 485 0.46 37.43 16.61
CA SER B 485 -0.14 36.11 16.73
C SER B 485 -1.60 36.17 16.29
N PHE B 486 -2.05 35.12 15.60
CA PHE B 486 -3.41 35.06 15.08
C PHE B 486 -3.75 33.61 14.75
N GLU B 487 -5.04 33.40 14.44
CA GLU B 487 -5.55 32.12 13.96
C GLU B 487 -6.25 32.33 12.62
N LEU B 488 -6.32 31.27 11.82
CA LEU B 488 -6.76 31.38 10.43
C LEU B 488 -7.83 30.36 10.09
N LEU B 489 -8.94 30.85 9.51
CA LEU B 489 -9.91 30.01 8.81
C LEU B 489 -10.57 28.98 9.72
N ASN B 490 -10.89 29.38 10.96
CA ASN B 490 -11.59 28.50 11.88
C ASN B 490 -12.64 29.22 12.73
N ALA B 491 -12.84 30.51 12.56
CA ALA B 491 -13.67 31.26 13.49
C ALA B 491 -13.94 32.65 12.93
N PRO B 492 -14.82 33.44 13.56
CA PRO B 492 -15.05 34.80 13.07
C PRO B 492 -13.78 35.64 13.13
N ALA B 493 -13.67 36.57 12.20
CA ALA B 493 -12.52 37.45 12.08
C ALA B 493 -12.98 38.89 11.85
N THR B 494 -12.18 39.84 12.32
CA THR B 494 -12.44 41.25 12.12
C THR B 494 -11.26 42.02 11.54
N VAL B 495 -10.14 41.37 11.28
CA VAL B 495 -8.98 41.99 10.66
C VAL B 495 -8.78 41.31 9.31
N CYS B 496 -8.78 42.12 8.25
CA CYS B 496 -8.73 41.60 6.89
C CYS B 496 -7.76 42.43 6.06
N GLY B 497 -7.26 41.81 4.99
CA GLY B 497 -6.45 42.51 4.04
C GLY B 497 -7.29 43.36 3.11
N PRO B 498 -6.61 44.13 2.26
CA PRO B 498 -7.31 45.00 1.30
C PRO B 498 -7.84 44.21 0.12
N LYS B 499 -9.17 44.13 0.02
CA LYS B 499 -9.81 43.41 -1.06
C LYS B 499 -11.21 43.97 -1.28
N LEU B 500 -11.59 44.12 -2.55
CA LEU B 500 -12.94 44.57 -2.88
C LEU B 500 -13.92 43.42 -2.71
N SER B 501 -15.08 43.72 -2.15
CA SER B 501 -16.13 42.73 -1.91
C SER B 501 -17.20 42.87 -2.98
N THR B 502 -17.61 41.74 -3.55
CA THR B 502 -18.55 41.70 -4.66
C THR B 502 -19.93 41.31 -4.14
N ASP B 503 -20.87 41.15 -5.08
CA ASP B 503 -22.23 40.72 -4.74
C ASP B 503 -22.30 39.21 -4.62
N LEU B 504 -23.42 38.74 -4.09
CA LEU B 504 -23.64 37.31 -3.88
C LEU B 504 -24.35 36.69 -5.08
N ILE B 505 -23.79 35.59 -5.60
CA ILE B 505 -24.38 34.84 -6.69
C ILE B 505 -24.75 33.46 -6.17
N LYS B 506 -26.01 33.07 -6.37
CA LYS B 506 -26.53 31.82 -5.84
C LYS B 506 -27.09 30.96 -6.97
N ASN B 507 -27.10 29.64 -6.73
CA ASN B 507 -27.60 28.68 -7.71
C ASN B 507 -26.76 28.69 -8.98
N GLN B 508 -25.44 28.74 -8.82
CA GLN B 508 -24.55 28.80 -9.95
C GLN B 508 -23.15 28.41 -9.52
N CYS B 509 -22.42 27.77 -10.43
CA CYS B 509 -21.05 27.37 -10.15
C CYS B 509 -20.14 28.57 -10.24
N VAL B 510 -19.53 28.95 -9.12
CA VAL B 510 -18.70 30.15 -9.04
C VAL B 510 -17.49 29.87 -8.16
N ASN B 511 -16.45 30.69 -8.35
CA ASN B 511 -15.37 30.79 -7.38
C ASN B 511 -15.80 31.71 -6.24
N PHE B 512 -15.46 31.32 -5.02
CA PHE B 512 -15.85 32.06 -3.84
C PHE B 512 -14.66 32.25 -2.92
N ASN B 513 -14.67 33.36 -2.18
CA ASN B 513 -13.69 33.64 -1.13
C ASN B 513 -14.46 34.24 0.04
N PHE B 514 -14.62 33.45 1.10
CA PHE B 514 -15.29 33.88 2.31
C PHE B 514 -14.25 34.05 3.41
N ASN B 515 -13.97 35.31 3.78
CA ASN B 515 -13.05 35.62 4.86
C ASN B 515 -11.70 34.91 4.69
N GLY B 516 -11.27 34.80 3.44
CA GLY B 516 -9.99 34.20 3.13
C GLY B 516 -10.03 32.73 2.77
N LEU B 517 -11.15 32.05 2.97
CA LEU B 517 -11.31 30.66 2.56
C LEU B 517 -11.82 30.64 1.12
N THR B 518 -11.03 30.10 0.21
CA THR B 518 -11.33 30.12 -1.21
C THR B 518 -11.75 28.74 -1.69
N GLY B 519 -12.59 28.72 -2.72
CA GLY B 519 -13.01 27.46 -3.30
C GLY B 519 -13.89 27.68 -4.50
N THR B 520 -14.43 26.57 -5.02
CA THR B 520 -15.36 26.57 -6.13
C THR B 520 -16.60 25.80 -5.74
N GLY B 521 -17.77 26.25 -6.18
CA GLY B 521 -18.98 25.52 -5.87
C GLY B 521 -20.23 26.34 -6.14
N VAL B 522 -21.34 25.80 -5.65
CA VAL B 522 -22.66 26.40 -5.79
C VAL B 522 -23.17 26.73 -4.39
N LEU B 523 -23.70 27.94 -4.23
CA LEU B 523 -24.15 28.45 -2.95
C LEU B 523 -25.67 28.49 -2.94
N THR B 524 -26.28 27.99 -1.86
CA THR B 524 -27.73 27.99 -1.73
C THR B 524 -28.12 28.41 -0.33
N PRO B 525 -29.30 29.00 -0.15
CA PRO B 525 -29.75 29.31 1.21
C PRO B 525 -29.90 28.04 2.04
N SER B 526 -29.56 28.14 3.32
CA SER B 526 -29.47 26.99 4.20
C SER B 526 -30.46 27.13 5.36
N SER B 527 -30.89 25.99 5.89
CA SER B 527 -31.77 25.96 7.06
C SER B 527 -31.02 25.70 8.35
N LYS B 528 -29.70 25.57 8.30
CA LYS B 528 -28.92 25.42 9.52
C LYS B 528 -28.94 26.73 10.32
N ARG B 529 -28.70 26.60 11.62
CA ARG B 529 -28.67 27.74 12.53
C ARG B 529 -27.36 27.71 13.31
N PHE B 530 -26.44 28.59 12.94
CA PHE B 530 -25.15 28.66 13.60
C PHE B 530 -25.25 29.39 14.93
N GLN B 531 -24.32 29.07 15.82
CA GLN B 531 -24.14 29.86 17.03
C GLN B 531 -23.36 31.13 16.72
N PRO B 532 -23.45 32.15 17.58
CA PRO B 532 -22.70 33.38 17.32
C PRO B 532 -21.20 33.16 17.22
N PHE B 533 -20.66 32.15 17.90
CA PHE B 533 -19.23 31.88 17.88
C PHE B 533 -18.84 30.89 16.78
N GLN B 534 -19.75 30.57 15.87
CA GLN B 534 -19.49 29.63 14.79
C GLN B 534 -19.54 30.35 13.45
N GLN B 535 -18.55 30.11 12.61
CA GLN B 535 -18.45 30.73 11.29
C GLN B 535 -18.52 29.74 10.15
N PHE B 536 -17.97 28.54 10.32
CA PHE B 536 -17.90 27.55 9.26
C PHE B 536 -18.52 26.23 9.73
N GLY B 537 -19.00 25.45 8.78
CA GLY B 537 -19.54 24.14 9.07
C GLY B 537 -18.93 23.08 8.19
N ARG B 538 -18.72 21.89 8.77
CA ARG B 538 -18.09 20.79 8.08
C ARG B 538 -18.95 19.53 8.20
N ASP B 539 -18.80 18.64 7.22
CA ASP B 539 -19.54 17.38 7.20
C ASP B 539 -18.63 16.24 7.66
N VAL B 540 -19.11 15.01 7.55
CA VAL B 540 -18.41 13.86 8.12
C VAL B 540 -17.05 13.66 7.45
N SER B 541 -16.91 14.09 6.19
CA SER B 541 -15.66 13.95 5.47
C SER B 541 -14.75 15.16 5.62
N ASP B 542 -15.08 16.07 6.54
CA ASP B 542 -14.31 17.28 6.81
C ASP B 542 -14.29 18.25 5.63
N PHE B 543 -15.27 18.17 4.76
CA PHE B 543 -15.42 19.13 3.68
C PHE B 543 -16.25 20.31 4.17
N THR B 544 -15.77 21.52 3.91
CA THR B 544 -16.48 22.72 4.37
C THR B 544 -17.76 22.87 3.56
N ASP B 545 -18.90 22.61 4.20
CA ASP B 545 -20.17 22.53 3.48
C ASP B 545 -21.12 23.67 3.81
N SER B 546 -20.80 24.54 4.76
CA SER B 546 -21.69 25.63 5.13
C SER B 546 -20.87 26.81 5.62
N VAL B 547 -21.44 28.01 5.49
CA VAL B 547 -20.73 29.22 5.87
C VAL B 547 -21.74 30.31 6.17
N ARG B 548 -21.42 31.17 7.14
CA ARG B 548 -22.20 32.37 7.41
C ARG B 548 -21.64 33.54 6.62
N ASP B 549 -22.54 34.30 6.01
CA ASP B 549 -22.13 35.44 5.20
C ASP B 549 -21.62 36.56 6.10
N PRO B 550 -20.40 37.07 5.90
CA PRO B 550 -19.86 38.08 6.83
C PRO B 550 -20.65 39.38 6.84
N LYS B 551 -21.38 39.70 5.78
CA LYS B 551 -22.09 40.98 5.71
C LYS B 551 -23.54 40.86 6.16
N THR B 552 -24.30 39.94 5.59
CA THR B 552 -25.70 39.78 5.93
C THR B 552 -25.95 38.79 7.05
N SER B 553 -24.98 37.94 7.37
CA SER B 553 -25.08 36.96 8.45
C SER B 553 -26.03 35.81 8.11
N GLU B 554 -26.38 35.64 6.84
CA GLU B 554 -27.23 34.52 6.42
C GLU B 554 -26.37 33.28 6.18
N ILE B 555 -26.93 32.12 6.52
CA ILE B 555 -26.21 30.87 6.38
C ILE B 555 -26.40 30.33 4.96
N LEU B 556 -25.35 29.77 4.40
CA LEU B 556 -25.36 29.25 3.04
C LEU B 556 -24.72 27.88 2.99
N ASP B 557 -25.35 26.98 2.25
CA ASP B 557 -24.78 25.67 1.95
C ASP B 557 -23.94 25.76 0.68
N ILE B 558 -22.86 24.98 0.66
CA ILE B 558 -21.91 24.95 -0.45
C ILE B 558 -21.90 23.54 -1.02
N SER B 559 -22.08 23.42 -2.33
CA SER B 559 -22.12 22.12 -2.98
C SER B 559 -21.13 22.08 -4.13
N PRO B 560 -20.56 20.91 -4.43
CA PRO B 560 -19.66 20.82 -5.59
C PRO B 560 -20.40 21.04 -6.91
N CYS B 561 -19.62 21.36 -7.93
CA CYS B 561 -20.16 21.64 -9.26
C CYS B 561 -20.31 20.39 -10.12
N SER B 562 -19.39 19.44 -10.02
CA SER B 562 -19.40 18.25 -10.84
C SER B 562 -20.20 17.14 -10.20
N PHE B 563 -21.00 16.43 -11.00
CA PHE B 563 -21.89 15.40 -10.50
C PHE B 563 -22.50 14.65 -11.69
N GLY B 564 -22.52 13.32 -11.62
CA GLY B 564 -23.20 12.52 -12.62
C GLY B 564 -22.30 11.55 -13.36
N GLY B 565 -22.81 10.36 -13.66
CA GLY B 565 -22.05 9.36 -14.39
C GLY B 565 -22.29 9.42 -15.88
N VAL B 566 -21.22 9.13 -16.64
CA VAL B 566 -21.24 9.25 -18.10
C VAL B 566 -20.59 8.01 -18.70
N SER B 567 -21.18 7.50 -19.77
CA SER B 567 -20.64 6.36 -20.51
C SER B 567 -20.62 6.67 -22.00
N VAL B 568 -19.64 6.10 -22.69
CA VAL B 568 -19.45 6.32 -24.13
C VAL B 568 -19.56 4.97 -24.83
N ILE B 569 -20.40 4.90 -25.86
CA ILE B 569 -20.65 3.70 -26.65
C ILE B 569 -20.09 3.94 -28.04
N THR B 570 -19.23 3.04 -28.49
CA THR B 570 -18.60 3.16 -29.81
C THR B 570 -18.63 1.83 -30.54
N PRO B 571 -18.80 1.86 -31.87
CA PRO B 571 -18.66 0.64 -32.66
C PRO B 571 -17.22 0.31 -33.03
N GLY B 572 -16.25 1.05 -32.53
CA GLY B 572 -14.86 0.84 -32.88
C GLY B 572 -14.34 1.92 -33.81
N THR B 573 -13.17 2.47 -33.50
CA THR B 573 -12.63 3.56 -34.31
C THR B 573 -12.39 3.11 -35.75
N ASN B 574 -12.16 1.81 -35.96
CA ASN B 574 -11.97 1.32 -37.32
C ASN B 574 -13.24 1.49 -38.14
N ALA B 575 -14.40 1.28 -37.54
CA ALA B 575 -15.66 1.39 -38.27
C ALA B 575 -16.08 2.84 -38.45
N SER B 576 -16.10 3.61 -37.37
CA SER B 576 -16.57 4.99 -37.45
C SER B 576 -16.06 5.77 -36.25
N SER B 577 -16.10 7.10 -36.38
CA SER B 577 -15.74 8.00 -35.30
C SER B 577 -16.94 8.54 -34.53
N GLU B 578 -18.16 8.27 -35.01
CA GLU B 578 -19.35 8.66 -34.26
C GLU B 578 -19.55 7.76 -33.06
N VAL B 579 -20.13 8.32 -32.00
CA VAL B 579 -20.36 7.61 -30.75
C VAL B 579 -21.71 8.01 -30.19
N ALA B 580 -22.14 7.27 -29.17
CA ALA B 580 -23.32 7.62 -28.39
C ALA B 580 -22.92 7.83 -26.95
N VAL B 581 -23.66 8.69 -26.24
CA VAL B 581 -23.33 9.06 -24.87
C VAL B 581 -24.53 8.78 -23.98
N LEU B 582 -24.28 8.12 -22.85
CA LEU B 582 -25.30 7.77 -21.88
C LEU B 582 -25.04 8.54 -20.58
N TYR B 583 -26.01 9.33 -20.16
CA TYR B 583 -25.96 10.08 -18.91
C TYR B 583 -26.87 9.37 -17.91
N GLN B 584 -26.28 8.82 -16.85
CA GLN B 584 -27.02 7.95 -15.95
C GLN B 584 -28.00 8.72 -15.08
N ASP B 585 -27.71 9.98 -14.76
CA ASP B 585 -28.45 10.73 -13.77
C ASP B 585 -29.19 11.92 -14.38
N VAL B 586 -29.61 11.81 -15.64
CA VAL B 586 -30.33 12.87 -16.32
C VAL B 586 -31.64 12.28 -16.84
N ASN B 587 -32.74 12.98 -16.62
CA ASN B 587 -34.04 12.60 -17.15
C ASN B 587 -34.38 13.54 -18.30
N CYS B 588 -34.29 13.01 -19.52
CA CYS B 588 -34.52 13.78 -20.73
C CYS B 588 -35.96 13.71 -21.22
N THR B 589 -36.85 13.08 -20.46
CA THR B 589 -38.22 12.89 -20.93
C THR B 589 -38.85 14.24 -21.28
N ASP B 590 -39.48 14.30 -22.44
CA ASP B 590 -40.09 15.53 -22.95
C ASP B 590 -39.16 16.72 -22.77
N ALA B 603 -31.29 23.48 -19.65
CA ALA B 603 -30.75 23.27 -18.31
C ALA B 603 -30.27 21.84 -18.10
N TRP B 604 -30.37 21.03 -19.15
CA TRP B 604 -29.92 19.65 -19.08
C TRP B 604 -28.42 19.59 -18.88
N ARG B 605 -27.98 18.70 -18.00
CA ARG B 605 -26.55 18.52 -17.72
C ARG B 605 -25.97 17.51 -18.70
N ILE B 606 -25.90 17.94 -19.96
CA ILE B 606 -25.38 17.13 -21.05
C ILE B 606 -24.38 17.96 -21.84
N TYR B 607 -23.30 17.33 -22.31
CA TYR B 607 -22.26 18.07 -23.00
C TYR B 607 -22.78 18.70 -24.29
N SER B 608 -23.54 17.95 -25.08
CA SER B 608 -24.02 18.47 -26.36
C SER B 608 -25.23 17.66 -26.79
N THR B 609 -26.39 18.31 -26.80
CA THR B 609 -27.58 17.67 -27.36
C THR B 609 -27.42 17.51 -28.87
N GLY B 610 -27.82 16.35 -29.38
CA GLY B 610 -27.81 16.10 -30.81
C GLY B 610 -29.15 15.58 -31.28
N ASN B 611 -29.16 14.92 -32.43
CA ASN B 611 -30.37 14.25 -32.89
C ASN B 611 -30.51 12.91 -32.18
N ASN B 612 -31.75 12.44 -32.09
CA ASN B 612 -32.06 11.15 -31.46
C ASN B 612 -31.59 11.13 -30.00
N VAL B 613 -32.20 11.99 -29.19
CA VAL B 613 -31.99 12.02 -27.75
C VAL B 613 -33.25 11.49 -27.09
N PHE B 614 -33.11 10.45 -26.26
CA PHE B 614 -34.29 9.85 -25.65
C PHE B 614 -33.92 9.14 -24.37
N GLN B 615 -34.93 8.88 -23.55
CA GLN B 615 -34.76 8.31 -22.23
C GLN B 615 -34.92 6.79 -22.27
N THR B 616 -34.11 6.10 -21.47
CA THR B 616 -34.21 4.67 -21.27
C THR B 616 -34.08 4.39 -19.79
N GLN B 617 -34.34 3.13 -19.42
CA GLN B 617 -34.25 2.74 -18.01
C GLN B 617 -32.85 2.95 -17.46
N ALA B 618 -31.85 3.08 -18.31
CA ALA B 618 -30.47 3.29 -17.89
C ALA B 618 -30.06 4.75 -17.89
N GLY B 619 -30.92 5.66 -18.33
CA GLY B 619 -30.61 7.08 -18.32
C GLY B 619 -30.90 7.70 -19.67
N CYS B 620 -30.38 8.91 -19.88
CA CYS B 620 -30.59 9.63 -21.13
C CYS B 620 -29.53 9.24 -22.15
N LEU B 621 -29.98 8.82 -23.33
CA LEU B 621 -29.09 8.37 -24.38
C LEU B 621 -29.15 9.36 -25.54
N ILE B 622 -27.97 9.76 -26.02
CA ILE B 622 -27.85 10.72 -27.11
C ILE B 622 -26.97 10.11 -28.19
N GLY B 623 -27.44 10.17 -29.43
CA GLY B 623 -26.68 9.71 -30.57
C GLY B 623 -27.06 8.35 -31.11
N ALA B 624 -28.14 7.75 -30.61
CA ALA B 624 -28.57 6.42 -31.05
C ALA B 624 -30.05 6.45 -31.41
N GLU B 625 -30.41 5.69 -32.45
CA GLU B 625 -31.80 5.58 -32.87
C GLU B 625 -32.47 4.43 -32.14
N HIS B 626 -33.76 4.58 -31.84
CA HIS B 626 -34.53 3.59 -31.11
C HIS B 626 -35.35 2.75 -32.10
N VAL B 627 -35.28 1.43 -31.94
CA VAL B 627 -36.03 0.49 -32.77
C VAL B 627 -36.86 -0.40 -31.87
N ASP B 628 -38.08 -0.70 -32.30
CA ASP B 628 -39.01 -1.51 -31.51
C ASP B 628 -38.76 -3.00 -31.62
N THR B 629 -37.91 -3.44 -32.54
CA THR B 629 -37.58 -4.85 -32.67
C THR B 629 -36.60 -5.27 -31.57
N SER B 630 -36.58 -6.56 -31.28
CA SER B 630 -35.70 -7.14 -30.28
C SER B 630 -34.70 -8.08 -30.94
N TYR B 631 -33.46 -8.01 -30.50
CA TYR B 631 -32.40 -8.89 -31.00
C TYR B 631 -31.60 -9.42 -29.82
N GLU B 632 -30.66 -10.29 -30.12
CA GLU B 632 -29.70 -10.72 -29.12
C GLU B 632 -28.77 -9.56 -28.77
N CYS B 633 -28.38 -9.48 -27.51
CA CYS B 633 -27.56 -8.36 -27.05
C CYS B 633 -26.22 -8.34 -27.76
N ASP B 634 -25.88 -7.18 -28.33
CA ASP B 634 -24.57 -6.98 -28.94
C ASP B 634 -23.64 -6.18 -28.03
N ILE B 635 -24.05 -4.96 -27.66
CA ILE B 635 -23.33 -4.16 -26.67
C ILE B 635 -24.27 -3.95 -25.49
N PRO B 636 -23.96 -4.47 -24.30
CA PRO B 636 -24.87 -4.34 -23.16
C PRO B 636 -24.83 -2.94 -22.57
N ILE B 637 -25.94 -2.20 -22.72
CA ILE B 637 -26.04 -0.88 -22.12
C ILE B 637 -26.45 -0.99 -20.66
N GLY B 638 -27.50 -1.75 -20.37
CA GLY B 638 -27.95 -1.98 -19.02
C GLY B 638 -29.44 -1.84 -18.88
N ALA B 639 -29.94 -2.37 -17.76
CA ALA B 639 -31.37 -2.33 -17.43
C ALA B 639 -32.21 -2.89 -18.57
N GLY B 640 -31.73 -3.97 -19.19
CA GLY B 640 -32.43 -4.60 -20.28
C GLY B 640 -32.31 -3.92 -21.62
N ILE B 641 -31.37 -2.99 -21.79
CA ILE B 641 -31.19 -2.26 -23.03
C ILE B 641 -29.82 -2.59 -23.59
N CYS B 642 -29.77 -2.86 -24.91
CA CYS B 642 -28.54 -3.14 -25.63
C CYS B 642 -28.46 -2.25 -26.85
N ALA B 643 -27.27 -2.19 -27.45
CA ALA B 643 -27.02 -1.34 -28.60
C ALA B 643 -26.24 -2.11 -29.66
N SER B 644 -26.35 -1.65 -30.90
CA SER B 644 -25.69 -2.30 -32.02
C SER B 644 -25.46 -1.28 -33.13
N TYR B 645 -24.76 -1.71 -34.18
CA TYR B 645 -24.43 -0.87 -35.32
C TYR B 645 -25.11 -1.47 -36.55
N HIS B 646 -26.22 -0.87 -36.97
CA HIS B 646 -27.07 -1.44 -38.00
C HIS B 646 -27.24 -0.48 -39.18
N THR B 647 -27.47 -1.05 -40.35
CA THR B 647 -27.78 -0.23 -41.52
C THR B 647 -29.12 0.47 -41.32
N VAL B 648 -29.19 1.74 -41.68
CA VAL B 648 -30.40 2.52 -41.53
C VAL B 648 -31.45 2.06 -42.52
N GLN B 656 -25.00 3.38 -45.59
CA GLN B 656 -24.84 4.10 -44.33
C GLN B 656 -25.28 3.23 -43.17
N LYS B 657 -24.68 3.47 -42.00
CA LYS B 657 -24.97 2.70 -40.80
C LYS B 657 -25.09 3.67 -39.63
N SER B 658 -25.75 3.22 -38.58
CA SER B 658 -25.95 4.06 -37.41
C SER B 658 -26.05 3.18 -36.16
N ILE B 659 -25.85 3.81 -35.01
CA ILE B 659 -25.99 3.15 -33.73
C ILE B 659 -27.47 3.09 -33.37
N VAL B 660 -27.94 1.90 -32.98
CA VAL B 660 -29.33 1.70 -32.61
C VAL B 660 -29.37 1.07 -31.22
N ALA B 661 -30.45 1.36 -30.49
CA ALA B 661 -30.68 0.84 -29.15
C ALA B 661 -32.01 0.11 -29.10
N TYR B 662 -32.07 -0.97 -28.34
CA TYR B 662 -33.26 -1.81 -28.31
C TYR B 662 -33.32 -2.57 -27.00
N THR B 663 -34.47 -3.20 -26.77
CA THR B 663 -34.64 -4.13 -25.66
C THR B 663 -34.13 -5.50 -26.07
N MET B 664 -33.36 -6.14 -25.19
CA MET B 664 -32.77 -7.42 -25.51
C MET B 664 -33.84 -8.52 -25.51
N SER B 665 -33.56 -9.57 -26.29
CA SER B 665 -34.46 -10.71 -26.41
C SER B 665 -34.01 -11.81 -25.47
N LEU B 666 -34.93 -12.34 -24.67
CA LEU B 666 -34.58 -13.36 -23.69
C LEU B 666 -34.42 -14.75 -24.32
N GLY B 667 -35.20 -15.08 -25.33
CA GLY B 667 -35.08 -16.37 -25.96
C GLY B 667 -36.26 -16.63 -26.89
N ALA B 668 -36.20 -17.80 -27.52
CA ALA B 668 -37.24 -18.18 -28.47
C ALA B 668 -38.56 -18.44 -27.77
N ASP B 669 -39.65 -17.98 -28.39
CA ASP B 669 -40.98 -18.14 -27.83
C ASP B 669 -41.58 -19.46 -28.30
N SER B 670 -42.19 -20.19 -27.37
CA SER B 670 -42.79 -21.48 -27.68
C SER B 670 -43.96 -21.73 -26.73
N SER B 671 -44.87 -22.59 -27.18
CA SER B 671 -46.01 -23.01 -26.39
C SER B 671 -46.11 -24.53 -26.43
N ILE B 672 -46.21 -25.15 -25.27
CA ILE B 672 -46.29 -26.61 -25.15
C ILE B 672 -47.63 -26.91 -24.50
N ALA B 673 -48.65 -27.17 -25.32
CA ALA B 673 -49.97 -27.46 -24.80
C ALA B 673 -49.92 -28.67 -23.87
N TYR B 674 -50.56 -28.55 -22.71
CA TYR B 674 -50.57 -29.61 -21.71
C TYR B 674 -51.84 -30.45 -21.86
N SER B 675 -51.66 -31.76 -21.90
CA SER B 675 -52.77 -32.71 -21.89
C SER B 675 -52.45 -33.82 -20.90
N ASN B 676 -53.50 -34.43 -20.35
CA ASN B 676 -53.35 -35.47 -19.34
C ASN B 676 -53.51 -36.87 -19.91
N ASN B 677 -53.52 -37.02 -21.24
CA ASN B 677 -53.64 -38.35 -21.82
C ASN B 677 -52.78 -38.55 -23.08
N THR B 678 -51.73 -37.76 -23.27
CA THR B 678 -50.85 -37.90 -24.42
C THR B 678 -49.40 -37.77 -23.99
N ILE B 679 -48.51 -38.35 -24.80
CA ILE B 679 -47.08 -38.34 -24.50
C ILE B 679 -46.32 -38.33 -25.82
N ALA B 680 -45.22 -37.58 -25.86
CA ALA B 680 -44.36 -37.50 -27.02
C ALA B 680 -43.15 -38.42 -26.81
N ILE B 681 -42.87 -39.26 -27.80
CA ILE B 681 -41.78 -40.23 -27.74
C ILE B 681 -40.85 -39.98 -28.92
N PRO B 682 -39.54 -39.88 -28.71
CA PRO B 682 -38.62 -39.78 -29.84
C PRO B 682 -38.63 -41.04 -30.68
N THR B 683 -38.37 -40.86 -31.98
CA THR B 683 -38.30 -41.99 -32.92
C THR B 683 -36.98 -42.08 -33.65
N ASN B 684 -36.04 -41.17 -33.39
CA ASN B 684 -34.73 -41.23 -34.03
C ASN B 684 -33.71 -40.59 -33.09
N PHE B 685 -32.45 -40.62 -33.49
CA PHE B 685 -31.39 -40.06 -32.67
C PHE B 685 -30.25 -39.59 -33.58
N LEU B 686 -29.36 -38.80 -33.01
CA LEU B 686 -28.14 -38.41 -33.71
C LEU B 686 -27.00 -38.26 -32.72
N ILE B 687 -25.78 -38.36 -33.25
CA ILE B 687 -24.56 -38.27 -32.47
C ILE B 687 -24.00 -36.87 -32.64
N SER B 688 -23.71 -36.20 -31.53
CA SER B 688 -23.19 -34.84 -31.56
C SER B 688 -21.89 -34.77 -30.78
N ILE B 689 -20.93 -34.01 -31.32
CA ILE B 689 -19.66 -33.75 -30.66
C ILE B 689 -19.54 -32.25 -30.43
N THR B 690 -19.30 -31.87 -29.18
CA THR B 690 -19.18 -30.46 -28.80
C THR B 690 -17.86 -30.23 -28.08
N THR B 691 -17.40 -28.98 -28.08
CA THR B 691 -16.10 -28.62 -27.54
C THR B 691 -16.26 -27.82 -26.25
N GLU B 692 -15.25 -27.96 -25.37
CA GLU B 692 -15.20 -27.20 -24.13
C GLU B 692 -13.74 -26.81 -23.87
N VAL B 693 -13.49 -25.51 -23.71
CA VAL B 693 -12.14 -24.99 -23.57
C VAL B 693 -11.93 -24.57 -22.12
N MET B 694 -10.81 -24.98 -21.52
CA MET B 694 -10.56 -24.71 -20.11
C MET B 694 -9.11 -24.30 -19.85
N PRO B 695 -8.89 -23.16 -19.20
CA PRO B 695 -7.52 -22.80 -18.78
C PRO B 695 -7.00 -23.74 -17.70
N VAL B 696 -5.67 -23.93 -17.70
CA VAL B 696 -5.00 -24.81 -16.76
C VAL B 696 -3.90 -24.08 -15.99
N SER B 697 -3.08 -23.30 -16.69
CA SER B 697 -1.92 -22.67 -16.06
C SER B 697 -1.69 -21.30 -16.67
N MET B 698 -0.91 -20.49 -15.95
CA MET B 698 -0.48 -19.17 -16.40
C MET B 698 1.03 -19.07 -16.29
N ALA B 699 1.58 -17.93 -16.71
CA ALA B 699 3.01 -17.75 -16.77
C ALA B 699 3.63 -17.68 -15.37
N LYS B 700 4.85 -18.20 -15.25
CA LYS B 700 5.62 -18.13 -14.02
C LYS B 700 6.59 -16.97 -14.10
N THR B 701 6.60 -16.12 -13.08
CA THR B 701 7.39 -14.89 -13.11
C THR B 701 8.24 -14.76 -11.85
N SER B 702 9.33 -14.02 -11.99
CA SER B 702 10.23 -13.71 -10.87
C SER B 702 10.67 -12.26 -10.99
N VAL B 703 10.95 -11.65 -9.83
CA VAL B 703 11.29 -10.24 -9.75
C VAL B 703 12.58 -10.07 -8.95
N ASP B 704 13.52 -9.30 -9.51
CA ASP B 704 14.72 -8.84 -8.80
C ASP B 704 14.44 -7.42 -8.34
N CYS B 705 14.12 -7.26 -7.04
CA CYS B 705 13.63 -5.97 -6.55
C CYS B 705 14.71 -4.90 -6.63
N ASN B 706 15.95 -5.26 -6.30
CA ASN B 706 17.03 -4.28 -6.37
C ASN B 706 17.21 -3.75 -7.78
N MET B 707 17.18 -4.63 -8.78
CA MET B 707 17.33 -4.21 -10.16
C MET B 707 16.19 -3.29 -10.58
N TYR B 708 14.96 -3.59 -10.17
CA TYR B 708 13.82 -2.78 -10.59
C TYR B 708 13.82 -1.42 -9.89
N ILE B 709 14.21 -1.38 -8.62
CA ILE B 709 14.11 -0.14 -7.86
C ILE B 709 15.30 0.77 -8.12
N CYS B 710 16.51 0.23 -8.16
CA CYS B 710 17.72 1.04 -8.15
C CYS B 710 18.56 0.94 -9.41
N GLY B 711 18.27 -0.01 -10.30
CA GLY B 711 19.12 -0.17 -11.47
C GLY B 711 20.54 -0.55 -11.06
N ASP B 712 21.52 0.14 -11.63
CA ASP B 712 22.93 -0.13 -11.37
C ASP B 712 23.56 0.87 -10.41
N SER B 713 22.74 1.62 -9.67
CA SER B 713 23.24 2.65 -8.76
C SER B 713 23.62 2.03 -7.42
N THR B 714 24.87 2.25 -7.01
CA THR B 714 25.33 1.72 -5.73
C THR B 714 24.77 2.51 -4.55
N GLU B 715 24.67 3.84 -4.69
CA GLU B 715 24.10 4.65 -3.63
C GLU B 715 22.64 4.29 -3.37
N CYS B 716 21.87 4.11 -4.44
CA CYS B 716 20.49 3.68 -4.27
C CYS B 716 20.42 2.31 -3.61
N ALA B 717 21.34 1.42 -3.96
CA ALA B 717 21.36 0.10 -3.34
C ALA B 717 21.59 0.20 -1.83
N ASN B 718 22.55 1.02 -1.42
CA ASN B 718 22.80 1.21 0.01
C ASN B 718 21.59 1.83 0.70
N LEU B 719 20.96 2.81 0.06
CA LEU B 719 19.77 3.42 0.64
C LEU B 719 18.64 2.41 0.79
N LEU B 720 18.45 1.55 -0.20
CA LEU B 720 17.42 0.52 -0.12
C LEU B 720 17.72 -0.47 0.99
N LEU B 721 18.99 -0.85 1.14
CA LEU B 721 19.37 -1.72 2.25
C LEU B 721 19.05 -1.08 3.58
N GLN B 722 19.29 0.23 3.70
CA GLN B 722 18.96 0.94 4.92
C GLN B 722 17.45 1.05 5.13
N TYR B 723 16.69 1.11 4.03
CA TYR B 723 15.24 1.31 4.12
C TYR B 723 14.54 0.12 4.76
N GLY B 724 15.03 -1.09 4.51
CA GLY B 724 14.35 -2.28 4.99
C GLY B 724 13.33 -2.82 4.01
N SER B 725 13.78 -3.16 2.80
CA SER B 725 12.88 -3.65 1.77
C SER B 725 12.34 -5.04 2.12
N PHE B 726 11.25 -5.41 1.46
CA PHE B 726 10.59 -6.69 1.71
C PHE B 726 10.57 -7.53 0.44
N CYS B 727 11.72 -7.62 -0.23
CA CYS B 727 11.81 -8.41 -1.46
C CYS B 727 11.56 -9.89 -1.21
N ALA B 728 12.06 -10.41 -0.07
CA ALA B 728 11.95 -11.84 0.20
C ALA B 728 10.50 -12.28 0.27
N GLN B 729 9.64 -11.48 0.89
CA GLN B 729 8.22 -11.82 0.98
C GLN B 729 7.59 -11.93 -0.40
N LEU B 730 7.83 -10.91 -1.24
CA LEU B 730 7.26 -10.93 -2.59
C LEU B 730 7.75 -12.14 -3.37
N ASN B 731 9.04 -12.45 -3.27
CA ASN B 731 9.57 -13.58 -4.01
C ASN B 731 9.03 -14.91 -3.47
N ARG B 732 8.76 -15.00 -2.16
CA ARG B 732 8.12 -16.19 -1.63
C ARG B 732 6.75 -16.39 -2.27
N ALA B 733 5.96 -15.33 -2.34
CA ALA B 733 4.64 -15.44 -2.96
C ALA B 733 4.76 -15.87 -4.41
N LEU B 734 5.67 -15.25 -5.16
CA LEU B 734 5.79 -15.55 -6.59
C LEU B 734 6.27 -16.99 -6.81
N SER B 735 7.20 -17.47 -5.99
CA SER B 735 7.68 -18.85 -6.14
C SER B 735 6.59 -19.84 -5.80
N GLY B 736 5.75 -19.54 -4.81
CA GLY B 736 4.60 -20.38 -4.55
C GLY B 736 3.69 -20.49 -5.77
N ILE B 737 3.39 -19.36 -6.39
CA ILE B 737 2.56 -19.39 -7.60
C ILE B 737 3.22 -20.23 -8.69
N ALA B 738 4.53 -20.07 -8.86
CA ALA B 738 5.23 -20.78 -9.92
C ALA B 738 5.17 -22.29 -9.72
N VAL B 739 5.31 -22.75 -8.48
CA VAL B 739 5.18 -24.19 -8.22
C VAL B 739 3.75 -24.65 -8.47
N GLU B 740 2.77 -23.84 -8.06
CA GLU B 740 1.38 -24.23 -8.24
C GLU B 740 1.03 -24.43 -9.71
N GLN B 741 1.66 -23.67 -10.62
CA GLN B 741 1.33 -23.83 -12.03
C GLN B 741 1.70 -25.23 -12.54
N ASP B 742 2.92 -25.69 -12.22
CA ASP B 742 3.32 -27.03 -12.61
C ASP B 742 2.45 -28.08 -11.92
N ARG B 743 2.06 -27.83 -10.68
CA ARG B 743 1.14 -28.76 -10.02
C ARG B 743 -0.16 -28.88 -10.79
N ASN B 744 -0.72 -27.76 -11.24
CA ASN B 744 -1.96 -27.79 -12.01
C ASN B 744 -1.80 -28.62 -13.27
N THR B 745 -0.74 -28.35 -14.04
CA THR B 745 -0.57 -29.09 -15.30
C THR B 745 -0.44 -30.59 -15.04
N ARG B 746 0.37 -30.97 -14.04
CA ARG B 746 0.55 -32.39 -13.75
C ARG B 746 -0.76 -33.02 -13.32
N GLU B 747 -1.53 -32.36 -12.46
CA GLU B 747 -2.78 -32.94 -11.98
C GLU B 747 -3.78 -33.11 -13.11
N VAL B 748 -3.73 -32.25 -14.13
CA VAL B 748 -4.69 -32.38 -15.22
C VAL B 748 -4.27 -33.49 -16.18
N PHE B 749 -2.99 -33.52 -16.59
CA PHE B 749 -2.62 -34.32 -17.76
C PHE B 749 -1.98 -35.66 -17.43
N ALA B 750 -1.46 -35.86 -16.22
CA ALA B 750 -0.68 -37.06 -15.90
C ALA B 750 -1.47 -38.07 -15.08
N GLN B 751 -2.75 -38.25 -15.39
CA GLN B 751 -3.58 -39.17 -14.61
C GLN B 751 -3.24 -40.62 -14.90
N VAL B 752 -3.03 -40.96 -16.17
CA VAL B 752 -2.76 -42.34 -16.56
C VAL B 752 -1.29 -42.65 -16.33
N LYS B 753 -1.00 -43.79 -15.70
CA LYS B 753 0.35 -44.17 -15.34
C LYS B 753 1.02 -45.07 -16.37
N GLN B 754 0.36 -45.34 -17.50
CA GLN B 754 0.92 -46.18 -18.55
C GLN B 754 0.87 -45.42 -19.87
N MET B 755 1.99 -45.40 -20.59
CA MET B 755 2.09 -44.64 -21.84
C MET B 755 1.76 -45.58 -23.00
N TYR B 756 0.48 -45.65 -23.34
CA TYR B 756 0.04 -46.52 -24.42
C TYR B 756 0.52 -46.00 -25.76
N LYS B 757 1.00 -46.91 -26.61
CA LYS B 757 1.52 -46.54 -27.90
C LYS B 757 0.40 -46.27 -28.89
N THR B 758 0.68 -45.43 -29.86
CA THR B 758 -0.32 -45.08 -30.87
C THR B 758 -0.53 -46.26 -31.81
N PRO B 759 -1.77 -46.72 -32.00
CA PRO B 759 -1.99 -47.85 -32.91
C PRO B 759 -1.64 -47.50 -34.35
N THR B 760 -1.21 -48.52 -35.10
CA THR B 760 -0.89 -48.31 -36.51
C THR B 760 -2.15 -48.07 -37.33
N LEU B 761 -3.23 -48.77 -37.00
CA LEU B 761 -4.51 -48.62 -37.70
C LEU B 761 -5.41 -47.68 -36.92
N LYS B 762 -6.08 -46.79 -37.63
CA LYS B 762 -6.89 -45.73 -37.03
C LYS B 762 -8.31 -45.75 -37.60
N ASP B 763 -8.91 -46.93 -37.67
CA ASP B 763 -10.27 -47.08 -38.17
C ASP B 763 -11.23 -47.61 -37.11
N PHE B 764 -10.90 -48.73 -36.48
CA PHE B 764 -11.71 -49.27 -35.39
C PHE B 764 -13.18 -49.35 -35.78
N GLY B 765 -13.46 -50.16 -36.81
CA GLY B 765 -14.82 -50.42 -37.21
C GLY B 765 -15.57 -49.22 -37.76
N GLY B 766 -14.92 -48.43 -38.61
CA GLY B 766 -15.56 -47.31 -39.27
C GLY B 766 -15.49 -45.99 -38.54
N PHE B 767 -14.99 -45.96 -37.30
CA PHE B 767 -14.85 -44.73 -36.54
C PHE B 767 -13.45 -44.17 -36.78
N ASN B 768 -13.36 -43.12 -37.58
CA ASN B 768 -12.07 -42.57 -37.99
C ASN B 768 -11.46 -41.76 -36.86
N PHE B 769 -10.29 -42.19 -36.38
CA PHE B 769 -9.57 -41.51 -35.30
C PHE B 769 -8.34 -40.75 -35.81
N SER B 770 -8.18 -40.60 -37.12
CA SER B 770 -6.93 -40.08 -37.65
C SER B 770 -6.70 -38.63 -37.23
N GLN B 771 -7.74 -37.81 -37.20
CA GLN B 771 -7.57 -36.38 -36.98
C GLN B 771 -7.24 -36.04 -35.52
N ILE B 772 -7.49 -36.93 -34.58
CA ILE B 772 -7.25 -36.67 -33.17
C ILE B 772 -6.08 -37.50 -32.64
N LEU B 773 -5.24 -38.04 -33.53
CA LEU B 773 -4.05 -38.76 -33.13
C LEU B 773 -2.87 -38.28 -33.95
N PRO B 774 -1.66 -38.39 -33.41
CA PRO B 774 -0.48 -37.93 -34.17
C PRO B 774 -0.30 -38.74 -35.45
N ASP B 775 0.15 -38.06 -36.51
CA ASP B 775 0.33 -38.67 -37.81
C ASP B 775 1.79 -39.05 -37.98
N PRO B 776 2.13 -40.33 -38.14
CA PRO B 776 3.56 -40.71 -38.22
C PRO B 776 4.28 -40.07 -39.39
N LEU B 777 3.61 -39.86 -40.52
CA LEU B 777 4.30 -39.32 -41.69
C LEU B 777 4.72 -37.87 -41.48
N LYS B 778 3.82 -37.05 -40.96
CA LYS B 778 4.13 -35.63 -40.77
C LYS B 778 5.18 -35.47 -39.69
N PRO B 779 6.09 -34.50 -39.82
CA PRO B 779 7.12 -34.32 -38.78
C PRO B 779 6.56 -33.95 -37.42
N THR B 780 5.45 -33.23 -37.37
CA THR B 780 4.93 -32.76 -36.09
C THR B 780 4.55 -33.92 -35.18
N LYS B 781 4.72 -33.71 -33.89
CA LYS B 781 4.39 -34.70 -32.87
C LYS B 781 2.96 -34.58 -32.38
N ARG B 782 2.20 -33.59 -32.88
CA ARG B 782 0.84 -33.33 -32.44
C ARG B 782 -0.14 -33.85 -33.47
N SER B 783 -1.42 -33.78 -33.12
CA SER B 783 -2.50 -34.16 -34.03
C SER B 783 -2.93 -32.95 -34.86
N PHE B 784 -3.74 -33.22 -35.88
CA PHE B 784 -4.21 -32.16 -36.76
C PHE B 784 -5.00 -31.12 -36.00
N ILE B 785 -5.92 -31.57 -35.14
CA ILE B 785 -6.74 -30.62 -34.39
C ILE B 785 -5.89 -29.87 -33.37
N GLU B 786 -4.91 -30.53 -32.76
CA GLU B 786 -4.00 -29.84 -31.85
C GLU B 786 -3.21 -28.78 -32.59
N ASP B 787 -2.75 -29.09 -33.81
CA ASP B 787 -2.05 -28.09 -34.61
C ASP B 787 -2.95 -26.90 -34.90
N LEU B 788 -4.22 -27.15 -35.25
CA LEU B 788 -5.14 -26.04 -35.48
C LEU B 788 -5.31 -25.21 -34.21
N LEU B 789 -5.43 -25.86 -33.06
CA LEU B 789 -5.63 -25.13 -31.82
C LEU B 789 -4.43 -24.24 -31.50
N PHE B 790 -3.22 -24.76 -31.67
CA PHE B 790 -2.03 -23.98 -31.32
C PHE B 790 -1.81 -22.81 -32.25
N ASN B 791 -2.38 -22.83 -33.44
CA ASN B 791 -2.28 -21.70 -34.36
C ASN B 791 -3.31 -20.61 -34.08
N LYS B 792 -4.28 -20.87 -33.23
CA LYS B 792 -5.36 -19.92 -32.97
C LYS B 792 -5.05 -18.98 -31.80
N VAL B 793 -3.97 -19.21 -31.07
CA VAL B 793 -3.57 -18.38 -29.94
C VAL B 793 -2.19 -17.80 -30.25
N THR B 794 -2.06 -16.48 -30.15
CA THR B 794 -0.83 -15.79 -30.48
C THR B 794 -0.14 -15.37 -29.18
N LEU B 795 1.15 -15.72 -29.08
CA LEU B 795 1.96 -15.40 -27.91
C LEU B 795 3.28 -14.80 -28.38
N ALA B 796 3.73 -13.75 -27.70
CA ALA B 796 4.95 -13.07 -28.11
C ALA B 796 6.20 -13.74 -27.54
N ASP B 797 6.12 -14.21 -26.29
CA ASP B 797 7.26 -14.82 -25.63
C ASP B 797 7.33 -16.29 -26.02
N ALA B 798 8.25 -16.62 -26.92
CA ALA B 798 8.42 -18.00 -27.40
C ALA B 798 9.91 -18.33 -27.35
N GLY B 799 10.31 -19.11 -26.36
CA GLY B 799 11.69 -19.56 -26.26
C GLY B 799 12.27 -19.45 -24.87
N PHE B 800 11.86 -18.42 -24.12
CA PHE B 800 12.35 -18.19 -22.76
C PHE B 800 13.87 -18.01 -22.74
N MET B 801 14.45 -17.53 -23.84
CA MET B 801 15.88 -17.20 -23.84
C MET B 801 16.06 -15.96 -24.70
N LYS B 802 16.51 -14.87 -24.07
CA LYS B 802 16.88 -13.64 -24.76
C LYS B 802 18.29 -13.29 -24.35
N GLN B 803 19.21 -13.29 -25.31
CA GLN B 803 20.63 -13.09 -25.02
C GLN B 803 20.96 -11.60 -24.98
N TYR B 804 21.98 -11.27 -24.19
CA TYR B 804 22.43 -9.89 -24.06
C TYR B 804 22.83 -9.32 -25.42
N GLY B 805 23.57 -10.09 -26.20
CA GLY B 805 23.96 -9.62 -27.52
C GLY B 805 22.77 -9.30 -28.40
N GLU B 806 21.70 -10.08 -28.30
CA GLU B 806 20.52 -9.83 -29.10
C GLU B 806 19.90 -8.47 -28.75
N CYS B 807 19.66 -8.24 -27.45
CA CYS B 807 19.05 -6.98 -27.04
C CYS B 807 19.93 -5.80 -27.42
N LEU B 808 21.24 -5.92 -27.25
CA LEU B 808 22.15 -4.84 -27.64
C LEU B 808 22.12 -4.62 -29.14
N GLY B 809 22.10 -5.69 -29.93
CA GLY B 809 22.11 -5.55 -31.37
C GLY B 809 20.83 -4.93 -31.92
N ASP B 810 19.69 -5.21 -31.29
CA ASP B 810 18.44 -4.68 -31.83
C ASP B 810 18.23 -3.22 -31.41
N ILE B 811 18.03 -2.97 -30.12
CA ILE B 811 17.91 -1.63 -29.57
C ILE B 811 16.87 -0.81 -30.33
N ASN B 812 17.13 -0.58 -31.63
CA ASN B 812 16.20 0.19 -32.45
C ASN B 812 14.80 -0.39 -32.42
N ALA B 813 14.68 -1.71 -32.25
CA ALA B 813 13.36 -2.33 -32.28
C ALA B 813 12.51 -1.94 -31.08
N ARG B 814 13.13 -1.66 -29.93
CA ARG B 814 12.40 -1.36 -28.70
C ARG B 814 11.54 -2.54 -28.29
N ASP B 815 12.17 -3.72 -28.17
CA ASP B 815 11.46 -4.93 -27.80
C ASP B 815 10.96 -4.84 -26.36
N LEU B 816 9.70 -5.26 -26.15
CA LEU B 816 9.12 -5.20 -24.81
C LEU B 816 9.83 -6.16 -23.85
N ILE B 817 10.23 -7.33 -24.34
CA ILE B 817 10.88 -8.31 -23.47
C ILE B 817 12.25 -7.79 -23.04
N CYS B 818 12.97 -7.11 -23.94
CA CYS B 818 14.26 -6.55 -23.56
C CYS B 818 14.11 -5.55 -22.42
N ALA B 819 13.10 -4.68 -22.50
CA ALA B 819 12.86 -3.72 -21.42
C ALA B 819 12.49 -4.43 -20.13
N GLN B 820 11.60 -5.42 -20.21
CA GLN B 820 11.22 -6.16 -19.01
C GLN B 820 12.45 -6.77 -18.34
N LYS B 821 13.32 -7.39 -19.13
CA LYS B 821 14.50 -8.04 -18.56
C LYS B 821 15.51 -7.03 -18.04
N PHE B 822 15.66 -5.89 -18.72
CA PHE B 822 16.56 -4.85 -18.24
C PHE B 822 16.08 -4.26 -16.93
N ASN B 823 14.78 -4.32 -16.63
CA ASN B 823 14.27 -3.83 -15.36
C ASN B 823 14.04 -4.95 -14.36
N GLY B 824 14.64 -6.12 -14.56
CA GLY B 824 14.66 -7.16 -13.56
C GLY B 824 13.41 -7.99 -13.44
N LEU B 825 12.67 -8.20 -14.52
CA LEU B 825 11.47 -9.02 -14.52
C LEU B 825 11.68 -10.22 -15.43
N THR B 826 11.58 -11.43 -14.89
CA THR B 826 11.91 -12.65 -15.61
C THR B 826 10.68 -13.56 -15.72
N VAL B 827 10.59 -14.26 -16.84
CA VAL B 827 9.56 -15.27 -17.07
C VAL B 827 10.25 -16.62 -17.19
N LEU B 828 9.80 -17.59 -16.36
CA LEU B 828 10.44 -18.90 -16.28
C LEU B 828 9.67 -19.94 -17.10
N PRO B 829 10.35 -20.94 -17.65
CA PRO B 829 9.67 -21.92 -18.51
C PRO B 829 8.95 -22.97 -17.69
N PRO B 830 7.83 -23.51 -18.19
CA PRO B 830 7.16 -24.60 -17.48
C PRO B 830 7.97 -25.88 -17.50
N LEU B 831 7.73 -26.72 -16.49
CA LEU B 831 8.47 -27.96 -16.36
C LEU B 831 8.22 -28.91 -17.54
N LEU B 832 6.96 -29.07 -17.93
CA LEU B 832 6.59 -29.96 -19.02
C LEU B 832 6.54 -29.20 -20.33
N THR B 833 7.22 -29.70 -21.35
CA THR B 833 7.20 -29.07 -22.66
C THR B 833 5.90 -29.42 -23.38
N ASP B 834 5.69 -28.79 -24.54
CA ASP B 834 4.50 -29.07 -25.32
C ASP B 834 4.51 -30.50 -25.86
N ASP B 835 5.70 -31.02 -26.19
CA ASP B 835 5.78 -32.38 -26.68
C ASP B 835 5.32 -33.39 -25.64
N MET B 836 5.68 -33.17 -24.37
CA MET B 836 5.27 -34.10 -23.32
C MET B 836 3.76 -34.07 -23.10
N ILE B 837 3.16 -32.88 -23.14
CA ILE B 837 1.71 -32.79 -22.98
C ILE B 837 1.01 -33.45 -24.16
N ALA B 838 1.53 -33.24 -25.37
CA ALA B 838 0.96 -33.91 -26.54
C ALA B 838 1.09 -35.43 -26.41
N ALA B 839 2.21 -35.91 -25.86
CA ALA B 839 2.37 -37.34 -25.66
C ALA B 839 1.34 -37.87 -24.66
N TYR B 840 1.09 -37.12 -23.59
CA TYR B 840 0.08 -37.54 -22.62
C TYR B 840 -1.30 -37.63 -23.28
N THR B 841 -1.67 -36.62 -24.08
CA THR B 841 -2.97 -36.65 -24.72
C THR B 841 -3.08 -37.80 -25.72
N ALA B 842 -2.01 -38.06 -26.47
CA ALA B 842 -2.02 -39.18 -27.40
C ALA B 842 -2.19 -40.50 -26.66
N ALA B 843 -1.51 -40.66 -25.53
CA ALA B 843 -1.67 -41.88 -24.75
C ALA B 843 -3.09 -42.03 -24.25
N LEU B 844 -3.70 -40.94 -23.78
CA LEU B 844 -5.07 -41.02 -23.28
C LEU B 844 -6.03 -41.43 -24.40
N VAL B 845 -5.89 -40.81 -25.58
CA VAL B 845 -6.78 -41.13 -26.68
C VAL B 845 -6.59 -42.58 -27.12
N SER B 846 -5.34 -43.03 -27.21
CA SER B 846 -5.09 -44.41 -27.60
C SER B 846 -5.68 -45.39 -26.60
N GLY B 847 -5.53 -45.09 -25.31
CA GLY B 847 -6.11 -45.96 -24.29
C GLY B 847 -7.62 -46.03 -24.39
N THR B 848 -8.27 -44.89 -24.64
CA THR B 848 -9.73 -44.92 -24.81
C THR B 848 -10.12 -45.70 -26.06
N ALA B 849 -9.31 -45.62 -27.11
CA ALA B 849 -9.68 -46.28 -28.36
C ALA B 849 -9.49 -47.79 -28.27
N THR B 850 -8.46 -48.25 -27.57
CA THR B 850 -8.13 -49.68 -27.55
C THR B 850 -8.59 -50.39 -26.29
N ALA B 851 -8.59 -49.73 -25.13
CA ALA B 851 -8.95 -50.37 -23.88
C ALA B 851 -10.27 -49.89 -23.31
N GLY B 852 -10.64 -48.63 -23.53
CA GLY B 852 -11.94 -48.15 -23.10
C GLY B 852 -11.96 -47.53 -21.72
N TRP B 853 -11.65 -48.33 -20.69
CA TRP B 853 -11.73 -47.87 -19.32
C TRP B 853 -13.19 -47.76 -18.87
N THR B 854 -13.49 -48.22 -17.67
CA THR B 854 -14.86 -48.18 -17.14
C THR B 854 -14.95 -47.33 -15.88
N PHE B 855 -14.11 -47.58 -14.88
CA PHE B 855 -14.19 -46.91 -13.59
C PHE B 855 -12.81 -46.49 -13.12
N GLY B 856 -12.03 -45.88 -14.01
CA GLY B 856 -10.76 -45.33 -13.64
C GLY B 856 -9.66 -45.81 -14.56
N ALA B 857 -8.42 -45.66 -14.10
CA ALA B 857 -7.23 -46.03 -14.86
C ALA B 857 -6.48 -47.10 -14.07
N GLY B 858 -6.84 -48.36 -14.28
CA GLY B 858 -6.16 -49.46 -13.65
C GLY B 858 -5.39 -50.30 -14.65
N ALA B 859 -5.81 -51.55 -14.84
CA ALA B 859 -5.23 -52.42 -15.84
C ALA B 859 -6.09 -52.36 -17.10
N ALA B 860 -5.47 -52.00 -18.22
CA ALA B 860 -6.20 -51.90 -19.46
C ALA B 860 -6.78 -53.25 -19.85
N LEU B 861 -8.07 -53.26 -20.21
CA LEU B 861 -8.75 -54.47 -20.66
C LEU B 861 -9.21 -54.21 -22.09
N GLN B 862 -8.46 -54.76 -23.05
CA GLN B 862 -8.77 -54.54 -24.46
C GLN B 862 -10.21 -54.96 -24.76
N ILE B 863 -10.76 -54.37 -25.82
CA ILE B 863 -12.12 -54.67 -26.24
C ILE B 863 -12.35 -54.04 -27.61
N PRO B 864 -13.04 -54.70 -28.54
CA PRO B 864 -13.34 -54.06 -29.83
C PRO B 864 -14.17 -52.80 -29.62
N PHE B 865 -13.92 -51.79 -30.48
CA PHE B 865 -14.54 -50.50 -30.28
C PHE B 865 -16.05 -50.57 -30.40
N ALA B 866 -16.57 -51.36 -31.34
CA ALA B 866 -18.01 -51.46 -31.50
C ALA B 866 -18.67 -52.03 -30.25
N MET B 867 -18.06 -53.03 -29.63
CA MET B 867 -18.60 -53.57 -28.40
C MET B 867 -18.56 -52.54 -27.29
N GLN B 868 -17.53 -51.70 -27.26
CA GLN B 868 -17.48 -50.62 -26.29
C GLN B 868 -18.61 -49.63 -26.50
N MET B 869 -18.88 -49.28 -27.75
CA MET B 869 -19.99 -48.36 -28.03
C MET B 869 -21.32 -48.97 -27.64
N ALA B 870 -21.48 -50.29 -27.86
CA ALA B 870 -22.70 -50.96 -27.42
C ALA B 870 -22.82 -50.91 -25.90
N TYR B 871 -21.72 -51.12 -25.18
CA TYR B 871 -21.74 -51.03 -23.73
C TYR B 871 -22.15 -49.63 -23.27
N ARG B 872 -21.61 -48.60 -23.92
CA ARG B 872 -21.95 -47.24 -23.54
C ARG B 872 -23.40 -46.90 -23.89
N PHE B 873 -23.92 -47.47 -24.99
CA PHE B 873 -25.33 -47.33 -25.29
C PHE B 873 -26.18 -47.94 -24.18
N ASN B 874 -25.79 -49.14 -23.72
CA ASN B 874 -26.48 -49.74 -22.58
C ASN B 874 -26.41 -48.83 -21.37
N GLY B 875 -25.30 -48.12 -21.20
CA GLY B 875 -25.16 -47.22 -20.06
C GLY B 875 -26.24 -46.15 -20.02
N ILE B 876 -26.62 -45.62 -21.18
CA ILE B 876 -27.65 -44.58 -21.25
C ILE B 876 -29.04 -45.13 -21.40
N GLY B 877 -29.22 -46.45 -21.40
CA GLY B 877 -30.53 -47.05 -21.43
C GLY B 877 -31.06 -47.33 -22.82
N VAL B 878 -30.20 -47.83 -23.70
CA VAL B 878 -30.57 -48.21 -25.06
C VAL B 878 -30.04 -49.61 -25.33
N ALA B 879 -30.80 -50.38 -26.10
CA ALA B 879 -30.43 -51.76 -26.39
C ALA B 879 -29.25 -51.81 -27.35
N GLN B 880 -28.42 -52.85 -27.20
CA GLN B 880 -27.22 -52.99 -28.02
C GLN B 880 -27.57 -53.21 -29.49
N ASN B 881 -28.73 -53.83 -29.76
CA ASN B 881 -29.11 -54.07 -31.15
C ASN B 881 -29.26 -52.76 -31.91
N VAL B 882 -29.63 -51.68 -31.24
CA VAL B 882 -29.74 -50.39 -31.90
C VAL B 882 -28.38 -49.97 -32.44
N LEU B 883 -27.32 -50.14 -31.64
CA LEU B 883 -25.98 -49.80 -32.11
C LEU B 883 -25.52 -50.76 -33.20
N TYR B 884 -25.70 -52.06 -32.99
CA TYR B 884 -25.15 -53.04 -33.93
C TYR B 884 -25.82 -52.95 -35.29
N GLU B 885 -27.14 -52.72 -35.32
CA GLU B 885 -27.86 -52.70 -36.58
C GLU B 885 -27.59 -51.44 -37.39
N ASN B 886 -27.28 -50.33 -36.73
CA ASN B 886 -27.04 -49.06 -37.41
C ASN B 886 -25.57 -48.63 -37.30
N GLN B 887 -24.65 -49.59 -37.28
CA GLN B 887 -23.26 -49.26 -37.05
C GLN B 887 -22.71 -48.31 -38.11
N LYS B 888 -23.03 -48.56 -39.38
CA LYS B 888 -22.50 -47.74 -40.46
C LYS B 888 -23.00 -46.30 -40.34
N GLN B 889 -24.30 -46.12 -40.08
CA GLN B 889 -24.85 -44.77 -39.97
C GLN B 889 -24.26 -44.03 -38.77
N ILE B 890 -24.12 -44.72 -37.64
CA ILE B 890 -23.56 -44.09 -36.46
C ILE B 890 -22.10 -43.68 -36.70
N ALA B 891 -21.33 -44.55 -37.35
CA ALA B 891 -19.95 -44.21 -37.66
C ALA B 891 -19.89 -43.01 -38.60
N ASN B 892 -20.78 -42.96 -39.60
CA ASN B 892 -20.80 -41.82 -40.51
C ASN B 892 -21.11 -40.53 -39.76
N GLN B 893 -22.07 -40.58 -38.84
CA GLN B 893 -22.40 -39.38 -38.06
C GLN B 893 -21.21 -38.95 -37.21
N PHE B 894 -20.52 -39.90 -36.60
CA PHE B 894 -19.32 -39.58 -35.81
C PHE B 894 -18.28 -38.88 -36.67
N ASN B 895 -18.00 -39.44 -37.85
CA ASN B 895 -16.99 -38.85 -38.73
C ASN B 895 -17.41 -37.46 -39.19
N LYS B 896 -18.69 -37.29 -39.52
CA LYS B 896 -19.18 -35.99 -39.95
C LYS B 896 -19.04 -34.96 -38.85
N ALA B 897 -19.34 -35.34 -37.61
CA ALA B 897 -19.18 -34.41 -36.49
C ALA B 897 -17.73 -34.00 -36.31
N ILE B 898 -16.81 -34.96 -36.44
CA ILE B 898 -15.40 -34.63 -36.33
C ILE B 898 -14.99 -33.65 -37.43
N SER B 899 -15.44 -33.89 -38.66
CA SER B 899 -15.11 -32.99 -39.76
C SER B 899 -15.68 -31.59 -39.52
N GLN B 900 -16.90 -31.51 -38.99
CA GLN B 900 -17.49 -30.21 -38.69
C GLN B 900 -16.67 -29.46 -37.64
N ILE B 901 -16.23 -30.17 -36.60
CA ILE B 901 -15.38 -29.53 -35.59
C ILE B 901 -14.12 -28.99 -36.23
N GLN B 902 -13.48 -29.80 -37.08
CA GLN B 902 -12.24 -29.36 -37.72
C GLN B 902 -12.47 -28.13 -38.58
N GLU B 903 -13.55 -28.13 -39.38
CA GLU B 903 -13.82 -26.99 -40.25
C GLU B 903 -14.11 -25.74 -39.43
N SER B 904 -14.87 -25.88 -38.35
CA SER B 904 -15.15 -24.72 -37.49
C SER B 904 -13.87 -24.16 -36.90
N LEU B 905 -12.96 -25.03 -36.46
CA LEU B 905 -11.70 -24.55 -35.90
C LEU B 905 -10.85 -23.86 -36.97
N THR B 906 -10.88 -24.36 -38.20
CA THR B 906 -10.05 -23.78 -39.25
C THR B 906 -10.44 -22.33 -39.52
N THR B 907 -11.73 -22.03 -39.54
CA THR B 907 -12.17 -20.66 -39.78
C THR B 907 -11.80 -19.75 -38.62
N THR B 908 -11.35 -18.53 -38.96
CA THR B 908 -10.98 -17.56 -37.94
C THR B 908 -12.18 -17.22 -37.06
N SER B 909 -11.95 -17.20 -35.75
CA SER B 909 -13.01 -16.93 -34.79
C SER B 909 -12.35 -16.69 -33.43
N THR B 910 -13.16 -16.57 -32.39
CA THR B 910 -12.70 -16.37 -31.03
C THR B 910 -13.06 -17.57 -30.16
N ALA B 911 -12.86 -18.77 -30.69
CA ALA B 911 -13.19 -19.98 -29.95
C ALA B 911 -12.34 -20.10 -28.69
N LEU B 912 -11.07 -19.70 -28.77
CA LEU B 912 -10.13 -19.83 -27.66
C LEU B 912 -9.92 -18.50 -26.95
N GLY B 913 -10.97 -17.71 -26.78
CA GLY B 913 -10.82 -16.40 -26.18
C GLY B 913 -10.27 -16.41 -24.77
N LYS B 914 -10.60 -17.45 -23.99
CA LYS B 914 -10.15 -17.49 -22.60
C LYS B 914 -8.63 -17.59 -22.49
N LEU B 915 -8.02 -18.47 -23.30
CA LEU B 915 -6.57 -18.62 -23.24
C LEU B 915 -5.86 -17.35 -23.69
N GLN B 916 -6.35 -16.73 -24.76
CA GLN B 916 -5.80 -15.46 -25.20
C GLN B 916 -5.94 -14.41 -24.12
N ASP B 917 -7.07 -14.42 -23.40
CA ASP B 917 -7.26 -13.46 -22.31
C ASP B 917 -6.22 -13.65 -21.22
N VAL B 918 -5.92 -14.90 -20.87
CA VAL B 918 -4.91 -15.16 -19.85
C VAL B 918 -3.55 -14.60 -20.31
N VAL B 919 -3.18 -14.90 -21.55
CA VAL B 919 -1.89 -14.43 -22.06
C VAL B 919 -1.83 -12.90 -22.03
N ASN B 920 -2.90 -12.26 -22.51
CA ASN B 920 -2.92 -10.81 -22.56
C ASN B 920 -2.84 -10.19 -21.18
N GLN B 921 -3.53 -10.79 -20.20
CA GLN B 921 -3.49 -10.24 -18.85
C GLN B 921 -2.08 -10.29 -18.27
N ASN B 922 -1.39 -11.41 -18.44
CA ASN B 922 -0.02 -11.49 -17.93
C ASN B 922 0.88 -10.44 -18.61
N ALA B 923 0.78 -10.35 -19.94
CA ALA B 923 1.63 -9.40 -20.66
C ALA B 923 1.34 -7.96 -20.21
N GLN B 924 0.06 -7.62 -20.07
CA GLN B 924 -0.30 -6.26 -19.66
C GLN B 924 0.22 -5.96 -18.27
N ALA B 925 0.14 -6.92 -17.35
CA ALA B 925 0.66 -6.68 -16.01
C ALA B 925 2.15 -6.34 -16.05
N LEU B 926 2.93 -7.14 -16.78
CA LEU B 926 4.36 -6.87 -16.82
C LEU B 926 4.66 -5.52 -17.49
N ASN B 927 3.98 -5.21 -18.58
CA ASN B 927 4.26 -3.96 -19.28
C ASN B 927 3.84 -2.75 -18.46
N THR B 928 2.74 -2.85 -17.71
CA THR B 928 2.35 -1.78 -16.81
C THR B 928 3.40 -1.58 -15.72
N LEU B 929 3.93 -2.68 -15.19
CA LEU B 929 4.99 -2.57 -14.20
C LEU B 929 6.18 -1.81 -14.78
N VAL B 930 6.56 -2.11 -16.02
CA VAL B 930 7.68 -1.40 -16.65
C VAL B 930 7.35 0.07 -16.82
N LYS B 931 6.13 0.38 -17.27
CA LYS B 931 5.77 1.77 -17.54
C LYS B 931 5.68 2.61 -16.27
N GLN B 932 5.35 1.99 -15.14
CA GLN B 932 5.20 2.77 -13.91
C GLN B 932 6.52 3.31 -13.37
N LEU B 933 7.66 3.02 -14.00
CA LEU B 933 8.92 3.55 -13.54
C LEU B 933 9.07 5.04 -13.81
N SER B 934 8.17 5.65 -14.57
CA SER B 934 8.25 7.06 -14.90
C SER B 934 7.44 7.93 -13.95
N SER B 935 6.93 7.37 -12.85
CA SER B 935 6.16 8.15 -11.89
C SER B 935 7.08 8.91 -10.94
N ASN B 936 6.72 10.16 -10.65
CA ASN B 936 7.52 10.98 -9.76
C ASN B 936 7.31 10.60 -8.29
N PHE B 937 6.10 10.21 -7.92
CA PHE B 937 5.77 9.83 -6.55
C PHE B 937 6.04 10.95 -5.56
N GLY B 938 5.92 12.20 -6.01
CA GLY B 938 6.15 13.35 -5.15
C GLY B 938 7.59 13.80 -5.05
N ALA B 939 8.50 13.21 -5.82
CA ALA B 939 9.88 13.65 -5.88
C ALA B 939 10.06 14.69 -6.99
N ILE B 940 11.23 15.31 -7.02
CA ILE B 940 11.50 16.33 -8.03
C ILE B 940 11.61 15.71 -9.42
N SER B 941 12.09 14.47 -9.50
CA SER B 941 12.26 13.79 -10.77
C SER B 941 12.20 12.29 -10.55
N SER B 942 11.85 11.57 -11.61
CA SER B 942 11.82 10.11 -11.59
C SER B 942 13.12 9.49 -12.08
N VAL B 943 14.08 10.30 -12.54
CA VAL B 943 15.36 9.81 -13.04
C VAL B 943 16.36 9.82 -11.90
N LEU B 944 16.88 8.66 -11.55
CA LEU B 944 17.83 8.56 -10.45
C LEU B 944 19.13 9.28 -10.77
N ASN B 945 19.62 9.15 -12.00
CA ASN B 945 20.90 9.76 -12.36
C ASN B 945 20.81 11.29 -12.28
N ASP B 946 19.69 11.86 -12.71
CA ASP B 946 19.51 13.30 -12.61
C ASP B 946 19.64 13.77 -11.16
N ILE B 947 18.93 13.10 -10.25
CA ILE B 947 18.95 13.48 -8.84
C ILE B 947 20.36 13.33 -8.26
N LEU B 948 21.01 12.21 -8.57
CA LEU B 948 22.34 11.98 -8.02
C LEU B 948 23.41 12.88 -8.65
N SER B 949 23.12 13.47 -9.80
CA SER B 949 24.04 14.41 -10.42
C SER B 949 23.83 15.84 -9.95
N ARG B 950 22.61 16.19 -9.54
CA ARG B 950 22.32 17.56 -9.13
C ARG B 950 22.53 17.81 -7.63
N LEU B 951 22.24 16.81 -6.79
CA LEU B 951 22.16 17.02 -5.35
C LEU B 951 23.23 16.19 -4.62
N ASP B 952 23.63 16.69 -3.46
CA ASP B 952 24.55 15.99 -2.59
C ASP B 952 23.81 14.91 -1.80
N LYS B 953 24.56 14.12 -1.05
CA LYS B 953 23.99 12.92 -0.43
C LYS B 953 22.77 13.25 0.41
N VAL B 954 22.89 14.26 1.28
CA VAL B 954 21.82 14.54 2.24
C VAL B 954 20.54 14.96 1.54
N GLU B 955 20.66 15.82 0.52
CA GLU B 955 19.46 16.28 -0.17
C GLU B 955 18.92 15.21 -1.12
N ALA B 956 19.79 14.43 -1.74
CA ALA B 956 19.35 13.37 -2.63
C ALA B 956 18.64 12.24 -1.89
N GLU B 957 18.95 12.05 -0.60
CA GLU B 957 18.35 10.95 0.16
C GLU B 957 16.84 11.08 0.22
N VAL B 958 16.32 12.29 0.42
CA VAL B 958 14.88 12.48 0.55
C VAL B 958 14.17 12.04 -0.73
N GLN B 959 14.64 12.52 -1.88
CA GLN B 959 14.02 12.18 -3.14
C GLN B 959 14.13 10.68 -3.41
N ILE B 960 15.30 10.09 -3.14
CA ILE B 960 15.47 8.67 -3.41
C ILE B 960 14.57 7.84 -2.51
N ASP B 961 14.36 8.28 -1.26
CA ASP B 961 13.46 7.55 -0.38
C ASP B 961 12.03 7.60 -0.90
N ARG B 962 11.60 8.76 -1.41
CA ARG B 962 10.26 8.84 -1.99
C ARG B 962 10.12 7.86 -3.16
N LEU B 963 11.13 7.83 -4.04
CA LEU B 963 11.08 6.91 -5.17
C LEU B 963 11.04 5.45 -4.71
N ILE B 964 11.82 5.12 -3.68
CA ILE B 964 11.84 3.75 -3.18
C ILE B 964 10.46 3.35 -2.67
N THR B 965 9.82 4.24 -1.90
CA THR B 965 8.50 3.92 -1.39
C THR B 965 7.52 3.67 -2.53
N GLY B 966 7.51 4.55 -3.54
CA GLY B 966 6.59 4.37 -4.65
C GLY B 966 6.80 3.07 -5.39
N ARG B 967 8.06 2.75 -5.68
CA ARG B 967 8.35 1.55 -6.47
C ARG B 967 8.02 0.27 -5.70
N LEU B 968 8.31 0.26 -4.39
CA LEU B 968 7.91 -0.89 -3.58
C LEU B 968 6.40 -1.07 -3.60
N GLN B 969 5.66 0.03 -3.52
CA GLN B 969 4.20 -0.08 -3.58
C GLN B 969 3.75 -0.69 -4.90
N SER B 970 4.37 -0.27 -6.01
CA SER B 970 4.01 -0.83 -7.32
C SER B 970 4.23 -2.34 -7.35
N LEU B 971 5.39 -2.79 -6.86
CA LEU B 971 5.68 -4.21 -6.86
C LEU B 971 4.68 -4.99 -6.01
N GLN B 972 4.31 -4.43 -4.84
CA GLN B 972 3.34 -5.11 -3.99
C GLN B 972 2.00 -5.26 -4.69
N THR B 973 1.55 -4.21 -5.38
CA THR B 973 0.28 -4.32 -6.11
C THR B 973 0.35 -5.42 -7.17
N TYR B 974 1.45 -5.47 -7.91
CA TYR B 974 1.59 -6.51 -8.93
C TYR B 974 1.49 -7.90 -8.31
N VAL B 975 2.19 -8.12 -7.19
CA VAL B 975 2.19 -9.45 -6.58
C VAL B 975 0.81 -9.82 -6.07
N THR B 976 0.09 -8.88 -5.46
CA THR B 976 -1.25 -9.19 -4.97
C THR B 976 -2.18 -9.60 -6.10
N GLN B 977 -2.15 -8.85 -7.21
CA GLN B 977 -3.00 -9.22 -8.33
C GLN B 977 -2.62 -10.58 -8.89
N GLN B 978 -1.32 -10.89 -8.92
CA GLN B 978 -0.89 -12.21 -9.39
C GLN B 978 -1.45 -13.30 -8.50
N LEU B 979 -1.44 -13.10 -7.18
CA LEU B 979 -1.99 -14.12 -6.28
C LEU B 979 -3.47 -14.36 -6.55
N ILE B 980 -4.24 -13.29 -6.73
CA ILE B 980 -5.68 -13.45 -6.97
C ILE B 980 -5.92 -14.21 -8.28
N ARG B 981 -5.21 -13.84 -9.34
CA ARG B 981 -5.36 -14.53 -10.62
C ARG B 981 -4.97 -16.00 -10.50
N ALA B 982 -3.92 -16.29 -9.73
CA ALA B 982 -3.50 -17.67 -9.54
C ALA B 982 -4.59 -18.48 -8.85
N ALA B 983 -5.27 -17.89 -7.87
CA ALA B 983 -6.38 -18.61 -7.23
C ALA B 983 -7.46 -18.96 -8.24
N GLU B 984 -7.83 -17.99 -9.10
CA GLU B 984 -8.85 -18.28 -10.11
C GLU B 984 -8.41 -19.41 -11.04
N ILE B 985 -7.16 -19.35 -11.50
CA ILE B 985 -6.65 -20.37 -12.41
C ILE B 985 -6.64 -21.73 -11.74
N ARG B 986 -6.31 -21.78 -10.45
CA ARG B 986 -6.31 -23.04 -9.72
C ARG B 986 -7.71 -23.65 -9.67
N ALA B 987 -8.73 -22.82 -9.42
CA ALA B 987 -10.09 -23.34 -9.44
C ALA B 987 -10.42 -23.94 -10.81
N SER B 988 -10.06 -23.23 -11.87
CA SER B 988 -10.34 -23.74 -13.22
C SER B 988 -9.63 -25.07 -13.46
N ALA B 989 -8.36 -25.17 -13.03
CA ALA B 989 -7.60 -26.40 -13.26
C ALA B 989 -8.19 -27.57 -12.46
N ASN B 990 -8.66 -27.30 -11.25
CA ASN B 990 -9.32 -28.36 -10.49
C ASN B 990 -10.55 -28.88 -11.22
N LEU B 991 -11.37 -27.95 -11.75
CA LEU B 991 -12.52 -28.39 -12.52
C LEU B 991 -12.10 -29.22 -13.74
N ALA B 992 -11.04 -28.80 -14.43
CA ALA B 992 -10.57 -29.53 -15.59
C ALA B 992 -10.12 -30.93 -15.22
N ALA B 993 -9.42 -31.08 -14.11
CA ALA B 993 -8.98 -32.40 -13.67
C ALA B 993 -10.18 -33.29 -13.34
N THR B 994 -11.18 -32.73 -12.65
CA THR B 994 -12.38 -33.52 -12.37
C THR B 994 -13.06 -33.96 -13.66
N LYS B 995 -13.15 -33.07 -14.64
CA LYS B 995 -13.78 -33.43 -15.90
C LYS B 995 -12.99 -34.51 -16.63
N MET B 996 -11.66 -34.42 -16.59
CA MET B 996 -10.86 -35.46 -17.22
C MET B 996 -11.07 -36.80 -16.55
N SER B 997 -11.20 -36.80 -15.23
CA SER B 997 -11.38 -38.05 -14.51
C SER B 997 -12.77 -38.65 -14.75
N GLU B 998 -13.79 -37.81 -14.85
CA GLU B 998 -15.17 -38.30 -14.87
C GLU B 998 -15.80 -38.39 -16.26
N CYS B 999 -15.23 -37.74 -17.27
CA CYS B 999 -15.78 -37.80 -18.62
C CYS B 999 -14.90 -38.55 -19.60
N VAL B 1000 -13.59 -38.57 -19.40
CA VAL B 1000 -12.69 -39.26 -20.32
C VAL B 1000 -12.40 -40.68 -19.85
N LEU B 1001 -12.24 -40.87 -18.54
CA LEU B 1001 -11.96 -42.18 -17.97
C LEU B 1001 -13.22 -42.91 -17.51
N GLY B 1002 -14.39 -42.36 -17.79
CA GLY B 1002 -15.63 -43.02 -17.41
C GLY B 1002 -16.80 -42.43 -18.15
N GLN B 1003 -17.99 -42.92 -17.82
CA GLN B 1003 -19.24 -42.39 -18.34
C GLN B 1003 -19.98 -41.71 -17.21
N SER B 1004 -20.44 -40.49 -17.46
CA SER B 1004 -21.03 -39.64 -16.42
C SER B 1004 -22.54 -39.61 -16.55
N LYS B 1005 -23.22 -39.76 -15.42
CA LYS B 1005 -24.68 -39.63 -15.35
C LYS B 1005 -25.13 -38.26 -14.86
N ARG B 1006 -24.19 -37.35 -14.61
CA ARG B 1006 -24.56 -36.00 -14.18
C ARG B 1006 -25.05 -35.19 -15.37
N VAL B 1007 -26.16 -34.48 -15.19
CA VAL B 1007 -26.79 -33.78 -16.30
C VAL B 1007 -25.93 -32.58 -16.70
N ASP B 1008 -25.52 -32.55 -17.97
CA ASP B 1008 -24.81 -31.43 -18.57
C ASP B 1008 -23.39 -31.27 -18.03
N PHE B 1009 -22.84 -32.26 -17.35
CA PHE B 1009 -21.47 -32.14 -16.87
C PHE B 1009 -20.47 -32.32 -18.01
N CYS B 1010 -20.70 -33.28 -18.90
CA CYS B 1010 -19.85 -33.51 -20.06
C CYS B 1010 -20.72 -33.32 -21.31
N GLY B 1011 -20.81 -32.08 -21.78
CA GLY B 1011 -21.57 -31.79 -22.97
C GLY B 1011 -23.06 -31.72 -22.71
N LYS B 1012 -23.82 -31.55 -23.79
CA LYS B 1012 -25.27 -31.44 -23.75
C LYS B 1012 -25.89 -32.68 -24.38
N GLY B 1013 -26.77 -33.34 -23.63
CA GLY B 1013 -27.39 -34.58 -24.05
C GLY B 1013 -26.99 -35.74 -23.15
N TYR B 1014 -27.05 -36.94 -23.71
CA TYR B 1014 -26.65 -38.15 -22.99
C TYR B 1014 -25.18 -38.42 -23.30
N HIS B 1015 -24.34 -38.40 -22.28
CA HIS B 1015 -22.91 -38.52 -22.48
C HIS B 1015 -22.56 -39.93 -22.95
N LEU B 1016 -21.80 -40.02 -24.03
CA LEU B 1016 -21.24 -41.29 -24.48
C LEU B 1016 -19.75 -41.39 -24.18
N MET B 1017 -18.94 -40.41 -24.61
CA MET B 1017 -17.52 -40.47 -24.34
C MET B 1017 -16.92 -39.07 -24.53
N SER B 1018 -15.62 -38.95 -24.26
CA SER B 1018 -14.93 -37.68 -24.37
C SER B 1018 -13.47 -37.91 -24.75
N PHE B 1019 -12.90 -36.93 -25.45
CA PHE B 1019 -11.51 -36.97 -25.86
C PHE B 1019 -10.80 -35.68 -25.44
N PRO B 1020 -9.61 -35.75 -24.85
CA PRO B 1020 -8.87 -34.52 -24.54
C PRO B 1020 -7.87 -34.15 -25.63
N GLN B 1021 -7.66 -32.84 -25.77
CA GLN B 1021 -6.66 -32.29 -26.67
C GLN B 1021 -5.94 -31.15 -25.96
N ALA B 1022 -4.63 -31.05 -26.18
CA ALA B 1022 -3.82 -30.01 -25.54
C ALA B 1022 -3.91 -28.71 -26.32
N ALA B 1023 -3.97 -27.60 -25.59
CA ALA B 1023 -4.02 -26.27 -26.18
C ALA B 1023 -3.09 -25.37 -25.37
N PRO B 1024 -2.67 -24.24 -25.95
CA PRO B 1024 -1.75 -23.35 -25.22
C PRO B 1024 -2.30 -22.96 -23.85
N HIS B 1025 -1.63 -23.41 -22.79
CA HIS B 1025 -2.01 -23.12 -21.41
C HIS B 1025 -3.36 -23.71 -21.03
N GLY B 1026 -3.87 -24.70 -21.76
CA GLY B 1026 -5.19 -25.19 -21.45
C GLY B 1026 -5.50 -26.52 -22.12
N VAL B 1027 -6.74 -26.95 -21.96
CA VAL B 1027 -7.21 -28.23 -22.46
C VAL B 1027 -8.55 -28.04 -23.16
N VAL B 1028 -8.75 -28.76 -24.25
CA VAL B 1028 -10.01 -28.76 -24.99
C VAL B 1028 -10.60 -30.17 -24.93
N PHE B 1029 -11.83 -30.27 -24.46
CA PHE B 1029 -12.54 -31.53 -24.38
C PHE B 1029 -13.53 -31.63 -25.53
N LEU B 1030 -13.53 -32.77 -26.22
CA LEU B 1030 -14.53 -33.08 -27.23
C LEU B 1030 -15.48 -34.11 -26.64
N HIS B 1031 -16.71 -33.71 -26.36
CA HIS B 1031 -17.72 -34.56 -25.75
C HIS B 1031 -18.62 -35.13 -26.84
N VAL B 1032 -18.68 -36.45 -26.94
CA VAL B 1032 -19.57 -37.17 -27.84
C VAL B 1032 -20.78 -37.62 -27.05
N THR B 1033 -21.96 -37.20 -27.49
CA THR B 1033 -23.23 -37.43 -26.81
C THR B 1033 -24.29 -37.87 -27.80
N TYR B 1034 -25.38 -38.40 -27.25
CA TYR B 1034 -26.51 -38.98 -27.98
C TYR B 1034 -27.72 -38.08 -27.76
N VAL B 1035 -28.33 -37.63 -28.85
CA VAL B 1035 -29.41 -36.65 -28.78
C VAL B 1035 -30.65 -37.24 -29.48
N PRO B 1036 -31.78 -37.40 -28.80
CA PRO B 1036 -32.99 -37.86 -29.48
C PRO B 1036 -33.54 -36.81 -30.43
N SER B 1037 -34.37 -37.27 -31.36
CA SER B 1037 -34.95 -36.38 -32.37
C SER B 1037 -36.12 -37.09 -33.05
N GLN B 1038 -36.91 -36.28 -33.77
CA GLN B 1038 -38.05 -36.78 -34.54
C GLN B 1038 -39.09 -37.46 -33.64
N GLU B 1039 -39.55 -36.71 -32.65
CA GLU B 1039 -40.51 -37.23 -31.68
C GLU B 1039 -41.92 -37.15 -32.26
N ARG B 1040 -42.73 -38.15 -31.96
CA ARG B 1040 -44.13 -38.19 -32.35
C ARG B 1040 -45.02 -38.47 -31.14
N ASN B 1041 -46.27 -38.03 -31.24
CA ASN B 1041 -47.21 -38.07 -30.13
C ASN B 1041 -47.99 -39.38 -30.14
N PHE B 1042 -48.41 -39.79 -28.94
CA PHE B 1042 -49.18 -41.01 -28.76
C PHE B 1042 -50.14 -40.81 -27.60
N THR B 1043 -51.14 -41.68 -27.54
CA THR B 1043 -52.08 -41.74 -26.43
C THR B 1043 -51.62 -42.77 -25.41
N THR B 1044 -51.65 -42.40 -24.14
CA THR B 1044 -51.09 -43.23 -23.09
C THR B 1044 -52.05 -43.29 -21.91
N ALA B 1045 -51.86 -44.31 -21.07
CA ALA B 1045 -52.67 -44.52 -19.88
C ALA B 1045 -51.79 -44.98 -18.74
N PRO B 1046 -52.19 -44.74 -17.49
CA PRO B 1046 -51.37 -45.17 -16.35
C PRO B 1046 -51.29 -46.68 -16.19
N ALA B 1047 -52.43 -47.36 -16.17
CA ALA B 1047 -52.49 -48.79 -15.90
C ALA B 1047 -53.51 -49.45 -16.82
N ILE B 1048 -53.45 -50.78 -16.88
CA ILE B 1048 -54.34 -51.56 -17.74
C ILE B 1048 -55.17 -52.48 -16.87
N CYS B 1049 -56.49 -52.44 -17.04
CA CYS B 1049 -57.41 -53.27 -16.26
C CYS B 1049 -57.74 -54.51 -17.06
N HIS B 1050 -57.21 -55.66 -16.63
CA HIS B 1050 -57.43 -56.93 -17.30
C HIS B 1050 -57.99 -57.94 -16.30
N GLU B 1051 -59.12 -58.55 -16.64
CA GLU B 1051 -59.75 -59.55 -15.79
C GLU B 1051 -59.96 -59.02 -14.38
N GLY B 1052 -60.37 -57.76 -14.29
CA GLY B 1052 -60.59 -57.14 -12.99
C GLY B 1052 -59.34 -57.04 -12.14
N LYS B 1053 -58.19 -56.81 -12.78
CA LYS B 1053 -56.92 -56.65 -12.08
C LYS B 1053 -56.11 -55.55 -12.74
N ALA B 1054 -55.46 -54.73 -11.92
CA ALA B 1054 -54.67 -53.62 -12.43
C ALA B 1054 -53.26 -54.08 -12.78
N TYR B 1055 -52.77 -53.63 -13.93
CA TYR B 1055 -51.44 -53.97 -14.42
C TYR B 1055 -50.66 -52.68 -14.65
N PHE B 1056 -49.43 -52.64 -14.15
CA PHE B 1056 -48.53 -51.51 -14.31
C PHE B 1056 -47.23 -51.99 -14.95
N PRO B 1057 -46.59 -51.15 -15.76
CA PRO B 1057 -45.31 -51.55 -16.35
C PRO B 1057 -44.19 -51.53 -15.31
N ARG B 1058 -43.27 -52.49 -15.43
CA ARG B 1058 -42.11 -52.49 -14.55
C ARG B 1058 -41.09 -51.44 -14.98
N GLU B 1059 -40.92 -51.24 -16.30
CA GLU B 1059 -40.03 -50.19 -16.80
C GLU B 1059 -40.49 -49.86 -18.22
N GLY B 1060 -41.10 -48.70 -18.39
CA GLY B 1060 -41.60 -48.28 -19.68
C GLY B 1060 -42.88 -47.50 -19.51
N VAL B 1061 -43.69 -47.50 -20.56
CA VAL B 1061 -44.95 -46.76 -20.59
C VAL B 1061 -45.90 -47.42 -21.57
N PHE B 1062 -47.18 -47.42 -21.22
CA PHE B 1062 -48.23 -47.91 -22.11
C PHE B 1062 -48.53 -46.89 -23.19
N VAL B 1063 -48.55 -47.34 -24.44
CA VAL B 1063 -48.74 -46.46 -25.59
C VAL B 1063 -49.79 -47.08 -26.50
N PHE B 1064 -50.47 -46.22 -27.25
CA PHE B 1064 -51.50 -46.64 -28.22
C PHE B 1064 -51.15 -46.02 -29.56
N ASN B 1065 -50.73 -46.86 -30.51
CA ASN B 1065 -50.27 -46.37 -31.80
C ASN B 1065 -51.39 -46.18 -32.81
N GLY B 1066 -52.63 -46.47 -32.43
CA GLY B 1066 -53.76 -46.26 -33.32
C GLY B 1066 -54.64 -47.48 -33.45
N THR B 1067 -54.05 -48.66 -33.26
CA THR B 1067 -54.77 -49.92 -33.42
C THR B 1067 -54.72 -50.80 -32.18
N SER B 1068 -53.62 -50.79 -31.44
CA SER B 1068 -53.48 -51.66 -30.28
C SER B 1068 -52.55 -50.98 -29.27
N TRP B 1069 -52.47 -51.59 -28.09
CA TRP B 1069 -51.69 -51.05 -26.98
C TRP B 1069 -50.38 -51.82 -26.85
N PHE B 1070 -49.29 -51.09 -26.65
CA PHE B 1070 -47.96 -51.66 -26.51
C PHE B 1070 -47.26 -51.04 -25.30
N ILE B 1071 -46.09 -51.60 -24.98
CA ILE B 1071 -45.19 -51.03 -23.99
C ILE B 1071 -43.98 -50.50 -24.72
N THR B 1072 -43.59 -49.25 -24.42
CA THR B 1072 -42.48 -48.60 -25.08
C THR B 1072 -41.60 -47.90 -24.05
N GLN B 1073 -40.33 -47.72 -24.42
CA GLN B 1073 -39.38 -47.00 -23.60
C GLN B 1073 -39.49 -45.50 -23.88
N ARG B 1074 -39.23 -44.70 -22.84
CA ARG B 1074 -39.38 -43.25 -22.96
C ARG B 1074 -38.40 -42.68 -23.98
N ASN B 1075 -37.12 -43.04 -23.88
CA ASN B 1075 -36.11 -42.41 -24.72
C ASN B 1075 -36.29 -42.78 -26.19
N PHE B 1076 -36.56 -44.04 -26.48
CA PHE B 1076 -36.67 -44.53 -27.84
C PHE B 1076 -37.98 -45.25 -28.02
N PHE B 1077 -38.56 -45.14 -29.21
CA PHE B 1077 -39.85 -45.76 -29.53
C PHE B 1077 -39.59 -47.15 -30.10
N SER B 1078 -40.05 -48.17 -29.38
CA SER B 1078 -39.93 -49.56 -29.82
C SER B 1078 -41.06 -50.35 -29.19
N PRO B 1079 -42.25 -50.34 -29.82
CA PRO B 1079 -43.40 -50.98 -29.18
C PRO B 1079 -43.18 -52.47 -28.96
N GLN B 1080 -43.70 -52.97 -27.85
CA GLN B 1080 -43.64 -54.38 -27.51
C GLN B 1080 -45.02 -54.87 -27.12
N ILE B 1081 -45.28 -56.15 -27.40
CA ILE B 1081 -46.55 -56.74 -27.02
C ILE B 1081 -46.63 -56.79 -25.50
N ILE B 1082 -47.76 -56.32 -24.96
CA ILE B 1082 -47.96 -56.31 -23.51
C ILE B 1082 -47.97 -57.76 -23.04
N THR B 1083 -46.98 -58.13 -22.23
CA THR B 1083 -46.79 -59.49 -21.79
C THR B 1083 -46.64 -59.52 -20.28
N THR B 1084 -46.93 -60.68 -19.68
CA THR B 1084 -46.79 -60.83 -18.24
C THR B 1084 -45.34 -60.77 -17.78
N ASP B 1085 -44.38 -60.82 -18.69
CA ASP B 1085 -42.97 -60.76 -18.34
C ASP B 1085 -42.45 -59.32 -18.20
N ASN B 1086 -43.25 -58.32 -18.59
CA ASN B 1086 -42.83 -56.93 -18.51
C ASN B 1086 -43.90 -56.07 -17.84
N THR B 1087 -44.70 -56.65 -16.96
CA THR B 1087 -45.71 -55.93 -16.21
C THR B 1087 -45.88 -56.60 -14.86
N PHE B 1088 -46.61 -55.94 -13.97
CA PHE B 1088 -46.91 -56.52 -12.67
C PHE B 1088 -48.30 -56.08 -12.23
N VAL B 1089 -48.87 -56.85 -11.30
CA VAL B 1089 -50.26 -56.69 -10.88
C VAL B 1089 -50.29 -56.24 -9.43
N SER B 1090 -51.27 -55.40 -9.10
CA SER B 1090 -51.45 -54.96 -7.72
C SER B 1090 -52.85 -54.38 -7.58
N GLY B 1091 -53.66 -54.94 -6.69
CA GLY B 1091 -54.96 -54.39 -6.39
C GLY B 1091 -55.98 -54.62 -7.51
N ASN B 1092 -57.06 -53.87 -7.42
CA ASN B 1092 -58.16 -53.92 -8.37
C ASN B 1092 -58.14 -52.68 -9.26
N CYS B 1093 -59.16 -52.54 -10.10
CA CYS B 1093 -59.25 -51.44 -11.05
C CYS B 1093 -60.03 -50.25 -10.50
N ASP B 1094 -60.42 -50.29 -9.22
CA ASP B 1094 -61.26 -49.24 -8.66
C ASP B 1094 -60.47 -48.08 -8.05
N VAL B 1095 -59.14 -48.18 -8.00
CA VAL B 1095 -58.32 -47.18 -7.32
C VAL B 1095 -57.61 -46.27 -8.32
N VAL B 1096 -56.91 -46.86 -9.29
CA VAL B 1096 -56.12 -46.06 -10.22
C VAL B 1096 -57.01 -45.10 -10.98
N ILE B 1097 -56.54 -43.87 -11.16
CA ILE B 1097 -57.28 -42.85 -11.90
C ILE B 1097 -56.87 -42.93 -13.36
N GLY B 1098 -57.86 -43.04 -14.24
CA GLY B 1098 -57.59 -43.10 -15.66
C GLY B 1098 -57.21 -44.47 -16.18
N ILE B 1099 -57.48 -45.53 -15.43
CA ILE B 1099 -57.15 -46.87 -15.90
C ILE B 1099 -57.97 -47.20 -17.13
N ILE B 1100 -57.43 -48.09 -17.97
CA ILE B 1100 -58.07 -48.48 -19.22
C ILE B 1100 -58.16 -50.00 -19.26
N ASN B 1101 -59.18 -50.50 -19.97
CA ASN B 1101 -59.43 -51.93 -20.08
C ASN B 1101 -58.76 -52.48 -21.34
N ASN B 1102 -58.02 -53.58 -21.19
CA ASN B 1102 -57.38 -54.24 -22.31
C ASN B 1102 -56.87 -55.60 -21.83
N THR B 1103 -56.50 -56.43 -22.79
CA THR B 1103 -56.04 -57.78 -22.51
C THR B 1103 -54.53 -57.82 -22.35
N VAL B 1104 -54.05 -58.87 -21.66
CA VAL B 1104 -52.63 -59.12 -21.47
C VAL B 1104 -52.34 -60.51 -22.02
N TYR B 1105 -51.34 -60.61 -22.89
CA TYR B 1105 -50.98 -61.88 -23.52
C TYR B 1105 -50.22 -62.74 -22.51
N ASP B 1106 -49.71 -63.88 -22.98
CA ASP B 1106 -48.99 -64.81 -22.12
C ASP B 1106 -47.81 -64.13 -21.43
N LEU C 1 -16.39 46.48 57.36
CA LEU C 1 -15.13 47.15 57.63
C LEU C 1 -14.38 47.45 56.34
N ASP C 2 -13.65 48.57 56.32
CA ASP C 2 -12.86 48.96 55.16
C ASP C 2 -11.43 48.44 55.25
N ARG C 3 -11.30 47.13 55.48
CA ARG C 3 -10.00 46.49 55.59
C ARG C 3 -10.22 44.99 55.73
N CYS C 4 -9.17 44.22 55.45
CA CYS C 4 -9.27 42.77 55.51
C CYS C 4 -9.72 42.33 56.90
N THR C 5 -10.91 41.73 56.97
CA THR C 5 -11.49 41.28 58.23
C THR C 5 -11.57 39.77 58.25
N THR C 6 -11.31 39.18 59.41
CA THR C 6 -11.37 37.74 59.60
C THR C 6 -12.53 37.39 60.52
N PHE C 7 -13.43 36.55 60.04
CA PHE C 7 -14.56 36.10 60.85
C PHE C 7 -14.05 35.25 62.02
N ASP C 8 -14.62 35.47 63.19
CA ASP C 8 -14.20 34.76 64.39
C ASP C 8 -15.18 33.62 64.71
N ASP C 9 -14.63 32.53 65.23
CA ASP C 9 -15.40 31.35 65.61
C ASP C 9 -16.15 30.78 64.40
N VAL C 10 -15.34 30.34 63.44
CA VAL C 10 -15.84 29.76 62.18
C VAL C 10 -15.65 28.25 62.24
N GLN C 11 -16.70 27.51 61.89
CA GLN C 11 -16.65 26.06 61.94
C GLN C 11 -15.63 25.54 60.93
N ALA C 12 -14.89 24.50 61.34
CA ALA C 12 -13.88 23.92 60.47
C ALA C 12 -14.54 23.24 59.27
N PRO C 13 -13.85 23.17 58.14
CA PRO C 13 -14.47 22.63 56.92
C PRO C 13 -14.40 21.11 56.82
N ASN C 14 -15.55 20.46 56.73
CA ASN C 14 -15.63 19.03 56.45
C ASN C 14 -15.90 18.88 54.95
N TYR C 15 -14.90 18.45 54.20
CA TYR C 15 -15.01 18.36 52.76
C TYR C 15 -15.85 17.16 52.36
N THR C 16 -17.07 17.41 51.89
CA THR C 16 -17.96 16.30 51.55
C THR C 16 -17.52 15.65 50.25
N GLN C 17 -17.91 14.39 50.06
CA GLN C 17 -17.55 13.62 48.88
C GLN C 17 -18.79 13.31 48.06
N HIS C 18 -18.71 13.52 46.75
CA HIS C 18 -19.83 13.26 45.86
C HIS C 18 -19.24 12.70 44.57
N THR C 19 -20.10 12.43 43.59
CA THR C 19 -19.62 11.99 42.28
C THR C 19 -20.32 12.80 41.20
N SER C 20 -19.57 13.11 40.15
CA SER C 20 -20.17 13.65 38.94
C SER C 20 -20.94 12.53 38.23
N SER C 21 -21.72 12.92 37.23
CA SER C 21 -22.44 11.93 36.44
C SER C 21 -22.68 12.47 35.04
N MET C 22 -21.75 12.21 34.13
CA MET C 22 -21.84 12.72 32.77
C MET C 22 -22.02 14.24 32.75
N ARG C 23 -21.35 14.91 33.68
CA ARG C 23 -21.35 16.36 33.77
C ARG C 23 -20.00 16.92 33.35
N GLY C 24 -20.01 18.10 32.73
CA GLY C 24 -18.79 18.80 32.39
C GLY C 24 -18.35 18.73 30.95
N VAL C 25 -19.25 18.42 30.02
CA VAL C 25 -18.89 18.36 28.61
C VAL C 25 -19.06 19.75 27.99
N TYR C 26 -18.16 20.11 27.09
CA TYR C 26 -18.20 21.42 26.48
C TYR C 26 -17.88 21.30 24.99
N TYR C 27 -18.19 22.35 24.25
CA TYR C 27 -17.91 22.38 22.82
C TYR C 27 -16.41 22.44 22.58
N PRO C 28 -15.82 21.48 21.86
CA PRO C 28 -14.36 21.44 21.75
C PRO C 28 -13.76 22.42 20.74
N ASP C 29 -14.55 22.99 19.84
CA ASP C 29 -14.04 23.96 18.88
C ASP C 29 -15.21 24.80 18.39
N GLU C 30 -14.99 25.55 17.31
CA GLU C 30 -15.98 26.48 16.79
C GLU C 30 -16.60 26.03 15.47
N ILE C 31 -16.43 24.77 15.09
CA ILE C 31 -16.97 24.27 13.84
C ILE C 31 -18.40 23.80 14.06
N PHE C 32 -19.28 24.06 13.11
CA PHE C 32 -20.64 23.59 13.18
C PHE C 32 -20.73 22.18 12.59
N ARG C 33 -21.33 21.26 13.34
CA ARG C 33 -21.59 19.90 12.90
C ARG C 33 -23.00 19.51 13.28
N SER C 34 -23.56 18.54 12.57
CA SER C 34 -24.94 18.15 12.79
C SER C 34 -25.14 16.69 12.40
N ASP C 35 -25.98 16.00 13.17
CA ASP C 35 -26.32 14.59 12.94
C ASP C 35 -25.08 13.74 12.72
N THR C 36 -24.21 13.69 13.72
CA THR C 36 -22.95 12.98 13.55
C THR C 36 -22.37 12.61 14.90
N LEU C 37 -21.31 11.80 14.85
CA LEU C 37 -20.50 11.45 16.00
C LEU C 37 -19.08 11.94 15.76
N TYR C 38 -18.50 12.56 16.77
CA TYR C 38 -17.18 13.18 16.64
C TYR C 38 -16.27 12.66 17.76
N LEU C 39 -15.13 12.10 17.38
CA LEU C 39 -14.16 11.60 18.34
C LEU C 39 -13.06 12.63 18.54
N THR C 40 -12.76 12.93 19.80
CA THR C 40 -11.76 13.95 20.09
C THR C 40 -11.10 13.67 21.44
N GLN C 41 -9.80 13.97 21.53
CA GLN C 41 -9.07 13.85 22.78
C GLN C 41 -8.81 15.25 23.33
N ASP C 42 -9.11 15.43 24.62
CA ASP C 42 -8.95 16.74 25.25
C ASP C 42 -9.00 16.57 26.76
N LEU C 43 -8.89 17.69 27.47
CA LEU C 43 -9.03 17.69 28.92
C LEU C 43 -10.51 17.73 29.27
N PHE C 44 -11.03 16.60 29.74
CA PHE C 44 -12.43 16.48 30.14
C PHE C 44 -12.53 15.99 31.58
N LEU C 45 -13.73 16.06 32.12
CA LEU C 45 -14.00 15.48 33.43
C LEU C 45 -14.49 14.05 33.22
N PRO C 46 -13.73 13.02 33.63
CA PRO C 46 -14.18 11.65 33.40
C PRO C 46 -15.51 11.37 34.09
N PHE C 47 -16.33 10.56 33.44
CA PHE C 47 -17.65 10.26 33.95
C PHE C 47 -17.55 9.57 35.31
N TYR C 48 -18.48 9.92 36.21
CA TYR C 48 -18.55 9.32 37.54
C TYR C 48 -17.22 9.47 38.28
N SER C 49 -16.65 10.67 38.21
CA SER C 49 -15.45 11.02 38.95
C SER C 49 -15.82 11.50 40.35
N ASN C 50 -14.86 11.43 41.26
CA ASN C 50 -15.04 11.93 42.62
C ASN C 50 -14.92 13.45 42.63
N VAL C 51 -15.86 14.12 43.29
CA VAL C 51 -15.85 15.57 43.40
C VAL C 51 -15.96 15.94 44.87
N THR C 52 -15.38 17.08 45.23
CA THR C 52 -15.35 17.54 46.61
C THR C 52 -16.32 18.69 46.79
N GLY C 53 -17.09 18.65 47.88
CA GLY C 53 -18.12 19.65 48.12
C GLY C 53 -17.84 20.49 49.36
N PHE C 54 -18.11 21.79 49.20
CA PHE C 54 -17.93 22.80 50.23
C PHE C 54 -19.24 23.56 50.40
N HIS C 55 -19.51 23.99 51.63
CA HIS C 55 -20.83 24.51 51.99
C HIS C 55 -20.70 25.77 52.82
N THR C 56 -21.69 26.65 52.69
CA THR C 56 -21.86 27.79 53.58
C THR C 56 -23.23 27.66 54.24
N ILE C 57 -23.23 27.54 55.57
CA ILE C 57 -24.45 27.43 56.36
C ILE C 57 -24.08 27.66 57.81
N ASN C 58 -24.97 28.34 58.54
CA ASN C 58 -24.77 28.63 59.96
C ASN C 58 -23.43 29.30 60.19
N HIS C 59 -22.48 28.58 60.81
CA HIS C 59 -21.15 29.11 61.08
C HIS C 59 -20.08 28.56 60.15
N THR C 60 -20.42 27.64 59.25
CA THR C 60 -19.46 27.14 58.29
C THR C 60 -19.35 28.12 57.12
N PHE C 61 -18.11 28.51 56.78
CA PHE C 61 -17.85 29.48 55.73
C PHE C 61 -16.67 28.97 54.88
N ASP C 62 -16.80 27.73 54.41
CA ASP C 62 -15.73 27.07 53.67
C ASP C 62 -15.23 27.94 52.51
N ASN C 63 -13.95 28.32 52.56
CA ASN C 63 -13.30 28.99 51.43
C ASN C 63 -11.79 28.82 51.53
N PRO C 64 -11.30 27.59 51.48
CA PRO C 64 -9.85 27.36 51.55
C PRO C 64 -9.17 27.64 50.22
N VAL C 65 -7.88 27.36 50.16
CA VAL C 65 -7.10 27.48 48.94
C VAL C 65 -7.03 26.09 48.31
N ILE C 66 -7.62 25.95 47.12
CA ILE C 66 -7.70 24.66 46.45
C ILE C 66 -6.70 24.62 45.30
N PRO C 67 -5.95 23.53 45.11
CA PRO C 67 -5.04 23.45 43.97
C PRO C 67 -5.79 23.44 42.64
N PHE C 68 -5.10 23.91 41.60
CA PHE C 68 -5.65 24.01 40.26
C PHE C 68 -5.32 22.82 39.36
N LYS C 69 -4.12 22.25 39.50
CA LYS C 69 -3.69 21.10 38.70
C LYS C 69 -3.80 21.45 37.22
N ASP C 70 -4.63 20.79 36.43
CA ASP C 70 -4.70 21.00 34.99
C ASP C 70 -6.04 21.55 34.53
N GLY C 71 -6.70 22.34 35.36
CA GLY C 71 -8.02 22.84 35.06
C GLY C 71 -9.08 22.13 35.89
N ILE C 72 -10.20 22.82 36.07
CA ILE C 72 -11.22 22.37 37.03
C ILE C 72 -12.61 22.46 36.43
N TYR C 73 -13.51 21.65 36.99
CA TYR C 73 -14.95 21.79 36.84
C TYR C 73 -15.48 22.32 38.17
N PHE C 74 -16.25 23.40 38.11
CA PHE C 74 -16.74 24.11 39.29
C PHE C 74 -18.25 24.26 39.18
N ALA C 75 -18.98 23.66 40.10
CA ALA C 75 -20.44 23.75 40.11
C ALA C 75 -20.90 24.46 41.38
N ALA C 76 -21.99 25.23 41.24
CA ALA C 76 -22.54 25.96 42.38
C ALA C 76 -24.05 25.75 42.41
N THR C 77 -24.55 25.25 43.54
CA THR C 77 -25.98 25.12 43.77
C THR C 77 -26.38 26.18 44.79
N GLU C 78 -27.33 27.03 44.40
CA GLU C 78 -27.72 28.13 45.27
C GLU C 78 -29.08 28.69 44.86
N LYS C 79 -29.60 29.54 45.75
CA LYS C 79 -30.86 30.24 45.53
C LYS C 79 -30.79 31.71 45.90
N SER C 80 -29.70 32.18 46.50
CA SER C 80 -29.59 33.57 46.95
C SER C 80 -28.26 34.19 46.53
N ASN C 81 -27.65 33.69 45.46
CA ASN C 81 -26.45 34.30 44.89
C ASN C 81 -25.35 34.51 45.92
N VAL C 82 -24.81 33.42 46.48
CA VAL C 82 -23.78 33.51 47.50
C VAL C 82 -22.40 33.48 46.87
N VAL C 83 -22.21 32.65 45.86
CA VAL C 83 -20.92 32.54 45.17
C VAL C 83 -20.85 33.65 44.14
N ARG C 84 -19.79 34.46 44.21
CA ARG C 84 -19.70 35.70 43.45
C ARG C 84 -18.57 35.70 42.43
N GLY C 85 -17.58 34.84 42.61
CA GLY C 85 -16.44 34.80 41.71
C GLY C 85 -15.28 33.97 42.20
N TRP C 86 -14.12 34.17 41.58
CA TRP C 86 -12.92 33.40 41.89
C TRP C 86 -11.70 34.31 41.84
N VAL C 87 -10.63 33.85 42.48
CA VAL C 87 -9.31 34.45 42.35
C VAL C 87 -8.31 33.36 42.04
N PHE C 88 -7.57 33.51 40.93
CA PHE C 88 -6.58 32.54 40.51
C PHE C 88 -5.18 33.14 40.63
N GLY C 89 -4.24 32.33 41.10
CA GLY C 89 -2.88 32.80 41.26
C GLY C 89 -1.94 31.66 41.56
N SER C 90 -0.76 32.01 42.06
CA SER C 90 0.23 31.01 42.45
C SER C 90 0.59 31.13 43.93
N THR C 91 0.94 32.33 44.38
CA THR C 91 1.30 32.56 45.76
C THR C 91 0.18 33.22 46.57
N MET C 92 -0.80 33.82 45.90
CA MET C 92 -1.95 34.41 46.56
C MET C 92 -1.53 35.53 47.52
N ASN C 93 -0.57 36.34 47.08
CA ASN C 93 -0.20 37.56 47.79
C ASN C 93 0.38 38.54 46.77
N ASN C 94 0.97 39.63 47.26
CA ASN C 94 1.47 40.67 46.36
C ASN C 94 2.87 40.40 45.84
N LYS C 95 3.38 39.19 46.00
CA LYS C 95 4.68 38.82 45.43
C LYS C 95 4.55 38.19 44.05
N SER C 96 3.33 38.07 43.51
CA SER C 96 3.13 37.53 42.18
C SER C 96 1.79 38.05 41.66
N GLN C 97 1.60 37.92 40.36
CA GLN C 97 0.38 38.41 39.71
C GLN C 97 -0.76 37.43 39.95
N SER C 98 -1.95 37.98 40.18
CA SER C 98 -3.16 37.22 40.37
C SER C 98 -4.29 37.85 39.56
N VAL C 99 -5.29 37.04 39.22
CA VAL C 99 -6.44 37.48 38.45
C VAL C 99 -7.70 37.23 39.26
N ILE C 100 -8.54 38.24 39.38
CA ILE C 100 -9.84 38.13 40.05
C ILE C 100 -10.93 38.26 38.98
N ILE C 101 -11.88 37.33 39.01
CA ILE C 101 -13.06 37.36 38.15
C ILE C 101 -14.28 37.35 39.07
N ILE C 102 -15.03 38.45 39.10
CA ILE C 102 -16.11 38.57 40.07
C ILE C 102 -17.32 39.24 39.42
N ASN C 103 -18.49 39.01 40.02
CA ASN C 103 -19.70 39.76 39.71
C ASN C 103 -20.10 40.53 40.95
N ASN C 104 -20.04 41.86 40.87
CA ASN C 104 -20.28 42.73 42.03
C ASN C 104 -21.69 43.31 42.04
N SER C 105 -22.66 42.57 41.49
CA SER C 105 -24.06 42.95 41.52
C SER C 105 -24.40 44.03 40.51
N THR C 106 -23.39 44.65 39.90
CA THR C 106 -23.60 45.66 38.87
C THR C 106 -22.88 45.36 37.58
N ASN C 107 -21.70 44.77 37.63
CA ASN C 107 -20.95 44.42 36.43
C ASN C 107 -20.17 43.15 36.70
N VAL C 108 -19.58 42.61 35.65
CA VAL C 108 -18.61 41.53 35.74
C VAL C 108 -17.23 42.17 35.55
N VAL C 109 -16.35 41.97 36.52
CA VAL C 109 -15.03 42.60 36.53
C VAL C 109 -13.97 41.53 36.53
N ILE C 110 -13.02 41.65 35.60
CA ILE C 110 -11.86 40.75 35.51
C ILE C 110 -10.63 41.64 35.56
N ARG C 111 -9.77 41.44 36.56
CA ARG C 111 -8.59 42.28 36.73
C ARG C 111 -7.39 41.41 37.10
N ALA C 112 -6.26 41.65 36.42
CA ALA C 112 -5.00 40.96 36.72
C ALA C 112 -3.99 41.98 37.23
N CYS C 113 -3.54 41.79 38.47
CA CYS C 113 -2.65 42.76 39.11
C CYS C 113 -1.83 42.05 40.18
N ASN C 114 -1.00 42.83 40.87
CA ASN C 114 -0.35 42.40 42.10
C ASN C 114 -1.25 42.82 43.25
N PHE C 115 -2.10 41.90 43.68
CA PHE C 115 -3.09 42.19 44.72
C PHE C 115 -2.56 41.85 46.10
N GLU C 116 -2.92 42.68 47.07
CA GLU C 116 -2.71 42.35 48.49
C GLU C 116 -3.99 41.68 49.00
N LEU C 117 -4.14 40.41 48.66
CA LEU C 117 -5.40 39.72 48.87
C LEU C 117 -5.66 39.49 50.35
N CYS C 118 -6.92 39.71 50.75
CA CYS C 118 -7.36 39.31 52.07
C CYS C 118 -7.51 37.79 52.13
N ASP C 119 -7.09 37.20 53.25
CA ASP C 119 -7.25 35.76 53.42
C ASP C 119 -8.70 35.34 53.52
N ASN C 120 -9.61 36.29 53.76
CA ASN C 120 -11.04 36.02 53.90
C ASN C 120 -11.79 37.03 53.02
N PRO C 121 -11.73 36.86 51.70
CA PRO C 121 -12.42 37.81 50.81
C PRO C 121 -13.89 37.50 50.69
N PHE C 122 -14.72 38.54 50.73
CA PHE C 122 -16.16 38.35 50.68
C PHE C 122 -16.83 39.67 50.32
N PHE C 123 -18.06 39.56 49.86
CA PHE C 123 -18.99 40.67 49.83
C PHE C 123 -19.82 40.63 51.10
N ALA C 124 -20.25 41.80 51.56
CA ALA C 124 -20.98 41.93 52.82
C ALA C 124 -22.35 42.54 52.55
N VAL C 125 -23.41 41.82 52.95
CA VAL C 125 -24.79 42.20 52.70
C VAL C 125 -25.52 42.29 54.03
N SER C 126 -26.38 43.29 54.18
CA SER C 126 -27.15 43.48 55.40
C SER C 126 -28.44 42.68 55.34
N LYS C 127 -28.65 41.81 56.33
CA LYS C 127 -29.84 40.98 56.35
C LYS C 127 -31.12 41.81 56.43
N PRO C 128 -31.28 42.75 57.37
CA PRO C 128 -32.54 43.51 57.40
C PRO C 128 -32.78 44.34 56.16
N MET C 129 -31.84 45.22 55.80
CA MET C 129 -32.03 46.04 54.62
C MET C 129 -32.02 45.21 53.34
N GLY C 130 -31.25 44.12 53.32
CA GLY C 130 -31.19 43.27 52.15
C GLY C 130 -30.55 43.91 50.94
N THR C 131 -29.45 44.65 51.14
CA THR C 131 -28.72 45.27 50.04
C THR C 131 -27.23 45.07 50.27
N GLN C 132 -26.48 45.11 49.17
CA GLN C 132 -25.04 44.94 49.26
C GLN C 132 -24.41 46.14 49.95
N THR C 133 -23.59 45.88 50.96
CA THR C 133 -23.02 46.92 51.80
C THR C 133 -21.53 47.12 51.56
N HIS C 134 -20.73 46.05 51.58
CA HIS C 134 -19.28 46.18 51.50
C HIS C 134 -18.68 45.21 50.50
N THR C 135 -17.53 45.61 49.95
CA THR C 135 -16.68 44.74 49.14
C THR C 135 -15.29 44.75 49.77
N MET C 136 -14.79 43.57 50.13
CA MET C 136 -13.57 43.44 50.92
C MET C 136 -12.65 42.36 50.34
N ILE C 137 -12.39 42.43 49.04
CA ILE C 137 -11.59 41.39 48.40
C ILE C 137 -10.10 41.65 48.59
N PHE C 138 -9.64 42.86 48.32
CA PHE C 138 -8.22 43.18 48.40
C PHE C 138 -8.01 44.55 49.02
N ASP C 139 -6.83 44.74 49.61
CA ASP C 139 -6.48 46.00 50.25
C ASP C 139 -5.69 46.94 49.36
N ASN C 140 -4.95 46.41 48.38
CA ASN C 140 -4.15 47.26 47.50
C ASN C 140 -3.90 46.50 46.19
N ALA C 141 -3.55 47.25 45.15
CA ALA C 141 -3.28 46.67 43.85
C ALA C 141 -2.34 47.58 43.07
N PHE C 142 -1.37 46.99 42.38
CA PHE C 142 -0.43 47.76 41.56
C PHE C 142 0.10 46.86 40.46
N ASN C 143 0.72 47.49 39.47
CA ASN C 143 1.30 46.78 38.32
C ASN C 143 0.23 45.99 37.57
N CYS C 144 -0.90 46.64 37.32
CA CYS C 144 -2.01 45.97 36.64
C CYS C 144 -1.72 45.81 35.16
N THR C 145 -1.99 44.62 34.63
CA THR C 145 -1.68 44.30 33.24
C THR C 145 -2.90 44.07 32.37
N PHE C 146 -4.03 43.64 32.92
CA PHE C 146 -5.22 43.37 32.13
C PHE C 146 -6.46 43.73 32.93
N GLU C 147 -7.43 44.34 32.25
CA GLU C 147 -8.68 44.74 32.88
C GLU C 147 -9.82 44.59 31.89
N TYR C 148 -10.97 44.14 32.39
CA TYR C 148 -12.19 44.06 31.59
C TYR C 148 -13.39 44.31 32.49
N ILE C 149 -14.29 45.17 32.02
CA ILE C 149 -15.52 45.50 32.74
C ILE C 149 -16.68 45.37 31.76
N SER C 150 -17.75 44.73 32.20
CA SER C 150 -18.90 44.45 31.35
C SER C 150 -19.92 45.58 31.43
N ASP C 151 -21.00 45.45 30.66
CA ASP C 151 -22.09 46.41 30.73
C ASP C 151 -22.82 46.29 32.06
N ALA C 152 -23.43 47.39 32.48
CA ALA C 152 -24.13 47.41 33.76
C ALA C 152 -25.39 46.57 33.70
N PHE C 153 -25.73 45.97 34.84
CA PHE C 153 -26.98 45.23 35.00
C PHE C 153 -27.41 45.36 36.45
N SER C 154 -28.45 44.61 36.83
CA SER C 154 -28.96 44.60 38.19
C SER C 154 -29.13 43.16 38.64
N LEU C 155 -28.71 42.89 39.89
CA LEU C 155 -28.74 41.56 40.46
C LEU C 155 -29.48 41.59 41.79
N ASP C 156 -30.31 40.57 42.02
CA ASP C 156 -31.04 40.46 43.27
C ASP C 156 -30.13 39.87 44.33
N VAL C 157 -29.82 40.65 45.37
CA VAL C 157 -28.90 40.23 46.41
C VAL C 157 -29.62 39.73 47.66
N SER C 158 -30.94 39.96 47.78
CA SER C 158 -31.65 39.64 48.99
C SER C 158 -31.63 38.13 49.26
N GLU C 159 -31.82 37.78 50.53
CA GLU C 159 -31.86 36.39 50.93
C GLU C 159 -33.17 35.74 50.47
N LYS C 160 -33.14 34.42 50.29
CA LYS C 160 -34.29 33.65 49.85
C LYS C 160 -34.42 32.41 50.72
N SER C 161 -35.64 31.88 50.78
CA SER C 161 -35.95 30.70 51.57
C SER C 161 -36.51 29.61 50.67
N GLY C 162 -36.16 28.36 50.98
CA GLY C 162 -36.65 27.23 50.21
C GLY C 162 -35.57 26.24 49.83
N ASN C 163 -35.71 25.64 48.66
CA ASN C 163 -34.75 24.69 48.13
C ASN C 163 -33.84 25.37 47.11
N PHE C 164 -32.67 24.78 46.90
CA PHE C 164 -31.77 25.29 45.87
C PHE C 164 -32.46 25.27 44.53
N LYS C 165 -32.39 26.39 43.81
CA LYS C 165 -33.09 26.55 42.54
C LYS C 165 -32.17 26.62 41.34
N HIS C 166 -30.96 27.13 41.50
CA HIS C 166 -30.07 27.39 40.38
C HIS C 166 -28.80 26.55 40.49
N LEU C 167 -28.41 25.92 39.40
CA LEU C 167 -27.13 25.24 39.27
C LEU C 167 -26.34 25.95 38.19
N ARG C 168 -25.14 26.41 38.53
CA ARG C 168 -24.27 27.11 37.59
C ARG C 168 -22.95 26.37 37.49
N GLU C 169 -22.55 26.02 36.26
CA GLU C 169 -21.39 25.17 36.02
C GLU C 169 -20.36 25.93 35.19
N PHE C 170 -19.09 25.75 35.54
CA PHE C 170 -17.99 26.37 34.84
C PHE C 170 -16.88 25.36 34.64
N VAL C 171 -16.12 25.53 33.56
CA VAL C 171 -14.92 24.77 33.31
C VAL C 171 -13.79 25.75 33.04
N PHE C 172 -12.66 25.55 33.73
CA PHE C 172 -11.52 26.46 33.66
C PHE C 172 -10.29 25.70 33.16
N LYS C 173 -9.64 26.24 32.13
CA LYS C 173 -8.40 25.69 31.60
C LYS C 173 -7.37 26.79 31.45
N ASN C 174 -6.09 26.41 31.45
CA ASN C 174 -4.99 27.35 31.28
C ASN C 174 -3.99 26.77 30.30
N LYS C 175 -3.83 27.41 29.13
CA LYS C 175 -2.96 26.88 28.09
C LYS C 175 -2.39 28.02 27.25
N ASP C 176 -1.07 27.98 27.05
CA ASP C 176 -0.38 28.93 26.17
C ASP C 176 -0.71 30.37 26.51
N GLY C 177 -0.74 30.67 27.81
CA GLY C 177 -0.98 32.01 28.26
C GLY C 177 -2.42 32.44 28.26
N PHE C 178 -3.35 31.57 27.86
CA PHE C 178 -4.76 31.89 27.81
C PHE C 178 -5.49 31.13 28.92
N LEU C 179 -6.42 31.83 29.58
CA LEU C 179 -7.34 31.22 30.52
C LEU C 179 -8.67 31.04 29.81
N TYR C 180 -9.05 29.78 29.57
CA TYR C 180 -10.31 29.43 28.92
C TYR C 180 -11.39 29.23 29.97
N VAL C 181 -12.55 29.84 29.72
CA VAL C 181 -13.71 29.74 30.60
C VAL C 181 -14.90 29.23 29.80
N TYR C 182 -15.57 28.21 30.30
CA TYR C 182 -16.81 27.70 29.72
C TYR C 182 -17.90 27.73 30.78
N LYS C 183 -19.13 28.04 30.36
CA LYS C 183 -20.23 28.30 31.29
C LYS C 183 -21.50 27.54 30.88
N GLY C 184 -22.29 27.17 31.88
CA GLY C 184 -23.58 26.54 31.66
C GLY C 184 -24.49 26.75 32.85
N TYR C 185 -25.80 26.65 32.60
CA TYR C 185 -26.81 26.91 33.60
C TYR C 185 -27.90 25.86 33.57
N GLN C 186 -28.50 25.59 34.73
CA GLN C 186 -29.62 24.65 34.82
C GLN C 186 -30.57 24.95 35.97
N PRO C 187 -31.88 25.02 35.73
CA PRO C 187 -32.84 25.02 36.84
C PRO C 187 -32.84 23.69 37.56
N ILE C 188 -33.08 23.75 38.87
CA ILE C 188 -33.13 22.56 39.72
C ILE C 188 -34.09 22.82 40.87
N ASP C 189 -34.46 21.76 41.58
CA ASP C 189 -35.29 21.85 42.77
C ASP C 189 -34.79 20.87 43.83
N VAL C 190 -33.48 20.75 43.98
CA VAL C 190 -32.89 19.77 44.89
C VAL C 190 -32.81 20.35 46.29
N VAL C 191 -32.58 19.48 47.28
CA VAL C 191 -32.47 19.89 48.68
C VAL C 191 -31.00 20.07 49.04
N ARG C 192 -30.21 19.00 48.95
CA ARG C 192 -28.80 19.07 49.30
C ARG C 192 -28.06 17.94 48.60
N ASP C 193 -27.55 18.21 47.40
CA ASP C 193 -26.68 17.28 46.68
C ASP C 193 -26.25 17.96 45.39
N LEU C 194 -25.43 17.26 44.62
CA LEU C 194 -25.10 17.69 43.27
C LEU C 194 -25.99 16.93 42.29
N PRO C 195 -26.94 17.58 41.60
CA PRO C 195 -27.87 16.84 40.75
C PRO C 195 -27.14 16.07 39.66
N SER C 196 -27.68 14.89 39.34
CA SER C 196 -27.16 14.06 38.27
C SER C 196 -27.84 14.42 36.95
N GLY C 197 -27.07 14.38 35.87
CA GLY C 197 -27.63 14.70 34.56
C GLY C 197 -26.53 14.99 33.56
N PHE C 198 -26.92 15.68 32.48
CA PHE C 198 -26.04 15.98 31.37
C PHE C 198 -26.38 17.35 30.82
N ASN C 199 -25.36 18.18 30.60
CA ASN C 199 -25.58 19.53 30.09
C ASN C 199 -24.26 20.07 29.55
N THR C 200 -24.28 20.53 28.30
CA THR C 200 -23.07 21.00 27.63
C THR C 200 -22.80 22.47 27.94
N LEU C 201 -21.52 22.81 28.03
CA LEU C 201 -21.08 24.16 28.34
C LEU C 201 -20.56 24.85 27.08
N LYS C 202 -20.67 26.19 27.06
CA LYS C 202 -20.29 26.99 25.92
C LYS C 202 -19.13 27.90 26.26
N PRO C 203 -18.31 28.29 25.27
CA PRO C 203 -17.19 29.20 25.56
C PRO C 203 -17.67 30.63 25.75
N ILE C 204 -17.11 31.29 26.75
CA ILE C 204 -17.43 32.70 27.01
C ILE C 204 -16.21 33.59 27.14
N PHE C 205 -15.03 33.08 27.51
CA PHE C 205 -13.86 33.92 27.69
C PHE C 205 -12.60 33.15 27.32
N LYS C 206 -11.71 33.82 26.61
CA LYS C 206 -10.34 33.36 26.34
C LYS C 206 -9.43 34.51 26.76
N LEU C 207 -9.07 34.55 28.03
CA LEU C 207 -8.41 35.72 28.61
C LEU C 207 -6.91 35.62 28.39
N PRO C 208 -6.27 36.62 27.75
CA PRO C 208 -4.80 36.60 27.56
C PRO C 208 -4.03 37.18 28.74
N LEU C 209 -3.87 36.37 29.78
CA LEU C 209 -3.27 36.84 31.03
C LEU C 209 -1.78 36.55 31.11
N GLY C 210 -1.34 35.39 30.64
CA GLY C 210 0.08 35.04 30.70
C GLY C 210 0.62 34.92 32.11
N ILE C 211 -0.19 34.46 33.05
CA ILE C 211 0.24 34.28 34.43
C ILE C 211 0.31 32.79 34.74
N LYS C 212 0.93 32.46 35.86
CA LYS C 212 1.01 31.09 36.34
C LYS C 212 -0.12 30.85 37.33
N ILE C 213 -0.88 29.77 37.11
CA ILE C 213 -2.03 29.44 37.94
C ILE C 213 -1.81 28.05 38.53
N THR C 214 -1.74 27.97 39.86
CA THR C 214 -1.65 26.70 40.56
C THR C 214 -2.60 26.59 41.74
N ASN C 215 -3.22 27.68 42.18
CA ASN C 215 -4.15 27.67 43.29
C ASN C 215 -5.29 28.62 42.97
N PHE C 216 -6.40 28.44 43.67
CA PHE C 216 -7.54 29.33 43.50
C PHE C 216 -8.39 29.32 44.76
N ARG C 217 -9.20 30.35 44.91
CA ARG C 217 -10.09 30.50 46.05
C ARG C 217 -11.40 31.11 45.58
N ALA C 218 -12.48 30.73 46.25
CA ALA C 218 -13.81 31.23 45.90
C ALA C 218 -14.12 32.50 46.67
N ILE C 219 -14.95 33.35 46.06
CA ILE C 219 -15.42 34.59 46.67
C ILE C 219 -16.89 34.39 47.02
N LEU C 220 -17.24 34.65 48.28
CA LEU C 220 -18.57 34.38 48.80
C LEU C 220 -19.21 35.66 49.31
N THR C 221 -20.42 35.52 49.83
CA THR C 221 -21.19 36.62 50.41
C THR C 221 -21.55 36.28 51.84
N ALA C 222 -21.39 37.26 52.72
CA ALA C 222 -21.72 37.11 54.13
C ALA C 222 -22.90 38.02 54.46
N PHE C 223 -23.97 37.43 54.99
CA PHE C 223 -25.19 38.15 55.34
C PHE C 223 -25.10 38.53 56.81
N LEU C 224 -24.49 39.68 57.07
CA LEU C 224 -24.26 40.09 58.45
C LEU C 224 -25.53 40.69 59.04
N PRO C 225 -26.03 40.16 60.16
CA PRO C 225 -27.22 40.77 60.76
C PRO C 225 -26.97 42.16 61.32
N ALA C 226 -25.76 42.44 61.79
CA ALA C 226 -25.41 43.74 62.32
C ALA C 226 -23.90 43.84 62.39
N GLN C 227 -23.41 45.04 62.70
CA GLN C 227 -21.98 45.26 62.81
C GLN C 227 -21.39 44.34 63.87
N ASP C 228 -20.21 43.79 63.57
CA ASP C 228 -19.46 42.85 64.40
C ASP C 228 -20.04 41.45 64.34
N THR C 229 -21.13 41.23 63.60
CA THR C 229 -21.74 39.92 63.47
C THR C 229 -21.84 39.55 61.99
N TRP C 230 -21.61 38.28 61.69
CA TRP C 230 -21.59 37.79 60.32
C TRP C 230 -22.52 36.60 60.17
N GLY C 231 -23.28 36.59 59.09
CA GLY C 231 -24.15 35.48 58.76
C GLY C 231 -23.77 34.88 57.42
N THR C 232 -24.03 33.57 57.28
CA THR C 232 -23.51 32.81 56.14
C THR C 232 -24.55 32.56 55.06
N SER C 233 -25.82 32.40 55.42
CA SER C 233 -26.83 31.92 54.48
C SER C 233 -26.48 30.51 54.01
N ALA C 234 -27.19 29.99 53.02
CA ALA C 234 -27.06 28.61 52.60
C ALA C 234 -26.64 28.55 51.14
N ALA C 235 -25.57 27.82 50.86
CA ALA C 235 -25.17 27.58 49.47
C ALA C 235 -24.12 26.47 49.44
N ALA C 236 -23.92 25.88 48.25
CA ALA C 236 -22.92 24.84 48.13
C ALA C 236 -22.19 24.97 46.79
N TYR C 237 -20.94 24.50 46.77
CA TYR C 237 -20.22 24.42 45.51
C TYR C 237 -19.30 23.20 45.53
N PHE C 238 -19.05 22.66 44.34
CA PHE C 238 -18.35 21.39 44.16
C PHE C 238 -17.24 21.55 43.13
N VAL C 239 -16.17 20.81 43.33
CA VAL C 239 -14.95 20.93 42.52
C VAL C 239 -14.53 19.54 42.05
N GLY C 240 -14.19 19.44 40.76
CA GLY C 240 -13.59 18.24 40.22
C GLY C 240 -12.46 18.60 39.28
N TYR C 241 -11.61 17.62 38.98
CA TYR C 241 -10.39 17.84 38.23
C TYR C 241 -10.47 17.21 36.85
N LEU C 242 -9.98 17.92 35.84
CA LEU C 242 -9.97 17.42 34.48
C LEU C 242 -8.74 16.55 34.21
N LYS C 243 -8.87 15.64 33.27
CA LYS C 243 -7.79 14.77 32.84
C LYS C 243 -7.84 14.65 31.32
N PRO C 244 -6.70 14.35 30.68
CA PRO C 244 -6.69 14.15 29.22
C PRO C 244 -7.29 12.80 28.86
N THR C 245 -8.36 12.82 28.08
CA THR C 245 -9.09 11.61 27.75
C THR C 245 -9.73 11.77 26.38
N LYS C 246 -10.14 10.63 25.82
CA LYS C 246 -10.88 10.58 24.56
C LYS C 246 -12.37 10.58 24.84
N PHE C 247 -13.12 11.28 24.00
CA PHE C 247 -14.56 11.38 24.11
C PHE C 247 -15.18 11.22 22.73
N MET C 248 -16.41 10.72 22.70
CA MET C 248 -17.20 10.60 21.49
C MET C 248 -18.49 11.38 21.70
N LEU C 249 -18.63 12.50 21.00
CA LEU C 249 -19.75 13.41 21.19
C LEU C 249 -20.77 13.25 20.06
N LYS C 250 -22.04 13.43 20.40
CA LYS C 250 -23.14 13.26 19.47
C LYS C 250 -23.77 14.61 19.15
N TYR C 251 -23.76 14.99 17.87
CA TYR C 251 -24.41 16.19 17.40
C TYR C 251 -25.75 15.83 16.76
N ASP C 252 -26.81 16.45 17.25
CA ASP C 252 -28.15 16.14 16.77
C ASP C 252 -28.46 16.94 15.50
N GLU C 253 -29.74 16.96 15.11
CA GLU C 253 -30.12 17.61 13.86
C GLU C 253 -29.87 19.11 13.91
N ASN C 254 -30.11 19.74 15.06
CA ASN C 254 -29.96 21.17 15.19
C ASN C 254 -28.52 21.60 15.40
N GLY C 255 -27.60 20.66 15.57
CA GLY C 255 -26.21 20.99 15.85
C GLY C 255 -25.85 21.03 17.31
N THR C 256 -26.76 20.65 18.19
CA THR C 256 -26.52 20.65 19.63
C THR C 256 -25.89 19.33 20.06
N ILE C 257 -24.98 19.40 21.02
CA ILE C 257 -24.41 18.19 21.62
C ILE C 257 -25.36 17.71 22.70
N THR C 258 -25.88 16.49 22.54
CA THR C 258 -26.89 15.96 23.43
C THR C 258 -26.45 14.73 24.20
N ASP C 259 -25.36 14.07 23.80
CA ASP C 259 -24.88 12.89 24.52
C ASP C 259 -23.41 12.68 24.20
N ALA C 260 -22.76 11.90 25.05
CA ALA C 260 -21.34 11.62 24.87
C ALA C 260 -20.99 10.28 25.49
N VAL C 261 -19.88 9.72 25.03
CA VAL C 261 -19.33 8.48 25.55
C VAL C 261 -17.88 8.75 25.96
N ASP C 262 -17.56 8.40 27.20
CA ASP C 262 -16.20 8.51 27.73
C ASP C 262 -15.50 7.18 27.49
N CYS C 263 -14.51 7.17 26.60
CA CYS C 263 -13.94 5.92 26.13
C CYS C 263 -13.19 5.16 27.21
N SER C 264 -12.87 5.80 28.33
CA SER C 264 -12.05 5.18 29.36
C SER C 264 -12.87 4.72 30.56
N GLN C 265 -14.20 4.79 30.50
CA GLN C 265 -15.01 4.44 31.66
C GLN C 265 -14.92 2.94 31.96
N ASN C 266 -15.07 2.10 30.94
CA ASN C 266 -15.07 0.66 31.13
C ASN C 266 -14.99 -0.03 29.76
N PRO C 267 -14.82 -1.35 29.72
CA PRO C 267 -14.64 -2.02 28.41
C PRO C 267 -15.78 -1.78 27.43
N LEU C 268 -17.02 -1.68 27.91
CA LEU C 268 -18.13 -1.43 26.99
C LEU C 268 -17.98 -0.08 26.31
N ALA C 269 -17.58 0.94 27.05
CA ALA C 269 -17.34 2.25 26.45
C ALA C 269 -16.19 2.18 25.46
N GLU C 270 -15.15 1.42 25.79
CA GLU C 270 -14.03 1.24 24.85
C GLU C 270 -14.52 0.65 23.54
N LEU C 271 -15.37 -0.38 23.62
CA LEU C 271 -15.92 -0.98 22.40
C LEU C 271 -16.77 0.01 21.63
N LYS C 272 -17.61 0.77 22.35
CA LYS C 272 -18.45 1.76 21.68
C LYS C 272 -17.61 2.78 20.92
N CYS C 273 -16.53 3.25 21.53
CA CYS C 273 -15.66 4.19 20.84
C CYS C 273 -14.94 3.52 19.66
N SER C 274 -14.50 2.28 19.84
CA SER C 274 -13.76 1.61 18.77
C SER C 274 -14.62 1.40 17.53
N VAL C 275 -15.89 1.02 17.72
CA VAL C 275 -16.79 0.84 16.57
C VAL C 275 -17.51 2.11 16.18
N LYS C 276 -17.42 3.17 16.98
CA LYS C 276 -18.05 4.45 16.67
C LYS C 276 -19.57 4.31 16.54
N SER C 277 -20.18 3.79 17.59
CA SER C 277 -21.63 3.67 17.63
C SER C 277 -22.08 3.66 19.08
N PHE C 278 -23.29 4.15 19.32
CA PHE C 278 -23.89 4.14 20.65
C PHE C 278 -24.62 2.86 20.97
N GLU C 279 -24.86 2.00 19.98
CA GLU C 279 -25.59 0.76 20.16
C GLU C 279 -24.74 -0.42 19.70
N ILE C 280 -24.79 -1.52 20.45
CA ILE C 280 -24.00 -2.70 20.15
C ILE C 280 -24.94 -3.90 20.08
N ASP C 281 -24.76 -4.74 19.07
CA ASP C 281 -25.55 -5.95 18.92
C ASP C 281 -24.99 -7.06 19.81
N LYS C 282 -25.84 -8.04 20.11
CA LYS C 282 -25.44 -9.16 20.93
C LYS C 282 -24.26 -9.90 20.30
N GLY C 283 -23.31 -10.29 21.14
CA GLY C 283 -22.17 -11.07 20.68
C GLY C 283 -20.94 -10.81 21.54
N ILE C 284 -19.82 -11.30 21.04
CA ILE C 284 -18.51 -11.17 21.68
C ILE C 284 -17.59 -10.42 20.74
N TYR C 285 -16.82 -9.48 21.30
CA TYR C 285 -15.95 -8.63 20.52
C TYR C 285 -14.56 -8.54 21.14
N GLN C 286 -13.56 -8.42 20.28
CA GLN C 286 -12.19 -8.19 20.73
C GLN C 286 -11.97 -6.73 21.05
N THR C 287 -11.27 -6.47 22.15
CA THR C 287 -10.88 -5.12 22.54
C THR C 287 -9.36 -5.02 22.57
N SER C 288 -8.86 -3.87 23.02
CA SER C 288 -7.43 -3.67 23.12
C SER C 288 -6.84 -4.55 24.21
N ASN C 289 -5.55 -4.86 24.07
CA ASN C 289 -4.87 -5.67 25.06
C ASN C 289 -4.90 -4.99 26.43
N PHE C 290 -4.55 -5.74 27.45
CA PHE C 290 -4.59 -5.23 28.82
C PHE C 290 -3.56 -4.13 28.99
N ARG C 291 -3.99 -2.99 29.52
CA ARG C 291 -3.17 -1.78 29.60
C ARG C 291 -2.77 -1.51 31.04
N VAL C 292 -1.49 -1.19 31.25
CA VAL C 292 -0.96 -0.83 32.56
C VAL C 292 -0.27 0.52 32.43
N VAL C 293 -0.55 1.43 33.37
CA VAL C 293 0.04 2.76 33.35
C VAL C 293 1.17 2.81 34.38
N PRO C 294 2.24 3.56 34.11
CA PRO C 294 3.37 3.59 35.05
C PRO C 294 3.01 4.27 36.37
N SER C 295 3.71 3.87 37.42
CA SER C 295 3.48 4.39 38.76
C SER C 295 4.80 4.69 39.45
N GLY C 296 5.74 5.29 38.73
CA GLY C 296 7.02 5.64 39.31
C GLY C 296 7.89 6.34 38.29
N ASP C 297 9.02 6.84 38.76
CA ASP C 297 10.00 7.50 37.92
C ASP C 297 11.39 7.07 38.35
N VAL C 298 12.24 6.75 37.38
CA VAL C 298 13.60 6.30 37.63
C VAL C 298 14.53 7.07 36.71
N VAL C 299 15.48 7.79 37.29
CA VAL C 299 16.51 8.51 36.54
C VAL C 299 17.86 8.05 37.05
N ARG C 300 18.70 7.55 36.15
CA ARG C 300 20.02 7.05 36.50
C ARG C 300 21.05 7.66 35.58
N PHE C 301 21.95 8.47 36.13
CA PHE C 301 23.06 9.09 35.45
C PHE C 301 24.36 8.67 36.14
N PRO C 302 25.50 8.84 35.49
CA PRO C 302 26.78 8.51 36.14
C PRO C 302 27.09 9.47 37.28
N ASN C 303 28.05 9.07 38.12
CA ASN C 303 28.54 9.94 39.17
C ASN C 303 29.42 11.02 38.56
N ILE C 304 28.96 12.27 38.57
CA ILE C 304 29.72 13.40 38.05
C ILE C 304 29.60 14.56 39.02
N THR C 305 30.72 15.22 39.28
CA THR C 305 30.76 16.31 40.25
C THR C 305 31.31 17.61 39.67
N ASN C 306 32.27 17.53 38.75
CA ASN C 306 32.91 18.73 38.23
C ASN C 306 32.10 19.35 37.10
N LEU C 307 32.07 20.68 37.08
CA LEU C 307 31.51 21.41 35.95
C LEU C 307 32.44 21.32 34.74
N CYS C 308 31.86 21.34 33.55
CA CYS C 308 32.67 21.27 32.34
C CYS C 308 33.51 22.53 32.20
N PRO C 309 34.69 22.43 31.58
CA PRO C 309 35.60 23.57 31.55
C PRO C 309 35.15 24.67 30.59
N PHE C 310 34.02 25.30 30.89
CA PHE C 310 33.52 26.35 30.02
C PHE C 310 34.49 27.52 29.93
N GLY C 311 35.10 27.90 31.06
CA GLY C 311 36.02 29.02 31.05
C GLY C 311 37.27 28.75 30.24
N GLU C 312 37.84 27.55 30.38
CA GLU C 312 39.07 27.24 29.68
C GLU C 312 38.87 27.16 28.17
N VAL C 313 37.66 26.87 27.72
CA VAL C 313 37.40 26.73 26.30
C VAL C 313 36.93 28.05 25.69
N PHE C 314 35.92 28.68 26.28
CA PHE C 314 35.33 29.88 25.73
C PHE C 314 36.03 31.16 26.15
N ASN C 315 36.90 31.11 27.15
CA ASN C 315 37.60 32.29 27.63
C ASN C 315 39.12 32.14 27.56
N ALA C 316 39.60 31.26 26.69
CA ALA C 316 41.05 31.08 26.55
C ALA C 316 41.70 32.35 26.02
N THR C 317 42.93 32.59 26.45
CA THR C 317 43.65 33.80 26.05
C THR C 317 43.98 33.79 24.57
N LYS C 318 44.43 32.65 24.04
CA LYS C 318 44.90 32.55 22.67
C LYS C 318 44.09 31.52 21.90
N PHE C 319 43.81 31.83 20.63
CA PHE C 319 43.13 30.94 19.72
C PHE C 319 44.02 30.68 18.50
N PRO C 320 43.91 29.52 17.86
CA PRO C 320 44.74 29.23 16.70
C PRO C 320 44.16 29.75 15.39
N SER C 321 44.96 29.66 14.34
CA SER C 321 44.52 29.97 12.99
C SER C 321 43.63 28.85 12.46
N VAL C 322 42.79 29.19 11.49
CA VAL C 322 41.82 28.23 10.97
C VAL C 322 42.53 27.08 10.26
N TYR C 323 43.61 27.37 9.53
CA TYR C 323 44.32 26.30 8.84
C TYR C 323 45.00 25.35 9.81
N ALA C 324 45.17 25.75 11.07
CA ALA C 324 45.74 24.90 12.11
C ALA C 324 44.79 24.80 13.30
N TRP C 325 43.50 24.61 13.01
CA TRP C 325 42.50 24.54 14.07
C TRP C 325 42.87 23.49 15.10
N GLU C 326 42.39 23.66 16.33
CA GLU C 326 42.82 22.80 17.42
C GLU C 326 41.65 22.04 18.01
N ARG C 327 41.91 20.79 18.43
CA ARG C 327 40.89 19.89 18.95
C ARG C 327 41.20 19.51 20.38
N LYS C 328 40.16 19.47 21.22
CA LYS C 328 40.30 19.13 22.63
C LYS C 328 39.20 18.16 23.01
N ARG C 329 39.50 17.29 23.98
CA ARG C 329 38.57 16.26 24.43
C ARG C 329 37.89 16.69 25.72
N ILE C 330 36.60 16.41 25.83
CA ILE C 330 35.81 16.76 27.02
C ILE C 330 35.28 15.48 27.63
N SER C 331 35.46 15.32 28.95
CA SER C 331 34.96 14.12 29.62
C SER C 331 34.82 14.39 31.11
N ASN C 332 33.97 13.59 31.75
CA ASN C 332 33.79 13.58 33.20
C ASN C 332 33.44 14.95 33.75
N CYS C 333 32.35 15.51 33.24
CA CYS C 333 31.92 16.84 33.65
C CYS C 333 30.43 17.00 33.38
N VAL C 334 29.85 18.03 33.98
CA VAL C 334 28.43 18.33 33.87
C VAL C 334 28.25 19.51 32.93
N ALA C 335 27.41 19.34 31.91
CA ALA C 335 27.22 20.35 30.87
C ALA C 335 26.05 21.27 31.24
N ASP C 336 26.28 22.07 32.26
CA ASP C 336 25.31 23.06 32.72
C ASP C 336 25.72 24.41 32.13
N TYR C 337 25.22 24.70 30.93
CA TYR C 337 25.67 25.87 30.19
C TYR C 337 25.00 27.16 30.63
N SER C 338 23.99 27.09 31.49
CA SER C 338 23.35 28.32 31.95
C SER C 338 24.32 29.23 32.70
N VAL C 339 25.43 28.68 33.20
CA VAL C 339 26.43 29.51 33.86
C VAL C 339 27.00 30.55 32.90
N LEU C 340 26.93 30.29 31.60
CA LEU C 340 27.40 31.27 30.62
C LEU C 340 26.46 32.45 30.48
N TYR C 341 25.26 32.40 31.04
CA TYR C 341 24.30 33.48 30.85
C TYR C 341 24.76 34.78 31.46
N ASN C 342 25.68 34.75 32.43
CA ASN C 342 26.11 35.95 33.12
C ASN C 342 27.30 36.65 32.48
N SER C 343 28.00 35.99 31.56
CA SER C 343 29.27 36.52 31.07
C SER C 343 29.45 36.48 29.55
N THR C 344 28.73 35.65 28.82
CA THR C 344 29.01 35.41 27.40
C THR C 344 27.77 35.70 26.56
N SER C 345 28.03 35.98 25.28
CA SER C 345 26.96 36.23 24.31
C SER C 345 27.42 35.75 22.95
N PHE C 346 26.62 34.90 22.31
CA PHE C 346 26.96 34.28 21.05
C PHE C 346 26.13 34.85 19.92
N SER C 347 26.78 35.24 18.83
CA SER C 347 26.05 35.71 17.67
C SER C 347 25.57 34.56 16.79
N THR C 348 26.26 33.42 16.82
CA THR C 348 25.83 32.24 16.07
C THR C 348 25.78 31.05 17.01
N PHE C 349 24.66 30.32 16.98
CA PHE C 349 24.51 29.07 17.73
C PHE C 349 23.54 28.18 16.98
N LYS C 350 24.03 27.08 16.41
CA LYS C 350 23.16 26.18 15.64
C LYS C 350 23.55 24.73 15.90
N CYS C 351 22.54 23.87 16.08
CA CYS C 351 22.76 22.47 16.40
C CYS C 351 22.17 21.57 15.32
N TYR C 352 22.82 20.42 15.12
CA TYR C 352 22.49 19.45 14.08
C TYR C 352 22.41 18.07 14.72
N GLY C 353 21.33 17.35 14.41
CA GLY C 353 21.12 16.02 14.95
C GLY C 353 20.47 15.97 16.31
N VAL C 354 20.07 17.11 16.87
CA VAL C 354 19.47 17.16 18.18
C VAL C 354 18.79 18.52 18.32
N SER C 355 17.72 18.57 19.10
CA SER C 355 17.00 19.81 19.34
C SER C 355 17.60 20.57 20.52
N ALA C 356 17.71 21.89 20.37
CA ALA C 356 18.33 22.69 21.40
C ALA C 356 17.60 22.60 22.74
N THR C 357 16.30 22.31 22.71
CA THR C 357 15.52 22.24 23.94
C THR C 357 15.69 20.92 24.68
N LYS C 358 16.35 19.92 24.09
CA LYS C 358 16.58 18.63 24.73
C LYS C 358 17.95 18.53 25.39
N LEU C 359 18.85 19.49 25.16
CA LEU C 359 20.24 19.34 25.59
C LEU C 359 20.34 19.07 27.08
N ASN C 360 19.48 19.70 27.88
CA ASN C 360 19.58 19.57 29.32
C ASN C 360 19.22 18.18 29.83
N ASP C 361 18.62 17.33 29.01
CA ASP C 361 18.14 16.03 29.47
C ASP C 361 19.00 14.85 29.00
N LEU C 362 20.10 15.11 28.30
CA LEU C 362 20.84 14.06 27.62
C LEU C 362 22.22 13.86 28.25
N CYS C 363 22.86 12.77 27.84
CA CYS C 363 24.27 12.52 28.09
C CYS C 363 24.96 12.29 26.75
N PHE C 364 26.23 12.67 26.67
CA PHE C 364 26.96 12.73 25.41
C PHE C 364 28.19 11.84 25.46
N SER C 365 28.42 11.09 24.38
CA SER C 365 29.35 9.98 24.43
C SER C 365 30.80 10.40 24.22
N ASN C 366 31.13 10.96 23.05
CA ASN C 366 32.52 11.20 22.64
C ASN C 366 32.65 12.67 22.25
N VAL C 367 32.91 13.53 23.24
CA VAL C 367 32.75 14.96 23.09
C VAL C 367 34.09 15.60 22.74
N TYR C 368 34.10 16.33 21.62
CA TYR C 368 35.28 17.06 21.17
C TYR C 368 34.89 18.50 20.89
N ALA C 369 35.82 19.41 21.18
CA ALA C 369 35.67 20.84 20.90
C ALA C 369 36.78 21.29 19.97
N ASP C 370 36.40 21.92 18.87
CA ASP C 370 37.33 22.44 17.86
C ASP C 370 37.29 23.95 17.92
N SER C 371 38.47 24.57 18.05
CA SER C 371 38.56 26.02 18.20
C SER C 371 39.40 26.60 17.07
N PHE C 372 38.94 27.75 16.55
CA PHE C 372 39.72 28.52 15.58
C PHE C 372 39.11 29.91 15.44
N VAL C 373 39.71 30.72 14.56
CA VAL C 373 39.33 32.11 14.32
C VAL C 373 39.17 32.32 12.82
N VAL C 374 38.09 33.02 12.42
CA VAL C 374 37.84 33.34 11.02
C VAL C 374 37.37 34.78 10.90
N LYS C 375 37.09 35.18 9.66
CA LYS C 375 36.54 36.48 9.32
C LYS C 375 35.02 36.48 9.49
N GLY C 376 34.46 37.68 9.60
CA GLY C 376 33.02 37.78 9.77
C GLY C 376 32.25 37.18 8.61
N ASP C 377 32.71 37.40 7.38
CA ASP C 377 32.01 36.88 6.22
C ASP C 377 32.16 35.37 6.06
N ASP C 378 33.11 34.76 6.76
CA ASP C 378 33.38 33.33 6.59
C ASP C 378 32.62 32.46 7.59
N VAL C 379 31.95 33.04 8.59
CA VAL C 379 31.26 32.24 9.59
C VAL C 379 30.18 31.38 8.93
N ARG C 380 29.57 31.87 7.85
CA ARG C 380 28.53 31.10 7.18
C ARG C 380 29.07 29.82 6.56
N GLN C 381 30.37 29.72 6.33
CA GLN C 381 30.93 28.54 5.69
C GLN C 381 31.12 27.38 6.65
N ILE C 382 30.97 27.58 7.96
CA ILE C 382 31.14 26.49 8.92
C ILE C 382 29.76 25.88 9.10
N ALA C 383 29.42 24.98 8.18
CA ALA C 383 28.14 24.29 8.19
C ALA C 383 28.18 23.16 7.16
N PRO C 384 27.43 22.09 7.35
CA PRO C 384 27.48 20.98 6.37
C PRO C 384 27.06 21.44 4.98
N GLY C 385 27.75 20.93 3.97
CA GLY C 385 27.37 21.17 2.59
C GLY C 385 27.67 22.55 2.06
N GLN C 386 28.73 23.19 2.53
CA GLN C 386 29.12 24.52 2.08
C GLN C 386 30.33 24.44 1.16
N THR C 387 30.48 25.46 0.33
CA THR C 387 31.66 25.65 -0.49
C THR C 387 32.29 27.00 -0.17
N GLY C 388 33.50 27.21 -0.69
CA GLY C 388 34.28 28.38 -0.38
C GLY C 388 35.68 28.01 0.09
N VAL C 389 36.49 29.05 0.26
CA VAL C 389 37.91 28.84 0.56
C VAL C 389 38.07 28.11 1.89
N ILE C 390 37.32 28.54 2.91
CA ILE C 390 37.43 27.93 4.23
C ILE C 390 36.91 26.49 4.18
N ALA C 391 35.73 26.29 3.59
CA ALA C 391 35.15 24.95 3.56
C ALA C 391 35.95 24.01 2.66
N ASP C 392 36.63 24.55 1.65
CA ASP C 392 37.36 23.71 0.71
C ASP C 392 38.77 23.35 1.18
N TYR C 393 39.51 24.31 1.75
CA TYR C 393 40.92 24.10 2.01
C TYR C 393 41.33 24.18 3.47
N ASN C 394 40.43 24.56 4.38
CA ASN C 394 40.83 24.79 5.77
C ASN C 394 40.10 23.91 6.77
N TYR C 395 38.77 23.83 6.70
CA TYR C 395 38.00 23.11 7.72
C TYR C 395 36.66 22.72 7.13
N LYS C 396 36.36 21.42 7.12
CA LYS C 396 35.14 20.91 6.54
C LYS C 396 34.39 20.04 7.55
N LEU C 397 33.05 20.14 7.52
CA LEU C 397 32.19 19.31 8.35
C LEU C 397 31.60 18.17 7.52
N PRO C 398 31.33 17.03 8.14
CA PRO C 398 30.72 15.91 7.39
C PRO C 398 29.27 16.19 7.06
N ASP C 399 28.78 15.46 6.04
CA ASP C 399 27.39 15.62 5.63
C ASP C 399 26.42 15.24 6.74
N ASP C 400 26.70 14.15 7.44
CA ASP C 400 25.87 13.71 8.56
C ASP C 400 26.50 14.16 9.89
N PHE C 401 26.56 15.47 10.06
CA PHE C 401 27.19 16.03 11.25
C PHE C 401 26.21 16.02 12.41
N MET C 402 26.72 15.69 13.60
CA MET C 402 25.95 15.75 14.84
C MET C 402 26.73 16.60 15.84
N GLY C 403 26.17 17.73 16.22
CA GLY C 403 26.84 18.62 17.14
C GLY C 403 26.36 20.04 16.96
N CYS C 404 27.10 20.98 17.55
CA CYS C 404 26.68 22.37 17.54
C CYS C 404 27.84 23.29 17.15
N VAL C 405 27.50 24.42 16.56
CA VAL C 405 28.47 25.43 16.11
C VAL C 405 28.14 26.73 16.83
N LEU C 406 29.15 27.33 17.46
CA LEU C 406 29.02 28.59 18.18
C LEU C 406 30.08 29.56 17.67
N ALA C 407 29.69 30.83 17.54
CA ALA C 407 30.63 31.84 17.08
C ALA C 407 30.28 33.19 17.66
N TRP C 408 31.31 33.97 17.99
CA TRP C 408 31.09 35.30 18.55
C TRP C 408 32.19 36.27 18.14
N ASN C 409 31.83 37.54 18.09
CA ASN C 409 32.72 38.61 17.63
C ASN C 409 33.74 38.98 18.68
N THR C 410 34.98 39.21 18.25
CA THR C 410 36.09 39.48 19.15
C THR C 410 36.94 40.63 18.63
N ARG C 411 36.29 41.70 18.15
CA ARG C 411 37.03 42.84 17.62
C ARG C 411 37.89 43.48 18.70
N ASN C 412 37.43 43.46 19.95
CA ASN C 412 38.12 44.17 21.01
C ASN C 412 39.49 43.55 21.29
N ILE C 413 39.60 42.22 21.22
CA ILE C 413 40.83 41.55 21.63
C ILE C 413 41.68 41.04 20.46
N ASP C 414 41.12 40.97 19.26
CA ASP C 414 41.84 40.38 18.12
C ASP C 414 42.13 41.38 17.02
N ALA C 415 41.72 42.63 17.16
CA ALA C 415 41.99 43.67 16.17
C ALA C 415 42.74 44.82 16.81
N THR C 416 43.62 45.44 16.03
CA THR C 416 44.42 46.56 16.51
C THR C 416 44.34 47.71 15.52
N SER C 417 44.60 48.92 16.01
CA SER C 417 44.50 50.10 15.17
C SER C 417 45.50 50.06 14.02
N THR C 418 46.66 49.44 14.23
CA THR C 418 47.66 49.31 13.19
C THR C 418 47.46 48.07 12.33
N GLY C 419 46.61 47.14 12.75
CA GLY C 419 46.37 45.93 11.98
C GLY C 419 47.06 44.71 12.54
N ASN C 420 46.31 43.65 12.77
CA ASN C 420 46.84 42.38 13.27
C ASN C 420 46.89 41.38 12.13
N TYR C 421 48.07 40.80 11.90
CA TYR C 421 48.29 39.87 10.80
C TYR C 421 48.76 38.51 11.28
N ASN C 422 48.48 38.14 12.52
CA ASN C 422 48.96 36.87 13.06
C ASN C 422 48.08 35.68 12.66
N TYR C 423 46.91 35.91 12.09
CA TYR C 423 46.01 34.83 11.70
C TYR C 423 46.09 34.60 10.20
N LYS C 424 46.06 33.32 9.81
CA LYS C 424 46.30 32.95 8.42
C LYS C 424 45.29 31.90 7.99
N TYR C 425 45.19 31.72 6.67
CA TYR C 425 44.37 30.66 6.10
C TYR C 425 44.97 30.26 4.76
N ARG C 426 44.67 29.02 4.35
CA ARG C 426 45.17 28.47 3.10
C ARG C 426 44.20 28.80 1.97
N TYR C 427 44.75 29.24 0.84
CA TYR C 427 43.92 29.59 -0.31
C TYR C 427 44.36 28.91 -1.61
N LEU C 428 45.37 28.05 -1.58
CA LEU C 428 45.76 27.26 -2.74
C LEU C 428 45.99 25.82 -2.30
N ARG C 429 45.40 24.87 -3.02
CA ARG C 429 45.60 23.46 -2.71
C ARG C 429 45.23 22.63 -3.93
N HIS C 430 45.78 21.41 -3.96
CA HIS C 430 45.46 20.41 -4.99
C HIS C 430 44.39 19.50 -4.40
N GLY C 431 43.13 19.82 -4.66
CA GLY C 431 42.04 19.02 -4.16
C GLY C 431 41.50 19.53 -2.83
N LYS C 432 40.28 19.13 -2.54
CA LYS C 432 39.57 19.58 -1.35
C LYS C 432 39.84 18.67 -0.17
N LEU C 433 39.65 19.22 1.04
CA LEU C 433 39.85 18.47 2.26
C LEU C 433 38.68 17.52 2.52
N ARG C 434 38.98 16.40 3.13
CA ARG C 434 37.95 15.50 3.63
C ARG C 434 37.46 15.98 4.99
N PRO C 435 36.31 15.50 5.44
CA PRO C 435 35.76 15.99 6.71
C PRO C 435 36.73 15.81 7.88
N PHE C 436 36.81 16.85 8.71
CA PHE C 436 37.64 16.83 9.92
C PHE C 436 39.09 16.46 9.61
N GLU C 437 39.59 16.96 8.49
CA GLU C 437 40.98 16.75 8.09
C GLU C 437 41.74 18.07 8.20
N ARG C 438 42.98 17.99 8.64
CA ARG C 438 43.82 19.15 8.85
C ARG C 438 45.04 19.09 7.92
N ASP C 439 45.51 20.27 7.52
CA ASP C 439 46.68 20.38 6.66
C ASP C 439 47.51 21.56 7.15
N ILE C 440 48.65 21.29 7.77
CA ILE C 440 49.52 22.33 8.30
C ILE C 440 50.86 22.39 7.57
N SER C 441 50.93 21.81 6.38
CA SER C 441 52.15 21.92 5.58
C SER C 441 52.28 23.32 5.00
N ASN C 442 53.52 23.72 4.73
CA ASN C 442 53.83 25.00 4.09
C ASN C 442 54.85 24.72 3.00
N VAL C 443 54.37 24.43 1.80
CA VAL C 443 55.23 24.12 0.66
C VAL C 443 54.87 25.04 -0.50
N PRO C 444 55.84 25.53 -1.27
CA PRO C 444 55.49 26.36 -2.42
C PRO C 444 54.57 25.64 -3.38
N PHE C 445 53.57 26.36 -3.88
CA PHE C 445 52.51 25.78 -4.68
C PHE C 445 52.69 26.17 -6.15
N SER C 446 52.45 25.22 -7.04
CA SER C 446 52.56 25.45 -8.48
C SER C 446 51.35 24.81 -9.16
N PRO C 447 50.65 25.53 -10.04
CA PRO C 447 49.50 24.94 -10.72
C PRO C 447 49.85 23.68 -11.48
N ASP C 448 51.06 23.57 -12.01
CA ASP C 448 51.49 22.35 -12.69
C ASP C 448 51.69 21.18 -11.72
N GLY C 449 51.67 21.43 -10.42
CA GLY C 449 51.80 20.36 -9.45
C GLY C 449 53.18 19.72 -9.44
N LYS C 450 54.24 20.50 -9.53
CA LYS C 450 55.60 20.02 -9.51
C LYS C 450 56.42 20.85 -8.53
N PRO C 451 57.55 20.33 -8.06
CA PRO C 451 58.35 21.09 -7.09
C PRO C 451 58.74 22.45 -7.64
N CYS C 452 58.78 23.43 -6.74
CA CYS C 452 58.89 24.83 -7.12
C CYS C 452 59.84 25.55 -6.18
N THR C 453 60.15 26.80 -6.53
CA THR C 453 61.01 27.66 -5.72
C THR C 453 60.36 29.04 -5.69
N PRO C 454 60.16 29.62 -4.50
CA PRO C 454 59.26 30.79 -4.37
C PRO C 454 59.52 31.86 -5.41
N PRO C 455 60.74 32.38 -5.51
CA PRO C 455 60.97 33.51 -6.44
C PRO C 455 60.68 33.18 -7.89
N ALA C 456 60.67 31.90 -8.28
CA ALA C 456 60.41 31.55 -9.65
C ALA C 456 59.00 31.95 -10.07
N LEU C 457 58.81 32.07 -11.38
CA LEU C 457 57.50 32.44 -11.91
C LEU C 457 56.51 31.30 -11.73
N ASN C 458 55.23 31.66 -11.61
CA ASN C 458 54.17 30.70 -11.37
C ASN C 458 54.42 29.91 -10.08
N CYS C 459 54.92 30.61 -9.07
CA CYS C 459 55.21 30.02 -7.77
C CYS C 459 54.61 30.90 -6.68
N TYR C 460 53.88 30.29 -5.75
CA TYR C 460 53.19 31.04 -4.72
C TYR C 460 53.29 30.33 -3.39
N TRP C 461 53.35 31.12 -2.32
CA TRP C 461 53.20 30.59 -0.98
C TRP C 461 51.72 30.33 -0.71
N PRO C 462 51.33 29.15 -0.21
CA PRO C 462 49.91 28.81 -0.16
C PRO C 462 49.13 29.48 0.96
N LEU C 463 49.79 30.07 1.95
CA LEU C 463 49.11 30.68 3.08
C LEU C 463 48.97 32.19 2.88
N LYS C 464 47.88 32.74 3.42
CA LYS C 464 47.55 34.14 3.29
C LYS C 464 47.16 34.68 4.66
N ASP C 465 47.35 35.98 4.86
CA ASP C 465 47.17 36.61 6.15
C ASP C 465 45.86 37.37 6.21
N TYR C 466 45.10 37.15 7.28
CA TYR C 466 43.99 38.04 7.61
C TYR C 466 44.53 39.38 8.07
N GLY C 467 43.88 40.47 7.66
CA GLY C 467 44.19 41.78 8.17
C GLY C 467 43.07 42.35 9.01
N PHE C 468 43.26 42.43 10.32
CA PHE C 468 42.20 42.80 11.25
C PHE C 468 42.50 44.18 11.82
N TYR C 469 41.70 45.17 11.44
CA TYR C 469 41.82 46.53 11.92
C TYR C 469 40.63 46.88 12.80
N THR C 470 40.83 47.84 13.70
CA THR C 470 39.76 48.28 14.58
C THR C 470 38.66 49.02 13.83
N THR C 471 38.96 49.56 12.65
CA THR C 471 38.01 50.35 11.89
C THR C 471 37.40 49.58 10.72
N SER C 472 37.60 48.27 10.65
CA SER C 472 37.06 47.49 9.55
C SER C 472 35.55 47.33 9.69
N GLY C 473 34.90 47.08 8.56
CA GLY C 473 33.49 46.76 8.58
C GLY C 473 33.24 45.40 9.20
N ILE C 474 31.98 45.18 9.57
CA ILE C 474 31.63 43.96 10.31
C ILE C 474 32.03 42.71 9.55
N GLY C 475 31.96 42.75 8.22
CA GLY C 475 32.33 41.58 7.44
C GLY C 475 33.80 41.22 7.52
N TYR C 476 34.66 42.16 7.91
CA TYR C 476 36.09 41.93 8.00
C TYR C 476 36.59 41.93 9.43
N GLN C 477 35.71 41.80 10.39
CA GLN C 477 36.12 41.74 11.78
C GLN C 477 36.37 40.30 12.20
N PRO C 478 37.20 40.07 13.22
CA PRO C 478 37.52 38.70 13.63
C PRO C 478 36.40 38.07 14.45
N TYR C 479 36.21 36.77 14.25
CA TYR C 479 35.24 35.99 14.99
C TYR C 479 35.90 34.72 15.51
N ARG C 480 35.60 34.37 16.76
CA ARG C 480 36.07 33.13 17.34
C ARG C 480 34.98 32.09 17.22
N VAL C 481 35.36 30.87 16.84
CA VAL C 481 34.43 29.80 16.52
C VAL C 481 34.82 28.55 17.30
N VAL C 482 33.82 27.93 17.92
CA VAL C 482 33.95 26.66 18.63
C VAL C 482 32.91 25.69 18.08
N VAL C 483 33.35 24.50 17.69
CA VAL C 483 32.48 23.46 17.14
C VAL C 483 32.53 22.26 18.08
N LEU C 484 31.37 21.85 18.59
CA LEU C 484 31.27 20.70 19.49
C LEU C 484 30.68 19.53 18.74
N SER C 485 31.32 18.37 18.85
CA SER C 485 30.85 17.14 18.21
C SER C 485 30.75 16.03 19.24
N PHE C 486 29.72 15.19 19.11
CA PHE C 486 29.45 14.13 20.06
C PHE C 486 28.56 13.08 19.39
N GLU C 487 28.30 12.00 20.14
CA GLU C 487 27.37 10.95 19.73
C GLU C 487 26.36 10.72 20.84
N LEU C 488 25.19 10.19 20.48
CA LEU C 488 24.06 10.11 21.39
C LEU C 488 23.45 8.72 21.44
N LEU C 489 23.26 8.21 22.65
CA LEU C 489 22.38 7.06 22.91
C LEU C 489 22.82 5.80 22.18
N ASN C 490 24.13 5.58 22.10
CA ASN C 490 24.66 4.38 21.46
C ASN C 490 25.83 3.75 22.20
N ALA C 491 26.31 4.36 23.27
CA ALA C 491 27.56 3.92 23.87
C ALA C 491 27.74 4.57 25.25
N PRO C 492 28.75 4.19 26.01
CA PRO C 492 28.97 4.83 27.31
C PRO C 492 29.22 6.33 27.16
N ALA C 493 28.80 7.08 28.19
CA ALA C 493 28.96 8.52 28.20
C ALA C 493 29.45 8.97 29.57
N THR C 494 30.20 10.06 29.58
CA THR C 494 30.70 10.66 30.82
C THR C 494 30.36 12.14 30.94
N VAL C 495 29.74 12.73 29.93
CA VAL C 495 29.32 14.14 29.96
C VAL C 495 27.80 14.15 29.97
N CYS C 496 27.22 14.76 30.99
CA CYS C 496 25.78 14.74 31.19
C CYS C 496 25.30 16.12 31.59
N GLY C 497 24.01 16.37 31.34
CA GLY C 497 23.38 17.59 31.78
C GLY C 497 23.00 17.53 33.24
N PRO C 498 22.53 18.66 33.76
CA PRO C 498 22.14 18.73 35.17
C PRO C 498 20.80 18.06 35.43
N LYS C 499 20.83 16.96 36.17
CA LYS C 499 19.62 16.22 36.49
C LYS C 499 19.85 15.43 37.78
N LEU C 500 18.82 15.38 38.61
CA LEU C 500 18.88 14.61 39.85
C LEU C 500 18.63 13.14 39.56
N SER C 501 19.49 12.28 40.09
CA SER C 501 19.34 10.84 39.93
C SER C 501 18.57 10.26 41.10
N THR C 502 17.67 9.33 40.82
CA THR C 502 16.79 8.72 41.82
C THR C 502 17.22 7.28 42.08
N ASP C 503 16.44 6.60 42.91
CA ASP C 503 16.68 5.21 43.25
C ASP C 503 16.12 4.30 42.16
N LEU C 504 16.50 3.03 42.23
CA LEU C 504 16.08 2.03 41.26
C LEU C 504 14.83 1.31 41.75
N ILE C 505 13.81 1.25 40.90
CA ILE C 505 12.57 0.54 41.18
C ILE C 505 12.46 -0.61 40.19
N LYS C 506 12.25 -1.82 40.70
CA LYS C 506 12.23 -3.02 39.89
C LYS C 506 10.91 -3.76 40.08
N ASN C 507 10.57 -4.56 39.08
CA ASN C 507 9.34 -5.36 39.09
C ASN C 507 8.11 -4.46 39.17
N GLN C 508 8.14 -3.35 38.44
CA GLN C 508 7.04 -2.40 38.46
C GLN C 508 7.07 -1.57 37.19
N CYS C 509 5.90 -1.15 36.73
CA CYS C 509 5.79 -0.34 35.54
C CYS C 509 6.12 1.10 35.90
N VAL C 510 7.22 1.63 35.33
CA VAL C 510 7.72 2.95 35.67
C VAL C 510 8.21 3.64 34.41
N ASN C 511 8.28 4.98 34.49
CA ASN C 511 9.04 5.77 33.54
C ASN C 511 10.52 5.74 33.93
N PHE C 512 11.38 5.58 32.93
CA PHE C 512 12.81 5.47 33.17
C PHE C 512 13.56 6.38 32.21
N ASN C 513 14.74 6.84 32.67
CA ASN C 513 15.67 7.62 31.87
C ASN C 513 17.07 7.14 32.21
N PHE C 514 17.69 6.41 31.30
CA PHE C 514 19.04 5.90 31.45
C PHE C 514 19.96 6.67 30.51
N ASN C 515 20.82 7.51 31.07
CA ASN C 515 21.81 8.28 30.30
C ASN C 515 21.15 9.02 29.13
N GLY C 516 19.93 9.51 29.35
CA GLY C 516 19.23 10.29 28.36
C GLY C 516 18.25 9.51 27.51
N LEU C 517 18.29 8.19 27.54
CA LEU C 517 17.32 7.36 26.83
C LEU C 517 16.10 7.16 27.73
N THR C 518 14.95 7.66 27.30
CA THR C 518 13.74 7.65 28.10
C THR C 518 12.75 6.63 27.57
N GLY C 519 11.94 6.09 28.47
CA GLY C 519 10.91 5.16 28.07
C GLY C 519 10.05 4.75 29.24
N THR C 520 9.16 3.78 29.00
CA THR C 520 8.30 3.22 30.01
C THR C 520 8.45 1.71 29.99
N GLY C 521 8.41 1.08 31.16
CA GLY C 521 8.50 -0.36 31.20
C GLY C 521 8.77 -0.88 32.60
N VAL C 522 9.12 -2.17 32.64
CA VAL C 522 9.41 -2.90 33.86
C VAL C 522 10.86 -3.36 33.78
N LEU C 523 11.60 -3.14 34.86
CA LEU C 523 13.02 -3.45 34.93
C LEU C 523 13.24 -4.66 35.82
N THR C 524 14.04 -5.61 35.34
CA THR C 524 14.34 -6.81 36.11
C THR C 524 15.81 -7.14 36.02
N PRO C 525 16.37 -7.81 37.02
CA PRO C 525 17.76 -8.25 36.91
C PRO C 525 17.95 -9.21 35.75
N SER C 526 19.08 -9.10 35.08
CA SER C 526 19.35 -9.81 33.84
C SER C 526 20.56 -10.72 33.99
N SER C 527 20.57 -11.79 33.20
CA SER C 527 21.69 -12.73 33.17
C SER C 527 22.64 -12.47 32.01
N LYS C 528 22.39 -11.44 31.20
CA LYS C 528 23.30 -11.09 30.13
C LYS C 528 24.60 -10.52 30.71
N ARG C 529 25.67 -10.62 29.92
CA ARG C 529 26.99 -10.11 30.31
C ARG C 529 27.49 -9.19 29.20
N PHE C 530 27.47 -7.89 29.48
CA PHE C 530 27.92 -6.89 28.51
C PHE C 530 29.44 -6.79 28.50
N GLN C 531 29.97 -6.37 27.36
CA GLN C 531 31.38 -5.98 27.28
C GLN C 531 31.57 -4.59 27.87
N PRO C 532 32.80 -4.24 28.26
CA PRO C 532 33.02 -2.90 28.82
C PRO C 532 32.64 -1.78 27.87
N PHE C 533 32.69 -2.01 26.56
CA PHE C 533 32.37 -0.99 25.58
C PHE C 533 30.92 -1.02 25.13
N GLN C 534 30.07 -1.81 25.79
CA GLN C 534 28.66 -1.92 25.45
C GLN C 534 27.81 -1.34 26.57
N GLN C 535 26.84 -0.52 26.20
CA GLN C 535 25.93 0.13 27.15
C GLN C 535 24.48 -0.31 27.00
N PHE C 536 24.03 -0.55 25.78
CA PHE C 536 22.64 -0.91 25.51
C PHE C 536 22.58 -2.21 24.72
N GLY C 537 21.46 -2.89 24.85
CA GLY C 537 21.20 -4.11 24.09
C GLY C 537 19.88 -4.04 23.36
N ARG C 538 19.85 -4.63 22.17
CA ARG C 538 18.68 -4.60 21.30
C ARG C 538 18.32 -6.01 20.88
N ASP C 539 17.03 -6.22 20.59
CA ASP C 539 16.53 -7.50 20.14
C ASP C 539 16.31 -7.47 18.63
N VAL C 540 15.72 -8.54 18.09
CA VAL C 540 15.61 -8.70 16.64
C VAL C 540 14.74 -7.60 16.04
N SER C 541 13.82 -7.04 16.80
CA SER C 541 12.95 -5.98 16.33
C SER C 541 13.54 -4.59 16.55
N ASP C 542 14.79 -4.50 17.00
CA ASP C 542 15.47 -3.23 17.23
C ASP C 542 14.85 -2.45 18.39
N PHE C 543 14.32 -3.17 19.38
CA PHE C 543 13.76 -2.55 20.57
C PHE C 543 14.78 -2.68 21.70
N THR C 544 15.12 -1.56 22.34
CA THR C 544 16.10 -1.58 23.42
C THR C 544 15.55 -2.41 24.57
N ASP C 545 16.15 -3.59 24.80
CA ASP C 545 15.63 -4.53 25.78
C ASP C 545 16.56 -4.76 26.95
N SER C 546 17.76 -4.20 26.95
CA SER C 546 18.71 -4.39 28.02
C SER C 546 19.53 -3.12 28.22
N VAL C 547 20.01 -2.91 29.44
CA VAL C 547 20.78 -1.70 29.74
C VAL C 547 21.67 -1.97 30.94
N ARG C 548 22.86 -1.37 30.92
CA ARG C 548 23.75 -1.38 32.07
C ARG C 548 23.44 -0.16 32.95
N ASP C 549 23.37 -0.38 34.25
CA ASP C 549 23.12 0.72 35.18
C ASP C 549 24.36 1.59 35.30
N PRO C 550 24.27 2.90 35.05
CA PRO C 550 25.48 3.73 35.07
C PRO C 550 26.15 3.85 36.43
N LYS C 551 25.44 3.57 37.52
CA LYS C 551 26.00 3.74 38.85
C LYS C 551 26.53 2.44 39.44
N THR C 552 25.77 1.35 39.34
CA THR C 552 26.18 0.07 39.90
C THR C 552 26.76 -0.88 38.86
N SER C 553 26.56 -0.62 37.57
CA SER C 553 27.07 -1.44 36.49
C SER C 553 26.37 -2.79 36.38
N GLU C 554 25.20 -2.94 37.00
CA GLU C 554 24.43 -4.17 36.89
C GLU C 554 23.56 -4.12 35.63
N ILE C 555 23.44 -5.26 34.97
CA ILE C 555 22.66 -5.35 33.74
C ILE C 555 21.20 -5.58 34.10
N LEU C 556 20.30 -4.92 33.35
CA LEU C 556 18.88 -5.01 33.60
C LEU C 556 18.14 -5.23 32.29
N ASP C 557 17.14 -6.10 32.35
CA ASP C 557 16.21 -6.32 31.24
C ASP C 557 15.03 -5.38 31.37
N ILE C 558 14.53 -4.93 30.22
CA ILE C 558 13.42 -3.99 30.12
C ILE C 558 12.29 -4.68 29.37
N SER C 559 11.10 -4.67 29.96
CA SER C 559 9.95 -5.32 29.35
C SER C 559 8.79 -4.32 29.25
N PRO C 560 7.94 -4.46 28.24
CA PRO C 560 6.76 -3.59 28.15
C PRO C 560 5.77 -3.86 29.28
N CYS C 561 4.88 -2.88 29.49
CA CYS C 561 3.90 -2.95 30.55
C CYS C 561 2.58 -3.57 30.12
N SER C 562 2.20 -3.42 28.85
CA SER C 562 0.91 -3.90 28.37
C SER C 562 1.05 -5.29 27.75
N PHE C 563 0.13 -6.18 28.10
CA PHE C 563 0.22 -7.57 27.67
C PHE C 563 -1.09 -8.28 28.03
N GLY C 564 -1.63 -9.05 27.08
CA GLY C 564 -2.79 -9.88 27.35
C GLY C 564 -4.01 -9.55 26.51
N GLY C 565 -4.68 -10.58 26.00
CA GLY C 565 -5.87 -10.39 25.20
C GLY C 565 -7.14 -10.30 26.03
N VAL C 566 -8.09 -9.49 25.56
CA VAL C 566 -9.32 -9.20 26.28
C VAL C 566 -10.50 -9.25 25.32
N SER C 567 -11.60 -9.84 25.76
CA SER C 567 -12.83 -9.90 24.99
C SER C 567 -14.01 -9.48 25.85
N VAL C 568 -15.01 -8.88 25.21
CA VAL C 568 -16.21 -8.39 25.88
C VAL C 568 -17.43 -9.09 25.28
N ILE C 569 -18.24 -9.69 26.15
CA ILE C 569 -19.46 -10.39 25.77
C ILE C 569 -20.65 -9.54 26.23
N THR C 570 -21.58 -9.27 25.30
CA THR C 570 -22.74 -8.46 25.60
C THR C 570 -23.99 -9.08 25.01
N PRO C 571 -25.14 -8.97 25.68
CA PRO C 571 -26.41 -9.40 25.10
C PRO C 571 -27.08 -8.37 24.22
N GLY C 572 -26.47 -7.22 24.01
CA GLY C 572 -27.07 -6.15 23.23
C GLY C 572 -27.41 -4.97 24.13
N THR C 573 -27.10 -3.76 23.65
CA THR C 573 -27.27 -2.57 24.48
C THR C 573 -28.73 -2.34 24.85
N ASN C 574 -29.64 -2.55 23.92
CA ASN C 574 -31.06 -2.34 24.20
C ASN C 574 -31.65 -3.47 25.02
N ALA C 575 -30.90 -4.55 25.26
CA ALA C 575 -31.34 -5.58 26.20
C ALA C 575 -30.82 -5.30 27.60
N SER C 576 -29.56 -4.90 27.72
CA SER C 576 -28.96 -4.61 29.01
C SER C 576 -27.62 -3.91 28.80
N SER C 577 -27.20 -3.17 29.81
CA SER C 577 -25.90 -2.51 29.80
C SER C 577 -24.81 -3.31 30.49
N GLU C 578 -25.16 -4.40 31.17
CA GLU C 578 -24.16 -5.25 31.79
C GLU C 578 -23.46 -6.10 30.75
N VAL C 579 -22.21 -6.46 31.03
CA VAL C 579 -21.39 -7.24 30.12
C VAL C 579 -20.56 -8.23 30.93
N ALA C 580 -19.91 -9.15 30.22
CA ALA C 580 -18.94 -10.05 30.80
C ALA C 580 -17.60 -9.86 30.10
N VAL C 581 -16.51 -10.09 30.83
CA VAL C 581 -15.17 -9.85 30.31
C VAL C 581 -14.36 -11.13 30.41
N LEU C 582 -13.70 -11.48 29.33
CA LEU C 582 -12.86 -12.68 29.24
C LEU C 582 -11.41 -12.25 29.05
N TYR C 583 -10.55 -12.69 29.96
CA TYR C 583 -9.11 -12.45 29.91
C TYR C 583 -8.43 -13.75 29.49
N GLN C 584 -7.83 -13.73 28.30
CA GLN C 584 -7.31 -14.97 27.72
C GLN C 584 -6.09 -15.49 28.45
N ASP C 585 -5.26 -14.60 28.98
CA ASP C 585 -3.94 -14.97 29.52
C ASP C 585 -3.86 -14.80 31.03
N VAL C 586 -4.98 -15.01 31.74
CA VAL C 586 -5.01 -14.92 33.19
C VAL C 586 -5.58 -16.21 33.74
N ASN C 587 -4.94 -16.75 34.77
CA ASN C 587 -5.42 -17.94 35.47
C ASN C 587 -5.96 -17.51 36.82
N CYS C 588 -7.29 -17.53 36.97
CA CYS C 588 -7.95 -17.09 38.19
C CYS C 588 -8.26 -18.25 39.13
N THR C 589 -7.77 -19.45 38.86
CA THR C 589 -8.09 -20.60 39.70
C THR C 589 -7.73 -20.30 41.14
N ASP C 590 -8.67 -20.59 42.04
CA ASP C 590 -8.52 -20.32 43.47
C ASP C 590 -7.94 -18.92 43.71
N ALA C 603 -3.18 -9.32 42.69
CA ALA C 603 -2.13 -9.16 41.69
C ALA C 603 -2.64 -9.59 40.31
N TRP C 604 -3.91 -9.96 40.23
CA TRP C 604 -4.47 -10.38 38.95
C TRP C 604 -4.51 -9.20 37.98
N ARG C 605 -4.19 -9.47 36.73
CA ARG C 605 -4.18 -8.44 35.69
C ARG C 605 -5.58 -8.35 35.06
N ILE C 606 -6.51 -7.83 35.86
CA ILE C 606 -7.90 -7.67 35.47
C ILE C 606 -8.36 -6.27 35.85
N TYR C 607 -9.18 -5.66 34.99
CA TYR C 607 -9.64 -4.30 35.25
C TYR C 607 -10.47 -4.24 36.52
N SER C 608 -11.34 -5.22 36.73
CA SER C 608 -12.19 -5.23 37.90
C SER C 608 -12.66 -6.66 38.18
N THR C 609 -12.85 -6.98 39.44
CA THR C 609 -13.38 -8.26 39.85
C THR C 609 -14.90 -8.17 39.97
N GLY C 610 -15.52 -9.31 40.25
CA GLY C 610 -16.95 -9.35 40.45
C GLY C 610 -17.37 -10.48 41.37
N ASN C 611 -18.65 -10.82 41.35
CA ASN C 611 -19.17 -11.92 42.16
C ASN C 611 -19.21 -13.25 41.40
N ASN C 612 -18.83 -13.26 40.12
CA ASN C 612 -18.87 -14.45 39.29
C ASN C 612 -17.58 -14.60 38.50
N VAL C 613 -16.45 -14.44 39.17
CA VAL C 613 -15.15 -14.68 38.56
C VAL C 613 -14.84 -16.17 38.61
N PHE C 614 -14.56 -16.76 37.45
CA PHE C 614 -14.18 -18.17 37.44
C PHE C 614 -13.43 -18.50 36.16
N GLN C 615 -12.73 -19.63 36.20
CA GLN C 615 -11.82 -20.04 35.13
C GLN C 615 -12.50 -20.98 34.15
N THR C 616 -12.13 -20.87 32.89
CA THR C 616 -12.59 -21.77 31.83
C THR C 616 -11.41 -22.07 30.93
N GLN C 617 -11.61 -23.04 30.03
CA GLN C 617 -10.54 -23.41 29.11
C GLN C 617 -10.16 -22.26 28.19
N ALA C 618 -10.99 -21.23 28.10
CA ALA C 618 -10.70 -20.07 27.27
C ALA C 618 -10.12 -18.90 28.06
N GLY C 619 -9.95 -19.04 29.37
CA GLY C 619 -9.35 -17.99 30.18
C GLY C 619 -10.22 -17.66 31.37
N CYS C 620 -9.95 -16.53 31.99
CA CYS C 620 -10.69 -16.09 33.17
C CYS C 620 -11.91 -15.28 32.74
N LEU C 621 -13.08 -15.65 33.25
CA LEU C 621 -14.33 -15.00 32.89
C LEU C 621 -14.90 -14.29 34.11
N ILE C 622 -15.29 -13.04 33.94
CA ILE C 622 -15.86 -12.23 35.01
C ILE C 622 -17.21 -11.69 34.53
N GLY C 623 -18.22 -11.85 35.36
CA GLY C 623 -19.54 -11.32 35.08
C GLY C 623 -20.56 -12.31 34.56
N ALA C 624 -20.25 -13.60 34.53
CA ALA C 624 -21.15 -14.62 34.02
C ALA C 624 -21.27 -15.75 35.04
N GLU C 625 -22.49 -16.26 35.18
CA GLU C 625 -22.75 -17.39 36.07
C GLU C 625 -22.57 -18.70 35.32
N HIS C 626 -22.04 -19.70 36.02
CA HIS C 626 -21.76 -21.01 35.43
C HIS C 626 -22.90 -21.97 35.74
N VAL C 627 -23.38 -22.66 34.72
CA VAL C 627 -24.45 -23.65 34.84
C VAL C 627 -23.94 -24.98 34.30
N ASP C 628 -24.30 -26.06 34.98
CA ASP C 628 -23.84 -27.40 34.58
C ASP C 628 -24.64 -28.00 33.44
N THR C 629 -25.78 -27.42 33.09
CA THR C 629 -26.56 -27.92 31.96
C THR C 629 -25.91 -27.52 30.64
N SER C 630 -26.21 -28.28 29.60
CA SER C 630 -25.70 -28.03 28.26
C SER C 630 -26.83 -27.62 27.33
N TYR C 631 -26.54 -26.65 26.46
CA TYR C 631 -27.50 -26.18 25.48
C TYR C 631 -26.78 -26.03 24.14
N GLU C 632 -27.56 -25.72 23.11
CA GLU C 632 -26.97 -25.34 21.83
C GLU C 632 -26.27 -24.00 21.97
N CYS C 633 -25.16 -23.84 21.26
CA CYS C 633 -24.37 -22.62 21.38
C CYS C 633 -25.19 -21.40 20.96
N ASP C 634 -25.11 -20.34 21.76
CA ASP C 634 -25.75 -19.07 21.45
C ASP C 634 -24.72 -17.99 21.12
N ILE C 635 -23.78 -17.74 22.04
CA ILE C 635 -22.64 -16.86 21.78
C ILE C 635 -21.38 -17.71 21.94
N PRO C 636 -20.61 -17.94 20.87
CA PRO C 636 -19.43 -18.81 20.99
C PRO C 636 -18.28 -18.12 21.70
N ILE C 637 -17.95 -18.61 22.89
CA ILE C 637 -16.82 -18.04 23.63
C ILE C 637 -15.52 -18.69 23.18
N GLY C 638 -15.50 -20.02 23.11
CA GLY C 638 -14.32 -20.71 22.63
C GLY C 638 -13.93 -21.91 23.47
N ALA C 639 -13.11 -22.79 22.90
CA ALA C 639 -12.62 -23.98 23.60
C ALA C 639 -13.79 -24.80 24.16
N GLY C 640 -14.89 -24.85 23.40
CA GLY C 640 -16.04 -25.62 23.81
C GLY C 640 -16.94 -24.94 24.81
N ILE C 641 -16.80 -23.63 25.01
CA ILE C 641 -17.62 -22.88 25.97
C ILE C 641 -18.44 -21.86 25.20
N CYS C 642 -19.72 -21.76 25.55
CA CYS C 642 -20.64 -20.78 24.97
C CYS C 642 -21.33 -20.02 26.09
N ALA C 643 -22.00 -18.93 25.71
CA ALA C 643 -22.67 -18.05 26.67
C ALA C 643 -24.04 -17.65 26.13
N SER C 644 -24.92 -17.29 27.06
CA SER C 644 -26.28 -16.92 26.71
C SER C 644 -26.82 -15.97 27.79
N TYR C 645 -28.02 -15.47 27.55
CA TYR C 645 -28.69 -14.52 28.44
C TYR C 645 -29.97 -15.17 28.94
N HIS C 646 -29.93 -15.74 30.14
CA HIS C 646 -31.01 -16.56 30.66
C HIS C 646 -31.60 -15.96 31.94
N THR C 647 -32.86 -16.31 32.20
CA THR C 647 -33.47 -15.91 33.45
C THR C 647 -32.83 -16.66 34.62
N VAL C 648 -32.61 -15.94 35.71
CA VAL C 648 -31.97 -16.53 36.89
C VAL C 648 -32.96 -17.41 37.63
N GLN C 656 -35.82 -11.12 36.43
CA GLN C 656 -34.52 -10.62 36.01
C GLN C 656 -33.80 -11.65 35.14
N LYS C 657 -32.68 -11.23 34.55
CA LYS C 657 -31.91 -12.10 33.67
C LYS C 657 -30.43 -11.85 33.92
N SER C 658 -29.61 -12.80 33.49
CA SER C 658 -28.17 -12.69 33.68
C SER C 658 -27.45 -13.47 32.58
N ILE C 659 -26.19 -13.15 32.40
CA ILE C 659 -25.33 -13.85 31.46
C ILE C 659 -24.84 -15.14 32.09
N VAL C 660 -24.98 -16.24 31.36
CA VAL C 660 -24.57 -17.55 31.84
C VAL C 660 -23.61 -18.17 30.83
N ALA C 661 -22.70 -19.00 31.34
CA ALA C 661 -21.72 -19.70 30.51
C ALA C 661 -21.85 -21.19 30.74
N TYR C 662 -21.64 -21.97 29.69
CA TYR C 662 -21.86 -23.41 29.76
C TYR C 662 -21.03 -24.11 28.69
N THR C 663 -20.95 -25.44 28.81
CA THR C 663 -20.38 -26.27 27.77
C THR C 663 -21.42 -26.56 26.70
N MET C 664 -21.00 -26.44 25.44
CA MET C 664 -21.93 -26.61 24.33
C MET C 664 -22.29 -28.08 24.16
N SER C 665 -23.48 -28.32 23.62
CA SER C 665 -23.99 -29.65 23.37
C SER C 665 -23.72 -30.03 21.92
N LEU C 666 -23.18 -31.23 21.70
CA LEU C 666 -22.79 -31.65 20.36
C LEU C 666 -23.98 -32.19 19.57
N GLY C 667 -24.89 -32.91 20.21
CA GLY C 667 -26.03 -33.45 19.51
C GLY C 667 -26.84 -34.34 20.41
N ALA C 668 -27.92 -34.88 19.85
CA ALA C 668 -28.83 -35.73 20.60
C ALA C 668 -28.17 -37.09 20.86
N ASP C 669 -28.30 -37.57 22.09
CA ASP C 669 -27.74 -38.86 22.46
C ASP C 669 -28.66 -39.99 22.03
N SER C 670 -28.07 -41.05 21.50
CA SER C 670 -28.85 -42.20 21.03
C SER C 670 -27.99 -43.45 21.13
N SER C 671 -28.66 -44.60 21.13
CA SER C 671 -28.00 -45.89 21.18
C SER C 671 -28.76 -46.86 20.28
N ILE C 672 -28.07 -47.44 19.31
CA ILE C 672 -28.65 -48.38 18.36
C ILE C 672 -27.90 -49.70 18.55
N ALA C 673 -28.45 -50.58 19.39
CA ALA C 673 -27.80 -51.85 19.67
C ALA C 673 -27.59 -52.64 18.39
N TYR C 674 -26.39 -53.15 18.20
CA TYR C 674 -26.07 -53.93 17.01
C TYR C 674 -26.57 -55.36 17.17
N SER C 675 -27.14 -55.89 16.09
CA SER C 675 -27.63 -57.27 16.05
C SER C 675 -27.25 -57.87 14.71
N ASN C 676 -26.92 -59.16 14.73
CA ASN C 676 -26.49 -59.87 13.53
C ASN C 676 -27.59 -60.74 12.92
N ASN C 677 -28.83 -60.59 13.38
CA ASN C 677 -29.93 -61.38 12.82
C ASN C 677 -31.22 -60.58 12.66
N THR C 678 -31.18 -59.26 12.81
CA THR C 678 -32.38 -58.44 12.70
C THR C 678 -32.11 -57.24 11.80
N ILE C 679 -33.17 -56.71 11.21
CA ILE C 679 -33.08 -55.58 10.30
C ILE C 679 -34.33 -54.72 10.44
N ALA C 680 -34.16 -53.41 10.33
CA ALA C 680 -35.27 -52.47 10.40
C ALA C 680 -35.65 -52.03 9.00
N ILE C 681 -36.95 -52.08 8.70
CA ILE C 681 -37.47 -51.77 7.37
C ILE C 681 -38.50 -50.65 7.53
N PRO C 682 -38.41 -49.56 6.77
CA PRO C 682 -39.47 -48.55 6.78
C PRO C 682 -40.79 -49.12 6.27
N THR C 683 -41.89 -48.61 6.82
CA THR C 683 -43.23 -49.03 6.42
C THR C 683 -44.07 -47.90 5.86
N ASN C 684 -43.59 -46.66 5.88
CA ASN C 684 -44.33 -45.54 5.34
C ASN C 684 -43.34 -44.51 4.82
N PHE C 685 -43.86 -43.44 4.21
CA PHE C 685 -43.02 -42.40 3.66
C PHE C 685 -43.75 -41.06 3.76
N LEU C 686 -42.98 -39.99 3.60
CA LEU C 686 -43.55 -38.65 3.58
C LEU C 686 -42.79 -37.81 2.56
N ILE C 687 -43.48 -36.78 2.06
CA ILE C 687 -42.93 -35.84 1.09
C ILE C 687 -42.53 -34.58 1.83
N SER C 688 -41.27 -34.17 1.66
CA SER C 688 -40.77 -32.97 2.31
C SER C 688 -40.26 -31.99 1.26
N ILE C 689 -40.38 -30.70 1.56
CA ILE C 689 -39.84 -29.64 0.70
C ILE C 689 -38.95 -28.75 1.57
N THR C 690 -37.71 -28.56 1.15
CA THR C 690 -36.75 -27.73 1.87
C THR C 690 -36.22 -26.64 0.96
N THR C 691 -35.66 -25.60 1.57
CA THR C 691 -35.20 -24.42 0.86
C THR C 691 -33.68 -24.28 0.97
N GLU C 692 -33.09 -23.72 -0.08
CA GLU C 692 -31.64 -23.45 -0.11
C GLU C 692 -31.41 -22.11 -0.79
N VAL C 693 -30.77 -21.18 -0.08
CA VAL C 693 -30.54 -19.82 -0.56
C VAL C 693 -29.10 -19.69 -1.01
N MET C 694 -28.88 -19.10 -2.19
CA MET C 694 -27.53 -18.96 -2.73
C MET C 694 -27.33 -17.58 -3.34
N PRO C 695 -26.29 -16.85 -2.95
CA PRO C 695 -25.95 -15.59 -3.65
C PRO C 695 -25.42 -15.87 -5.05
N VAL C 696 -25.69 -14.91 -5.95
CA VAL C 696 -25.29 -15.02 -7.35
C VAL C 696 -24.42 -13.85 -7.78
N SER C 697 -24.82 -12.63 -7.42
CA SER C 697 -24.14 -11.43 -7.90
C SER C 697 -24.08 -10.38 -6.81
N MET C 698 -23.17 -9.42 -6.98
CA MET C 698 -23.03 -8.27 -6.10
C MET C 698 -23.09 -7.00 -6.95
N ALA C 699 -23.01 -5.85 -6.29
CA ALA C 699 -23.16 -4.57 -6.96
C ALA C 699 -21.95 -4.25 -7.84
N LYS C 700 -22.22 -3.59 -8.97
CA LYS C 700 -21.18 -3.12 -9.88
C LYS C 700 -20.87 -1.67 -9.56
N THR C 701 -19.58 -1.35 -9.43
CA THR C 701 -19.16 -0.02 -8.99
C THR C 701 -18.09 0.53 -9.92
N SER C 702 -18.03 1.85 -9.98
CA SER C 702 -17.01 2.58 -10.73
C SER C 702 -16.54 3.77 -9.89
N VAL C 703 -15.30 4.19 -10.11
CA VAL C 703 -14.66 5.23 -9.31
C VAL C 703 -14.12 6.30 -10.25
N ASP C 704 -14.41 7.57 -9.94
CA ASP C 704 -13.81 8.69 -10.63
C ASP C 704 -12.55 9.11 -9.89
N CYS C 705 -11.41 8.97 -10.54
CA CYS C 705 -10.10 9.18 -9.93
C CYS C 705 -9.96 10.61 -9.40
N ASN C 706 -9.99 11.57 -10.32
CA ASN C 706 -9.75 12.97 -9.97
C ASN C 706 -10.83 13.47 -9.02
N MET C 707 -12.07 13.07 -9.22
CA MET C 707 -13.15 13.53 -8.36
C MET C 707 -12.91 13.15 -6.92
N TYR C 708 -12.46 11.91 -6.67
CA TYR C 708 -12.26 11.48 -5.30
C TYR C 708 -11.00 12.10 -4.70
N ILE C 709 -9.91 12.15 -5.45
CA ILE C 709 -8.66 12.60 -4.86
C ILE C 709 -8.64 14.12 -4.68
N CYS C 710 -9.10 14.86 -5.69
CA CYS C 710 -8.88 16.31 -5.74
C CYS C 710 -10.15 17.15 -5.72
N GLY C 711 -11.32 16.56 -5.92
CA GLY C 711 -12.53 17.36 -5.98
C GLY C 711 -12.53 18.24 -7.23
N ASP C 712 -12.85 19.52 -7.04
CA ASP C 712 -12.94 20.47 -8.14
C ASP C 712 -11.72 21.39 -8.21
N SER C 713 -10.63 21.05 -7.54
CA SER C 713 -9.43 21.88 -7.50
C SER C 713 -8.56 21.64 -8.72
N THR C 714 -8.23 22.71 -9.44
CA THR C 714 -7.39 22.58 -10.63
C THR C 714 -5.93 22.36 -10.25
N GLU C 715 -5.46 23.03 -9.20
CA GLU C 715 -4.08 22.84 -8.77
C GLU C 715 -3.82 21.41 -8.33
N CYS C 716 -4.75 20.83 -7.55
CA CYS C 716 -4.61 19.45 -7.15
C CYS C 716 -4.64 18.53 -8.36
N ALA C 717 -5.47 18.86 -9.37
CA ALA C 717 -5.52 18.04 -10.57
C ALA C 717 -4.16 18.03 -11.28
N ASN C 718 -3.55 19.21 -11.44
CA ASN C 718 -2.24 19.26 -12.07
C ASN C 718 -1.20 18.50 -11.24
N LEU C 719 -1.26 18.64 -9.92
CA LEU C 719 -0.32 17.92 -9.06
C LEU C 719 -0.49 16.42 -9.20
N LEU C 720 -1.74 15.94 -9.27
CA LEU C 720 -2.00 14.52 -9.43
C LEU C 720 -1.50 14.04 -10.79
N LEU C 721 -1.69 14.83 -11.84
CA LEU C 721 -1.15 14.45 -13.14
C LEU C 721 0.37 14.34 -13.08
N GLN C 722 1.02 15.25 -12.36
CA GLN C 722 2.47 15.15 -12.21
C GLN C 722 2.88 13.96 -11.35
N TYR C 723 2.02 13.56 -10.42
CA TYR C 723 2.35 12.47 -9.50
C TYR C 723 2.43 11.12 -10.21
N GLY C 724 1.65 10.93 -11.27
CA GLY C 724 1.57 9.64 -11.94
C GLY C 724 0.64 8.66 -11.26
N SER C 725 -0.66 8.97 -11.26
CA SER C 725 -1.64 8.09 -10.65
C SER C 725 -1.77 6.78 -11.42
N PHE C 726 -2.15 5.73 -10.70
CA PHE C 726 -2.19 4.36 -11.21
C PHE C 726 -3.62 3.83 -11.24
N CYS C 727 -4.57 4.67 -11.63
CA CYS C 727 -5.97 4.35 -11.44
C CYS C 727 -6.70 3.93 -12.71
N ALA C 728 -6.08 4.03 -13.89
CA ALA C 728 -6.56 3.25 -15.01
C ALA C 728 -6.51 1.76 -14.68
N GLN C 729 -5.50 1.35 -13.92
CA GLN C 729 -5.43 -0.02 -13.42
C GLN C 729 -6.61 -0.35 -12.52
N LEU C 730 -6.93 0.54 -11.58
CA LEU C 730 -8.06 0.31 -10.68
C LEU C 730 -9.36 0.18 -11.48
N ASN C 731 -9.55 1.05 -12.47
CA ASN C 731 -10.76 0.98 -13.27
C ASN C 731 -10.81 -0.29 -14.11
N ARG C 732 -9.67 -0.77 -14.61
CA ARG C 732 -9.66 -2.04 -15.31
C ARG C 732 -10.15 -3.17 -14.41
N ALA C 733 -9.63 -3.23 -13.19
CA ALA C 733 -10.06 -4.27 -12.26
C ALA C 733 -11.56 -4.18 -11.98
N LEU C 734 -12.05 -2.97 -11.72
CA LEU C 734 -13.46 -2.82 -11.37
C LEU C 734 -14.37 -3.18 -12.54
N SER C 735 -13.99 -2.79 -13.76
CA SER C 735 -14.80 -3.14 -14.93
C SER C 735 -14.82 -4.65 -15.15
N GLY C 736 -13.69 -5.31 -14.91
CA GLY C 736 -13.69 -6.76 -14.97
C GLY C 736 -14.71 -7.38 -14.01
N ILE C 737 -14.71 -6.89 -12.77
CA ILE C 737 -15.69 -7.39 -11.80
C ILE C 737 -17.11 -7.15 -12.30
N ALA C 738 -17.36 -5.96 -12.84
CA ALA C 738 -18.71 -5.60 -13.27
C ALA C 738 -19.20 -6.52 -14.38
N VAL C 739 -18.33 -6.86 -15.33
CA VAL C 739 -18.73 -7.79 -16.37
C VAL C 739 -18.96 -9.20 -15.79
N GLU C 740 -18.12 -9.60 -14.84
CA GLU C 740 -18.28 -10.92 -14.24
C GLU C 740 -19.64 -11.07 -13.57
N GLN C 741 -20.18 -9.99 -12.99
CA GLN C 741 -21.49 -10.10 -12.33
C GLN C 741 -22.58 -10.49 -13.32
N ASP C 742 -22.63 -9.82 -14.47
CA ASP C 742 -23.62 -10.17 -15.49
C ASP C 742 -23.38 -11.58 -15.99
N ARG C 743 -22.12 -11.98 -16.13
CA ARG C 743 -21.84 -13.37 -16.53
C ARG C 743 -22.43 -14.35 -15.53
N ASN C 744 -22.25 -14.10 -14.23
CA ASN C 744 -22.80 -14.98 -13.21
C ASN C 744 -24.31 -15.12 -13.35
N THR C 745 -25.01 -13.98 -13.44
CA THR C 745 -26.47 -14.03 -13.53
C THR C 745 -26.92 -14.80 -14.77
N ARG C 746 -26.30 -14.52 -15.92
CA ARG C 746 -26.69 -15.20 -17.14
C ARG C 746 -26.45 -16.71 -17.03
N GLU C 747 -25.30 -17.10 -16.48
CA GLU C 747 -24.99 -18.53 -16.41
C GLU C 747 -25.92 -19.25 -15.45
N VAL C 748 -26.46 -18.55 -14.46
CA VAL C 748 -27.38 -19.22 -13.54
C VAL C 748 -28.77 -19.33 -14.13
N PHE C 749 -29.31 -18.24 -14.70
CA PHE C 749 -30.74 -18.19 -14.99
C PHE C 749 -31.12 -18.45 -16.44
N ALA C 750 -30.18 -18.33 -17.38
CA ALA C 750 -30.51 -18.40 -18.81
C ALA C 750 -30.20 -19.76 -19.42
N GLN C 751 -30.39 -20.84 -18.66
CA GLN C 751 -30.02 -22.15 -19.16
C GLN C 751 -30.97 -22.64 -20.25
N VAL C 752 -32.27 -22.45 -20.07
CA VAL C 752 -33.26 -22.92 -21.04
C VAL C 752 -33.35 -21.93 -22.19
N LYS C 753 -33.36 -22.45 -23.41
CA LYS C 753 -33.37 -21.62 -24.61
C LYS C 753 -34.78 -21.40 -25.17
N GLN C 754 -35.82 -21.91 -24.52
CA GLN C 754 -37.19 -21.73 -24.97
C GLN C 754 -38.00 -21.14 -23.82
N MET C 755 -38.76 -20.08 -24.11
CA MET C 755 -39.56 -19.39 -23.10
C MET C 755 -40.95 -19.99 -23.07
N TYR C 756 -41.12 -21.03 -22.26
CA TYR C 756 -42.41 -21.70 -22.16
C TYR C 756 -43.43 -20.80 -21.49
N LYS C 757 -44.63 -20.76 -22.05
CA LYS C 757 -45.68 -19.90 -21.53
C LYS C 757 -46.30 -20.51 -20.28
N THR C 758 -46.86 -19.64 -19.45
CA THR C 758 -47.48 -20.09 -18.21
C THR C 758 -48.81 -20.76 -18.51
N PRO C 759 -49.03 -22.00 -18.06
CA PRO C 759 -50.32 -22.66 -18.34
C PRO C 759 -51.48 -21.93 -17.66
N THR C 760 -52.64 -21.99 -18.31
CA THR C 760 -53.83 -21.38 -17.73
C THR C 760 -54.27 -22.12 -16.47
N LEU C 761 -54.21 -23.44 -16.48
CA LEU C 761 -54.59 -24.25 -15.33
C LEU C 761 -53.36 -24.62 -14.53
N LYS C 762 -53.47 -24.55 -13.22
CA LYS C 762 -52.35 -24.76 -12.30
C LYS C 762 -52.69 -25.81 -11.26
N ASP C 763 -53.25 -26.93 -11.70
CA ASP C 763 -53.61 -28.04 -10.81
C ASP C 763 -52.79 -29.30 -11.09
N PHE C 764 -52.78 -29.78 -12.33
CA PHE C 764 -51.97 -30.93 -12.72
C PHE C 764 -52.18 -32.11 -11.77
N GLY C 765 -53.41 -32.59 -11.74
CA GLY C 765 -53.74 -33.79 -10.97
C GLY C 765 -53.57 -33.65 -9.47
N GLY C 766 -54.03 -32.54 -8.90
CA GLY C 766 -54.02 -32.35 -7.46
C GLY C 766 -52.78 -31.68 -6.90
N PHE C 767 -51.76 -31.45 -7.73
CA PHE C 767 -50.54 -30.79 -7.27
C PHE C 767 -50.66 -29.30 -7.58
N ASN C 768 -50.92 -28.50 -6.55
CA ASN C 768 -51.20 -27.08 -6.72
C ASN C 768 -49.92 -26.31 -6.97
N PHE C 769 -49.81 -25.69 -8.15
CA PHE C 769 -48.64 -24.91 -8.54
C PHE C 769 -48.90 -23.41 -8.48
N SER C 770 -50.03 -22.97 -7.91
CA SER C 770 -50.43 -21.58 -8.03
C SER C 770 -49.44 -20.65 -7.33
N GLN C 771 -48.92 -21.05 -6.17
CA GLN C 771 -48.10 -20.14 -5.37
C GLN C 771 -46.71 -19.92 -5.97
N ILE C 772 -46.23 -20.81 -6.82
CA ILE C 772 -44.88 -20.69 -7.37
C ILE C 772 -44.92 -20.28 -8.84
N LEU C 773 -46.05 -19.76 -9.32
CA LEU C 773 -46.16 -19.24 -10.66
C LEU C 773 -46.82 -17.87 -10.64
N PRO C 774 -46.55 -17.02 -11.63
CA PRO C 774 -47.17 -15.70 -11.65
C PRO C 774 -48.69 -15.80 -11.77
N ASP C 775 -49.37 -14.88 -11.08
CA ASP C 775 -50.83 -14.88 -11.06
C ASP C 775 -51.34 -13.84 -12.04
N PRO C 776 -52.04 -14.21 -13.11
CA PRO C 776 -52.46 -13.21 -14.09
C PRO C 776 -53.36 -12.12 -13.54
N LEU C 777 -54.21 -12.44 -12.55
CA LEU C 777 -55.13 -11.45 -12.03
C LEU C 777 -54.38 -10.28 -11.37
N LYS C 778 -53.37 -10.58 -10.57
CA LYS C 778 -52.65 -9.53 -9.88
C LYS C 778 -51.73 -8.79 -10.86
N PRO C 779 -51.36 -7.54 -10.55
CA PRO C 779 -50.51 -6.78 -11.46
C PRO C 779 -49.04 -7.17 -11.42
N THR C 780 -48.58 -7.79 -10.35
CA THR C 780 -47.16 -8.14 -10.24
C THR C 780 -46.81 -9.25 -11.22
N LYS C 781 -45.58 -9.18 -11.74
CA LYS C 781 -45.09 -10.19 -12.67
C LYS C 781 -44.46 -11.37 -11.97
N ARG C 782 -44.30 -11.34 -10.66
CA ARG C 782 -43.66 -12.39 -9.89
C ARG C 782 -44.73 -13.29 -9.26
N SER C 783 -44.26 -14.32 -8.58
CA SER C 783 -45.13 -15.22 -7.84
C SER C 783 -45.25 -14.77 -6.38
N PHE C 784 -46.17 -15.41 -5.65
CA PHE C 784 -46.40 -15.06 -4.26
C PHE C 784 -45.14 -15.26 -3.42
N ILE C 785 -44.48 -16.41 -3.58
CA ILE C 785 -43.30 -16.70 -2.79
C ILE C 785 -42.15 -15.76 -3.19
N GLU C 786 -42.04 -15.45 -4.48
CA GLU C 786 -41.02 -14.49 -4.90
C GLU C 786 -41.29 -13.11 -4.32
N ASP C 787 -42.55 -12.72 -4.23
CA ASP C 787 -42.88 -11.45 -3.59
C ASP C 787 -42.45 -11.46 -2.13
N LEU C 788 -42.72 -12.54 -1.40
CA LEU C 788 -42.27 -12.60 -0.02
C LEU C 788 -40.75 -12.51 0.08
N LEU C 789 -40.04 -13.24 -0.79
CA LEU C 789 -38.59 -13.21 -0.76
C LEU C 789 -38.07 -11.80 -0.99
N PHE C 790 -38.61 -11.11 -1.98
CA PHE C 790 -38.15 -9.74 -2.25
C PHE C 790 -38.52 -8.79 -1.11
N ASN C 791 -39.62 -9.07 -0.41
CA ASN C 791 -39.97 -8.24 0.75
C ASN C 791 -39.07 -8.50 1.95
N LYS C 792 -38.43 -9.67 2.02
CA LYS C 792 -37.62 -10.01 3.18
C LYS C 792 -36.23 -9.37 3.18
N VAL C 793 -35.81 -8.74 2.10
CA VAL C 793 -34.48 -8.14 2.00
C VAL C 793 -34.64 -6.65 1.74
N THR C 794 -33.93 -5.83 2.50
CA THR C 794 -34.02 -4.38 2.42
C THR C 794 -32.77 -3.82 1.78
N LEU C 795 -32.95 -3.00 0.74
CA LEU C 795 -31.85 -2.36 0.04
C LEU C 795 -32.12 -0.87 -0.07
N ALA C 796 -31.11 -0.05 0.26
CA ALA C 796 -31.28 1.39 0.23
C ALA C 796 -31.27 1.92 -1.20
N ASP C 797 -30.37 1.42 -2.04
CA ASP C 797 -30.23 1.93 -3.40
C ASP C 797 -31.26 1.25 -4.29
N ALA C 798 -32.30 1.99 -4.69
CA ALA C 798 -33.36 1.47 -5.54
C ALA C 798 -33.63 2.49 -6.64
N GLY C 799 -33.12 2.20 -7.84
CA GLY C 799 -33.40 3.03 -8.99
C GLY C 799 -32.18 3.34 -9.84
N PHE C 800 -31.01 3.45 -9.22
CA PHE C 800 -29.78 3.78 -9.93
C PHE C 800 -29.90 5.11 -10.68
N MET C 801 -30.66 6.05 -10.14
CA MET C 801 -30.75 7.39 -10.74
C MET C 801 -30.99 8.39 -9.63
N LYS C 802 -30.02 9.27 -9.42
CA LYS C 802 -30.12 10.37 -8.46
C LYS C 802 -29.77 11.66 -9.19
N GLN C 803 -30.77 12.53 -9.34
CA GLN C 803 -30.58 13.75 -10.11
C GLN C 803 -29.92 14.83 -9.27
N TYR C 804 -29.21 15.74 -9.95
CA TYR C 804 -28.50 16.81 -9.28
C TYR C 804 -29.46 17.69 -8.47
N GLY C 805 -30.60 18.04 -9.07
CA GLY C 805 -31.58 18.84 -8.35
C GLY C 805 -32.10 18.14 -7.11
N GLU C 806 -32.23 16.81 -7.17
CA GLU C 806 -32.68 16.06 -6.01
C GLU C 806 -31.69 16.19 -4.86
N CYS C 807 -30.40 16.00 -5.14
CA CYS C 807 -29.40 16.11 -4.08
C CYS C 807 -29.33 17.53 -3.54
N LEU C 808 -29.45 18.53 -4.42
CA LEU C 808 -29.36 19.91 -3.96
C LEU C 808 -30.58 20.31 -3.12
N GLY C 809 -31.75 19.80 -3.47
CA GLY C 809 -32.97 20.22 -2.80
C GLY C 809 -33.24 19.55 -1.46
N ASP C 810 -32.43 18.57 -1.07
CA ASP C 810 -32.61 17.83 0.17
C ASP C 810 -31.30 17.74 0.94
N ILE C 811 -30.61 18.87 1.05
CA ILE C 811 -29.31 18.87 1.71
C ILE C 811 -29.46 18.54 3.19
N ASN C 812 -30.61 18.88 3.78
CA ASN C 812 -30.81 18.60 5.20
C ASN C 812 -30.80 17.11 5.50
N ALA C 813 -31.16 16.27 4.54
CA ALA C 813 -31.27 14.84 4.81
C ALA C 813 -29.90 14.19 5.02
N ARG C 814 -28.85 14.74 4.42
CA ARG C 814 -27.51 14.14 4.48
C ARG C 814 -27.55 12.72 3.93
N ASP C 815 -28.13 12.56 2.74
CA ASP C 815 -28.26 11.26 2.12
C ASP C 815 -26.89 10.65 1.81
N LEU C 816 -26.74 9.36 2.10
CA LEU C 816 -25.47 8.69 1.90
C LEU C 816 -25.12 8.58 0.42
N ILE C 817 -26.12 8.32 -0.42
CA ILE C 817 -25.85 8.17 -1.85
C ILE C 817 -25.41 9.50 -2.44
N CYS C 818 -25.99 10.61 -1.99
CA CYS C 818 -25.56 11.92 -2.49
C CYS C 818 -24.09 12.15 -2.18
N ALA C 819 -23.65 11.83 -0.97
CA ALA C 819 -22.24 11.99 -0.63
C ALA C 819 -21.37 11.09 -1.48
N GLN C 820 -21.74 9.83 -1.62
CA GLN C 820 -20.97 8.92 -2.45
C GLN C 820 -20.81 9.47 -3.87
N LYS C 821 -21.90 9.97 -4.45
CA LYS C 821 -21.84 10.49 -5.82
C LYS C 821 -21.03 11.76 -5.90
N PHE C 822 -21.15 12.64 -4.89
CA PHE C 822 -20.37 13.87 -4.88
C PHE C 822 -18.88 13.60 -4.76
N ASN C 823 -18.49 12.45 -4.20
CA ASN C 823 -17.08 12.09 -4.12
C ASN C 823 -16.67 11.12 -5.23
N GLY C 824 -17.43 11.06 -6.31
CA GLY C 824 -17.08 10.28 -7.49
C GLY C 824 -17.11 8.77 -7.35
N LEU C 825 -18.13 8.24 -6.67
CA LEU C 825 -18.33 6.80 -6.53
C LEU C 825 -19.70 6.44 -7.08
N THR C 826 -19.72 5.63 -8.14
CA THR C 826 -20.94 5.34 -8.89
C THR C 826 -21.28 3.86 -8.79
N VAL C 827 -22.58 3.57 -8.75
CA VAL C 827 -23.10 2.20 -8.78
C VAL C 827 -23.89 2.02 -10.07
N LEU C 828 -23.55 0.98 -10.83
CA LEU C 828 -24.13 0.74 -12.14
C LEU C 828 -25.24 -0.31 -12.07
N PRO C 829 -26.25 -0.21 -12.93
CA PRO C 829 -27.37 -1.16 -12.87
C PRO C 829 -27.04 -2.48 -13.56
N PRO C 830 -27.58 -3.59 -13.06
CA PRO C 830 -27.37 -4.87 -13.75
C PRO C 830 -28.06 -4.91 -15.11
N LEU C 831 -27.50 -5.73 -16.00
CA LEU C 831 -28.04 -5.82 -17.36
C LEU C 831 -29.45 -6.39 -17.36
N LEU C 832 -29.71 -7.43 -16.58
CA LEU C 832 -31.02 -8.08 -16.53
C LEU C 832 -31.84 -7.48 -15.40
N THR C 833 -33.04 -7.02 -15.72
CA THR C 833 -33.93 -6.47 -14.72
C THR C 833 -34.58 -7.60 -13.91
N ASP C 834 -35.28 -7.22 -12.84
CA ASP C 834 -35.95 -8.21 -12.01
C ASP C 834 -37.06 -8.91 -12.78
N ASP C 835 -37.74 -8.18 -13.67
CA ASP C 835 -38.80 -8.78 -14.46
C ASP C 835 -38.25 -9.88 -15.38
N MET C 836 -37.08 -9.66 -15.96
CA MET C 836 -36.50 -10.68 -16.84
C MET C 836 -36.12 -11.94 -16.07
N ILE C 837 -35.54 -11.77 -14.88
CA ILE C 837 -35.20 -12.94 -14.07
C ILE C 837 -36.47 -13.68 -13.65
N ALA C 838 -37.51 -12.95 -13.28
CA ALA C 838 -38.78 -13.59 -12.94
C ALA C 838 -39.35 -14.34 -14.13
N ALA C 839 -39.22 -13.78 -15.33
CA ALA C 839 -39.69 -14.47 -16.52
C ALA C 839 -38.91 -15.76 -16.75
N TYR C 840 -37.60 -15.73 -16.53
CA TYR C 840 -36.81 -16.94 -16.67
C TYR C 840 -37.26 -18.01 -15.68
N THR C 841 -37.48 -17.63 -14.43
CA THR C 841 -37.90 -18.61 -13.42
C THR C 841 -39.29 -19.16 -13.75
N ALA C 842 -40.20 -18.29 -14.21
CA ALA C 842 -41.53 -18.76 -14.60
C ALA C 842 -41.45 -19.76 -15.75
N ALA C 843 -40.59 -19.48 -16.74
CA ALA C 843 -40.43 -20.42 -17.84
C ALA C 843 -39.88 -21.75 -17.35
N LEU C 844 -38.91 -21.72 -16.44
CA LEU C 844 -38.35 -22.96 -15.92
C LEU C 844 -39.41 -23.78 -15.18
N VAL C 845 -40.19 -23.13 -14.32
CA VAL C 845 -41.21 -23.85 -13.57
C VAL C 845 -42.28 -24.40 -14.51
N SER C 846 -42.70 -23.63 -15.50
CA SER C 846 -43.69 -24.11 -16.46
C SER C 846 -43.16 -25.31 -17.23
N GLY C 847 -41.89 -25.26 -17.65
CA GLY C 847 -41.31 -26.39 -18.34
C GLY C 847 -41.25 -27.64 -17.49
N THR C 848 -40.91 -27.48 -16.21
CA THR C 848 -40.90 -28.64 -15.33
C THR C 848 -42.31 -29.20 -15.15
N ALA C 849 -43.31 -28.33 -15.05
CA ALA C 849 -44.68 -28.80 -14.82
C ALA C 849 -45.29 -29.41 -16.06
N THR C 850 -44.83 -29.01 -17.25
CA THR C 850 -45.43 -29.44 -18.51
C THR C 850 -44.67 -30.58 -19.16
N ALA C 851 -43.35 -30.46 -19.30
CA ALA C 851 -42.53 -31.49 -19.93
C ALA C 851 -41.59 -32.18 -18.97
N GLY C 852 -41.11 -31.47 -17.94
CA GLY C 852 -40.18 -32.06 -17.00
C GLY C 852 -39.01 -32.73 -17.67
N TRP C 853 -38.10 -31.94 -18.22
CA TRP C 853 -36.95 -32.49 -18.93
C TRP C 853 -36.25 -33.53 -18.07
N THR C 854 -35.61 -34.48 -18.74
CA THR C 854 -34.71 -35.43 -18.07
C THR C 854 -33.45 -35.55 -18.90
N PHE C 855 -32.29 -35.37 -18.27
CA PHE C 855 -30.99 -35.43 -18.91
C PHE C 855 -30.66 -34.18 -19.72
N GLY C 856 -31.25 -33.03 -19.38
CA GLY C 856 -30.91 -31.77 -20.00
C GLY C 856 -32.13 -31.05 -20.50
N ALA C 857 -31.89 -29.95 -21.22
CA ALA C 857 -33.00 -29.18 -21.77
C ALA C 857 -33.54 -29.80 -23.05
N GLY C 858 -32.69 -29.92 -24.07
CA GLY C 858 -33.10 -30.59 -25.29
C GLY C 858 -34.37 -30.02 -25.86
N ALA C 859 -35.29 -30.90 -26.24
CA ALA C 859 -36.61 -30.53 -26.73
C ALA C 859 -37.67 -31.03 -25.77
N ALA C 860 -38.60 -30.15 -25.40
CA ALA C 860 -39.62 -30.51 -24.43
C ALA C 860 -40.48 -31.65 -24.96
N LEU C 861 -40.71 -32.65 -24.11
CA LEU C 861 -41.59 -33.77 -24.42
C LEU C 861 -42.71 -33.79 -23.38
N GLN C 862 -43.92 -33.44 -23.80
CA GLN C 862 -45.03 -33.34 -22.87
C GLN C 862 -45.30 -34.67 -22.19
N ILE C 863 -45.88 -34.60 -21.00
CA ILE C 863 -46.20 -35.80 -20.23
C ILE C 863 -47.12 -35.40 -19.08
N PRO C 864 -48.16 -36.18 -18.75
CA PRO C 864 -48.97 -35.87 -17.58
C PRO C 864 -48.12 -35.88 -16.31
N PHE C 865 -48.46 -34.98 -15.37
CA PHE C 865 -47.62 -34.78 -14.20
C PHE C 865 -47.56 -36.03 -13.34
N ALA C 866 -48.68 -36.71 -13.15
CA ALA C 866 -48.68 -37.91 -12.32
C ALA C 866 -47.76 -38.97 -12.90
N MET C 867 -47.74 -39.09 -14.23
CA MET C 867 -46.85 -40.04 -14.88
C MET C 867 -45.39 -39.67 -14.64
N GLN C 868 -45.09 -38.37 -14.66
CA GLN C 868 -43.74 -37.92 -14.34
C GLN C 868 -43.36 -38.26 -12.90
N MET C 869 -44.28 -38.05 -11.97
CA MET C 869 -44.00 -38.39 -10.58
C MET C 869 -43.75 -39.89 -10.43
N ALA C 870 -44.52 -40.71 -11.14
CA ALA C 870 -44.27 -42.15 -11.12
C ALA C 870 -42.90 -42.48 -11.68
N TYR C 871 -42.50 -41.80 -12.76
CA TYR C 871 -41.17 -42.03 -13.34
C TYR C 871 -40.08 -41.69 -12.33
N ARG C 872 -40.23 -40.58 -11.62
CA ARG C 872 -39.23 -40.21 -10.61
C ARG C 872 -39.22 -41.19 -9.45
N PHE C 873 -40.40 -41.66 -9.03
CA PHE C 873 -40.46 -42.70 -8.00
C PHE C 873 -39.68 -43.93 -8.44
N ASN C 874 -39.87 -44.35 -9.69
CA ASN C 874 -39.04 -45.42 -10.23
C ASN C 874 -37.57 -45.07 -10.18
N GLY C 875 -37.25 -43.80 -10.42
CA GLY C 875 -35.87 -43.36 -10.37
C GLY C 875 -35.24 -43.57 -9.01
N ILE C 876 -36.00 -43.38 -7.94
CA ILE C 876 -35.46 -43.59 -6.60
C ILE C 876 -35.73 -45.02 -6.14
N GLY C 877 -36.10 -45.89 -7.08
CA GLY C 877 -36.27 -47.30 -6.78
C GLY C 877 -37.54 -47.66 -6.03
N VAL C 878 -38.67 -47.10 -6.44
CA VAL C 878 -39.97 -47.44 -5.86
C VAL C 878 -40.92 -47.76 -7.00
N ALA C 879 -41.87 -48.65 -6.73
CA ALA C 879 -42.81 -49.07 -7.76
C ALA C 879 -43.84 -47.98 -8.05
N GLN C 880 -44.27 -47.92 -9.32
CA GLN C 880 -45.21 -46.88 -9.73
C GLN C 880 -46.57 -47.05 -9.07
N ASN C 881 -46.94 -48.28 -8.72
CA ASN C 881 -48.23 -48.49 -8.07
C ASN C 881 -48.31 -47.75 -6.75
N VAL C 882 -47.16 -47.57 -6.08
CA VAL C 882 -47.16 -46.82 -4.83
C VAL C 882 -47.62 -45.38 -5.07
N LEU C 883 -47.12 -44.77 -6.15
CA LEU C 883 -47.54 -43.41 -6.48
C LEU C 883 -49.00 -43.38 -6.92
N TYR C 884 -49.39 -44.29 -7.81
CA TYR C 884 -50.72 -44.23 -8.39
C TYR C 884 -51.81 -44.51 -7.36
N GLU C 885 -51.55 -45.45 -6.44
CA GLU C 885 -52.57 -45.83 -5.48
C GLU C 885 -52.76 -44.78 -4.39
N ASN C 886 -51.72 -44.02 -4.07
CA ASN C 886 -51.77 -43.01 -3.01
C ASN C 886 -51.68 -41.59 -3.57
N GLN C 887 -52.17 -41.38 -4.80
CA GLN C 887 -51.97 -40.10 -5.46
C GLN C 887 -52.57 -38.95 -4.65
N LYS C 888 -53.78 -39.13 -4.12
CA LYS C 888 -54.42 -38.05 -3.38
C LYS C 888 -53.62 -37.69 -2.13
N GLN C 889 -53.17 -38.69 -1.39
CA GLN C 889 -52.40 -38.41 -0.17
C GLN C 889 -51.08 -37.72 -0.50
N ILE C 890 -50.40 -38.17 -1.56
CA ILE C 890 -49.13 -37.57 -1.93
C ILE C 890 -49.34 -36.12 -2.36
N ALA C 891 -50.38 -35.86 -3.14
CA ALA C 891 -50.67 -34.48 -3.54
C ALA C 891 -50.99 -33.61 -2.33
N ASN C 892 -51.75 -34.14 -1.38
CA ASN C 892 -52.05 -33.37 -0.17
C ASN C 892 -50.78 -33.05 0.61
N GLN C 893 -49.87 -34.02 0.72
CA GLN C 893 -48.61 -33.76 1.41
C GLN C 893 -47.80 -32.68 0.69
N PHE C 894 -47.77 -32.75 -0.65
CA PHE C 894 -47.07 -31.73 -1.42
C PHE C 894 -47.64 -30.33 -1.15
N ASN C 895 -48.97 -30.22 -1.20
CA ASN C 895 -49.60 -28.92 -0.97
C ASN C 895 -49.35 -28.43 0.45
N LYS C 896 -49.40 -29.33 1.43
CA LYS C 896 -49.15 -28.93 2.81
C LYS C 896 -47.73 -28.43 2.99
N ALA C 897 -46.75 -29.11 2.35
CA ALA C 897 -45.37 -28.65 2.44
C ALA C 897 -45.21 -27.26 1.83
N ILE C 898 -45.86 -27.02 0.68
CA ILE C 898 -45.77 -25.70 0.07
C ILE C 898 -46.36 -24.64 1.00
N SER C 899 -47.51 -24.93 1.60
CA SER C 899 -48.12 -23.98 2.52
C SER C 899 -47.24 -23.71 3.72
N GLN C 900 -46.58 -24.75 4.24
CA GLN C 900 -45.67 -24.56 5.37
C GLN C 900 -44.50 -23.66 4.99
N ILE C 901 -43.95 -23.86 3.79
CA ILE C 901 -42.86 -22.99 3.33
C ILE C 901 -43.34 -21.54 3.27
N GLN C 902 -44.53 -21.33 2.71
CA GLN C 902 -45.05 -19.97 2.59
C GLN C 902 -45.23 -19.33 3.97
N GLU C 903 -45.81 -20.08 4.91
CA GLU C 903 -46.04 -19.52 6.24
C GLU C 903 -44.72 -19.21 6.94
N SER C 904 -43.73 -20.09 6.79
CA SER C 904 -42.42 -19.82 7.39
C SER C 904 -41.81 -18.56 6.81
N LEU C 905 -41.91 -18.38 5.49
CA LEU C 905 -41.36 -17.17 4.88
C LEU C 905 -42.09 -15.93 5.36
N THR C 906 -43.41 -16.01 5.53
CA THR C 906 -44.17 -14.84 5.93
C THR C 906 -43.71 -14.31 7.28
N THR C 907 -43.44 -15.20 8.22
CA THR C 907 -42.99 -14.78 9.55
C THR C 907 -41.61 -14.16 9.48
N THR C 908 -41.41 -13.07 10.22
CA THR C 908 -40.12 -12.41 10.25
C THR C 908 -39.04 -13.34 10.78
N SER C 909 -37.90 -13.37 10.11
CA SER C 909 -36.79 -14.24 10.49
C SER C 909 -35.55 -13.78 9.71
N THR C 910 -34.48 -14.54 9.81
CA THR C 910 -33.23 -14.29 9.10
C THR C 910 -32.95 -15.37 8.07
N ALA C 911 -34.00 -15.79 7.35
CA ALA C 911 -33.85 -16.85 6.36
C ALA C 911 -32.89 -16.42 5.25
N LEU C 912 -32.95 -15.16 4.84
CA LEU C 912 -32.15 -14.65 3.73
C LEU C 912 -30.95 -13.85 4.21
N GLY C 913 -30.30 -14.32 5.27
CA GLY C 913 -29.20 -13.56 5.86
C GLY C 913 -28.03 -13.34 4.92
N LYS C 914 -27.74 -14.31 4.05
CA LYS C 914 -26.58 -14.20 3.18
C LYS C 914 -26.71 -13.04 2.20
N LEU C 915 -27.88 -12.89 1.58
CA LEU C 915 -28.09 -11.81 0.63
C LEU C 915 -28.01 -10.45 1.32
N GLN C 916 -28.63 -10.34 2.50
CA GLN C 916 -28.53 -9.10 3.26
C GLN C 916 -27.08 -8.81 3.63
N ASP C 917 -26.31 -9.84 3.94
CA ASP C 917 -24.90 -9.63 4.26
C ASP C 917 -24.15 -9.09 3.06
N VAL C 918 -24.43 -9.60 1.87
CA VAL C 918 -23.77 -9.08 0.67
C VAL C 918 -24.09 -7.60 0.50
N VAL C 919 -25.37 -7.25 0.60
CA VAL C 919 -25.77 -5.85 0.44
C VAL C 919 -25.06 -4.97 1.46
N ASN C 920 -25.07 -5.40 2.72
CA ASN C 920 -24.46 -4.61 3.79
C ASN C 920 -22.97 -4.43 3.57
N GLN C 921 -22.28 -5.48 3.13
CA GLN C 921 -20.85 -5.38 2.92
C GLN C 921 -20.53 -4.35 1.84
N ASN C 922 -21.26 -4.37 0.73
CA ASN C 922 -21.00 -3.39 -0.32
C ASN C 922 -21.26 -1.97 0.18
N ALA C 923 -22.39 -1.76 0.86
CA ALA C 923 -22.70 -0.43 1.35
C ALA C 923 -21.65 0.06 2.34
N GLN C 924 -21.20 -0.82 3.24
CA GLN C 924 -20.20 -0.42 4.23
C GLN C 924 -18.89 -0.08 3.57
N ALA C 925 -18.48 -0.82 2.55
CA ALA C 925 -17.24 -0.48 1.86
C ALA C 925 -17.31 0.92 1.26
N LEU C 926 -18.41 1.24 0.58
CA LEU C 926 -18.51 2.57 -0.03
C LEU C 926 -18.54 3.66 1.04
N ASN C 927 -19.28 3.45 2.13
CA ASN C 927 -19.37 4.48 3.16
C ASN C 927 -18.04 4.67 3.89
N THR C 928 -17.29 3.59 4.10
CA THR C 928 -15.95 3.72 4.68
C THR C 928 -15.04 4.51 3.75
N LEU C 929 -15.14 4.27 2.44
CA LEU C 929 -14.34 5.04 1.50
C LEU C 929 -14.67 6.53 1.59
N VAL C 930 -15.96 6.86 1.74
CA VAL C 930 -16.33 8.26 1.87
C VAL C 930 -15.80 8.84 3.18
N LYS C 931 -15.88 8.08 4.28
CA LYS C 931 -15.45 8.60 5.58
C LYS C 931 -13.95 8.80 5.65
N GLN C 932 -13.17 7.99 4.93
CA GLN C 932 -11.71 8.09 5.03
C GLN C 932 -11.16 9.37 4.41
N LEU C 933 -12.00 10.25 3.86
CA LEU C 933 -11.50 11.50 3.30
C LEU C 933 -11.10 12.50 4.37
N SER C 934 -11.40 12.24 5.64
CA SER C 934 -11.06 13.14 6.72
C SER C 934 -9.72 12.80 7.39
N SER C 935 -8.95 11.88 6.81
CA SER C 935 -7.66 11.53 7.37
C SER C 935 -6.59 12.53 6.98
N ASN C 936 -5.73 12.88 7.93
CA ASN C 936 -4.66 13.84 7.67
C ASN C 936 -3.52 13.22 6.89
N PHE C 937 -3.20 11.95 7.16
CA PHE C 937 -2.13 11.24 6.46
C PHE C 937 -0.78 11.92 6.67
N GLY C 938 -0.60 12.61 7.79
CA GLY C 938 0.64 13.29 8.08
C GLY C 938 0.72 14.72 7.59
N ALA C 939 -0.30 15.21 6.88
CA ALA C 939 -0.32 16.60 6.46
C ALA C 939 -0.85 17.48 7.59
N ILE C 940 -0.72 18.80 7.39
CA ILE C 940 -1.18 19.74 8.41
C ILE C 940 -2.70 19.73 8.50
N SER C 941 -3.39 19.47 7.39
CA SER C 941 -4.84 19.46 7.38
C SER C 941 -5.31 18.50 6.30
N SER C 942 -6.54 18.01 6.46
CA SER C 942 -7.17 17.17 5.46
C SER C 942 -8.07 17.96 4.51
N VAL C 943 -8.22 19.26 4.72
CA VAL C 943 -9.06 20.11 3.88
C VAL C 943 -8.17 20.77 2.84
N LEU C 944 -8.45 20.49 1.57
CA LEU C 944 -7.63 21.03 0.49
C LEU C 944 -7.76 22.55 0.39
N ASN C 945 -8.97 23.06 0.55
CA ASN C 945 -9.18 24.50 0.41
C ASN C 945 -8.42 25.27 1.48
N ASP C 946 -8.38 24.74 2.71
CA ASP C 946 -7.61 25.38 3.77
C ASP C 946 -6.14 25.51 3.37
N ILE C 947 -5.55 24.41 2.91
CA ILE C 947 -4.13 24.41 2.55
C ILE C 947 -3.88 25.37 1.40
N LEU C 948 -4.75 25.37 0.39
CA LEU C 948 -4.54 26.25 -0.76
C LEU C 948 -4.83 27.70 -0.45
N SER C 949 -5.56 27.98 0.64
CA SER C 949 -5.79 29.36 1.04
C SER C 949 -4.66 29.90 1.91
N ARG C 950 -4.04 29.03 2.72
CA ARG C 950 -3.01 29.50 3.64
C ARG C 950 -1.62 29.54 3.03
N LEU C 951 -1.26 28.56 2.21
CA LEU C 951 0.12 28.38 1.77
C LEU C 951 0.26 28.69 0.28
N ASP C 952 1.49 29.06 -0.09
CA ASP C 952 1.83 29.30 -1.48
C ASP C 952 2.14 27.97 -2.17
N LYS C 953 2.36 28.03 -3.48
CA LYS C 953 2.46 26.82 -4.28
C LYS C 953 3.52 25.86 -3.73
N VAL C 954 4.72 26.37 -3.48
CA VAL C 954 5.83 25.49 -3.11
C VAL C 954 5.55 24.79 -1.80
N GLU C 955 5.03 25.51 -0.81
CA GLU C 955 4.75 24.91 0.48
C GLU C 955 3.49 24.06 0.46
N ALA C 956 2.49 24.45 -0.35
CA ALA C 956 1.25 23.68 -0.42
C ALA C 956 1.46 22.33 -1.11
N GLU C 957 2.44 22.26 -2.02
CA GLU C 957 2.64 21.04 -2.79
C GLU C 957 3.02 19.86 -1.91
N VAL C 958 3.79 20.10 -0.85
CA VAL C 958 4.21 19.01 0.04
C VAL C 958 2.99 18.38 0.71
N GLN C 959 2.14 19.22 1.30
CA GLN C 959 0.95 18.71 1.97
C GLN C 959 0.02 18.02 0.98
N ILE C 960 -0.15 18.61 -0.21
CA ILE C 960 -1.04 18.00 -1.18
C ILE C 960 -0.51 16.65 -1.64
N ASP C 961 0.81 16.52 -1.76
CA ASP C 961 1.39 15.23 -2.15
C ASP C 961 1.12 14.18 -1.08
N ARG C 962 1.25 14.55 0.20
CA ARG C 962 0.94 13.61 1.26
C ARG C 962 -0.52 13.15 1.17
N LEU C 963 -1.44 14.09 0.97
CA LEU C 963 -2.85 13.73 0.85
C LEU C 963 -3.09 12.82 -0.34
N ILE C 964 -2.44 13.09 -1.47
CA ILE C 964 -2.62 12.28 -2.67
C ILE C 964 -2.18 10.85 -2.39
N THR C 965 -1.01 10.69 -1.74
CA THR C 965 -0.53 9.34 -1.43
C THR C 965 -1.53 8.59 -0.57
N GLY C 966 -2.03 9.25 0.48
CA GLY C 966 -2.98 8.58 1.37
C GLY C 966 -4.25 8.15 0.66
N ARG C 967 -4.81 9.04 -0.16
CA ARG C 967 -6.09 8.74 -0.81
C ARG C 967 -5.93 7.65 -1.87
N LEU C 968 -4.80 7.65 -2.60
CA LEU C 968 -4.54 6.56 -3.52
C LEU C 968 -4.46 5.23 -2.79
N GLN C 969 -3.81 5.22 -1.62
CA GLN C 969 -3.74 3.98 -0.85
C GLN C 969 -5.15 3.51 -0.45
N SER C 970 -6.01 4.44 -0.04
CA SER C 970 -7.38 4.07 0.30
C SER C 970 -8.09 3.41 -0.88
N LEU C 971 -7.98 4.00 -2.06
CA LEU C 971 -8.64 3.43 -3.24
C LEU C 971 -8.10 2.04 -3.56
N GLN C 972 -6.78 1.86 -3.45
CA GLN C 972 -6.20 0.56 -3.75
C GLN C 972 -6.73 -0.51 -2.80
N THR C 973 -6.83 -0.19 -1.51
CA THR C 973 -7.37 -1.15 -0.55
C THR C 973 -8.81 -1.53 -0.91
N TYR C 974 -9.62 -0.52 -1.25
CA TYR C 974 -11.00 -0.80 -1.63
C TYR C 974 -11.06 -1.77 -2.81
N VAL C 975 -10.24 -1.52 -3.84
CA VAL C 975 -10.31 -2.35 -5.04
C VAL C 975 -9.85 -3.77 -4.76
N THR C 976 -8.82 -3.94 -3.93
CA THR C 976 -8.34 -5.28 -3.62
C THR C 976 -9.42 -6.08 -2.89
N GLN C 977 -10.06 -5.46 -1.89
CA GLN C 977 -11.11 -6.19 -1.18
C GLN C 977 -12.28 -6.52 -2.10
N GLN C 978 -12.60 -5.62 -3.04
CA GLN C 978 -13.65 -5.93 -4.00
C GLN C 978 -13.29 -7.13 -4.85
N LEU C 979 -12.03 -7.24 -5.29
CA LEU C 979 -11.63 -8.40 -6.09
C LEU C 979 -11.81 -9.69 -5.31
N ILE C 980 -11.39 -9.70 -4.05
CA ILE C 980 -11.50 -10.93 -3.24
C ILE C 980 -12.97 -11.32 -3.08
N ARG C 981 -13.83 -10.35 -2.76
CA ARG C 981 -15.25 -10.65 -2.60
C ARG C 981 -15.85 -11.15 -3.90
N ALA C 982 -15.43 -10.59 -5.04
CA ALA C 982 -15.92 -11.05 -6.32
C ALA C 982 -15.55 -12.50 -6.57
N ALA C 983 -14.34 -12.89 -6.19
CA ALA C 983 -13.95 -14.30 -6.34
C ALA C 983 -14.87 -15.21 -5.53
N GLU C 984 -15.16 -14.83 -4.30
CA GLU C 984 -16.06 -15.64 -3.48
C GLU C 984 -17.45 -15.75 -4.14
N ILE C 985 -17.98 -14.62 -4.62
CA ILE C 985 -19.30 -14.63 -5.23
C ILE C 985 -19.31 -15.50 -6.48
N ARG C 986 -18.21 -15.47 -7.24
CA ARG C 986 -18.13 -16.30 -8.44
C ARG C 986 -18.18 -17.78 -8.09
N ALA C 987 -17.48 -18.19 -7.03
CA ALA C 987 -17.58 -19.59 -6.61
C ALA C 987 -19.02 -19.96 -6.27
N SER C 988 -19.69 -19.08 -5.52
CA SER C 988 -21.08 -19.36 -5.17
C SER C 988 -21.97 -19.47 -6.41
N ALA C 989 -21.77 -18.58 -7.38
CA ALA C 989 -22.60 -18.60 -8.58
C ALA C 989 -22.34 -19.87 -9.41
N ASN C 990 -21.09 -20.32 -9.47
CA ASN C 990 -20.82 -21.58 -10.16
C ASN C 990 -21.55 -22.74 -9.50
N LEU C 991 -21.51 -22.80 -8.17
CA LEU C 991 -22.25 -23.86 -7.48
C LEU C 991 -23.75 -23.77 -7.79
N ALA C 992 -24.30 -22.56 -7.79
CA ALA C 992 -25.71 -22.39 -8.06
C ALA C 992 -26.08 -22.84 -9.47
N ALA C 993 -25.23 -22.53 -10.45
CA ALA C 993 -25.48 -22.99 -11.81
C ALA C 993 -25.46 -24.50 -11.90
N THR C 994 -24.48 -25.14 -11.22
CA THR C 994 -24.44 -26.60 -11.23
C THR C 994 -25.70 -27.18 -10.60
N LYS C 995 -26.17 -26.59 -9.51
CA LYS C 995 -27.38 -27.09 -8.87
C LYS C 995 -28.60 -26.90 -9.76
N MET C 996 -28.68 -25.78 -10.46
CA MET C 996 -29.79 -25.58 -11.39
C MET C 996 -29.77 -26.64 -12.48
N SER C 997 -28.57 -26.97 -12.98
CA SER C 997 -28.49 -27.93 -14.07
C SER C 997 -28.79 -29.35 -13.60
N GLU C 998 -28.40 -29.71 -12.38
CA GLU C 998 -28.46 -31.09 -11.94
C GLU C 998 -29.65 -31.42 -11.05
N CYS C 999 -30.33 -30.43 -10.47
CA CYS C 999 -31.47 -30.67 -9.60
C CYS C 999 -32.80 -30.21 -10.18
N VAL C 1000 -32.79 -29.22 -11.07
CA VAL C 1000 -34.01 -28.71 -11.67
C VAL C 1000 -34.26 -29.33 -13.04
N LEU C 1001 -33.21 -29.53 -13.83
CA LEU C 1001 -33.34 -30.12 -15.15
C LEU C 1001 -33.08 -31.63 -15.14
N GLY C 1002 -32.95 -32.24 -13.97
CA GLY C 1002 -32.75 -33.67 -13.90
C GLY C 1002 -32.99 -34.17 -12.49
N GLN C 1003 -32.75 -35.47 -12.31
CA GLN C 1003 -32.82 -36.11 -11.01
C GLN C 1003 -31.42 -36.53 -10.61
N SER C 1004 -31.04 -36.20 -9.38
CA SER C 1004 -29.67 -36.39 -8.91
C SER C 1004 -29.60 -37.57 -7.96
N LYS C 1005 -28.59 -38.42 -8.16
CA LYS C 1005 -28.31 -39.52 -7.26
C LYS C 1005 -27.22 -39.20 -6.24
N ARG C 1006 -26.65 -37.99 -6.29
CA ARG C 1006 -25.65 -37.60 -5.32
C ARG C 1006 -26.29 -37.34 -3.97
N VAL C 1007 -25.65 -37.83 -2.90
CA VAL C 1007 -26.25 -37.78 -1.58
C VAL C 1007 -26.20 -36.36 -1.04
N ASP C 1008 -27.35 -35.83 -0.64
CA ASP C 1008 -27.46 -34.53 0.00
C ASP C 1008 -26.97 -33.40 -0.90
N PHE C 1009 -27.10 -33.54 -2.21
CA PHE C 1009 -26.78 -32.46 -3.12
C PHE C 1009 -27.99 -31.56 -3.39
N CYS C 1010 -29.17 -32.15 -3.55
CA CYS C 1010 -30.41 -31.40 -3.70
C CYS C 1010 -31.32 -31.80 -2.54
N GLY C 1011 -31.15 -31.11 -1.41
CA GLY C 1011 -31.97 -31.38 -0.24
C GLY C 1011 -31.50 -32.60 0.52
N LYS C 1012 -32.28 -32.94 1.55
CA LYS C 1012 -31.98 -34.07 2.43
C LYS C 1012 -33.01 -35.17 2.18
N GLY C 1013 -32.54 -36.37 1.84
CA GLY C 1013 -33.40 -37.48 1.52
C GLY C 1013 -33.19 -37.96 0.10
N TYR C 1014 -34.24 -38.53 -0.48
CA TYR C 1014 -34.21 -38.99 -1.86
C TYR C 1014 -34.79 -37.91 -2.76
N HIS C 1015 -33.98 -37.41 -3.68
CA HIS C 1015 -34.39 -36.28 -4.51
C HIS C 1015 -35.43 -36.70 -5.53
N LEU C 1016 -36.51 -35.93 -5.63
CA LEU C 1016 -37.51 -36.09 -6.67
C LEU C 1016 -37.42 -34.99 -7.71
N MET C 1017 -37.51 -33.73 -7.29
CA MET C 1017 -37.46 -32.60 -8.21
C MET C 1017 -37.12 -31.34 -7.42
N SER C 1018 -36.91 -30.24 -8.14
CA SER C 1018 -36.61 -28.96 -7.50
C SER C 1018 -37.18 -27.84 -8.34
N PHE C 1019 -37.48 -26.73 -7.68
CA PHE C 1019 -38.02 -25.53 -8.33
C PHE C 1019 -37.15 -24.33 -7.98
N PRO C 1020 -36.80 -23.48 -8.96
CA PRO C 1020 -36.08 -22.25 -8.64
C PRO C 1020 -37.00 -21.05 -8.46
N GLN C 1021 -36.56 -20.12 -7.61
CA GLN C 1021 -37.24 -18.85 -7.40
C GLN C 1021 -36.20 -17.75 -7.30
N ALA C 1022 -36.48 -16.61 -7.94
CA ALA C 1022 -35.56 -15.49 -7.93
C ALA C 1022 -35.66 -14.72 -6.62
N ALA C 1023 -34.52 -14.25 -6.12
CA ALA C 1023 -34.44 -13.45 -4.91
C ALA C 1023 -33.45 -12.33 -5.13
N PRO C 1024 -33.51 -11.27 -4.34
CA PRO C 1024 -32.58 -10.16 -4.54
C PRO C 1024 -31.13 -10.60 -4.52
N HIS C 1025 -30.45 -10.49 -5.68
CA HIS C 1025 -29.06 -10.87 -5.85
C HIS C 1025 -28.81 -12.37 -5.67
N GLY C 1026 -29.84 -13.21 -5.78
CA GLY C 1026 -29.63 -14.62 -5.53
C GLY C 1026 -30.78 -15.48 -5.98
N VAL C 1027 -30.68 -16.76 -5.64
CA VAL C 1027 -31.66 -17.77 -6.04
C VAL C 1027 -32.01 -18.64 -4.85
N VAL C 1028 -33.28 -19.01 -4.75
CA VAL C 1028 -33.78 -19.92 -3.72
C VAL C 1028 -34.28 -21.18 -4.41
N PHE C 1029 -33.74 -22.33 -4.02
CA PHE C 1029 -34.17 -23.62 -4.54
C PHE C 1029 -35.11 -24.28 -3.55
N LEU C 1030 -36.22 -24.82 -4.06
CA LEU C 1030 -37.14 -25.64 -3.27
C LEU C 1030 -36.97 -27.08 -3.74
N HIS C 1031 -36.35 -27.91 -2.88
CA HIS C 1031 -36.09 -29.31 -3.18
C HIS C 1031 -37.19 -30.18 -2.58
N VAL C 1032 -37.77 -31.05 -3.40
CA VAL C 1032 -38.79 -32.01 -2.97
C VAL C 1032 -38.13 -33.37 -2.83
N THR C 1033 -38.31 -34.00 -1.67
CA THR C 1033 -37.65 -35.26 -1.37
C THR C 1033 -38.63 -36.23 -0.71
N TYR C 1034 -38.26 -37.50 -0.79
CA TYR C 1034 -39.03 -38.62 -0.26
C TYR C 1034 -38.28 -39.16 0.95
N VAL C 1035 -38.95 -39.19 2.10
CA VAL C 1035 -38.32 -39.53 3.37
C VAL C 1035 -39.03 -40.76 3.95
N PRO C 1036 -38.35 -41.89 4.12
CA PRO C 1036 -38.98 -43.04 4.77
C PRO C 1036 -39.23 -42.79 6.26
N SER C 1037 -40.22 -43.51 6.80
CA SER C 1037 -40.58 -43.34 8.20
C SER C 1037 -41.38 -44.56 8.65
N GLN C 1038 -41.50 -44.68 9.98
CA GLN C 1038 -42.31 -45.73 10.62
C GLN C 1038 -41.70 -47.12 10.37
N GLU C 1039 -40.39 -47.22 10.55
CA GLU C 1039 -39.73 -48.50 10.37
C GLU C 1039 -40.09 -49.47 11.49
N ARG C 1040 -39.84 -50.76 11.24
CA ARG C 1040 -40.11 -51.79 12.23
C ARG C 1040 -39.12 -52.93 12.04
N ASN C 1041 -38.99 -53.74 13.09
CA ASN C 1041 -38.00 -54.81 13.14
C ASN C 1041 -38.48 -56.04 12.38
N PHE C 1042 -37.50 -56.81 11.89
CA PHE C 1042 -37.77 -58.10 11.26
C PHE C 1042 -36.56 -58.98 11.46
N THR C 1043 -36.78 -60.28 11.38
CA THR C 1043 -35.71 -61.27 11.44
C THR C 1043 -35.30 -61.63 10.02
N THR C 1044 -33.99 -61.64 9.76
CA THR C 1044 -33.48 -61.79 8.41
C THR C 1044 -32.35 -62.81 8.40
N ALA C 1045 -32.10 -63.39 7.23
CA ALA C 1045 -31.05 -64.37 7.03
C ALA C 1045 -30.33 -64.08 5.73
N PRO C 1046 -29.07 -64.51 5.59
CA PRO C 1046 -28.34 -64.27 4.34
C PRO C 1046 -28.87 -65.04 3.15
N ALA C 1047 -29.12 -66.35 3.34
CA ALA C 1047 -29.50 -67.21 2.24
C ALA C 1047 -30.47 -68.27 2.75
N ILE C 1048 -31.14 -68.94 1.81
CA ILE C 1048 -32.15 -69.94 2.11
C ILE C 1048 -31.67 -71.28 1.57
N CYS C 1049 -31.64 -72.29 2.44
CA CYS C 1049 -31.22 -73.64 2.05
C CYS C 1049 -32.45 -74.46 1.71
N HIS C 1050 -32.61 -74.78 0.42
CA HIS C 1050 -33.75 -75.53 -0.07
C HIS C 1050 -33.24 -76.70 -0.90
N GLU C 1051 -33.68 -77.91 -0.57
CA GLU C 1051 -33.30 -79.11 -1.30
C GLU C 1051 -31.78 -79.22 -1.43
N GLY C 1052 -31.08 -78.89 -0.35
CA GLY C 1052 -29.63 -78.95 -0.35
C GLY C 1052 -28.99 -78.00 -1.33
N LYS C 1053 -29.58 -76.83 -1.53
CA LYS C 1053 -29.04 -75.81 -2.42
C LYS C 1053 -29.23 -74.44 -1.79
N ALA C 1054 -28.24 -73.57 -1.92
CA ALA C 1054 -28.29 -72.25 -1.35
C ALA C 1054 -28.89 -71.26 -2.34
N TYR C 1055 -29.86 -70.48 -1.88
CA TYR C 1055 -30.54 -69.48 -2.69
C TYR C 1055 -30.30 -68.11 -2.09
N PHE C 1056 -29.95 -67.15 -2.94
CA PHE C 1056 -29.74 -65.76 -2.56
C PHE C 1056 -30.68 -64.86 -3.34
N PRO C 1057 -31.12 -63.74 -2.77
CA PRO C 1057 -31.96 -62.81 -3.53
C PRO C 1057 -31.18 -62.14 -4.64
N ARG C 1058 -31.89 -61.81 -5.72
CA ARG C 1058 -31.28 -61.03 -6.78
C ARG C 1058 -31.35 -59.53 -6.50
N GLU C 1059 -32.39 -59.09 -5.79
CA GLU C 1059 -32.49 -57.69 -5.38
C GLU C 1059 -33.49 -57.63 -4.24
N GLY C 1060 -33.01 -57.38 -3.03
CA GLY C 1060 -33.87 -57.33 -1.86
C GLY C 1060 -33.26 -58.00 -0.65
N VAL C 1061 -34.10 -58.49 0.26
CA VAL C 1061 -33.64 -59.12 1.48
C VAL C 1061 -34.70 -60.08 1.98
N PHE C 1062 -34.26 -61.17 2.61
CA PHE C 1062 -35.16 -62.16 3.20
C PHE C 1062 -35.65 -61.65 4.55
N VAL C 1063 -36.96 -61.73 4.78
CA VAL C 1063 -37.58 -61.21 5.98
C VAL C 1063 -38.56 -62.24 6.53
N PHE C 1064 -38.59 -62.37 7.86
CA PHE C 1064 -39.51 -63.26 8.54
C PHE C 1064 -40.45 -62.41 9.39
N ASN C 1065 -41.74 -62.40 9.04
CA ASN C 1065 -42.72 -61.58 9.73
C ASN C 1065 -43.38 -62.30 10.90
N GLY C 1066 -42.77 -63.38 11.38
CA GLY C 1066 -43.29 -64.13 12.51
C GLY C 1066 -44.01 -65.41 12.12
N THR C 1067 -44.40 -65.56 10.86
CA THR C 1067 -45.11 -66.75 10.41
C THR C 1067 -44.47 -67.40 9.19
N SER C 1068 -43.91 -66.61 8.28
CA SER C 1068 -43.35 -67.16 7.05
C SER C 1068 -42.28 -66.21 6.54
N TRP C 1069 -41.54 -66.67 5.52
CA TRP C 1069 -40.42 -65.93 4.96
C TRP C 1069 -40.81 -65.33 3.60
N PHE C 1070 -40.44 -64.07 3.41
CA PHE C 1070 -40.71 -63.35 2.17
C PHE C 1070 -39.46 -62.61 1.74
N ILE C 1071 -39.54 -62.01 0.55
CA ILE C 1071 -38.50 -61.11 0.04
C ILE C 1071 -39.08 -59.71 0.03
N THR C 1072 -38.29 -58.75 0.52
CA THR C 1072 -38.75 -57.37 0.58
C THR C 1072 -37.64 -56.43 0.14
N GLN C 1073 -38.04 -55.25 -0.32
CA GLN C 1073 -37.09 -54.21 -0.66
C GLN C 1073 -36.64 -53.47 0.59
N ARG C 1074 -35.40 -52.99 0.56
CA ARG C 1074 -34.81 -52.35 1.75
C ARG C 1074 -35.56 -51.07 2.12
N ASN C 1075 -35.88 -50.25 1.13
CA ASN C 1075 -36.41 -48.91 1.42
C ASN C 1075 -37.88 -48.98 1.83
N PHE C 1076 -38.65 -49.87 1.23
CA PHE C 1076 -40.08 -50.00 1.50
C PHE C 1076 -40.41 -51.44 1.82
N PHE C 1077 -41.40 -51.62 2.70
CA PHE C 1077 -41.83 -52.95 3.12
C PHE C 1077 -42.95 -53.42 2.21
N SER C 1078 -42.68 -54.47 1.44
CA SER C 1078 -43.67 -55.07 0.55
C SER C 1078 -43.33 -56.55 0.40
N PRO C 1079 -43.75 -57.38 1.33
CA PRO C 1079 -43.36 -58.79 1.29
C PRO C 1079 -43.84 -59.47 0.01
N GLN C 1080 -42.99 -60.37 -0.50
CA GLN C 1080 -43.31 -61.13 -1.70
C GLN C 1080 -43.01 -62.60 -1.44
N ILE C 1081 -43.84 -63.47 -2.01
CA ILE C 1081 -43.61 -64.91 -1.87
C ILE C 1081 -42.28 -65.26 -2.52
N ILE C 1082 -41.45 -65.99 -1.79
CA ILE C 1082 -40.16 -66.40 -2.35
C ILE C 1082 -40.42 -67.27 -3.56
N THR C 1083 -39.86 -66.86 -4.71
CA THR C 1083 -40.12 -67.51 -5.98
C THR C 1083 -38.80 -67.67 -6.73
N THR C 1084 -38.78 -68.65 -7.64
CA THR C 1084 -37.59 -68.88 -8.46
C THR C 1084 -37.30 -67.73 -9.41
N ASP C 1085 -38.25 -66.81 -9.61
CA ASP C 1085 -38.06 -65.68 -10.51
C ASP C 1085 -37.39 -64.49 -9.85
N ASN C 1086 -37.22 -64.51 -8.52
CA ASN C 1086 -36.59 -63.40 -7.80
C ASN C 1086 -35.50 -63.91 -6.86
N THR C 1087 -34.88 -65.04 -7.20
CA THR C 1087 -33.77 -65.59 -6.43
C THR C 1087 -32.87 -66.37 -7.39
N PHE C 1088 -31.67 -66.68 -6.93
CA PHE C 1088 -30.76 -67.48 -7.73
C PHE C 1088 -29.97 -68.42 -6.82
N VAL C 1089 -29.66 -69.59 -7.35
CA VAL C 1089 -28.99 -70.65 -6.59
C VAL C 1089 -27.51 -70.64 -6.92
N SER C 1090 -26.70 -71.06 -5.96
CA SER C 1090 -25.26 -71.18 -6.17
C SER C 1090 -24.68 -72.02 -5.05
N GLY C 1091 -23.96 -73.09 -5.42
CA GLY C 1091 -23.28 -73.90 -4.44
C GLY C 1091 -24.24 -74.68 -3.54
N ASN C 1092 -23.73 -75.07 -2.39
CA ASN C 1092 -24.46 -75.83 -1.39
C ASN C 1092 -24.67 -74.97 -0.14
N CYS C 1093 -25.26 -75.57 0.89
CA CYS C 1093 -25.55 -74.89 2.13
C CYS C 1093 -24.42 -74.95 3.14
N ASP C 1094 -23.29 -75.58 2.80
CA ASP C 1094 -22.20 -75.73 3.74
C ASP C 1094 -21.39 -74.45 3.92
N VAL C 1095 -21.31 -73.61 2.88
CA VAL C 1095 -20.38 -72.49 2.90
C VAL C 1095 -20.98 -71.29 3.60
N VAL C 1096 -22.18 -70.88 3.20
CA VAL C 1096 -22.76 -69.65 3.72
C VAL C 1096 -22.89 -69.72 5.23
N ILE C 1097 -22.58 -68.62 5.89
CA ILE C 1097 -22.67 -68.52 7.35
C ILE C 1097 -24.06 -68.00 7.70
N GLY C 1098 -24.74 -68.72 8.59
CA GLY C 1098 -26.06 -68.30 9.03
C GLY C 1098 -27.19 -68.64 8.10
N ILE C 1099 -26.97 -69.57 7.16
CA ILE C 1099 -28.04 -69.94 6.24
C ILE C 1099 -29.19 -70.59 7.01
N ILE C 1100 -30.40 -70.48 6.46
CA ILE C 1100 -31.62 -70.98 7.08
C ILE C 1100 -32.34 -71.87 6.10
N ASN C 1101 -32.97 -72.94 6.61
CA ASN C 1101 -33.69 -73.89 5.78
C ASN C 1101 -35.12 -73.42 5.57
N ASN C 1102 -35.58 -73.47 4.32
CA ASN C 1102 -36.96 -73.14 3.98
C ASN C 1102 -37.21 -73.56 2.54
N THR C 1103 -38.47 -73.54 2.15
CA THR C 1103 -38.88 -73.96 0.82
C THR C 1103 -38.94 -72.77 -0.15
N VAL C 1104 -38.88 -73.09 -1.43
CA VAL C 1104 -39.00 -72.11 -2.51
C VAL C 1104 -40.13 -72.55 -3.42
N TYR C 1105 -41.06 -71.65 -3.68
CA TYR C 1105 -42.24 -71.97 -4.49
C TYR C 1105 -41.84 -71.99 -5.97
N ASP C 1106 -42.84 -72.10 -6.85
CA ASP C 1106 -42.60 -72.16 -8.28
C ASP C 1106 -41.84 -70.93 -8.77
#